data_8ITU
#
_entry.id   8ITU
#
_cell.length_a   1.00
_cell.length_b   1.00
_cell.length_c   1.00
_cell.angle_alpha   90.00
_cell.angle_beta   90.00
_cell.angle_gamma   90.00
#
_symmetry.space_group_name_H-M   'P 1'
#
loop_
_entity.id
_entity.type
_entity.pdbx_description
1 polymer 'Spike glycoprotein'
2 polymer '1H1 light chain'
3 polymer '1H1 heavy chain'
4 branched 2-acetamido-2-deoxy-beta-D-glucopyranose-(1-4)-2-acetamido-2-deoxy-beta-D-glucopyranose
5 non-polymer 2-acetamido-2-deoxy-beta-D-glucopyranose
#
loop_
_entity_poly.entity_id
_entity_poly.type
_entity_poly.pdbx_seq_one_letter_code
_entity_poly.pdbx_strand_id
1 'polypeptide(L)'
;MFVFLVLLPLVSSQCVNLTTRTQLPPAYTNSFTRGVYYPDKVFRSSVLHSTQDLFLPFFSNVTWFHVISGTNGTKRFDNP
VLPFNDGVYFASIEKSNIIRGWIFGTTLDSKTQSLLIVNNATNVVIKVCEFQFCNDPFLDHKNNKSWMESEFRVYSSANN
CTFEYVSQPFLMDLEGKQGNFKNLREFVFKNIDGYFKIYSKHTPINIVREPEDLPQGFSALEPLVDLPIGINITRFQTLL
ALHRSYLTPGDSSSGWTAGAAAYYVGYLQPRTFLLKYNENGTITDAVDCALDPLSETKCTLKSFTVEKGIYQTSNFRVQP
TESIVRFPNITNLCPFDEVFNATRFASVYAWNRKRISNCVADYSVLYNLAPFFTFKCYGVSPTKLNDLCFTNVYADSFVI
RGDEVRQIAPGQTGNIADYNYKLPDDFTGCVIAWNSNKLDSKVSGNYNYLYRLFRKSNLKPFERDISTEIYQAGNKPCNG
VAGFNCYFPLRSYSFRPTYGVGHQPYRVVVLSFELLHAPATVCGPKKSTNLVKNKCVNFNFNGLKGTGVLTESNKKFLPF
QQFGRDIADTTDAVRDPQTLEILDITPCSFGGVSVITPGTNTSNQVAVLYQGVNCTEVPVAIHADQLTPTWRVYSTGSNV
FQTRAGCLIGAEYVNNSYECDIPIGAGICASYQTQTKSHGSASSVASQSIIAYTMSLGAENSVAYSNNSIAIPTNFTISV
TTEILPVSMTKTSVDCTMYICGDSTECSNLLLQYGSFCTQLKRALTGIAVEQDKNTQEVFAQVKQIYKTPPIKYFGGFNF
SQILPDPSKPSKRSPIEDLLFNKVTLADAGFIKQYGDCLGDIAARDLICAQKFKGLTVLPPLLTDEMIAQYTSALLAGTI
TSGWTFGAGPALQIPFPMQMAYRFNGIGVTQNVLYENQKLIANQFNSAIGKIQDSLSSTPSALGKLQDVVNHNAQALNTL
VKQLSSKFGAISSVLNDIFSRLDPPEAEVQIDRLITGRLQSLQTYVTQQLIRAAEIRASANLAATKMSECVLGQSKRVDF
CGKGYHLMSFPQSAPHGVVFLHVTYVPAQEKNFTTAPAICHDGKAHFPREGVFVSNGTHWFVTQRNFYEPQIITTDNTFV
SGNCDVVIGIVNNTVYDPLQPELDSFKEELDKYFKNHTSPDVDLGDISGINASVVNIQKEIDRLNEVAKNLNESLIDLQE
LGKYEQGSGYIPEAPRDGQAYVRKDGEWVFLSTFLSGLEVLFQGPGGWSHPQFEKGGGSGGGSGGSAWSHPQFEKGGSHH
HHHHHH
;
A,B,C
2 'polypeptide(L)'
;DIVMTQTPASVSEPVGGTVTIKCQASESISNWLAWYQQKPGQPPKLLIYAAFTLASGVPSRFKGSGSGTQFTLTINGVEC
ADAATYYCQQTYSSRDVDNVFGGGTEVVVKG
;
D,F,H
3 'polypeptide(L)'
;QSLEESGGDLVKPGASLTLTCTASGFSFSSGYDMCWVRQAPGKGLEWIACIGTGSSGNIYYASWAKGRFTISKTSSTTVT
LQMTSLTAADTATYFCARDDADYAGPDYFNLWGPGTLVTVSS
;
E,G,I
#
loop_
_chem_comp.id
_chem_comp.type
_chem_comp.name
_chem_comp.formula
NAG D-saccharide, beta linking 2-acetamido-2-deoxy-beta-D-glucopyranose 'C8 H15 N O6'
#
# COMPACT_ATOMS: atom_id res chain seq x y z
N CYS A 15 51.54 20.91 36.66
CA CYS A 15 50.76 22.11 36.42
C CYS A 15 51.57 23.37 36.72
N VAL A 16 52.04 24.03 35.66
CA VAL A 16 52.84 25.24 35.78
C VAL A 16 52.08 26.37 35.11
N ASN A 17 51.84 27.45 35.85
CA ASN A 17 51.15 28.61 35.29
C ASN A 17 52.12 29.49 34.52
N LEU A 18 51.73 29.88 33.31
CA LEU A 18 52.57 30.68 32.43
C LEU A 18 51.92 32.03 32.19
N THR A 19 52.60 33.10 32.59
CA THR A 19 52.11 34.45 32.37
C THR A 19 52.92 35.19 31.30
N THR A 20 53.87 34.52 30.66
CA THR A 20 54.65 35.10 29.58
C THR A 20 53.90 35.08 28.25
N ARG A 21 52.60 34.80 28.28
CA ARG A 21 51.81 34.75 27.06
C ARG A 21 51.68 36.13 26.44
N THR A 22 51.70 36.18 25.11
CA THR A 22 51.45 37.41 24.36
C THR A 22 50.01 37.39 23.88
N GLN A 23 49.22 38.36 24.35
CA GLN A 23 47.78 38.37 24.09
C GLN A 23 47.51 39.04 22.75
N LEU A 24 47.11 38.25 21.77
CA LEU A 24 46.76 38.75 20.44
C LEU A 24 45.47 38.09 20.01
N PRO A 25 44.67 38.78 19.18
CA PRO A 25 43.41 38.19 18.74
C PRO A 25 43.66 37.02 17.80
N PRO A 26 42.74 36.06 17.74
CA PRO A 26 42.91 34.95 16.81
C PRO A 26 42.77 35.42 15.37
N ALA A 27 43.81 35.17 14.58
CA ALA A 27 43.81 35.61 13.20
C ALA A 27 42.87 34.76 12.34
N TYR A 28 42.66 35.22 11.11
CA TYR A 28 41.80 34.54 10.16
C TYR A 28 42.53 34.35 8.85
N THR A 29 42.18 33.28 8.13
CA THR A 29 42.71 33.01 6.80
C THR A 29 41.70 32.16 6.05
N ASN A 30 41.97 31.93 4.77
CA ASN A 30 41.02 31.31 3.86
C ASN A 30 41.28 29.81 3.78
N SER A 31 40.20 29.02 3.93
CA SER A 31 40.32 27.58 3.90
C SER A 31 40.64 27.02 2.52
N PHE A 32 40.33 27.78 1.47
CA PHE A 32 40.52 27.35 0.08
C PHE A 32 39.71 26.07 -0.11
N THR A 33 40.29 25.00 -0.65
CA THR A 33 39.54 23.79 -0.94
C THR A 33 40.12 22.57 -0.24
N ARG A 34 40.42 22.70 1.04
CA ARG A 34 40.93 21.59 1.84
C ARG A 34 39.79 20.98 2.67
N GLY A 35 40.12 19.92 3.39
CA GLY A 35 39.20 19.32 4.33
C GLY A 35 38.24 18.31 3.75
N VAL A 36 38.62 17.58 2.70
CA VAL A 36 37.77 16.56 2.10
C VAL A 36 38.31 15.19 2.51
N TYR A 37 37.41 14.33 2.97
CA TYR A 37 37.77 13.01 3.46
C TYR A 37 36.84 11.97 2.86
N TYR A 38 37.28 10.73 2.86
CA TYR A 38 36.48 9.65 2.32
C TYR A 38 35.30 9.39 3.26
N PRO A 39 34.06 9.54 2.80
CA PRO A 39 32.92 9.27 3.69
C PRO A 39 32.81 7.83 4.14
N ASP A 40 33.18 6.87 3.30
CA ASP A 40 32.92 5.46 3.59
C ASP A 40 34.13 4.64 3.18
N LYS A 41 33.97 3.32 3.29
CA LYS A 41 35.01 2.36 2.93
C LYS A 41 34.82 1.80 1.53
N VAL A 42 33.85 2.32 0.79
CA VAL A 42 33.46 1.77 -0.50
C VAL A 42 34.37 2.31 -1.59
N PHE A 43 34.77 1.43 -2.51
CA PHE A 43 35.69 1.79 -3.59
C PHE A 43 34.89 2.12 -4.84
N ARG A 44 35.17 3.30 -5.42
CA ARG A 44 34.57 3.71 -6.68
C ARG A 44 35.65 4.32 -7.54
N SER A 45 35.61 4.01 -8.85
CA SER A 45 36.63 4.50 -9.77
C SER A 45 35.97 5.19 -10.95
N SER A 46 36.46 6.39 -11.26
CA SER A 46 35.99 7.15 -12.43
C SER A 46 34.49 7.42 -12.37
N VAL A 47 33.98 7.68 -11.17
CA VAL A 47 32.57 7.96 -10.96
C VAL A 47 32.45 9.25 -10.16
N LEU A 48 31.59 10.15 -10.62
CA LEU A 48 31.26 11.36 -9.88
C LEU A 48 30.06 11.07 -8.99
N HIS A 49 30.25 11.14 -7.69
CA HIS A 49 29.21 10.79 -6.73
C HIS A 49 28.86 11.98 -5.86
N SER A 50 27.58 12.06 -5.49
CA SER A 50 27.06 13.11 -4.63
C SER A 50 26.74 12.51 -3.27
N THR A 51 27.24 13.13 -2.21
CA THR A 51 27.06 12.64 -0.85
C THR A 51 26.70 13.80 0.07
N GLN A 52 25.77 13.54 0.98
CA GLN A 52 25.39 14.49 2.02
C GLN A 52 26.08 14.05 3.31
N ASP A 53 26.99 14.88 3.80
CA ASP A 53 27.74 14.53 5.00
C ASP A 53 28.34 15.82 5.56
N LEU A 54 28.86 15.73 6.78
CA LEU A 54 29.52 16.87 7.40
C LEU A 54 30.79 17.19 6.64
N PHE A 55 31.00 18.48 6.34
CA PHE A 55 32.17 18.91 5.60
C PHE A 55 32.51 20.34 5.95
N LEU A 56 33.74 20.73 5.65
CA LEU A 56 34.17 22.11 5.83
C LEU A 56 33.88 22.89 4.56
N PRO A 57 33.05 23.95 4.61
CA PRO A 57 32.74 24.70 3.39
C PRO A 57 33.99 25.35 2.80
N PHE A 58 34.02 25.39 1.47
CA PHE A 58 35.16 25.93 0.76
C PHE A 58 35.28 27.43 0.95
N PHE A 59 36.52 27.93 0.87
CA PHE A 59 36.81 29.36 0.91
C PHE A 59 36.27 30.02 2.18
N SER A 60 36.27 29.26 3.27
CA SER A 60 35.80 29.76 4.54
C SER A 60 36.94 30.39 5.33
N ASN A 61 36.59 31.33 6.20
CA ASN A 61 37.57 31.98 7.07
C ASN A 61 37.80 31.10 8.28
N VAL A 62 38.97 30.48 8.33
CA VAL A 62 39.34 29.53 9.38
C VAL A 62 40.22 30.24 10.39
N THR A 63 40.03 29.90 11.67
CA THR A 63 40.80 30.54 12.73
C THR A 63 42.28 30.18 12.61
N TRP A 64 43.13 31.15 12.91
CA TRP A 64 44.58 31.00 12.80
C TRP A 64 45.22 31.23 14.15
N PHE A 65 46.02 30.27 14.60
CA PHE A 65 46.81 30.40 15.82
C PHE A 65 48.29 30.23 15.49
N HIS A 66 49.12 30.97 16.21
CA HIS A 66 50.56 30.95 16.00
C HIS A 66 51.27 30.66 17.32
N VAL A 67 52.32 29.86 17.27
CA VAL A 67 53.08 29.48 18.45
C VAL A 67 54.56 29.75 18.19
N ILE A 68 55.19 30.47 19.12
CA ILE A 68 56.61 30.78 19.01
C ILE A 68 57.20 31.00 20.40
N LYS A 75 57.22 35.45 21.82
CA LYS A 75 56.99 34.34 22.72
C LYS A 75 55.49 34.03 22.83
N ARG A 76 54.86 33.74 21.69
CA ARG A 76 53.45 33.43 21.67
C ARG A 76 53.22 32.01 22.21
N PHE A 77 52.28 31.88 23.13
CA PHE A 77 51.85 30.58 23.65
C PHE A 77 50.35 30.48 23.43
N ASP A 78 49.96 30.05 22.23
CA ASP A 78 48.56 29.94 21.85
C ASP A 78 48.12 28.50 22.06
N ASN A 79 47.59 28.21 23.25
CA ASN A 79 46.93 26.94 23.55
C ASN A 79 45.62 27.23 24.27
N PRO A 80 44.67 27.86 23.59
CA PRO A 80 43.38 28.16 24.22
C PRO A 80 42.41 26.99 24.11
N VAL A 81 41.31 27.12 24.83
CA VAL A 81 40.27 26.11 24.87
C VAL A 81 39.30 26.40 23.74
N LEU A 82 39.01 25.39 22.91
CA LEU A 82 38.15 25.68 21.77
C LEU A 82 36.90 24.83 21.78
N PRO A 83 35.80 25.36 21.25
CA PRO A 83 34.58 24.56 21.14
C PRO A 83 34.74 23.45 20.10
N PHE A 84 33.90 22.42 20.23
CA PHE A 84 33.95 21.29 19.34
C PHE A 84 32.91 21.36 18.22
N ASN A 85 31.72 21.89 18.51
CA ASN A 85 30.62 21.99 17.54
C ASN A 85 30.30 20.57 17.06
N ASP A 86 29.97 20.37 15.79
CA ASP A 86 29.70 19.06 15.25
C ASP A 86 30.92 18.39 14.64
N GLY A 87 32.06 19.07 14.65
CA GLY A 87 33.28 18.52 14.11
C GLY A 87 34.37 19.57 14.06
N VAL A 88 35.63 19.16 13.95
CA VAL A 88 36.74 20.10 13.91
C VAL A 88 37.72 19.63 12.84
N TYR A 89 38.06 20.54 11.92
CA TYR A 89 39.14 20.32 10.98
C TYR A 89 40.41 20.90 11.58
N PHE A 90 41.36 20.04 11.90
CA PHE A 90 42.62 20.45 12.52
C PHE A 90 43.75 20.25 11.52
N ALA A 91 44.50 21.31 11.25
CA ALA A 91 45.69 21.26 10.42
C ALA A 91 46.78 22.06 11.08
N SER A 92 48.03 21.72 10.78
CA SER A 92 49.17 22.38 11.41
C SER A 92 50.32 22.46 10.41
N ILE A 93 50.73 23.68 10.08
CA ILE A 93 51.93 23.93 9.31
C ILE A 93 53.08 23.93 10.30
N GLU A 94 53.91 22.90 10.27
CA GLU A 94 54.84 22.65 11.36
C GLU A 94 56.03 21.87 10.84
N LYS A 95 57.11 21.89 11.63
CA LYS A 95 58.29 21.08 11.33
C LYS A 95 58.92 20.67 12.66
N SER A 96 59.49 19.46 12.68
CA SER A 96 60.17 18.86 13.83
C SER A 96 59.21 18.42 14.93
N ASN A 97 57.92 18.29 14.62
CA ASN A 97 56.93 17.66 15.50
C ASN A 97 56.87 18.34 16.87
N ILE A 98 56.45 19.61 16.85
CA ILE A 98 56.25 20.34 18.10
C ILE A 98 54.95 19.93 18.76
N ILE A 99 53.84 20.00 18.03
CA ILE A 99 52.55 19.58 18.55
C ILE A 99 52.56 18.07 18.73
N ARG A 100 52.11 17.62 19.90
CA ARG A 100 52.21 16.22 20.28
C ARG A 100 50.87 15.50 20.37
N GLY A 101 49.81 16.19 20.78
CA GLY A 101 48.54 15.52 20.94
C GLY A 101 47.43 16.51 21.22
N TRP A 102 46.28 15.96 21.63
CA TRP A 102 45.09 16.75 21.86
C TRP A 102 44.35 16.23 23.08
N ILE A 103 43.52 17.09 23.66
CA ILE A 103 42.69 16.75 24.80
C ILE A 103 41.24 17.02 24.43
N PHE A 104 40.36 16.05 24.70
CA PHE A 104 38.95 16.20 24.43
C PHE A 104 38.14 15.89 25.68
N GLY A 105 36.99 16.54 25.79
CA GLY A 105 36.10 16.29 26.92
C GLY A 105 35.06 17.38 27.03
N THR A 106 34.26 17.26 28.08
CA THR A 106 33.19 18.22 28.37
C THR A 106 33.64 19.34 29.29
N THR A 107 34.18 18.99 30.46
CA THR A 107 34.66 19.98 31.41
C THR A 107 36.16 19.90 31.65
N LEU A 108 36.84 18.89 31.11
CA LEU A 108 38.27 18.68 31.30
C LEU A 108 38.62 18.56 32.79
N ASP A 109 37.74 17.91 33.54
CA ASP A 109 37.95 17.66 34.96
C ASP A 109 37.53 16.22 35.25
N SER A 110 37.84 15.76 36.47
CA SER A 110 37.42 14.41 36.87
C SER A 110 35.91 14.28 36.98
N LYS A 111 35.19 15.41 37.02
CA LYS A 111 33.74 15.36 37.12
C LYS A 111 33.12 14.67 35.91
N THR A 112 33.62 14.96 34.72
CA THR A 112 33.14 14.37 33.49
C THR A 112 34.25 13.56 32.84
N GLN A 113 33.86 12.62 31.98
CA GLN A 113 34.83 11.78 31.29
C GLN A 113 35.54 12.59 30.20
N SER A 114 36.84 12.34 30.06
CA SER A 114 37.67 13.07 29.12
C SER A 114 38.52 12.08 28.33
N LEU A 115 38.99 12.55 27.17
CA LEU A 115 39.79 11.73 26.27
C LEU A 115 41.11 12.42 25.99
N LEU A 116 42.16 11.63 25.83
CA LEU A 116 43.51 12.16 25.62
C LEU A 116 44.20 11.40 24.49
N ILE A 117 44.87 12.15 23.62
CA ILE A 117 45.70 11.62 22.56
C ILE A 117 47.09 12.19 22.73
N VAL A 118 48.10 11.32 22.77
CA VAL A 118 49.49 11.74 22.93
C VAL A 118 50.37 10.96 21.96
N ASN A 119 51.27 11.67 21.29
CA ASN A 119 52.27 11.09 20.40
C ASN A 119 53.64 11.49 20.94
N ASN A 120 54.17 10.72 21.88
CA ASN A 120 55.46 11.05 22.47
C ASN A 120 56.58 10.46 21.61
N ALA A 121 57.82 10.57 22.10
CA ALA A 121 58.95 10.02 21.37
C ALA A 121 58.93 8.50 21.32
N THR A 122 58.16 7.85 22.19
CA THR A 122 58.11 6.40 22.23
C THR A 122 57.05 5.83 21.28
N ASN A 123 55.78 6.17 21.53
CA ASN A 123 54.69 5.60 20.76
C ASN A 123 53.46 6.50 21.00
N VAL A 124 52.27 6.01 20.68
CA VAL A 124 51.03 6.78 20.82
C VAL A 124 50.19 6.17 21.93
N VAL A 125 49.66 7.03 22.80
CA VAL A 125 48.83 6.63 23.93
C VAL A 125 47.44 7.21 23.74
N ILE A 126 46.43 6.37 23.86
CA ILE A 126 45.03 6.80 23.85
C ILE A 126 44.40 6.37 25.18
N LYS A 127 43.76 7.32 25.85
CA LYS A 127 43.21 7.07 27.17
C LYS A 127 41.83 7.70 27.29
N VAL A 128 40.97 7.04 28.06
CA VAL A 128 39.64 7.55 28.39
C VAL A 128 39.54 7.50 29.91
N CYS A 129 39.87 8.62 30.57
CA CYS A 129 39.97 8.62 32.01
C CYS A 129 39.59 9.99 32.53
N GLU A 130 39.21 10.05 33.80
CA GLU A 130 38.79 11.29 34.45
C GLU A 130 40.02 12.04 34.95
N PHE A 131 40.78 12.59 34.00
CA PHE A 131 41.99 13.31 34.34
C PHE A 131 41.67 14.65 34.99
N GLN A 132 42.58 15.09 35.86
CA GLN A 132 42.60 16.48 36.35
C GLN A 132 43.67 17.22 35.56
N PHE A 133 43.28 17.72 34.40
CA PHE A 133 44.21 18.37 33.49
C PHE A 133 44.72 19.67 34.10
N CYS A 134 46.00 19.94 33.88
CA CYS A 134 46.58 21.21 34.29
C CYS A 134 45.97 22.35 33.49
N ASN A 135 45.88 23.52 34.12
CA ASN A 135 45.32 24.68 33.43
C ASN A 135 46.18 25.09 32.24
N ASP A 136 47.47 24.78 32.28
CA ASP A 136 48.40 25.05 31.19
C ASP A 136 49.13 23.76 30.87
N PRO A 137 48.47 22.83 30.17
CA PRO A 137 49.10 21.53 29.91
C PRO A 137 50.02 21.61 28.69
N PHE A 138 51.24 21.09 28.86
CA PHE A 138 52.20 21.03 27.76
C PHE A 138 53.22 19.96 28.09
N LEU A 139 54.17 19.78 27.17
CA LEU A 139 55.21 18.78 27.30
C LEU A 139 56.59 19.44 27.25
N ASP A 140 57.51 18.92 28.04
CA ASP A 140 58.88 19.42 28.05
C ASP A 140 59.86 18.29 27.85
N MET A 148 66.64 16.70 25.08
CA MET A 148 65.67 15.65 25.42
C MET A 148 64.43 16.23 26.06
N GLU A 149 63.29 15.59 25.83
CA GLU A 149 62.00 16.03 26.37
C GLU A 149 61.42 14.90 27.21
N SER A 150 61.48 15.05 28.53
CA SER A 150 61.02 14.02 29.45
C SER A 150 60.25 14.61 30.63
N GLU A 151 59.56 15.74 30.41
CA GLU A 151 58.75 16.39 31.46
C GLU A 151 57.35 16.57 30.90
N PHE A 152 56.43 15.71 31.35
CA PHE A 152 55.09 15.61 30.77
C PHE A 152 54.09 16.14 31.79
N ARG A 153 53.84 17.44 31.75
CA ARG A 153 52.92 18.10 32.68
C ARG A 153 51.57 18.28 31.97
N VAL A 154 50.68 17.32 32.18
CA VAL A 154 49.36 17.35 31.55
C VAL A 154 48.28 17.29 32.62
N TYR A 155 48.26 16.21 33.38
CA TYR A 155 47.23 15.96 34.38
C TYR A 155 47.85 15.53 35.69
N SER A 156 47.11 15.71 36.77
CA SER A 156 47.58 15.35 38.10
C SER A 156 46.97 14.05 38.62
N SER A 157 45.91 13.54 37.98
CA SER A 157 45.26 12.33 38.46
C SER A 157 44.60 11.61 37.29
N ALA A 158 44.33 10.32 37.51
CA ALA A 158 43.65 9.47 36.53
C ALA A 158 42.73 8.54 37.31
N ASN A 159 41.46 8.90 37.40
CA ASN A 159 40.55 8.26 38.36
C ASN A 159 39.90 7.00 37.80
N ASN A 160 39.12 7.15 36.73
CA ASN A 160 38.38 6.03 36.14
C ASN A 160 38.80 5.89 34.69
N CYS A 161 39.88 5.15 34.46
CA CYS A 161 40.41 4.95 33.12
C CYS A 161 39.70 3.76 32.49
N THR A 162 38.67 4.04 31.68
CA THR A 162 37.76 3.02 31.18
C THR A 162 38.15 2.49 29.81
N PHE A 163 39.21 3.00 29.21
CA PHE A 163 39.61 2.54 27.88
C PHE A 163 41.07 2.92 27.65
N GLU A 164 41.76 2.08 26.87
CA GLU A 164 43.13 2.35 26.47
C GLU A 164 43.39 1.70 25.14
N TYR A 165 44.26 2.33 24.34
CA TYR A 165 44.66 1.81 23.04
C TYR A 165 46.03 2.36 22.71
N VAL A 166 46.88 1.53 22.12
CA VAL A 166 48.21 1.93 21.69
C VAL A 166 48.42 1.48 20.26
N SER A 167 48.76 2.42 19.38
CA SER A 167 49.15 2.13 18.01
C SER A 167 50.31 3.03 17.65
N GLN A 168 50.88 2.81 16.47
CA GLN A 168 52.19 3.38 16.12
C GLN A 168 52.14 4.89 16.01
N PRO A 169 53.27 5.57 16.22
CA PRO A 169 53.29 7.03 16.16
C PRO A 169 52.86 7.57 14.80
N PHE A 170 52.17 8.72 14.83
CA PHE A 170 51.51 9.24 13.64
C PHE A 170 52.48 9.87 12.66
N LEU A 171 53.61 10.40 13.13
CA LEU A 171 54.54 11.09 12.23
C LEU A 171 55.26 10.11 11.31
N ASN A 180 62.37 26.31 6.78
CA ASN A 180 61.28 26.03 5.86
C ASN A 180 60.28 25.06 6.45
N PHE A 181 59.03 25.50 6.58
CA PHE A 181 57.96 24.59 6.97
C PHE A 181 57.75 23.55 5.88
N LYS A 182 57.83 22.28 6.26
CA LYS A 182 57.75 21.21 5.28
C LYS A 182 56.62 20.24 5.61
N ASN A 183 56.45 19.93 6.89
CA ASN A 183 55.48 18.93 7.32
C ASN A 183 54.10 19.56 7.44
N LEU A 184 53.19 19.11 6.58
CA LEU A 184 51.80 19.53 6.63
C LEU A 184 50.97 18.36 7.16
N ARG A 185 50.31 18.56 8.30
CA ARG A 185 49.50 17.54 8.93
C ARG A 185 48.08 18.04 9.04
N GLU A 186 47.13 17.20 8.62
CA GLU A 186 45.72 17.54 8.65
C GLU A 186 44.94 16.43 9.35
N PHE A 187 43.97 16.82 10.15
CA PHE A 187 43.13 15.87 10.86
C PHE A 187 41.69 16.38 10.87
N VAL A 188 40.75 15.43 10.84
CA VAL A 188 39.33 15.73 10.95
C VAL A 188 38.76 14.83 12.03
N PHE A 189 38.27 15.43 13.11
CA PHE A 189 37.73 14.70 14.24
C PHE A 189 36.21 14.76 14.21
N LYS A 190 35.58 13.60 14.18
CA LYS A 190 34.13 13.50 14.18
C LYS A 190 33.67 12.61 15.31
N ASN A 191 32.53 12.95 15.90
CA ASN A 191 31.93 12.18 16.98
C ASN A 191 30.46 11.96 16.65
N ILE A 192 30.12 10.72 16.29
CA ILE A 192 28.76 10.35 15.92
C ILE A 192 28.38 9.13 16.74
N ASP A 193 27.17 9.15 17.30
CA ASP A 193 26.52 8.02 18.00
C ASP A 193 27.51 7.18 18.80
N GLY A 194 28.35 7.86 19.56
CA GLY A 194 29.32 7.19 20.41
C GLY A 194 30.57 6.72 19.74
N TYR A 195 30.73 6.98 18.44
CA TYR A 195 31.92 6.60 17.70
C TYR A 195 32.77 7.83 17.42
N PHE A 196 34.05 7.75 17.75
CA PHE A 196 35.00 8.83 17.52
C PHE A 196 35.91 8.42 16.37
N LYS A 197 35.88 9.21 15.29
CA LYS A 197 36.63 8.90 14.08
C LYS A 197 37.71 9.96 13.86
N ILE A 198 38.88 9.53 13.41
CA ILE A 198 39.99 10.41 13.10
C ILE A 198 40.42 10.13 11.67
N TYR A 199 40.48 11.18 10.85
CA TYR A 199 40.97 11.09 9.48
C TYR A 199 42.30 11.82 9.39
N SER A 200 43.27 11.19 8.72
CA SER A 200 44.64 11.68 8.76
C SER A 200 45.18 11.85 7.35
N LYS A 201 46.16 12.74 7.24
CA LYS A 201 46.93 12.91 6.02
C LYS A 201 48.15 13.76 6.32
N HIS A 202 49.32 13.28 5.91
CA HIS A 202 50.58 13.99 6.09
C HIS A 202 51.19 14.23 4.71
N THR A 203 51.51 15.49 4.42
CA THR A 203 52.05 15.86 3.12
C THR A 203 53.22 16.81 3.28
N PRO A 204 54.21 16.74 2.39
CA PRO A 204 55.31 17.72 2.41
C PRO A 204 55.01 18.92 1.54
N ILE A 205 55.52 20.07 1.97
CA ILE A 205 55.34 21.32 1.22
C ILE A 205 56.68 22.00 0.99
N ASP A 213 50.35 30.69 5.93
CA ASP A 213 49.03 30.54 5.32
C ASP A 213 48.88 29.17 4.66
N LEU A 214 47.64 28.71 4.56
CA LEU A 214 47.38 27.41 3.96
C LEU A 214 47.68 27.42 2.47
N PRO A 215 48.53 26.53 1.98
CA PRO A 215 48.81 26.51 0.54
C PRO A 215 47.61 26.09 -0.26
N GLN A 216 47.55 26.58 -1.50
CA GLN A 216 46.47 26.24 -2.41
C GLN A 216 46.72 24.86 -3.00
N GLY A 217 45.83 23.91 -2.70
CA GLY A 217 45.98 22.56 -3.21
C GLY A 217 44.81 21.71 -2.79
N PHE A 218 44.83 20.47 -3.28
CA PHE A 218 43.77 19.52 -3.01
C PHE A 218 44.38 18.21 -2.52
N SER A 219 43.78 17.64 -1.47
CA SER A 219 44.30 16.41 -0.89
C SER A 219 43.18 15.72 -0.13
N ALA A 220 42.91 14.46 -0.47
CA ALA A 220 41.92 13.68 0.24
C ALA A 220 42.46 13.25 1.60
N LEU A 221 41.55 12.96 2.52
CA LEU A 221 41.88 12.55 3.87
C LEU A 221 41.36 11.15 4.13
N GLU A 222 42.26 10.23 4.44
CA GLU A 222 41.90 8.82 4.61
C GLU A 222 41.51 8.55 6.05
N PRO A 223 40.55 7.66 6.28
CA PRO A 223 40.24 7.25 7.67
C PRO A 223 41.47 6.64 8.33
N LEU A 224 41.65 6.97 9.60
CA LEU A 224 42.77 6.46 10.37
C LEU A 224 42.35 5.60 11.55
N VAL A 225 41.49 6.11 12.42
CA VAL A 225 41.15 5.45 13.67
C VAL A 225 39.67 5.66 13.96
N ASP A 226 38.99 4.60 14.37
CA ASP A 226 37.62 4.67 14.87
C ASP A 226 37.62 4.26 16.33
N LEU A 227 36.96 5.06 17.17
CA LEU A 227 36.91 4.80 18.59
C LEU A 227 35.46 4.73 19.06
N PRO A 228 35.02 3.62 19.64
CA PRO A 228 33.65 3.51 20.18
C PRO A 228 33.59 4.01 21.63
N ILE A 229 34.01 5.25 21.83
CA ILE A 229 34.17 5.79 23.18
C ILE A 229 32.82 5.96 23.86
N GLY A 230 31.84 6.48 23.14
CA GLY A 230 30.51 6.66 23.70
C GLY A 230 30.43 7.70 24.80
N ILE A 231 31.12 8.83 24.64
CA ILE A 231 31.04 9.94 25.57
C ILE A 231 30.78 11.22 24.78
N ASN A 232 30.35 12.26 25.48
CA ASN A 232 30.07 13.54 24.84
C ASN A 232 31.26 14.46 25.00
N ILE A 233 31.67 15.08 23.88
CA ILE A 233 32.71 16.08 23.86
C ILE A 233 32.10 17.37 23.33
N THR A 234 32.26 18.46 24.08
CA THR A 234 31.76 19.75 23.66
C THR A 234 32.84 20.82 23.69
N ARG A 235 34.10 20.42 23.91
CA ARG A 235 35.21 21.36 23.99
C ARG A 235 36.49 20.57 23.90
N PHE A 236 37.57 21.23 23.48
CA PHE A 236 38.85 20.54 23.36
C PHE A 236 39.98 21.56 23.42
N GLN A 237 41.20 21.03 23.53
CA GLN A 237 42.39 21.85 23.70
C GLN A 237 43.57 21.09 23.11
N THR A 238 44.47 21.82 22.47
CA THR A 238 45.65 21.23 21.85
C THR A 238 46.80 21.15 22.85
N LEU A 239 47.81 20.35 22.47
CA LEU A 239 48.98 20.14 23.32
C LEU A 239 50.23 20.62 22.59
N LEU A 240 51.23 21.04 23.37
CA LEU A 240 52.48 21.55 22.83
C LEU A 240 53.65 20.93 23.58
N ALA A 241 54.77 20.84 22.87
CA ALA A 241 56.03 20.37 23.44
C ALA A 241 57.02 21.53 23.46
N LEU A 242 57.58 21.80 24.64
CA LEU A 242 58.51 22.91 24.81
C LEU A 242 59.92 22.37 25.05
N HIS A 243 60.85 22.75 24.18
CA HIS A 243 62.24 22.35 24.33
C HIS A 243 62.89 23.20 25.40
N ARG A 244 63.38 22.56 26.46
CA ARG A 244 64.01 23.26 27.57
C ARG A 244 65.43 23.64 27.22
N SER A 245 65.74 24.92 27.36
CA SER A 245 67.07 25.43 27.03
C SER A 245 67.58 26.39 28.11
N GLY A 255 63.99 29.40 30.32
CA GLY A 255 64.21 28.00 30.61
C GLY A 255 63.90 27.10 29.43
N TRP A 256 62.81 27.38 28.73
CA TRP A 256 62.40 26.62 27.57
C TRP A 256 62.27 27.55 26.37
N THR A 257 62.68 27.05 25.20
CA THR A 257 62.59 27.80 23.95
C THR A 257 61.65 27.08 23.00
N ALA A 258 60.70 27.83 22.44
CA ALA A 258 59.69 27.29 21.53
C ALA A 258 59.96 27.77 20.11
N GLY A 259 59.94 26.84 19.16
CA GLY A 259 60.12 27.17 17.77
C GLY A 259 58.86 27.75 17.15
N ALA A 260 58.97 28.08 15.86
CA ALA A 260 57.88 28.68 15.12
C ALA A 260 56.94 27.58 14.65
N ALA A 261 55.65 27.72 15.01
CA ALA A 261 54.65 26.75 14.60
C ALA A 261 53.30 27.44 14.55
N ALA A 262 52.40 26.87 13.76
CA ALA A 262 51.04 27.39 13.63
C ALA A 262 50.10 26.23 13.36
N TYR A 263 48.85 26.41 13.82
CA TYR A 263 47.81 25.37 13.63
C TYR A 263 46.48 26.08 13.36
N TYR A 264 45.65 25.50 12.50
CA TYR A 264 44.37 26.09 12.12
C TYR A 264 43.26 25.18 12.58
N VAL A 265 42.17 25.77 13.06
CA VAL A 265 41.01 25.01 13.53
C VAL A 265 39.79 25.48 12.75
N GLY A 266 39.14 24.55 12.04
CA GLY A 266 37.94 24.85 11.31
C GLY A 266 36.84 23.86 11.64
N TYR A 267 35.61 24.33 11.54
CA TYR A 267 34.46 23.58 11.99
C TYR A 267 33.64 23.10 10.80
N LEU A 268 33.06 21.91 10.94
CA LEU A 268 32.31 21.26 9.88
C LEU A 268 30.81 21.45 10.11
N GLN A 269 30.09 21.63 9.02
CA GLN A 269 28.63 21.69 9.03
C GLN A 269 28.09 20.93 7.84
N PRO A 270 26.90 20.34 7.97
CA PRO A 270 26.40 19.45 6.91
C PRO A 270 26.14 20.22 5.61
N ARG A 271 26.44 19.54 4.50
CA ARG A 271 26.15 20.03 3.16
C ARG A 271 26.46 18.91 2.19
N THR A 272 26.02 19.08 0.94
CA THR A 272 26.17 18.07 -0.08
C THR A 272 27.35 18.42 -0.98
N PHE A 273 28.21 17.44 -1.24
CA PHE A 273 29.35 17.60 -2.12
C PHE A 273 29.22 16.70 -3.34
N LEU A 274 30.02 16.99 -4.34
CA LEU A 274 30.13 16.16 -5.54
C LEU A 274 31.57 15.67 -5.64
N LEU A 275 31.79 14.41 -5.32
CA LEU A 275 33.12 13.84 -5.25
C LEU A 275 33.47 13.17 -6.58
N LYS A 276 34.65 13.49 -7.10
CA LYS A 276 35.14 12.90 -8.35
C LYS A 276 36.24 11.90 -8.01
N TYR A 277 36.05 10.65 -8.42
CA TYR A 277 37.04 9.61 -8.25
C TYR A 277 37.81 9.43 -9.54
N ASN A 278 39.11 9.15 -9.43
CA ASN A 278 39.93 8.87 -10.60
C ASN A 278 39.75 7.41 -11.01
N GLU A 279 40.61 6.93 -11.91
CA GLU A 279 40.53 5.54 -12.33
C GLU A 279 41.07 4.59 -11.25
N ASN A 280 42.00 5.05 -10.43
CA ASN A 280 42.53 4.21 -9.37
C ASN A 280 41.63 4.21 -8.13
N GLY A 281 40.64 5.09 -8.07
CA GLY A 281 39.76 5.16 -6.92
C GLY A 281 40.12 6.20 -5.88
N THR A 282 41.04 7.10 -6.20
CA THR A 282 41.43 8.16 -5.28
C THR A 282 40.69 9.45 -5.60
N ILE A 283 40.21 10.11 -4.54
CA ILE A 283 39.48 11.37 -4.72
C ILE A 283 40.43 12.41 -5.29
N THR A 284 40.01 13.07 -6.37
CA THR A 284 40.85 14.05 -7.03
C THR A 284 40.27 15.46 -7.02
N ASP A 285 38.95 15.60 -7.00
CA ASP A 285 38.35 16.93 -7.00
C ASP A 285 36.94 16.83 -6.44
N ALA A 286 36.50 17.89 -5.77
CA ALA A 286 35.17 17.95 -5.21
C ALA A 286 34.59 19.33 -5.48
N VAL A 287 33.27 19.39 -5.59
CA VAL A 287 32.55 20.62 -5.90
C VAL A 287 31.44 20.81 -4.89
N ASP A 288 31.42 21.96 -4.22
CA ASP A 288 30.38 22.29 -3.26
C ASP A 288 29.07 22.53 -4.01
N CYS A 289 27.97 22.02 -3.47
CA CYS A 289 26.67 22.17 -4.12
C CYS A 289 25.88 23.37 -3.63
N ALA A 290 26.43 24.17 -2.70
CA ALA A 290 25.71 25.34 -2.20
C ALA A 290 26.62 26.54 -2.02
N LEU A 291 27.77 26.57 -2.68
CA LEU A 291 28.72 27.67 -2.55
C LEU A 291 28.38 28.81 -3.49
N ASP A 292 28.33 28.53 -4.79
CA ASP A 292 28.16 29.54 -5.82
C ASP A 292 27.06 29.11 -6.77
N PRO A 293 26.37 30.07 -7.39
CA PRO A 293 25.35 29.70 -8.39
C PRO A 293 25.90 28.82 -9.49
N LEU A 294 27.14 29.06 -9.92
CA LEU A 294 27.76 28.14 -10.86
C LEU A 294 27.98 26.77 -10.22
N SER A 295 28.41 26.75 -8.96
CA SER A 295 28.75 25.48 -8.31
C SER A 295 27.53 24.59 -8.18
N GLU A 296 26.39 25.15 -7.79
CA GLU A 296 25.18 24.34 -7.69
C GLU A 296 24.68 23.91 -9.06
N THR A 297 24.99 24.67 -10.10
CA THR A 297 24.63 24.24 -11.45
C THR A 297 25.39 22.98 -11.85
N LYS A 298 26.69 22.93 -11.52
CA LYS A 298 27.45 21.71 -11.76
C LYS A 298 26.88 20.54 -10.98
N CYS A 299 26.47 20.79 -9.73
CA CYS A 299 25.96 19.72 -8.89
C CYS A 299 24.67 19.14 -9.45
N THR A 300 23.79 19.99 -9.98
CA THR A 300 22.54 19.50 -10.56
C THR A 300 22.81 18.61 -11.76
N LEU A 301 23.69 19.04 -12.66
CA LEU A 301 24.03 18.25 -13.83
C LEU A 301 24.92 17.07 -13.52
N LYS A 302 25.49 17.00 -12.31
CA LYS A 302 26.42 15.95 -11.93
C LYS A 302 27.59 15.89 -12.90
N SER A 303 28.08 17.06 -13.28
CA SER A 303 29.21 17.17 -14.19
C SER A 303 30.08 18.33 -13.76
N PHE A 304 31.37 18.26 -14.10
CA PHE A 304 32.30 19.32 -13.78
C PHE A 304 32.37 20.39 -14.87
N THR A 305 31.75 20.15 -16.02
CA THR A 305 31.69 21.13 -17.10
C THR A 305 30.25 21.22 -17.59
N VAL A 306 29.77 22.44 -17.77
CA VAL A 306 28.41 22.70 -18.23
C VAL A 306 28.47 23.43 -19.56
N GLU A 307 27.71 22.95 -20.54
CA GLU A 307 27.68 23.60 -21.83
C GLU A 307 26.94 24.93 -21.74
N LYS A 308 27.18 25.78 -22.73
CA LYS A 308 26.51 27.08 -22.77
C LYS A 308 25.01 26.91 -22.84
N GLY A 309 24.30 27.65 -22.01
CA GLY A 309 22.85 27.56 -21.99
C GLY A 309 22.30 28.12 -20.69
N ILE A 310 21.01 27.91 -20.50
CA ILE A 310 20.31 28.34 -19.30
C ILE A 310 19.78 27.10 -18.59
N TYR A 311 20.13 26.94 -17.32
CA TYR A 311 19.74 25.79 -16.53
C TYR A 311 18.94 26.25 -15.33
N GLN A 312 17.86 25.53 -15.03
CA GLN A 312 17.06 25.80 -13.84
C GLN A 312 17.61 24.91 -12.72
N THR A 313 18.16 25.53 -11.68
CA THR A 313 18.84 24.79 -10.63
C THR A 313 17.92 24.44 -9.47
N SER A 314 17.37 25.44 -8.80
CA SER A 314 16.60 25.21 -7.59
C SER A 314 15.58 26.33 -7.43
N ASN A 315 14.95 26.38 -6.25
CA ASN A 315 13.96 27.39 -5.94
C ASN A 315 14.44 28.24 -4.78
N PHE A 316 13.77 29.37 -4.59
CA PHE A 316 14.08 30.27 -3.48
C PHE A 316 12.77 30.67 -2.80
N ARG A 317 12.86 30.90 -1.50
CA ARG A 317 11.70 31.36 -0.74
C ARG A 317 12.20 32.14 0.47
N VAL A 318 11.75 33.38 0.59
CA VAL A 318 12.18 34.23 1.69
C VAL A 318 11.75 33.60 3.01
N GLN A 319 12.71 33.42 3.91
CA GLN A 319 12.45 32.76 5.17
C GLN A 319 11.63 33.66 6.09
N PRO A 320 10.84 33.08 7.00
CA PRO A 320 10.07 33.90 7.92
C PRO A 320 10.98 34.74 8.80
N THR A 321 10.53 35.97 9.09
CA THR A 321 11.32 36.91 9.88
C THR A 321 11.24 36.58 11.37
N GLU A 322 10.04 36.62 11.93
CA GLU A 322 9.83 36.34 13.34
C GLU A 322 8.56 35.53 13.51
N SER A 323 8.19 35.25 14.76
CA SER A 323 7.04 34.44 15.09
C SER A 323 6.08 35.22 15.98
N ILE A 324 4.79 35.07 15.72
CA ILE A 324 3.74 35.66 16.54
C ILE A 324 2.73 34.58 16.89
N VAL A 325 2.10 34.71 18.05
CA VAL A 325 1.03 33.83 18.49
C VAL A 325 -0.07 34.70 19.09
N ARG A 326 -1.32 34.40 18.73
CA ARG A 326 -2.46 35.19 19.17
C ARG A 326 -3.48 34.28 19.82
N PHE A 327 -3.82 34.59 21.07
CA PHE A 327 -4.83 33.91 21.87
C PHE A 327 -5.75 34.95 22.50
N PRO A 328 -6.99 34.60 22.79
CA PRO A 328 -7.92 35.55 23.39
C PRO A 328 -7.45 35.97 24.78
N ASN A 329 -7.86 37.17 25.19
CA ASN A 329 -7.43 37.73 26.47
C ASN A 329 -8.14 36.98 27.59
N ILE A 330 -7.62 35.79 27.90
CA ILE A 330 -8.13 34.95 28.97
C ILE A 330 -7.04 34.80 30.02
N THR A 331 -7.36 35.13 31.26
CA THR A 331 -6.40 35.03 32.36
C THR A 331 -6.82 34.07 33.46
N ASN A 332 -8.10 33.75 33.59
CA ASN A 332 -8.54 32.82 34.61
C ASN A 332 -8.00 31.43 34.32
N LEU A 333 -7.44 30.78 35.34
CA LEU A 333 -6.89 29.45 35.17
C LEU A 333 -7.98 28.40 35.41
N CYS A 334 -7.96 27.35 34.60
CA CYS A 334 -9.05 26.38 34.60
C CYS A 334 -9.08 25.63 35.93
N PRO A 335 -10.27 25.23 36.41
CA PRO A 335 -10.41 24.59 37.72
C PRO A 335 -9.91 23.15 37.77
N PHE A 336 -8.67 22.93 37.34
CA PHE A 336 -8.04 21.63 37.53
C PHE A 336 -7.82 21.32 39.01
N ASP A 337 -7.54 22.35 39.82
CA ASP A 337 -7.24 22.11 41.23
C ASP A 337 -8.44 21.54 41.97
N GLU A 338 -9.61 22.16 41.81
CA GLU A 338 -10.78 21.73 42.55
C GLU A 338 -11.29 20.37 42.10
N VAL A 339 -10.94 19.92 40.90
CA VAL A 339 -11.36 18.61 40.45
C VAL A 339 -10.36 17.54 40.86
N PHE A 340 -9.06 17.82 40.68
CA PHE A 340 -8.03 16.85 40.99
C PHE A 340 -7.72 16.78 42.49
N ASN A 341 -7.58 17.93 43.13
CA ASN A 341 -7.23 18.00 44.55
C ASN A 341 -8.45 17.87 45.45
N ALA A 342 -9.57 17.36 44.93
CA ALA A 342 -10.74 17.16 45.76
C ALA A 342 -10.50 16.04 46.76
N THR A 343 -10.96 16.24 47.99
CA THR A 343 -10.73 15.27 49.05
C THR A 343 -11.40 13.94 48.73
N ARG A 344 -12.63 13.96 48.24
CA ARG A 344 -13.41 12.76 47.99
C ARG A 344 -13.89 12.75 46.55
N PHE A 345 -13.74 11.61 45.89
CA PHE A 345 -14.25 11.43 44.54
C PHE A 345 -15.53 10.60 44.55
N ALA A 346 -16.26 10.65 43.45
CA ALA A 346 -17.50 9.92 43.30
C ALA A 346 -17.24 8.45 43.00
N SER A 347 -18.30 7.66 43.11
CA SER A 347 -18.23 6.25 42.72
C SER A 347 -18.19 6.13 41.20
N VAL A 348 -17.74 4.97 40.72
CA VAL A 348 -17.59 4.78 39.28
C VAL A 348 -18.95 4.74 38.60
N TYR A 349 -19.95 4.10 39.21
CA TYR A 349 -21.28 4.06 38.61
C TYR A 349 -21.90 5.44 38.55
N ALA A 350 -21.77 6.21 39.63
CA ALA A 350 -22.25 7.59 39.67
C ALA A 350 -21.11 8.57 39.44
N TRP A 351 -20.52 8.48 38.24
CA TRP A 351 -19.39 9.34 37.90
C TRP A 351 -19.85 10.78 37.72
N ASN A 352 -19.06 11.71 38.25
CA ASN A 352 -19.36 13.12 38.10
C ASN A 352 -19.06 13.59 36.68
N ARG A 353 -19.64 14.73 36.31
CA ARG A 353 -19.36 15.39 35.04
C ARG A 353 -19.13 16.86 35.32
N LYS A 354 -18.02 17.40 34.80
CA LYS A 354 -17.67 18.79 35.00
C LYS A 354 -17.43 19.46 33.65
N ARG A 355 -17.85 20.71 33.53
CA ARG A 355 -17.64 21.52 32.34
C ARG A 355 -16.48 22.47 32.59
N ILE A 356 -15.55 22.53 31.63
CA ILE A 356 -14.41 23.43 31.69
C ILE A 356 -14.50 24.37 30.50
N SER A 357 -14.55 25.67 30.76
CA SER A 357 -14.65 26.66 29.70
C SER A 357 -14.27 28.02 30.24
N ASN A 358 -14.00 28.94 29.31
CA ASN A 358 -13.69 30.34 29.62
C ASN A 358 -12.53 30.42 30.62
N CYS A 359 -11.47 29.65 30.33
CA CYS A 359 -10.30 29.64 31.20
C CYS A 359 -9.12 29.10 30.41
N VAL A 360 -7.93 29.35 30.94
CA VAL A 360 -6.70 28.84 30.34
C VAL A 360 -6.33 27.54 31.03
N ALA A 361 -5.97 26.53 30.23
CA ALA A 361 -5.65 25.20 30.74
C ALA A 361 -4.16 24.96 30.63
N ASP A 362 -3.52 24.69 31.77
CA ASP A 362 -2.10 24.40 31.83
C ASP A 362 -1.85 23.01 32.39
N TYR A 363 -0.88 22.30 31.81
CA TYR A 363 -0.56 20.94 32.24
C TYR A 363 0.72 20.85 33.06
N SER A 364 1.52 21.91 33.11
CA SER A 364 2.73 21.88 33.91
C SER A 364 2.45 21.76 35.41
N VAL A 365 1.23 22.10 35.84
CA VAL A 365 0.89 21.98 37.25
C VAL A 365 0.42 20.58 37.61
N LEU A 366 0.10 19.75 36.62
CA LEU A 366 -0.48 18.44 36.88
C LEU A 366 0.59 17.41 37.23
N TYR A 367 1.48 17.75 38.16
CA TYR A 367 2.47 16.83 38.66
C TYR A 367 2.39 16.64 40.17
N ASN A 368 2.31 17.73 40.94
CA ASN A 368 2.27 17.63 42.39
C ASN A 368 0.90 17.19 42.89
N LEU A 369 -0.17 17.67 42.26
CA LEU A 369 -1.51 17.36 42.73
C LEU A 369 -1.82 15.87 42.59
N ALA A 370 -1.36 15.25 41.50
CA ALA A 370 -1.60 13.83 41.23
C ALA A 370 -0.27 13.16 40.94
N PRO A 371 0.52 12.86 41.97
CA PRO A 371 1.77 12.14 41.75
C PRO A 371 1.52 10.71 41.32
N PHE A 372 2.53 10.13 40.66
CA PHE A 372 2.43 8.77 40.12
C PHE A 372 1.26 8.67 39.15
N PHE A 373 1.08 9.71 38.34
CA PHE A 373 0.00 9.74 37.36
C PHE A 373 0.40 9.01 36.09
N THR A 374 -0.60 8.69 35.27
CA THR A 374 -0.39 8.00 34.01
C THR A 374 -1.33 8.64 32.98
N PHE A 375 -0.76 9.40 32.05
CA PHE A 375 -1.53 10.17 31.09
C PHE A 375 -1.64 9.50 29.74
N LYS A 376 -1.49 8.17 29.67
CA LYS A 376 -1.71 7.44 28.44
C LYS A 376 -3.08 7.75 27.87
N CYS A 377 -3.12 8.23 26.63
CA CYS A 377 -4.36 8.71 26.05
C CYS A 377 -4.27 8.66 24.53
N TYR A 378 -5.40 8.94 23.89
CA TYR A 378 -5.58 8.70 22.47
C TYR A 378 -6.10 9.96 21.79
N GLY A 379 -5.85 10.05 20.49
CA GLY A 379 -6.41 11.11 19.67
C GLY A 379 -5.62 12.40 19.63
N VAL A 380 -4.56 12.52 20.42
CA VAL A 380 -3.75 13.74 20.44
C VAL A 380 -2.38 13.38 21.00
N SER A 381 -1.36 14.10 20.53
CA SER A 381 -0.03 13.93 21.07
C SER A 381 0.10 14.73 22.35
N PRO A 382 0.37 14.09 23.50
CA PRO A 382 0.48 14.86 24.75
C PRO A 382 1.68 15.78 24.80
N THR A 383 2.65 15.60 23.91
CA THR A 383 3.89 16.38 24.00
C THR A 383 3.67 17.86 23.69
N LYS A 384 2.70 18.19 22.82
CA LYS A 384 2.47 19.57 22.41
C LYS A 384 1.07 20.03 22.80
N LEU A 385 0.56 19.54 23.93
CA LEU A 385 -0.70 20.03 24.45
C LEU A 385 -0.61 21.49 24.88
N ASN A 386 0.61 22.02 25.04
CA ASN A 386 0.79 23.41 25.43
C ASN A 386 0.23 24.36 24.38
N ASP A 387 0.50 24.09 23.10
CA ASP A 387 0.06 24.96 22.01
C ASP A 387 -1.19 24.37 21.36
N LEU A 388 -2.30 24.48 22.06
CA LEU A 388 -3.58 23.99 21.56
C LEU A 388 -4.71 24.80 22.17
N CYS A 389 -5.87 24.72 21.53
CA CYS A 389 -7.09 25.36 22.02
C CYS A 389 -8.23 24.38 21.95
N PHE A 390 -9.14 24.45 22.93
CA PHE A 390 -10.21 23.47 23.07
C PHE A 390 -11.54 24.20 23.16
N THR A 391 -12.50 23.76 22.36
CA THR A 391 -13.82 24.38 22.38
C THR A 391 -14.61 23.97 23.61
N ASN A 392 -14.57 22.70 23.97
CA ASN A 392 -15.32 22.19 25.11
C ASN A 392 -14.50 21.11 25.80
N VAL A 393 -14.37 21.21 27.12
CA VAL A 393 -13.61 20.26 27.92
C VAL A 393 -14.51 19.74 29.03
N TYR A 394 -14.60 18.41 29.12
CA TYR A 394 -15.39 17.75 30.15
C TYR A 394 -14.47 16.92 31.03
N ALA A 395 -14.60 17.08 32.35
CA ALA A 395 -13.80 16.36 33.32
C ALA A 395 -14.70 15.46 34.14
N ASP A 396 -14.39 14.17 34.17
CA ASP A 396 -15.14 13.18 34.93
C ASP A 396 -14.23 12.59 35.99
N SER A 397 -14.74 12.48 37.22
CA SER A 397 -13.96 11.99 38.35
C SER A 397 -14.65 10.79 38.98
N PHE A 398 -13.87 9.76 39.29
CA PHE A 398 -14.36 8.57 39.96
C PHE A 398 -13.16 7.81 40.53
N VAL A 399 -13.44 6.69 41.20
CA VAL A 399 -12.42 5.86 41.82
C VAL A 399 -12.66 4.41 41.39
N ILE A 400 -11.61 3.75 40.92
CA ILE A 400 -11.67 2.35 40.50
C ILE A 400 -10.46 1.61 41.08
N ARG A 401 -10.49 0.30 40.95
CA ARG A 401 -9.38 -0.54 41.38
C ARG A 401 -8.20 -0.40 40.42
N GLY A 402 -7.03 -0.80 40.91
CA GLY A 402 -5.82 -0.71 40.09
C GLY A 402 -5.85 -1.62 38.89
N ASP A 403 -6.29 -2.87 39.08
CA ASP A 403 -6.35 -3.82 37.98
C ASP A 403 -7.40 -3.43 36.95
N GLU A 404 -8.38 -2.61 37.31
CA GLU A 404 -9.43 -2.18 36.40
C GLU A 404 -9.06 -0.93 35.62
N VAL A 405 -7.85 -0.41 35.79
CA VAL A 405 -7.46 0.81 35.10
C VAL A 405 -7.34 0.57 33.59
N ARG A 406 -7.12 -0.68 33.18
CA ARG A 406 -7.00 -0.98 31.77
C ARG A 406 -8.32 -0.82 31.03
N GLN A 407 -9.44 -0.88 31.74
CA GLN A 407 -10.76 -0.84 31.11
C GLN A 407 -11.18 0.55 30.67
N ILE A 408 -10.44 1.59 31.05
CA ILE A 408 -10.81 2.97 30.69
C ILE A 408 -10.15 3.26 29.35
N ALA A 409 -10.82 2.82 28.28
CA ALA A 409 -10.35 3.02 26.91
C ALA A 409 -11.47 2.67 25.93
N PRO A 410 -11.47 3.26 24.73
CA PRO A 410 -12.51 2.90 23.75
C PRO A 410 -12.44 1.44 23.36
N GLY A 411 -13.61 0.83 23.16
CA GLY A 411 -13.69 -0.55 22.76
C GLY A 411 -13.42 -1.56 23.85
N GLN A 412 -13.10 -1.12 25.06
CA GLN A 412 -12.86 -2.02 26.17
C GLN A 412 -14.14 -2.73 26.58
N THR A 413 -13.99 -3.98 27.00
CA THR A 413 -15.12 -4.77 27.49
C THR A 413 -14.81 -5.26 28.90
N GLY A 414 -15.84 -5.33 29.71
CA GLY A 414 -15.69 -5.77 31.08
C GLY A 414 -16.84 -5.25 31.93
N ASN A 415 -16.75 -5.57 33.22
CA ASN A 415 -17.77 -5.12 34.16
C ASN A 415 -17.81 -3.61 34.26
N ILE A 416 -16.64 -2.98 34.34
CA ILE A 416 -16.58 -1.52 34.45
C ILE A 416 -17.08 -0.86 33.16
N ALA A 417 -16.60 -1.35 32.02
CA ALA A 417 -16.91 -0.70 30.75
C ALA A 417 -18.39 -0.85 30.38
N ASP A 418 -19.01 -1.97 30.73
CA ASP A 418 -20.37 -2.23 30.29
C ASP A 418 -21.39 -1.63 31.25
N TYR A 419 -21.14 -1.70 32.55
CA TYR A 419 -22.13 -1.33 33.55
C TYR A 419 -21.80 -0.06 34.31
N ASN A 420 -20.58 0.46 34.21
CA ASN A 420 -20.18 1.61 35.01
C ASN A 420 -19.84 2.83 34.17
N TYR A 421 -18.93 2.70 33.20
CA TYR A 421 -18.47 3.85 32.44
C TYR A 421 -18.09 3.38 31.04
N LYS A 422 -18.86 3.80 30.05
CA LYS A 422 -18.64 3.40 28.66
C LYS A 422 -18.15 4.60 27.85
N LEU A 423 -17.14 4.37 27.03
CA LEU A 423 -16.54 5.38 26.17
C LEU A 423 -16.83 5.09 24.71
N PRO A 424 -17.01 6.13 23.90
CA PRO A 424 -17.22 5.91 22.46
C PRO A 424 -15.95 5.42 21.79
N ASP A 425 -16.14 4.69 20.68
CA ASP A 425 -15.00 4.15 19.95
C ASP A 425 -14.13 5.26 19.39
N ASP A 426 -14.73 6.30 18.84
CA ASP A 426 -13.98 7.46 18.34
C ASP A 426 -13.78 8.51 19.43
N PHE A 427 -13.29 8.06 20.58
CA PHE A 427 -13.07 8.96 21.71
C PHE A 427 -11.92 9.91 21.44
N THR A 428 -12.09 11.16 21.87
CA THR A 428 -11.03 12.15 21.85
C THR A 428 -10.94 12.80 23.22
N GLY A 429 -9.71 13.07 23.63
CA GLY A 429 -9.40 13.50 24.99
C GLY A 429 -8.44 12.54 25.66
N CYS A 430 -8.09 12.88 26.90
CA CYS A 430 -7.06 12.14 27.62
C CYS A 430 -7.51 11.79 29.03
N VAL A 431 -6.95 10.71 29.57
CA VAL A 431 -7.24 10.23 30.91
C VAL A 431 -5.96 10.25 31.74
N ILE A 432 -6.11 10.62 33.01
CA ILE A 432 -5.01 10.62 33.97
C ILE A 432 -5.38 9.70 35.13
N ALA A 433 -4.52 8.73 35.42
CA ALA A 433 -4.78 7.77 36.47
C ALA A 433 -3.59 7.72 37.41
N TRP A 434 -3.84 7.82 38.72
CA TRP A 434 -2.79 7.75 39.71
C TRP A 434 -3.29 6.99 40.93
N ASN A 435 -2.36 6.33 41.61
CA ASN A 435 -2.69 5.56 42.79
C ASN A 435 -3.18 6.48 43.91
N SER A 436 -4.17 6.00 44.66
CA SER A 436 -4.76 6.76 45.76
C SER A 436 -4.89 5.89 47.01
N ASN A 437 -3.88 5.06 47.25
CA ASN A 437 -3.90 4.22 48.45
C ASN A 437 -3.82 5.05 49.71
N LYS A 438 -2.99 6.10 49.71
CA LYS A 438 -2.83 6.92 50.91
C LYS A 438 -4.10 7.68 51.25
N LEU A 439 -4.90 8.02 50.24
CA LEU A 439 -6.10 8.83 50.45
C LEU A 439 -7.37 8.03 50.55
N ASP A 440 -7.48 6.90 49.86
CA ASP A 440 -8.74 6.17 49.74
C ASP A 440 -8.62 4.76 50.31
N SER A 441 -7.85 4.60 51.37
CA SER A 441 -7.75 3.32 52.08
C SER A 441 -7.86 3.59 53.58
N LYS A 442 -8.71 2.80 54.24
CA LYS A 442 -8.90 2.89 55.68
C LYS A 442 -8.54 1.57 56.33
N VAL A 443 -7.97 1.63 57.53
CA VAL A 443 -7.65 0.41 58.27
C VAL A 443 -8.92 -0.35 58.60
N SER A 444 -10.05 0.35 58.78
CA SER A 444 -11.33 -0.33 58.94
C SER A 444 -11.80 -0.92 57.62
N GLY A 445 -11.39 -0.33 56.50
CA GLY A 445 -11.80 -0.79 55.20
C GLY A 445 -12.50 0.28 54.39
N ASN A 446 -12.18 0.37 53.11
CA ASN A 446 -12.83 1.35 52.22
C ASN A 446 -14.07 0.70 51.62
N TYR A 447 -15.20 0.87 52.31
CA TYR A 447 -16.46 0.27 51.89
C TYR A 447 -17.45 1.32 51.35
N ASN A 448 -17.01 2.57 51.23
CA ASN A 448 -17.91 3.65 50.83
C ASN A 448 -17.97 3.83 49.32
N TYR A 449 -17.20 3.05 48.55
CA TYR A 449 -17.17 3.15 47.10
C TYR A 449 -17.92 1.97 46.50
N LEU A 450 -18.86 2.26 45.60
CA LEU A 450 -19.74 1.24 45.04
C LEU A 450 -19.61 1.18 43.52
N TYR A 451 -19.64 -0.04 43.01
CA TYR A 451 -19.63 -0.29 41.57
C TYR A 451 -20.78 -1.22 41.21
N ARG A 452 -21.41 -0.94 40.06
CA ARG A 452 -22.49 -1.78 39.57
C ARG A 452 -21.93 -3.13 39.14
N LEU A 453 -22.58 -4.20 39.58
CA LEU A 453 -22.22 -5.54 39.17
C LEU A 453 -23.22 -6.18 38.23
N PHE A 454 -24.51 -5.85 38.36
CA PHE A 454 -25.57 -6.47 37.58
C PHE A 454 -26.33 -5.40 36.81
N ARG A 455 -26.56 -5.68 35.53
CA ARG A 455 -27.26 -4.75 34.65
C ARG A 455 -27.75 -5.52 33.43
N LYS A 456 -28.94 -5.13 32.95
CA LYS A 456 -29.57 -5.86 31.86
C LYS A 456 -28.75 -5.81 30.59
N SER A 457 -28.20 -4.65 30.24
CA SER A 457 -27.49 -4.50 28.97
C SER A 457 -26.34 -3.51 29.14
N ASN A 458 -25.41 -3.60 28.19
CA ASN A 458 -24.24 -2.72 28.23
C ASN A 458 -24.66 -1.25 28.05
N LEU A 459 -24.00 -0.38 28.81
CA LEU A 459 -24.28 1.04 28.73
C LEU A 459 -23.78 1.62 27.41
N LYS A 460 -24.56 2.55 26.86
CA LYS A 460 -24.10 3.31 25.71
C LYS A 460 -23.05 4.33 26.16
N PRO A 461 -22.20 4.79 25.24
CA PRO A 461 -21.16 5.75 25.61
C PRO A 461 -21.75 7.00 26.25
N PHE A 462 -21.08 7.48 27.30
CA PHE A 462 -21.54 8.62 28.09
C PHE A 462 -22.99 8.45 28.56
N GLU A 463 -23.19 7.41 29.36
CA GLU A 463 -24.46 7.19 30.05
C GLU A 463 -24.19 6.86 31.50
N ARG A 464 -25.06 7.34 32.37
CA ARG A 464 -24.96 7.12 33.81
C ARG A 464 -26.17 6.31 34.27
N ASP A 465 -25.91 5.27 35.05
CA ASP A 465 -26.97 4.42 35.61
C ASP A 465 -26.94 4.55 37.12
N ILE A 466 -27.96 5.22 37.67
CA ILE A 466 -28.06 5.41 39.11
C ILE A 466 -29.18 4.59 39.72
N SER A 467 -29.84 3.74 38.94
CA SER A 467 -30.96 2.96 39.45
C SER A 467 -30.50 1.95 40.49
N THR A 468 -31.32 1.78 41.53
CA THR A 468 -31.05 0.81 42.59
C THR A 468 -32.05 -0.33 42.58
N GLU A 469 -32.72 -0.56 41.46
CA GLU A 469 -33.70 -1.63 41.37
C GLU A 469 -33.02 -2.99 41.49
N ILE A 470 -33.67 -3.90 42.22
CA ILE A 470 -33.08 -5.20 42.51
C ILE A 470 -32.96 -5.99 41.21
N TYR A 471 -31.85 -6.70 41.05
CA TYR A 471 -31.60 -7.47 39.84
C TYR A 471 -32.27 -8.83 39.94
N GLN A 472 -33.05 -9.17 38.92
CA GLN A 472 -33.73 -10.46 38.83
C GLN A 472 -32.85 -11.39 38.00
N ALA A 473 -32.08 -12.24 38.69
CA ALA A 473 -31.14 -13.15 38.04
C ALA A 473 -31.71 -14.54 37.83
N GLY A 474 -32.97 -14.78 38.19
CA GLY A 474 -33.55 -16.10 38.04
C GLY A 474 -34.87 -16.09 37.30
N ASN A 475 -35.75 -17.03 37.65
CA ASN A 475 -37.06 -17.16 37.04
C ASN A 475 -38.15 -16.48 37.86
N LYS A 476 -38.12 -16.63 39.17
CA LYS A 476 -39.12 -16.01 40.02
C LYS A 476 -38.85 -14.51 40.15
N PRO A 477 -39.89 -13.68 40.16
CA PRO A 477 -39.68 -12.25 40.40
C PRO A 477 -39.15 -12.01 41.80
N CYS A 478 -38.31 -10.98 41.93
CA CYS A 478 -37.72 -10.68 43.24
C CYS A 478 -38.72 -10.03 44.17
N ASN A 479 -39.51 -9.08 43.67
CA ASN A 479 -40.51 -8.36 44.47
C ASN A 479 -39.88 -7.72 45.70
N GLY A 480 -38.68 -7.18 45.55
CA GLY A 480 -37.97 -6.54 46.63
C GLY A 480 -37.17 -7.46 47.52
N VAL A 481 -37.25 -8.77 47.30
CA VAL A 481 -36.51 -9.74 48.10
C VAL A 481 -35.13 -9.93 47.50
N ALA A 482 -34.13 -10.14 48.36
CA ALA A 482 -32.74 -10.32 47.94
C ALA A 482 -32.29 -11.77 48.13
N GLY A 483 -33.17 -12.72 47.84
CA GLY A 483 -32.86 -14.13 47.98
C GLY A 483 -31.98 -14.65 46.86
N PHE A 484 -32.05 -15.95 46.63
CA PHE A 484 -31.25 -16.57 45.57
C PHE A 484 -31.74 -16.11 44.21
N ASN A 485 -30.79 -15.86 43.31
CA ASN A 485 -31.07 -15.27 41.99
C ASN A 485 -31.80 -13.94 42.11
N CYS A 486 -31.52 -13.21 43.19
CA CYS A 486 -32.08 -11.87 43.44
C CYS A 486 -31.00 -11.11 44.19
N TYR A 487 -30.21 -10.33 43.46
CA TYR A 487 -29.01 -9.72 43.99
C TYR A 487 -29.03 -8.21 43.78
N PHE A 488 -28.42 -7.48 44.70
CA PHE A 488 -28.33 -6.03 44.57
C PHE A 488 -27.40 -5.69 43.40
N PRO A 489 -27.84 -4.86 42.46
CA PRO A 489 -27.00 -4.58 41.28
C PRO A 489 -25.69 -3.90 41.61
N LEU A 490 -25.61 -3.19 42.74
CA LEU A 490 -24.42 -2.43 43.11
C LEU A 490 -23.64 -3.18 44.17
N ARG A 491 -22.33 -3.29 43.97
CA ARG A 491 -21.43 -3.89 44.94
C ARG A 491 -20.40 -2.85 45.38
N SER A 492 -19.88 -3.05 46.58
CA SER A 492 -18.94 -2.11 47.18
C SER A 492 -17.52 -2.61 47.06
N TYR A 493 -16.59 -1.68 46.86
CA TYR A 493 -15.18 -2.04 46.78
C TYR A 493 -14.69 -2.54 48.12
N SER A 494 -13.87 -3.60 48.09
CA SER A 494 -13.22 -4.12 49.28
C SER A 494 -11.71 -4.02 49.05
N PHE A 495 -11.16 -2.85 49.34
CA PHE A 495 -9.74 -2.62 49.11
C PHE A 495 -8.89 -3.33 50.16
N ARG A 496 -7.87 -4.05 49.68
CA ARG A 496 -6.97 -4.82 50.52
C ARG A 496 -5.55 -4.32 50.27
N PRO A 497 -5.08 -3.35 51.07
CA PRO A 497 -3.75 -2.78 50.83
C PRO A 497 -2.63 -3.78 50.95
N THR A 498 -2.85 -4.91 51.62
CA THR A 498 -1.82 -5.95 51.71
C THR A 498 -1.47 -6.51 50.34
N TYR A 499 -2.47 -6.69 49.48
CA TYR A 499 -2.24 -7.23 48.14
C TYR A 499 -1.60 -6.16 47.26
N GLY A 500 -1.42 -6.48 45.98
CA GLY A 500 -0.78 -5.57 45.05
C GLY A 500 -1.66 -4.40 44.69
N VAL A 501 -1.14 -3.57 43.77
CA VAL A 501 -1.87 -2.39 43.32
C VAL A 501 -3.17 -2.73 42.63
N GLY A 502 -3.36 -3.97 42.20
CA GLY A 502 -4.62 -4.38 41.61
C GLY A 502 -5.77 -4.47 42.59
N HIS A 503 -5.48 -4.42 43.89
CA HIS A 503 -6.50 -4.40 44.93
C HIS A 503 -6.45 -3.09 45.70
N GLN A 504 -6.06 -2.01 45.03
CA GLN A 504 -5.85 -0.73 45.66
C GLN A 504 -6.70 0.34 44.99
N PRO A 505 -7.05 1.40 45.71
CA PRO A 505 -7.86 2.47 45.11
C PRO A 505 -7.05 3.29 44.13
N TYR A 506 -7.60 3.48 42.94
CA TYR A 506 -7.01 4.32 41.90
C TYR A 506 -8.01 5.42 41.54
N ARG A 507 -7.56 6.67 41.59
CA ARG A 507 -8.38 7.79 41.17
C ARG A 507 -8.10 8.11 39.71
N VAL A 508 -9.13 8.02 38.88
CA VAL A 508 -9.02 8.19 37.44
C VAL A 508 -9.85 9.39 37.02
N VAL A 509 -9.22 10.32 36.31
CA VAL A 509 -9.88 11.52 35.79
C VAL A 509 -9.81 11.47 34.28
N VAL A 510 -10.96 11.59 33.63
CA VAL A 510 -11.08 11.46 32.18
C VAL A 510 -11.45 12.82 31.60
N LEU A 511 -10.66 13.30 30.64
CA LEU A 511 -10.89 14.55 29.97
C LEU A 511 -11.31 14.28 28.53
N SER A 512 -12.33 15.00 28.07
CA SER A 512 -12.78 14.92 26.68
C SER A 512 -12.69 16.32 26.06
N PHE A 513 -12.09 16.38 24.88
CA PHE A 513 -12.01 17.62 24.11
C PHE A 513 -12.87 17.52 22.86
N GLU A 514 -12.82 18.58 22.06
CA GLU A 514 -13.42 18.59 20.74
C GLU A 514 -12.35 18.98 19.72
N LEU A 515 -11.43 19.85 20.15
CA LEU A 515 -10.23 20.21 19.39
C LEU A 515 -10.58 20.83 18.03
N LEU A 516 -11.24 21.98 18.10
CA LEU A 516 -11.49 22.81 16.92
C LEU A 516 -10.90 24.19 17.15
N HIS A 517 -10.40 24.80 16.08
CA HIS A 517 -9.68 26.08 16.17
C HIS A 517 -10.54 27.15 15.53
N ALA A 518 -11.50 27.68 16.29
CA ALA A 518 -12.34 28.80 15.86
C ALA A 518 -13.21 29.29 17.03
N PRO A 519 -14.07 28.42 17.64
CA PRO A 519 -14.80 28.84 18.85
C PRO A 519 -14.02 28.49 20.12
N ALA A 520 -12.75 28.82 20.14
CA ALA A 520 -11.86 28.40 21.22
C ALA A 520 -12.19 29.16 22.50
N THR A 521 -12.31 28.40 23.60
CA THR A 521 -12.47 28.98 24.92
C THR A 521 -11.55 28.38 25.95
N VAL A 522 -10.96 27.22 25.70
CA VAL A 522 -9.97 26.59 26.58
C VAL A 522 -8.70 26.40 25.77
N CYS A 523 -7.68 27.21 26.05
CA CYS A 523 -6.45 27.19 25.29
C CYS A 523 -5.29 26.83 26.21
N GLY A 524 -4.13 26.63 25.60
CA GLY A 524 -2.93 26.27 26.32
C GLY A 524 -2.35 27.45 27.08
N PRO A 525 -1.38 27.16 27.96
CA PRO A 525 -0.82 28.22 28.80
C PRO A 525 0.20 29.11 28.11
N LYS A 526 0.43 28.93 26.81
CA LYS A 526 1.44 29.74 26.14
C LYS A 526 0.95 31.18 26.00
N LYS A 527 1.90 32.11 26.06
CA LYS A 527 1.59 33.53 26.06
C LYS A 527 1.11 33.97 24.68
N SER A 528 0.85 35.27 24.54
CA SER A 528 0.44 35.86 23.27
C SER A 528 1.38 37.01 22.95
N THR A 529 1.55 37.27 21.65
CA THR A 529 2.46 38.29 21.18
C THR A 529 1.75 39.17 20.16
N ASN A 530 2.13 40.44 20.12
CA ASN A 530 1.53 41.37 19.18
C ASN A 530 1.81 40.95 17.74
N LEU A 531 0.83 41.17 16.87
CA LEU A 531 0.96 40.76 15.49
C LEU A 531 1.79 41.77 14.70
N VAL A 532 2.40 41.30 13.62
CA VAL A 532 3.13 42.15 12.68
C VAL A 532 2.59 41.89 11.29
N LYS A 533 2.38 42.97 10.54
CA LYS A 533 1.78 42.89 9.21
C LYS A 533 2.83 43.06 8.12
N ASN A 534 2.48 42.57 6.94
CA ASN A 534 3.29 42.77 5.73
C ASN A 534 4.70 42.21 5.90
N LYS A 535 4.82 41.08 6.58
CA LYS A 535 6.11 40.43 6.78
C LYS A 535 5.94 38.92 6.79
N CYS A 536 6.93 38.22 6.25
CA CYS A 536 6.95 36.76 6.26
C CYS A 536 7.15 36.29 7.70
N VAL A 537 6.09 35.77 8.29
CA VAL A 537 6.12 35.29 9.66
C VAL A 537 5.41 33.94 9.74
N ASN A 538 5.76 33.16 10.75
CA ASN A 538 5.10 31.90 11.05
C ASN A 538 4.19 32.10 12.25
N PHE A 539 2.90 32.22 11.98
CA PHE A 539 1.91 32.61 12.97
C PHE A 539 1.33 31.38 13.65
N ASN A 540 0.47 31.64 14.64
CA ASN A 540 -0.28 30.57 15.32
C ASN A 540 -1.54 31.20 15.89
N PHE A 541 -2.68 30.96 15.23
CA PHE A 541 -3.95 31.55 15.63
C PHE A 541 -4.83 30.46 16.22
N ASN A 542 -5.00 30.49 17.53
CA ASN A 542 -5.88 29.55 18.24
C ASN A 542 -5.52 28.11 17.90
N GLY A 543 -4.22 27.84 17.81
CA GLY A 543 -3.73 26.53 17.46
C GLY A 543 -3.52 26.28 15.98
N LEU A 544 -3.92 27.22 15.12
CA LEU A 544 -3.71 27.08 13.69
C LEU A 544 -2.36 27.70 13.34
N LYS A 545 -1.41 26.86 12.97
CA LYS A 545 -0.04 27.30 12.69
C LYS A 545 0.16 27.41 11.19
N GLY A 546 0.81 28.48 10.75
CA GLY A 546 1.12 28.64 9.34
C GLY A 546 2.11 29.75 9.15
N THR A 547 2.77 29.72 7.99
CA THR A 547 3.77 30.70 7.61
C THR A 547 3.25 31.52 6.44
N GLY A 548 3.32 32.83 6.55
CA GLY A 548 2.86 33.70 5.48
C GLY A 548 2.93 35.15 5.89
N VAL A 549 2.32 35.99 5.07
CA VAL A 549 2.24 37.43 5.32
C VAL A 549 0.81 37.77 5.71
N LEU A 550 0.67 38.59 6.74
CA LEU A 550 -0.63 38.98 7.26
C LEU A 550 -0.92 40.42 6.85
N THR A 551 -2.00 40.63 6.12
CA THR A 551 -2.35 41.93 5.59
C THR A 551 -3.80 42.25 5.94
N GLU A 552 -4.11 43.54 5.96
CA GLU A 552 -5.48 43.97 6.18
C GLU A 552 -6.36 43.46 5.05
N SER A 553 -7.55 43.00 5.39
CA SER A 553 -8.49 42.40 4.44
C SER A 553 -9.79 43.17 4.42
N ASN A 554 -10.36 43.30 3.23
CA ASN A 554 -11.65 43.96 3.05
C ASN A 554 -12.83 42.98 3.02
N LYS A 555 -12.57 41.70 3.26
CA LYS A 555 -13.62 40.69 3.20
C LYS A 555 -14.64 40.94 4.30
N LYS A 556 -15.92 41.01 3.94
CA LYS A 556 -16.98 41.26 4.91
C LYS A 556 -17.47 39.92 5.45
N PHE A 557 -16.77 39.43 6.47
CA PHE A 557 -17.23 38.25 7.17
C PHE A 557 -18.61 38.49 7.77
N LEU A 558 -19.45 37.47 7.69
CA LEU A 558 -20.67 37.46 8.46
C LEU A 558 -20.31 37.30 9.94
N PRO A 559 -21.12 37.84 10.84
CA PRO A 559 -20.73 37.85 12.26
C PRO A 559 -20.43 36.48 12.82
N PHE A 560 -21.12 35.45 12.37
CA PHE A 560 -20.85 34.09 12.83
C PHE A 560 -19.66 33.44 12.13
N GLN A 561 -19.23 33.98 10.99
CA GLN A 561 -18.19 33.35 10.21
C GLN A 561 -16.83 33.50 10.88
N GLN A 562 -16.01 32.45 10.76
CA GLN A 562 -14.71 32.38 11.42
C GLN A 562 -13.55 32.36 10.44
N PHE A 563 -13.53 31.41 9.50
CA PHE A 563 -12.42 31.27 8.59
C PHE A 563 -12.69 31.99 7.27
N GLY A 564 -11.80 31.77 6.31
CA GLY A 564 -12.03 32.04 4.91
C GLY A 564 -11.21 31.04 4.11
N ARG A 565 -11.85 30.30 3.22
CA ARG A 565 -11.19 29.22 2.51
C ARG A 565 -11.02 29.55 1.04
N ASP A 566 -9.94 29.04 0.47
CA ASP A 566 -9.69 29.16 -0.95
C ASP A 566 -10.24 27.92 -1.66
N ILE A 567 -9.87 27.74 -2.94
CA ILE A 567 -10.34 26.58 -3.69
C ILE A 567 -9.81 25.30 -3.07
N ALA A 568 -8.56 25.31 -2.63
CA ALA A 568 -7.92 24.12 -2.09
C ALA A 568 -8.26 23.86 -0.62
N ASP A 569 -9.32 24.48 -0.10
CA ASP A 569 -9.77 24.25 1.27
C ASP A 569 -8.66 24.49 2.29
N THR A 570 -7.88 25.55 2.07
CA THR A 570 -6.87 25.99 3.03
C THR A 570 -7.22 27.37 3.52
N THR A 571 -7.06 27.60 4.82
CA THR A 571 -7.48 28.86 5.42
C THR A 571 -6.78 30.03 4.76
N ASP A 572 -7.56 30.87 4.07
CA ASP A 572 -7.04 32.04 3.38
C ASP A 572 -7.23 33.32 4.19
N ALA A 573 -8.41 33.53 4.74
CA ALA A 573 -8.69 34.67 5.61
C ALA A 573 -9.12 34.16 6.97
N VAL A 574 -8.56 34.75 8.02
CA VAL A 574 -8.79 34.29 9.38
C VAL A 574 -9.07 35.49 10.28
N ARG A 575 -9.73 35.22 11.40
CA ARG A 575 -10.12 36.24 12.36
C ARG A 575 -9.31 36.02 13.62
N ASP A 576 -8.59 37.07 14.06
CA ASP A 576 -7.77 36.94 15.26
C ASP A 576 -8.66 36.93 16.49
N PRO A 577 -8.27 36.21 17.55
CA PRO A 577 -9.11 36.18 18.76
C PRO A 577 -9.34 37.53 19.39
N GLN A 578 -8.36 38.42 19.37
CA GLN A 578 -8.50 39.75 19.95
C GLN A 578 -8.78 40.77 18.85
N THR A 579 -9.49 41.83 19.22
CA THR A 579 -9.78 42.97 18.36
C THR A 579 -10.80 42.58 17.29
N LEU A 580 -11.09 41.28 17.19
CA LEU A 580 -12.04 40.75 16.22
C LEU A 580 -11.73 41.25 14.81
N GLU A 581 -10.45 41.23 14.48
CA GLU A 581 -9.96 41.76 13.22
C GLU A 581 -9.95 40.65 12.16
N ILE A 582 -9.89 41.08 10.91
CA ILE A 582 -9.95 40.20 9.75
C ILE A 582 -8.66 40.37 8.94
N LEU A 583 -8.04 39.25 8.59
CA LEU A 583 -6.73 39.25 7.97
C LEU A 583 -6.72 38.39 6.73
N ASP A 584 -5.63 38.48 5.98
CA ASP A 584 -5.36 37.64 4.83
C ASP A 584 -4.07 36.85 5.06
N ILE A 585 -4.11 35.56 4.73
CA ILE A 585 -2.96 34.69 4.83
C ILE A 585 -2.48 34.35 3.43
N THR A 586 -1.28 34.81 3.08
CA THR A 586 -0.71 34.60 1.77
C THR A 586 0.70 34.05 1.92
N PRO A 587 1.07 33.00 1.18
CA PRO A 587 2.43 32.46 1.30
C PRO A 587 3.46 33.49 0.89
N CYS A 588 4.63 33.40 1.52
CA CYS A 588 5.69 34.37 1.29
C CYS A 588 6.21 34.29 -0.14
N SER A 589 6.93 35.32 -0.56
CA SER A 589 7.44 35.39 -1.92
C SER A 589 8.35 34.20 -2.20
N PHE A 590 8.13 33.58 -3.36
CA PHE A 590 8.91 32.42 -3.77
C PHE A 590 8.84 32.29 -5.28
N GLY A 591 9.74 31.49 -5.84
CA GLY A 591 9.77 31.29 -7.26
C GLY A 591 10.94 30.43 -7.65
N GLY A 592 11.11 30.27 -8.96
CA GLY A 592 12.19 29.47 -9.48
C GLY A 592 13.44 30.29 -9.74
N VAL A 593 14.57 29.59 -9.80
CA VAL A 593 15.87 30.20 -10.05
C VAL A 593 16.51 29.48 -11.23
N SER A 594 17.03 30.25 -12.18
CA SER A 594 17.72 29.71 -13.34
C SER A 594 19.08 30.38 -13.47
N VAL A 595 20.07 29.61 -13.89
CA VAL A 595 21.45 30.06 -13.98
C VAL A 595 21.86 30.06 -15.44
N ILE A 596 22.45 31.16 -15.90
CA ILE A 596 22.90 31.29 -17.28
C ILE A 596 24.41 31.15 -17.28
N THR A 597 24.91 30.13 -17.97
CA THR A 597 26.35 29.89 -18.05
C THR A 597 26.79 29.89 -19.49
N PRO A 598 27.71 30.78 -19.87
CA PRO A 598 28.27 30.73 -21.23
C PRO A 598 29.15 29.52 -21.49
N GLY A 599 29.29 28.61 -20.53
CA GLY A 599 30.11 27.43 -20.71
C GLY A 599 31.40 27.50 -19.92
N THR A 600 31.75 26.42 -19.22
CA THR A 600 32.98 26.42 -18.42
C THR A 600 34.21 26.61 -19.29
N ASN A 601 34.19 26.05 -20.50
CA ASN A 601 35.33 26.19 -21.40
C ASN A 601 35.61 27.65 -21.72
N THR A 602 34.56 28.41 -22.06
CA THR A 602 34.76 29.82 -22.37
C THR A 602 35.10 30.63 -21.13
N SER A 603 34.33 30.46 -20.05
CA SER A 603 34.48 31.28 -18.86
C SER A 603 33.74 30.66 -17.69
N ASN A 604 33.60 31.42 -16.60
CA ASN A 604 32.88 30.93 -15.43
C ASN A 604 31.96 31.98 -14.81
N GLN A 605 31.80 33.14 -15.45
CA GLN A 605 30.82 34.11 -14.99
C GLN A 605 29.41 33.57 -15.25
N VAL A 606 28.48 33.94 -14.36
CA VAL A 606 27.12 33.43 -14.43
C VAL A 606 26.15 34.57 -14.14
N ALA A 607 25.02 34.53 -14.83
CA ALA A 607 23.93 35.47 -14.61
C ALA A 607 22.73 34.69 -14.10
N VAL A 608 22.13 35.16 -13.02
CA VAL A 608 21.06 34.45 -12.32
C VAL A 608 19.74 35.12 -12.65
N LEU A 609 18.74 34.31 -12.96
CA LEU A 609 17.39 34.80 -13.25
C LEU A 609 16.45 34.30 -12.17
N TYR A 610 15.79 35.22 -11.47
CA TYR A 610 14.75 34.89 -10.52
C TYR A 610 13.41 34.97 -11.22
N GLN A 611 12.73 33.82 -11.35
CA GLN A 611 11.55 33.72 -12.20
C GLN A 611 10.34 34.32 -11.50
N GLY A 612 9.68 35.26 -12.16
CA GLY A 612 8.40 35.76 -11.72
C GLY A 612 8.37 36.49 -10.40
N VAL A 613 9.38 37.32 -10.13
CA VAL A 613 9.42 38.14 -8.93
C VAL A 613 9.91 39.54 -9.32
N ASN A 614 9.31 40.55 -8.70
CA ASN A 614 9.77 41.92 -8.92
C ASN A 614 11.18 42.08 -8.37
N CYS A 615 11.93 42.99 -8.99
CA CYS A 615 13.34 43.16 -8.63
C CYS A 615 13.53 43.72 -7.23
N THR A 616 12.47 44.22 -6.60
CA THR A 616 12.56 44.80 -5.26
C THR A 616 12.30 43.80 -4.15
N GLU A 617 12.12 42.52 -4.47
CA GLU A 617 11.71 41.51 -3.51
C GLU A 617 12.71 40.35 -3.46
N VAL A 618 14.00 40.67 -3.55
CA VAL A 618 15.03 39.65 -3.51
C VAL A 618 15.82 39.73 -2.21
N ASN A 639 23.66 46.53 -12.73
CA ASN A 639 23.80 45.17 -13.22
C ASN A 639 22.56 44.34 -12.93
N VAL A 640 21.51 45.01 -12.47
CA VAL A 640 20.23 44.37 -12.17
C VAL A 640 19.22 44.83 -13.21
N PHE A 641 18.59 43.87 -13.88
CA PHE A 641 17.64 44.16 -14.93
C PHE A 641 16.31 43.47 -14.65
N GLN A 642 15.21 44.16 -14.95
CA GLN A 642 13.87 43.64 -14.75
C GLN A 642 13.28 43.30 -16.11
N THR A 643 12.86 42.05 -16.28
CA THR A 643 12.28 41.57 -17.53
C THR A 643 10.89 41.03 -17.26
N ARG A 644 10.22 40.60 -18.33
CA ARG A 644 8.90 39.98 -18.19
C ARG A 644 8.99 38.67 -17.42
N ALA A 645 10.01 37.85 -17.71
CA ALA A 645 10.16 36.58 -17.01
C ALA A 645 10.44 36.79 -15.53
N GLY A 646 11.28 37.76 -15.19
CA GLY A 646 11.62 37.99 -13.81
C GLY A 646 12.76 38.98 -13.70
N CYS A 647 13.46 38.93 -12.57
CA CYS A 647 14.58 39.82 -12.30
C CYS A 647 15.86 39.12 -12.71
N LEU A 648 16.66 39.80 -13.52
CA LEU A 648 17.92 39.27 -14.03
C LEU A 648 19.08 40.02 -13.39
N ILE A 649 19.98 39.28 -12.76
CA ILE A 649 21.12 39.84 -12.06
C ILE A 649 22.39 39.22 -12.62
N GLY A 650 23.38 40.06 -12.90
CA GLY A 650 24.65 39.63 -13.45
C GLY A 650 24.85 39.99 -14.91
N ALA A 651 23.83 40.55 -15.55
CA ALA A 651 23.91 40.97 -16.94
C ALA A 651 23.36 42.38 -17.07
N GLU A 652 23.89 43.14 -18.03
CA GLU A 652 23.45 44.50 -18.29
C GLU A 652 22.72 44.57 -19.62
N TYR A 653 21.60 45.29 -19.64
CA TYR A 653 20.82 45.41 -20.85
C TYR A 653 21.51 46.34 -21.84
N VAL A 654 21.48 45.94 -23.12
CA VAL A 654 22.16 46.66 -24.19
C VAL A 654 21.14 47.03 -25.25
N ASN A 655 21.19 48.27 -25.72
CA ASN A 655 20.29 48.70 -26.79
C ASN A 655 20.55 47.95 -28.08
N ASN A 656 21.74 47.37 -28.25
CA ASN A 656 22.06 46.65 -29.46
C ASN A 656 21.25 45.35 -29.57
N SER A 657 21.20 44.80 -30.78
CA SER A 657 20.43 43.61 -31.06
C SER A 657 21.24 42.66 -31.91
N TYR A 658 21.07 41.36 -31.68
CA TYR A 658 21.71 40.31 -32.46
C TYR A 658 20.76 39.14 -32.56
N GLU A 659 21.25 38.04 -33.12
CA GLU A 659 20.51 36.79 -33.13
C GLU A 659 20.54 36.17 -31.74
N CYS A 660 19.43 35.53 -31.37
CA CYS A 660 19.28 35.01 -30.01
C CYS A 660 20.25 33.86 -29.77
N ASP A 661 20.95 33.92 -28.63
CA ASP A 661 21.91 32.90 -28.25
C ASP A 661 21.44 32.10 -27.05
N ILE A 662 21.13 32.76 -25.94
CA ILE A 662 20.58 32.10 -24.76
C ILE A 662 19.18 32.64 -24.51
N PRO A 663 18.14 31.88 -24.84
CA PRO A 663 16.78 32.39 -24.67
C PRO A 663 16.44 32.62 -23.21
N ILE A 664 15.62 33.65 -22.96
CA ILE A 664 15.14 33.97 -21.63
C ILE A 664 13.62 33.93 -21.57
N GLY A 665 12.96 34.77 -22.36
CA GLY A 665 11.52 34.86 -22.38
C GLY A 665 11.12 36.26 -22.80
N ALA A 666 10.01 36.35 -23.53
CA ALA A 666 9.50 37.62 -24.03
C ALA A 666 10.53 38.33 -24.89
N GLY A 667 11.33 37.55 -25.62
CA GLY A 667 12.25 38.11 -26.60
C GLY A 667 13.56 38.60 -26.06
N ILE A 668 13.87 38.38 -24.80
CA ILE A 668 15.15 38.75 -24.22
C ILE A 668 16.11 37.58 -24.37
N CYS A 669 17.35 37.86 -24.75
CA CYS A 669 18.36 36.83 -24.90
C CYS A 669 19.66 37.32 -24.29
N ALA A 670 20.49 36.37 -23.88
CA ALA A 670 21.75 36.67 -23.23
C ALA A 670 22.91 36.09 -24.03
N SER A 671 24.04 36.78 -24.00
CA SER A 671 25.22 36.35 -24.75
C SER A 671 26.46 36.80 -24.01
N TYR A 672 27.58 36.18 -24.37
CA TYR A 672 28.87 36.48 -23.77
C TYR A 672 29.76 37.16 -24.78
N GLN A 673 30.29 38.33 -24.42
CA GLN A 673 31.15 39.07 -25.33
C GLN A 673 32.44 39.51 -24.63
N SER A 689 32.18 40.23 -20.88
CA SER A 689 31.15 39.96 -19.87
C SER A 689 29.90 39.40 -20.52
N ILE A 690 28.83 39.27 -19.73
CA ILE A 690 27.57 38.74 -20.19
C ILE A 690 26.61 39.91 -20.40
N ILE A 691 25.93 39.91 -21.56
CA ILE A 691 25.02 40.98 -21.92
C ILE A 691 23.65 40.39 -22.21
N ALA A 692 22.62 41.21 -22.02
CA ALA A 692 21.25 40.83 -22.31
C ALA A 692 20.64 41.85 -23.25
N TYR A 693 19.98 41.37 -24.30
CA TYR A 693 19.43 42.24 -25.33
C TYR A 693 18.09 41.70 -25.79
N THR A 694 17.48 42.40 -26.73
CA THR A 694 16.30 41.93 -27.43
C THR A 694 16.74 41.31 -28.75
N MET A 695 16.28 40.09 -29.01
CA MET A 695 16.73 39.37 -30.20
C MET A 695 16.28 40.09 -31.47
N SER A 696 17.12 40.02 -32.49
CA SER A 696 16.82 40.63 -33.78
C SER A 696 16.34 39.54 -34.74
N LEU A 697 15.16 39.75 -35.32
CA LEU A 697 14.55 38.73 -36.15
C LEU A 697 15.37 38.48 -37.41
N GLY A 698 15.91 39.53 -38.02
CA GLY A 698 16.71 39.36 -39.22
C GLY A 698 17.04 40.71 -39.82
N ALA A 699 17.90 40.66 -40.83
CA ALA A 699 18.34 41.88 -41.50
C ALA A 699 17.18 42.50 -42.27
N GLU A 700 17.08 43.82 -42.20
CA GLU A 700 16.07 44.53 -42.99
C GLU A 700 16.35 44.37 -44.47
N ASN A 701 15.28 44.23 -45.25
CA ASN A 701 15.37 44.10 -46.69
C ASN A 701 14.11 44.66 -47.31
N SER A 702 14.25 45.31 -48.45
CA SER A 702 13.12 45.90 -49.15
C SER A 702 13.35 45.77 -50.65
N VAL A 703 12.62 44.85 -51.27
CA VAL A 703 12.75 44.65 -52.71
C VAL A 703 12.09 45.80 -53.44
N ALA A 704 12.77 46.30 -54.47
CA ALA A 704 12.32 47.49 -55.20
C ALA A 704 11.17 47.12 -56.13
N TYR A 705 10.03 46.79 -55.52
CA TYR A 705 8.84 46.48 -56.29
C TYR A 705 8.36 47.73 -57.02
N SER A 706 8.09 47.59 -58.31
CA SER A 706 7.54 48.68 -59.08
C SER A 706 6.54 48.10 -60.07
N ASN A 707 5.84 48.99 -60.79
CA ASN A 707 4.67 48.57 -61.55
C ASN A 707 5.05 47.66 -62.72
N ASN A 708 6.15 47.96 -63.41
CA ASN A 708 6.49 47.22 -64.63
C ASN A 708 7.97 46.86 -64.67
N SER A 709 8.51 46.33 -63.57
CA SER A 709 9.88 45.88 -63.53
C SER A 709 9.94 44.45 -63.01
N ILE A 710 10.88 43.67 -63.54
CA ILE A 710 11.08 42.28 -63.15
C ILE A 710 12.56 42.04 -62.97
N ALA A 711 12.89 40.97 -62.24
CA ALA A 711 14.27 40.55 -62.03
C ALA A 711 14.41 39.10 -62.44
N ILE A 712 15.44 38.81 -63.23
CA ILE A 712 15.64 37.46 -63.77
C ILE A 712 17.07 37.01 -63.47
N PRO A 713 17.26 35.81 -62.92
CA PRO A 713 18.61 35.34 -62.66
C PRO A 713 19.39 35.15 -63.95
N THR A 714 20.69 35.38 -63.88
CA THR A 714 21.60 35.14 -65.00
C THR A 714 22.62 34.06 -64.68
N ASN A 715 22.50 33.40 -63.54
CA ASN A 715 23.46 32.42 -63.08
C ASN A 715 22.78 31.56 -62.02
N PHE A 716 23.41 30.43 -61.70
CA PHE A 716 22.85 29.52 -60.72
C PHE A 716 23.94 29.08 -59.76
N THR A 717 23.55 28.25 -58.80
CA THR A 717 24.48 27.77 -57.78
C THR A 717 23.95 26.45 -57.24
N ILE A 718 24.64 25.36 -57.57
CA ILE A 718 24.25 24.04 -57.08
C ILE A 718 24.61 23.94 -55.61
N SER A 719 23.60 23.69 -54.78
CA SER A 719 23.77 23.64 -53.33
C SER A 719 23.44 22.25 -52.83
N VAL A 720 24.19 21.81 -51.82
CA VAL A 720 23.95 20.54 -51.15
C VAL A 720 23.70 20.80 -49.69
N THR A 721 22.60 20.26 -49.16
CA THR A 721 22.26 20.41 -47.75
C THR A 721 22.00 19.04 -47.15
N THR A 722 22.09 18.96 -45.84
CA THR A 722 21.89 17.72 -45.11
C THR A 722 20.63 17.81 -44.26
N GLU A 723 20.07 16.65 -43.95
CA GLU A 723 18.90 16.56 -43.07
C GLU A 723 19.02 15.26 -42.29
N ILE A 724 18.94 15.34 -40.97
CA ILE A 724 19.16 14.21 -40.08
C ILE A 724 17.83 13.79 -39.48
N LEU A 725 17.53 12.51 -39.55
CA LEU A 725 16.25 12.00 -39.05
C LEU A 725 16.46 10.71 -38.26
N PRO A 726 16.04 10.67 -37.01
CA PRO A 726 16.07 9.41 -36.26
C PRO A 726 15.04 8.44 -36.82
N VAL A 727 15.34 7.15 -36.69
CA VAL A 727 14.50 6.08 -37.23
C VAL A 727 13.99 5.16 -36.13
N SER A 728 14.89 4.68 -35.27
CA SER A 728 14.49 3.79 -34.18
C SER A 728 15.45 3.99 -33.02
N MET A 729 15.00 3.56 -31.84
CA MET A 729 15.85 3.60 -30.66
C MET A 729 16.20 2.18 -30.23
N THR A 730 16.84 2.07 -29.08
CA THR A 730 17.23 0.77 -28.56
C THR A 730 15.99 -0.04 -28.16
N LYS A 731 15.97 -1.31 -28.54
CA LYS A 731 14.90 -2.23 -28.15
C LYS A 731 15.28 -2.85 -26.81
N THR A 732 14.53 -2.52 -25.77
CA THR A 732 14.80 -3.03 -24.43
C THR A 732 13.64 -3.91 -23.96
N SER A 733 13.98 -4.92 -23.17
CA SER A 733 13.00 -5.76 -22.50
C SER A 733 13.33 -5.83 -21.02
N VAL A 734 12.31 -5.72 -20.19
CA VAL A 734 12.48 -5.68 -18.73
C VAL A 734 12.03 -7.02 -18.17
N ASP A 735 12.64 -7.42 -17.05
CA ASP A 735 12.26 -8.65 -16.37
C ASP A 735 11.50 -8.29 -15.10
N CYS A 736 10.37 -8.97 -14.89
CA CYS A 736 9.50 -8.65 -13.76
C CYS A 736 10.16 -8.98 -12.43
N THR A 737 10.46 -10.27 -12.21
CA THR A 737 10.89 -10.73 -10.89
C THR A 737 12.25 -10.17 -10.51
N MET A 738 13.20 -10.14 -11.45
CA MET A 738 14.53 -9.61 -11.12
C MET A 738 14.49 -8.15 -10.73
N TYR A 739 13.72 -7.34 -11.46
CA TYR A 739 13.69 -5.93 -11.11
C TYR A 739 12.92 -5.67 -9.83
N ILE A 740 11.77 -6.34 -9.66
CA ILE A 740 10.89 -5.97 -8.55
C ILE A 740 11.57 -6.23 -7.21
N CYS A 741 12.03 -7.44 -6.98
CA CYS A 741 12.87 -7.68 -5.82
C CYS A 741 14.09 -8.52 -6.10
N GLY A 742 13.99 -9.52 -6.97
CA GLY A 742 15.14 -10.34 -7.29
C GLY A 742 15.00 -11.80 -6.94
N ASP A 743 15.88 -12.30 -6.06
CA ASP A 743 16.08 -13.73 -5.85
C ASP A 743 15.38 -14.25 -4.61
N SER A 744 14.39 -13.53 -4.08
CA SER A 744 13.63 -13.98 -2.92
C SER A 744 12.36 -14.69 -3.38
N THR A 745 12.29 -16.00 -3.10
CA THR A 745 11.14 -16.77 -3.54
C THR A 745 9.87 -16.33 -2.82
N GLU A 746 9.95 -16.03 -1.53
CA GLU A 746 8.77 -15.56 -0.81
C GLU A 746 8.31 -14.22 -1.34
N CYS A 747 9.23 -13.38 -1.79
CA CYS A 747 8.85 -12.14 -2.45
C CYS A 747 8.05 -12.42 -3.72
N SER A 748 8.48 -13.40 -4.51
CA SER A 748 7.72 -13.76 -5.71
C SER A 748 6.34 -14.30 -5.34
N ASN A 749 6.26 -15.04 -4.23
CA ASN A 749 4.96 -15.50 -3.76
C ASN A 749 4.06 -14.34 -3.40
N LEU A 750 4.61 -13.33 -2.73
CA LEU A 750 3.83 -12.13 -2.41
C LEU A 750 3.42 -11.38 -3.68
N LEU A 751 4.30 -11.38 -4.68
CA LEU A 751 4.02 -10.62 -5.90
C LEU A 751 2.94 -11.28 -6.75
N LEU A 752 3.00 -12.60 -6.91
CA LEU A 752 2.15 -13.26 -7.89
C LEU A 752 0.66 -13.09 -7.59
N GLN A 753 0.30 -12.82 -6.34
CA GLN A 753 -1.10 -12.59 -5.99
C GLN A 753 -1.53 -11.14 -6.23
N TYR A 754 -0.59 -10.26 -6.57
CA TYR A 754 -0.92 -8.86 -6.80
C TYR A 754 -1.63 -8.61 -8.11
N GLY A 755 -1.34 -9.40 -9.16
CA GLY A 755 -1.96 -9.24 -10.46
C GLY A 755 -1.00 -9.60 -11.57
N SER A 756 -1.38 -9.24 -12.79
CA SER A 756 -0.62 -9.57 -14.00
C SER A 756 -0.08 -8.30 -14.64
N PHE A 757 0.44 -7.39 -13.80
CA PHE A 757 0.91 -6.11 -14.32
C PHE A 757 2.14 -6.28 -15.20
N CYS A 758 3.14 -7.01 -14.71
CA CYS A 758 4.36 -7.13 -15.50
C CYS A 758 4.15 -8.00 -16.74
N THR A 759 3.07 -8.78 -16.76
CA THR A 759 2.65 -9.37 -18.03
C THR A 759 2.31 -8.29 -19.04
N GLN A 760 1.53 -7.29 -18.62
CA GLN A 760 1.22 -6.18 -19.52
C GLN A 760 2.47 -5.42 -19.91
N LEU A 761 3.40 -5.26 -18.96
CA LEU A 761 4.63 -4.54 -19.26
C LEU A 761 5.46 -5.29 -20.32
N LYS A 762 5.58 -6.60 -20.16
CA LYS A 762 6.29 -7.40 -21.17
C LYS A 762 5.60 -7.29 -22.52
N ARG A 763 4.27 -7.32 -22.52
CA ARG A 763 3.53 -7.20 -23.78
C ARG A 763 3.82 -5.85 -24.45
N ALA A 764 3.78 -4.77 -23.68
CA ALA A 764 4.01 -3.45 -24.24
C ALA A 764 5.42 -3.30 -24.78
N LEU A 765 6.41 -3.83 -24.05
CA LEU A 765 7.78 -3.71 -24.51
C LEU A 765 8.03 -4.54 -25.77
N THR A 766 7.43 -5.73 -25.85
CA THR A 766 7.53 -6.50 -27.08
C THR A 766 6.89 -5.77 -28.25
N GLY A 767 5.74 -5.13 -28.01
CA GLY A 767 5.14 -4.32 -29.05
C GLY A 767 6.04 -3.20 -29.52
N ILE A 768 6.70 -2.53 -28.57
CA ILE A 768 7.63 -1.45 -28.94
C ILE A 768 8.79 -1.99 -29.77
N ALA A 769 9.32 -3.15 -29.38
CA ALA A 769 10.45 -3.72 -30.12
C ALA A 769 10.06 -4.06 -31.56
N VAL A 770 8.93 -4.74 -31.73
CA VAL A 770 8.52 -5.08 -33.09
C VAL A 770 8.19 -3.82 -33.88
N GLU A 771 7.69 -2.78 -33.20
CA GLU A 771 7.46 -1.50 -33.88
C GLU A 771 8.76 -0.91 -34.38
N GLN A 772 9.82 -0.98 -33.58
CA GLN A 772 11.12 -0.46 -34.02
C GLN A 772 11.61 -1.21 -35.25
N ASP A 773 11.50 -2.55 -35.23
CA ASP A 773 11.94 -3.32 -36.38
C ASP A 773 11.13 -2.97 -37.62
N LYS A 774 9.82 -2.83 -37.47
CA LYS A 774 8.97 -2.47 -38.60
C LYS A 774 9.32 -1.07 -39.11
N ASN A 775 9.67 -0.15 -38.21
CA ASN A 775 10.07 1.19 -38.63
C ASN A 775 11.30 1.13 -39.52
N THR A 776 12.32 0.39 -39.09
CA THR A 776 13.52 0.27 -39.92
C THR A 776 13.20 -0.37 -41.26
N GLN A 777 12.37 -1.43 -41.25
CA GLN A 777 12.01 -2.09 -42.50
C GLN A 777 11.33 -1.11 -43.45
N GLU A 778 10.38 -0.33 -42.94
CA GLU A 778 9.66 0.61 -43.80
C GLU A 778 10.59 1.68 -44.34
N VAL A 779 11.48 2.22 -43.51
CA VAL A 779 12.34 3.30 -43.96
C VAL A 779 13.31 2.81 -45.04
N PHE A 780 13.92 1.65 -44.83
CA PHE A 780 15.01 1.25 -45.72
C PHE A 780 14.60 0.23 -46.76
N ALA A 781 13.89 -0.84 -46.38
CA ALA A 781 13.56 -1.91 -47.32
C ALA A 781 12.44 -1.43 -48.23
N GLN A 782 12.83 -0.69 -49.27
CA GLN A 782 11.90 -0.18 -50.26
C GLN A 782 12.15 -0.69 -51.67
N VAL A 783 13.27 -1.36 -51.91
CA VAL A 783 13.58 -1.93 -53.21
C VAL A 783 13.84 -3.43 -53.02
N LYS A 784 13.34 -4.22 -53.96
CA LYS A 784 13.44 -5.67 -53.87
C LYS A 784 14.66 -6.23 -54.59
N GLN A 785 15.49 -5.38 -55.17
CA GLN A 785 16.71 -5.81 -55.84
C GLN A 785 17.89 -5.06 -55.28
N ILE A 786 19.07 -5.65 -55.38
CA ILE A 786 20.31 -5.04 -54.93
C ILE A 786 21.06 -4.58 -56.19
N TYR A 787 20.88 -3.33 -56.57
CA TYR A 787 21.56 -2.81 -57.74
C TYR A 787 23.04 -2.59 -57.45
N LYS A 788 23.86 -2.77 -58.47
CA LYS A 788 25.30 -2.72 -58.34
C LYS A 788 25.86 -1.74 -59.36
N THR A 789 26.71 -0.82 -58.89
CA THR A 789 27.27 0.19 -59.77
C THR A 789 28.24 -0.44 -60.77
N PRO A 790 28.35 0.12 -61.97
CA PRO A 790 29.31 -0.40 -62.94
C PRO A 790 30.72 -0.25 -62.42
N PRO A 791 31.64 -1.14 -62.82
CA PRO A 791 33.02 -1.07 -62.29
C PRO A 791 33.72 0.24 -62.59
N ILE A 792 33.50 0.82 -63.77
CA ILE A 792 34.15 2.05 -64.16
C ILE A 792 33.25 3.21 -63.76
N LYS A 793 33.71 4.03 -62.82
CA LYS A 793 32.91 5.10 -62.25
C LYS A 793 33.26 6.43 -62.92
N TYR A 794 32.68 6.64 -64.09
CA TYR A 794 32.76 7.91 -64.80
C TYR A 794 31.36 8.33 -65.20
N PHE A 795 30.90 9.47 -64.67
CA PHE A 795 29.54 9.94 -64.85
C PHE A 795 29.53 11.35 -65.42
N GLY A 796 30.32 11.57 -66.46
CA GLY A 796 30.37 12.88 -67.09
C GLY A 796 30.93 13.97 -66.21
N GLY A 797 31.95 13.66 -65.42
CA GLY A 797 32.63 14.64 -64.61
C GLY A 797 32.20 14.66 -63.16
N PHE A 798 31.02 14.15 -62.83
CA PHE A 798 30.57 14.12 -61.46
C PHE A 798 31.36 13.10 -60.66
N ASN A 799 31.69 13.45 -59.42
CA ASN A 799 32.58 12.65 -58.58
C ASN A 799 31.80 12.17 -57.37
N PHE A 800 31.46 10.89 -57.34
CA PHE A 800 30.68 10.30 -56.26
C PHE A 800 31.52 9.47 -55.30
N SER A 801 32.82 9.79 -55.18
CA SER A 801 33.68 8.99 -54.33
C SER A 801 33.29 9.10 -52.85
N GLN A 802 32.76 10.24 -52.43
CA GLN A 802 32.48 10.45 -51.03
C GLN A 802 31.27 9.66 -50.54
N ILE A 803 30.29 9.41 -51.39
CA ILE A 803 29.07 8.72 -50.97
C ILE A 803 29.00 7.28 -51.46
N LEU A 804 29.81 6.88 -52.42
CA LEU A 804 29.78 5.50 -52.87
C LEU A 804 30.58 4.61 -51.89
N PRO A 805 30.22 3.34 -51.80
CA PRO A 805 30.92 2.46 -50.85
C PRO A 805 32.41 2.36 -51.15
N ASP A 806 33.20 2.22 -50.08
CA ASP A 806 34.64 2.11 -50.21
C ASP A 806 35.07 0.67 -50.00
N PRO A 807 35.54 -0.03 -51.04
CA PRO A 807 36.01 -1.41 -50.82
C PRO A 807 37.25 -1.48 -49.95
N SER A 808 38.03 -0.40 -49.86
CA SER A 808 39.24 -0.43 -49.04
C SER A 808 38.90 -0.66 -47.57
N LYS A 809 37.86 0.01 -47.07
CA LYS A 809 37.45 -0.19 -45.69
C LYS A 809 36.91 -1.61 -45.52
N PRO A 810 37.28 -2.30 -44.44
CA PRO A 810 36.69 -3.63 -44.19
C PRO A 810 35.20 -3.59 -43.92
N SER A 811 34.66 -2.44 -43.54
CA SER A 811 33.24 -2.30 -43.24
C SER A 811 32.39 -2.04 -44.47
N LYS A 812 33.00 -1.72 -45.62
CA LYS A 812 32.29 -1.42 -46.86
C LYS A 812 31.30 -0.27 -46.66
N ARG A 813 31.85 0.90 -46.32
CA ARG A 813 31.07 2.09 -46.06
C ARG A 813 31.73 3.30 -46.73
N SER A 814 30.91 4.24 -47.17
CA SER A 814 31.42 5.46 -47.75
C SER A 814 32.04 6.34 -46.68
N PRO A 815 32.94 7.25 -47.06
CA PRO A 815 33.56 8.13 -46.06
C PRO A 815 32.55 8.95 -45.26
N ILE A 816 31.44 9.35 -45.87
CA ILE A 816 30.46 10.17 -45.16
C ILE A 816 29.83 9.38 -44.01
N GLU A 817 29.36 8.17 -44.30
CA GLU A 817 28.72 7.38 -43.26
C GLU A 817 29.74 6.88 -42.24
N ASP A 818 30.99 6.67 -42.66
CA ASP A 818 32.03 6.34 -41.69
C ASP A 818 32.27 7.49 -40.73
N LEU A 819 32.30 8.73 -41.25
CA LEU A 819 32.40 9.90 -40.40
C LEU A 819 31.21 9.98 -39.46
N LEU A 820 30.01 9.67 -39.96
CA LEU A 820 28.83 9.68 -39.12
C LEU A 820 28.94 8.67 -37.98
N PHE A 821 29.40 7.47 -38.29
CA PHE A 821 29.57 6.45 -37.25
C PHE A 821 30.59 6.89 -36.22
N ASN A 822 31.70 7.48 -36.67
CA ASN A 822 32.72 7.92 -35.73
C ASN A 822 32.29 9.16 -34.95
N LYS A 823 31.27 9.88 -35.41
CA LYS A 823 30.82 11.08 -34.73
C LYS A 823 29.68 10.83 -33.75
N VAL A 824 29.25 9.58 -33.58
CA VAL A 824 28.17 9.24 -32.66
C VAL A 824 28.70 8.20 -31.68
N THR A 825 28.52 8.47 -30.39
CA THR A 825 28.98 7.56 -29.34
C THR A 825 27.88 6.58 -28.92
N GLN A 851 27.34 -3.73 -20.46
CA GLN A 851 27.17 -2.98 -19.23
C GLN A 851 26.70 -3.87 -18.09
N LYS A 852 26.08 -3.27 -17.08
CA LYS A 852 25.58 -3.98 -15.92
C LYS A 852 24.05 -3.89 -15.91
N PHE A 853 23.39 -5.05 -15.86
CA PHE A 853 21.94 -5.10 -15.96
C PHE A 853 21.38 -5.96 -14.84
N LYS A 854 20.20 -5.58 -14.35
CA LYS A 854 19.50 -6.27 -13.27
C LYS A 854 18.16 -6.83 -13.75
N GLY A 855 18.15 -7.46 -14.91
CA GLY A 855 16.91 -7.88 -15.52
C GLY A 855 16.55 -6.95 -16.67
N LEU A 856 17.40 -5.94 -16.86
CA LEU A 856 17.20 -4.92 -17.89
C LEU A 856 17.96 -5.34 -19.14
N THR A 857 17.26 -6.00 -20.06
CA THR A 857 17.89 -6.55 -21.25
C THR A 857 17.78 -5.56 -22.40
N VAL A 858 18.80 -5.58 -23.26
CA VAL A 858 18.81 -4.79 -24.49
C VAL A 858 18.82 -5.78 -25.65
N LEU A 859 17.77 -5.77 -26.45
CA LEU A 859 17.70 -6.70 -27.56
C LEU A 859 18.43 -6.11 -28.77
N PRO A 860 19.08 -6.95 -29.58
CA PRO A 860 19.77 -6.43 -30.76
C PRO A 860 18.78 -6.18 -31.89
N PRO A 861 19.05 -5.21 -32.74
CA PRO A 861 18.16 -4.97 -33.89
C PRO A 861 18.24 -6.10 -34.89
N LEU A 862 17.13 -6.30 -35.61
CA LEU A 862 17.08 -7.37 -36.59
C LEU A 862 18.05 -7.14 -37.74
N LEU A 863 18.11 -5.91 -38.25
CA LEU A 863 19.00 -5.55 -39.35
C LEU A 863 20.29 -4.97 -38.78
N THR A 864 21.40 -5.65 -39.01
CA THR A 864 22.68 -5.11 -38.56
C THR A 864 23.07 -3.92 -39.43
N ASP A 865 24.17 -3.27 -39.04
CA ASP A 865 24.62 -2.10 -39.77
C ASP A 865 25.02 -2.43 -41.21
N GLU A 866 25.59 -3.62 -41.42
CA GLU A 866 26.06 -3.98 -42.76
C GLU A 866 24.89 -4.08 -43.73
N MET A 867 23.76 -4.65 -43.30
CA MET A 867 22.61 -4.76 -44.20
C MET A 867 22.03 -3.39 -44.52
N ILE A 868 22.03 -2.49 -43.54
CA ILE A 868 21.57 -1.12 -43.80
C ILE A 868 22.47 -0.43 -44.81
N ALA A 869 23.78 -0.61 -44.66
CA ALA A 869 24.71 -0.06 -45.65
C ALA A 869 24.47 -0.68 -47.02
N GLN A 870 24.10 -1.96 -47.05
CA GLN A 870 23.80 -2.61 -48.33
C GLN A 870 22.59 -1.99 -49.01
N TYR A 871 21.52 -1.76 -48.24
CA TYR A 871 20.36 -1.05 -48.80
C TYR A 871 20.72 0.35 -49.28
N THR A 872 21.54 1.07 -48.50
CA THR A 872 21.92 2.42 -48.93
C THR A 872 22.71 2.37 -50.23
N SER A 873 23.64 1.42 -50.35
CA SER A 873 24.40 1.27 -51.59
C SER A 873 23.49 0.91 -52.76
N ALA A 874 22.52 0.04 -52.53
CA ALA A 874 21.60 -0.33 -53.60
C ALA A 874 20.79 0.87 -54.07
N LEU A 875 20.29 1.66 -53.12
CA LEU A 875 19.52 2.85 -53.49
C LEU A 875 20.38 3.85 -54.25
N LEU A 876 21.62 4.04 -53.81
CA LEU A 876 22.52 4.95 -54.52
C LEU A 876 22.79 4.47 -55.93
N ALA A 877 23.07 3.18 -56.10
CA ALA A 877 23.33 2.67 -57.43
C ALA A 877 22.11 2.81 -58.33
N GLY A 878 20.92 2.55 -57.78
CA GLY A 878 19.71 2.74 -58.57
C GLY A 878 19.50 4.17 -58.99
N THR A 879 19.70 5.12 -58.06
CA THR A 879 19.45 6.51 -58.37
C THR A 879 20.54 7.15 -59.21
N ILE A 880 21.71 6.52 -59.32
CA ILE A 880 22.74 7.04 -60.22
C ILE A 880 22.63 6.43 -61.61
N THR A 881 22.54 5.10 -61.68
CA THR A 881 22.55 4.45 -63.00
C THR A 881 21.24 4.63 -63.75
N SER A 882 20.09 4.46 -63.08
CA SER A 882 18.82 4.37 -63.77
C SER A 882 17.86 5.51 -63.45
N GLY A 883 18.36 6.66 -63.00
CA GLY A 883 17.48 7.77 -62.72
C GLY A 883 16.48 7.44 -61.64
N TRP A 884 15.23 7.84 -61.86
CA TRP A 884 14.14 7.55 -60.94
C TRP A 884 13.23 6.45 -61.44
N THR A 885 13.55 5.84 -62.59
CA THR A 885 12.65 4.86 -63.19
C THR A 885 12.59 3.58 -62.36
N PHE A 886 13.67 3.22 -61.66
CA PHE A 886 13.67 1.98 -60.90
C PHE A 886 12.71 2.01 -59.73
N GLY A 887 12.28 3.19 -59.30
CA GLY A 887 11.33 3.30 -58.24
C GLY A 887 9.88 3.12 -58.65
N ALA A 888 9.62 2.94 -59.94
CA ALA A 888 8.27 2.78 -60.45
C ALA A 888 8.23 1.68 -61.50
N GLY A 889 8.88 0.56 -61.22
CA GLY A 889 8.91 -0.55 -62.14
C GLY A 889 10.32 -1.06 -62.36
N PRO A 890 10.60 -1.61 -63.53
CA PRO A 890 11.94 -2.09 -63.83
C PRO A 890 12.92 -0.93 -63.95
N ALA A 891 14.20 -1.25 -63.72
CA ALA A 891 15.25 -0.24 -63.80
C ALA A 891 15.69 -0.08 -65.25
N LEU A 892 15.69 1.15 -65.73
CA LEU A 892 16.06 1.48 -67.10
C LEU A 892 17.28 2.39 -67.07
N GLN A 893 18.40 1.90 -67.60
CA GLN A 893 19.62 2.69 -67.55
C GLN A 893 19.50 3.93 -68.42
N ILE A 894 20.27 4.95 -68.08
CA ILE A 894 20.27 6.21 -68.82
C ILE A 894 21.53 6.97 -68.44
N PRO A 895 22.25 7.55 -69.41
CA PRO A 895 23.48 8.28 -69.06
C PRO A 895 23.19 9.42 -68.12
N PHE A 896 24.11 9.61 -67.17
CA PHE A 896 23.87 10.58 -66.10
C PHE A 896 23.64 12.01 -66.59
N PRO A 897 24.39 12.55 -67.55
CA PRO A 897 24.09 13.92 -68.00
C PRO A 897 22.66 14.09 -68.51
N MET A 898 22.13 13.09 -69.21
CA MET A 898 20.75 13.20 -69.66
C MET A 898 19.78 13.13 -68.49
N GLN A 899 20.09 12.36 -67.46
CA GLN A 899 19.25 12.36 -66.28
C GLN A 899 19.24 13.73 -65.62
N MET A 900 20.41 14.37 -65.53
CA MET A 900 20.46 15.70 -64.94
C MET A 900 19.74 16.73 -65.79
N ALA A 901 19.84 16.61 -67.12
CA ALA A 901 19.08 17.49 -68.00
C ALA A 901 17.58 17.29 -67.82
N TYR A 902 17.16 16.05 -67.63
CA TYR A 902 15.76 15.78 -67.32
C TYR A 902 15.35 16.45 -66.03
N ARG A 903 16.22 16.41 -65.03
CA ARG A 903 15.90 17.01 -63.74
C ARG A 903 15.79 18.52 -63.84
N PHE A 904 16.67 19.17 -64.61
CA PHE A 904 16.47 20.60 -64.86
C PHE A 904 15.17 20.86 -65.61
N ASN A 905 14.88 20.07 -66.63
CA ASN A 905 13.62 20.26 -67.35
C ASN A 905 12.43 20.10 -66.43
N GLY A 906 12.61 19.33 -65.36
CA GLY A 906 11.54 19.22 -64.37
C GLY A 906 11.26 20.52 -63.65
N ILE A 907 12.29 21.32 -63.38
CA ILE A 907 12.13 22.54 -62.60
C ILE A 907 12.02 23.77 -63.51
N GLY A 908 11.71 23.58 -64.78
CA GLY A 908 11.43 24.69 -65.66
C GLY A 908 12.64 25.35 -66.30
N VAL A 909 13.77 24.66 -66.39
CA VAL A 909 14.95 25.16 -67.07
C VAL A 909 15.31 24.20 -68.19
N THR A 910 15.49 24.73 -69.39
CA THR A 910 15.70 23.89 -70.56
C THR A 910 17.06 23.19 -70.50
N GLN A 911 17.18 22.14 -71.32
CA GLN A 911 18.36 21.29 -71.26
C GLN A 911 19.62 21.99 -71.75
N ASN A 912 19.49 22.89 -72.72
CA ASN A 912 20.68 23.56 -73.27
C ASN A 912 21.46 24.28 -72.17
N VAL A 913 20.77 24.75 -71.13
CA VAL A 913 21.45 25.39 -70.00
C VAL A 913 22.41 24.41 -69.35
N LEU A 914 21.97 23.17 -69.16
CA LEU A 914 22.88 22.16 -68.63
C LEU A 914 23.99 21.82 -69.63
N TYR A 915 23.61 21.44 -70.85
CA TYR A 915 24.60 20.94 -71.80
C TYR A 915 25.64 21.98 -72.17
N GLU A 916 25.36 23.26 -71.99
CA GLU A 916 26.36 24.29 -72.20
C GLU A 916 27.11 24.64 -70.92
N ASN A 917 26.83 23.97 -69.81
CA ASN A 917 27.46 24.25 -68.54
C ASN A 917 27.78 22.96 -67.77
N GLN A 918 28.00 21.87 -68.49
CA GLN A 918 28.21 20.59 -67.82
C GLN A 918 29.46 20.60 -66.96
N LYS A 919 30.55 21.16 -67.47
CA LYS A 919 31.80 21.18 -66.71
C LYS A 919 31.65 22.02 -65.45
N LEU A 920 31.06 23.22 -65.59
CA LEU A 920 30.88 24.09 -64.42
C LEU A 920 29.95 23.45 -63.39
N ILE A 921 28.88 22.81 -63.85
CA ILE A 921 27.95 22.16 -62.92
C ILE A 921 28.65 21.03 -62.19
N ALA A 922 29.44 20.22 -62.90
CA ALA A 922 30.16 19.14 -62.24
C ALA A 922 31.14 19.68 -61.20
N ASN A 923 31.85 20.76 -61.55
CA ASN A 923 32.80 21.33 -60.59
C ASN A 923 32.08 21.85 -59.36
N GLN A 924 30.96 22.53 -59.55
CA GLN A 924 30.20 23.04 -58.41
C GLN A 924 29.69 21.91 -57.54
N PHE A 925 29.21 20.83 -58.16
CA PHE A 925 28.71 19.68 -57.40
C PHE A 925 29.82 19.07 -56.55
N ASN A 926 31.00 18.87 -57.15
CA ASN A 926 32.12 18.29 -56.41
C ASN A 926 32.52 19.19 -55.25
N SER A 927 32.63 20.50 -55.51
CA SER A 927 33.01 21.41 -54.43
C SER A 927 31.98 21.39 -53.31
N ALA A 928 30.69 21.37 -53.66
CA ALA A 928 29.65 21.36 -52.63
C ALA A 928 29.73 20.10 -51.78
N ILE A 929 29.92 18.94 -52.40
CA ILE A 929 29.94 17.71 -51.62
C ILE A 929 31.17 17.67 -50.72
N GLY A 930 32.31 18.18 -51.21
CA GLY A 930 33.48 18.28 -50.35
C GLY A 930 33.24 19.19 -49.17
N LYS A 931 32.60 20.33 -49.40
CA LYS A 931 32.30 21.24 -48.30
C LYS A 931 31.36 20.60 -47.29
N ILE A 932 30.41 19.79 -47.77
CA ILE A 932 29.51 19.09 -46.83
C ILE A 932 30.29 18.11 -45.97
N GLN A 933 31.18 17.34 -46.58
CA GLN A 933 32.00 16.43 -45.78
C GLN A 933 32.79 17.19 -44.73
N ASP A 934 33.41 18.31 -45.13
CA ASP A 934 34.21 19.08 -44.18
C ASP A 934 33.34 19.65 -43.05
N SER A 935 32.16 20.17 -43.40
CA SER A 935 31.29 20.77 -42.39
C SER A 935 30.82 19.73 -41.39
N LEU A 936 30.47 18.53 -41.86
CA LEU A 936 30.13 17.47 -40.91
C LEU A 936 31.33 17.11 -40.05
N SER A 937 32.53 17.06 -40.65
CA SER A 937 33.73 16.77 -39.87
C SER A 937 34.01 17.83 -38.82
N SER A 938 33.57 19.08 -39.03
CA SER A 938 33.91 20.18 -38.15
C SER A 938 32.88 20.39 -37.04
N THR A 939 31.63 20.66 -37.39
CA THR A 939 30.62 20.96 -36.40
C THR A 939 30.23 19.70 -35.64
N PRO A 940 30.37 19.68 -34.30
CA PRO A 940 30.01 18.47 -33.55
C PRO A 940 28.54 18.43 -33.13
N SER A 941 27.86 19.57 -33.27
CA SER A 941 26.47 19.70 -32.84
C SER A 941 25.48 19.39 -33.95
N ALA A 942 25.96 18.97 -35.12
CA ALA A 942 25.04 18.69 -36.23
C ALA A 942 24.20 17.46 -35.95
N LEU A 943 24.76 16.46 -35.27
CA LEU A 943 24.10 15.18 -35.06
C LEU A 943 23.35 15.13 -33.73
N GLY A 944 22.85 16.27 -33.26
CA GLY A 944 22.09 16.29 -32.02
C GLY A 944 20.83 15.45 -32.08
N LYS A 945 20.13 15.49 -33.22
CA LYS A 945 18.88 14.75 -33.35
C LYS A 945 19.08 13.25 -33.23
N LEU A 946 20.30 12.75 -33.44
CA LEU A 946 20.60 11.35 -33.22
C LEU A 946 21.23 11.10 -31.86
N GLN A 947 22.08 12.01 -31.40
CA GLN A 947 22.73 11.82 -30.10
C GLN A 947 21.72 11.87 -28.95
N ASP A 948 20.73 12.76 -29.04
CA ASP A 948 19.79 12.93 -27.94
C ASP A 948 18.93 11.70 -27.74
N VAL A 949 18.70 10.91 -28.79
CA VAL A 949 17.92 9.68 -28.62
C VAL A 949 18.65 8.72 -27.68
N VAL A 950 19.93 8.47 -27.97
CA VAL A 950 20.73 7.61 -27.12
C VAL A 950 20.85 8.19 -25.72
N ASN A 951 21.03 9.51 -25.63
CA ASN A 951 21.14 10.15 -24.32
C ASN A 951 19.87 9.96 -23.52
N HIS A 952 18.72 10.16 -24.14
CA HIS A 952 17.44 9.99 -23.45
C HIS A 952 17.27 8.57 -22.97
N ASN A 953 17.53 7.59 -23.84
CA ASN A 953 17.36 6.21 -23.44
C ASN A 953 18.29 5.85 -22.28
N ALA A 954 19.56 6.24 -22.38
CA ALA A 954 20.52 5.91 -21.33
C ALA A 954 20.15 6.56 -20.02
N GLN A 955 19.75 7.83 -20.04
CA GLN A 955 19.45 8.51 -18.78
C GLN A 955 18.17 7.99 -18.16
N ALA A 956 17.17 7.63 -18.99
CA ALA A 956 15.97 7.01 -18.44
C ALA A 956 16.29 5.66 -17.80
N LEU A 957 17.13 4.87 -18.46
CA LEU A 957 17.51 3.58 -17.88
C LEU A 957 18.27 3.76 -16.58
N ASN A 958 19.17 4.75 -16.54
CA ASN A 958 19.91 5.01 -15.31
C ASN A 958 19.00 5.49 -14.19
N THR A 959 18.01 6.32 -14.52
CA THR A 959 17.04 6.74 -13.51
C THR A 959 16.26 5.56 -12.97
N LEU A 960 15.85 4.65 -13.85
CA LEU A 960 15.14 3.47 -13.40
C LEU A 960 16.01 2.62 -12.48
N VAL A 961 17.29 2.47 -12.81
CA VAL A 961 18.20 1.71 -11.95
C VAL A 961 18.35 2.40 -10.60
N LYS A 962 18.51 3.73 -10.60
CA LYS A 962 18.64 4.47 -9.35
C LYS A 962 17.41 4.32 -8.48
N GLN A 963 16.22 4.25 -9.10
CA GLN A 963 15.00 4.09 -8.33
C GLN A 963 14.94 2.78 -7.57
N LEU A 964 15.79 1.81 -7.91
CA LEU A 964 15.78 0.53 -7.22
C LEU A 964 16.14 0.67 -5.75
N SER A 965 17.13 1.51 -5.43
CA SER A 965 17.62 1.67 -4.07
C SER A 965 16.96 2.84 -3.36
N SER A 966 15.71 3.14 -3.70
CA SER A 966 14.98 4.22 -3.04
C SER A 966 14.19 3.65 -1.87
N LYS A 967 14.06 4.46 -0.81
CA LYS A 967 13.45 3.98 0.42
C LYS A 967 11.97 3.71 0.25
N PHE A 968 11.26 4.58 -0.47
CA PHE A 968 9.82 4.47 -0.69
C PHE A 968 9.04 4.48 0.62
N GLY A 969 9.61 5.10 1.66
CA GLY A 969 8.95 5.17 2.94
C GLY A 969 9.15 3.99 3.85
N ALA A 970 9.78 2.92 3.38
CA ALA A 970 10.06 1.78 4.23
C ALA A 970 11.17 2.14 5.23
N ILE A 971 11.36 1.27 6.21
CA ILE A 971 12.42 1.50 7.19
C ILE A 971 13.78 1.24 6.57
N SER A 972 13.85 0.30 5.62
CA SER A 972 15.11 -0.02 4.95
C SER A 972 14.85 -0.25 3.47
N SER A 973 15.91 -0.10 2.67
CA SER A 973 15.84 -0.26 1.23
C SER A 973 16.27 -1.64 0.76
N VAL A 974 16.64 -2.53 1.67
CA VAL A 974 17.16 -3.85 1.33
C VAL A 974 16.14 -4.91 1.71
N LEU A 975 15.78 -5.76 0.75
CA LEU A 975 14.81 -6.81 1.00
C LEU A 975 15.31 -7.80 2.04
N ASN A 976 16.56 -8.24 1.91
CA ASN A 976 17.10 -9.25 2.82
C ASN A 976 17.18 -8.74 4.25
N ASP A 977 17.58 -7.49 4.43
CA ASP A 977 17.66 -6.93 5.78
C ASP A 977 16.28 -6.84 6.41
N ILE A 978 15.28 -6.42 5.63
CA ILE A 978 13.90 -6.38 6.13
C ILE A 978 13.46 -7.77 6.55
N PHE A 979 13.75 -8.78 5.74
CA PHE A 979 13.34 -10.13 6.06
C PHE A 979 14.02 -10.62 7.34
N SER A 980 15.32 -10.34 7.48
CA SER A 980 16.10 -10.88 8.59
C SER A 980 15.75 -10.19 9.90
N ARG A 981 15.72 -8.87 9.92
CA ARG A 981 15.59 -8.12 11.17
C ARG A 981 14.15 -7.91 11.61
N LEU A 982 13.17 -8.26 10.79
CA LEU A 982 11.78 -8.02 11.12
C LEU A 982 10.97 -9.30 10.99
N ASP A 983 9.99 -9.43 11.87
CA ASP A 983 9.03 -10.52 11.85
C ASP A 983 8.00 -10.29 10.76
N PRO A 984 7.32 -11.35 10.32
CA PRO A 984 6.36 -11.22 9.20
C PRO A 984 5.30 -10.15 9.41
N PRO A 985 4.75 -9.98 10.66
CA PRO A 985 3.68 -8.98 10.85
C PRO A 985 3.86 -7.64 10.14
N GLU A 986 4.95 -6.92 10.41
CA GLU A 986 5.19 -5.64 9.75
C GLU A 986 6.13 -5.76 8.56
N ALA A 987 6.89 -6.84 8.47
CA ALA A 987 7.68 -7.07 7.26
C ALA A 987 6.78 -7.16 6.04
N GLU A 988 5.60 -7.76 6.19
CA GLU A 988 4.66 -7.83 5.08
C GLU A 988 4.25 -6.44 4.62
N VAL A 989 3.95 -5.55 5.57
CA VAL A 989 3.55 -4.19 5.21
C VAL A 989 4.69 -3.45 4.52
N GLN A 990 5.90 -3.57 5.07
CA GLN A 990 7.05 -2.91 4.45
C GLN A 990 7.28 -3.42 3.03
N ILE A 991 7.19 -4.74 2.84
CA ILE A 991 7.40 -5.31 1.51
C ILE A 991 6.29 -4.87 0.56
N ASP A 992 5.06 -4.79 1.07
CA ASP A 992 3.96 -4.32 0.23
C ASP A 992 4.21 -2.91 -0.25
N ARG A 993 4.61 -2.01 0.66
CA ARG A 993 4.91 -0.64 0.26
C ARG A 993 6.03 -0.60 -0.76
N LEU A 994 7.09 -1.37 -0.53
CA LEU A 994 8.24 -1.34 -1.43
C LEU A 994 7.87 -1.85 -2.82
N ILE A 995 7.14 -2.96 -2.90
CA ILE A 995 6.80 -3.50 -4.21
C ILE A 995 5.81 -2.61 -4.94
N THR A 996 4.88 -1.98 -4.21
CA THR A 996 3.97 -1.04 -4.87
C THR A 996 4.73 0.14 -5.43
N GLY A 997 5.69 0.67 -4.68
CA GLY A 997 6.47 1.79 -5.20
C GLY A 997 7.28 1.41 -6.43
N ARG A 998 7.90 0.22 -6.40
CA ARG A 998 8.69 -0.20 -7.55
C ARG A 998 7.81 -0.46 -8.77
N LEU A 999 6.63 -1.04 -8.57
CA LEU A 999 5.70 -1.21 -9.68
C LEU A 999 5.29 0.13 -10.26
N GLN A 1000 5.04 1.11 -9.40
CA GLN A 1000 4.67 2.44 -9.90
C GLN A 1000 5.79 3.04 -10.73
N SER A 1001 7.04 2.92 -10.26
CA SER A 1001 8.16 3.43 -11.02
C SER A 1001 8.29 2.74 -12.37
N LEU A 1002 8.10 1.42 -12.39
CA LEU A 1002 8.19 0.68 -13.65
C LEU A 1002 7.07 1.09 -14.60
N GLN A 1003 5.86 1.31 -14.07
CA GLN A 1003 4.77 1.80 -14.91
C GLN A 1003 5.11 3.13 -15.54
N THR A 1004 5.67 4.04 -14.74
CA THR A 1004 6.06 5.34 -15.28
C THR A 1004 7.08 5.19 -16.40
N TYR A 1005 8.08 4.34 -16.19
CA TYR A 1005 9.08 4.13 -17.22
C TYR A 1005 8.47 3.56 -18.49
N VAL A 1006 7.56 2.59 -18.35
CA VAL A 1006 6.94 1.99 -19.53
C VAL A 1006 6.12 3.01 -20.30
N THR A 1007 5.37 3.85 -19.58
CA THR A 1007 4.58 4.88 -20.25
C THR A 1007 5.48 5.87 -20.99
N GLN A 1008 6.59 6.27 -20.35
CA GLN A 1008 7.53 7.15 -21.03
C GLN A 1008 8.08 6.50 -22.30
N GLN A 1009 8.41 5.21 -22.22
CA GLN A 1009 8.91 4.51 -23.40
C GLN A 1009 7.85 4.47 -24.51
N LEU A 1010 6.59 4.28 -24.13
CA LEU A 1010 5.52 4.27 -25.13
C LEU A 1010 5.41 5.61 -25.84
N ILE A 1011 5.46 6.70 -25.07
CA ILE A 1011 5.35 8.02 -25.70
C ILE A 1011 6.53 8.29 -26.63
N ARG A 1012 7.73 7.96 -26.17
CA ARG A 1012 8.89 8.13 -27.03
C ARG A 1012 8.79 7.26 -28.28
N ALA A 1013 8.23 6.06 -28.15
CA ALA A 1013 8.06 5.20 -29.31
C ALA A 1013 7.10 5.81 -30.31
N ALA A 1014 6.02 6.41 -29.83
CA ALA A 1014 5.08 7.07 -30.75
C ALA A 1014 5.77 8.21 -31.49
N GLU A 1015 6.53 9.04 -30.77
CA GLU A 1015 7.21 10.15 -31.43
C GLU A 1015 8.22 9.64 -32.46
N ILE A 1016 9.00 8.62 -32.10
CA ILE A 1016 10.00 8.09 -33.01
C ILE A 1016 9.34 7.44 -34.22
N ARG A 1017 8.18 6.81 -34.03
CA ARG A 1017 7.46 6.25 -35.16
C ARG A 1017 6.98 7.33 -36.11
N ALA A 1018 6.51 8.46 -35.57
CA ALA A 1018 6.14 9.58 -36.44
C ALA A 1018 7.35 10.06 -37.23
N SER A 1019 8.51 10.19 -36.57
CA SER A 1019 9.72 10.62 -37.27
C SER A 1019 10.11 9.62 -38.35
N ALA A 1020 9.97 8.32 -38.06
CA ALA A 1020 10.32 7.30 -39.04
C ALA A 1020 9.37 7.32 -40.24
N ASN A 1021 8.09 7.58 -39.99
CA ASN A 1021 7.16 7.72 -41.11
C ASN A 1021 7.53 8.91 -41.98
N LEU A 1022 7.90 10.03 -41.35
CA LEU A 1022 8.36 11.18 -42.13
C LEU A 1022 9.60 10.83 -42.95
N ALA A 1023 10.54 10.09 -42.34
CA ALA A 1023 11.75 9.69 -43.06
C ALA A 1023 11.41 8.78 -44.23
N ALA A 1024 10.45 7.87 -44.04
CA ALA A 1024 10.05 6.99 -45.14
C ALA A 1024 9.43 7.79 -46.27
N THR A 1025 8.61 8.79 -45.95
CA THR A 1025 8.04 9.65 -46.99
C THR A 1025 9.14 10.38 -47.74
N LYS A 1026 10.12 10.91 -47.01
CA LYS A 1026 11.22 11.59 -47.68
C LYS A 1026 12.00 10.66 -48.59
N MET A 1027 12.27 9.44 -48.11
CA MET A 1027 12.97 8.46 -48.92
C MET A 1027 12.20 8.12 -50.18
N SER A 1028 10.87 8.02 -50.05
CA SER A 1028 10.06 7.64 -51.19
C SER A 1028 9.96 8.77 -52.22
N GLU A 1029 9.92 10.01 -51.76
CA GLU A 1029 9.65 11.12 -52.67
C GLU A 1029 10.91 11.84 -53.15
N CYS A 1030 11.76 12.31 -52.23
CA CYS A 1030 12.94 13.06 -52.66
C CYS A 1030 13.96 12.18 -53.35
N VAL A 1031 14.08 10.91 -52.95
CA VAL A 1031 15.11 10.04 -53.50
C VAL A 1031 14.58 9.30 -54.73
N LEU A 1032 13.53 8.51 -54.55
CA LEU A 1032 13.03 7.67 -55.64
C LEU A 1032 12.49 8.48 -56.80
N GLY A 1033 12.26 9.77 -56.61
CA GLY A 1033 11.80 10.62 -57.68
C GLY A 1033 12.25 12.05 -57.46
N GLN A 1034 11.53 12.97 -58.09
CA GLN A 1034 11.75 14.40 -57.91
C GLN A 1034 10.48 15.01 -57.35
N SER A 1035 10.62 15.79 -56.28
CA SER A 1035 9.49 16.36 -55.58
C SER A 1035 9.40 17.85 -55.87
N LYS A 1036 8.22 18.30 -56.27
CA LYS A 1036 7.96 19.71 -56.49
C LYS A 1036 7.41 20.41 -55.26
N ARG A 1037 7.27 19.71 -54.14
CA ARG A 1037 6.86 20.34 -52.90
C ARG A 1037 7.95 21.30 -52.42
N VAL A 1038 7.53 22.47 -51.96
CA VAL A 1038 8.49 23.52 -51.62
C VAL A 1038 9.11 23.21 -50.26
N ASP A 1039 10.44 23.25 -50.21
CA ASP A 1039 11.22 23.09 -48.98
C ASP A 1039 11.04 21.71 -48.35
N PHE A 1040 10.31 20.82 -49.02
CA PHE A 1040 10.17 19.47 -48.50
C PHE A 1040 11.49 18.71 -48.56
N CYS A 1041 12.27 18.93 -49.62
CA CYS A 1041 13.54 18.24 -49.77
C CYS A 1041 14.69 19.23 -49.92
N GLY A 1042 14.73 20.22 -49.05
CA GLY A 1042 15.83 21.17 -49.02
C GLY A 1042 15.41 22.54 -49.54
N LYS A 1043 16.19 23.54 -49.11
CA LYS A 1043 15.92 24.92 -49.53
C LYS A 1043 16.35 25.10 -50.97
N GLY A 1044 15.46 25.67 -51.78
CA GLY A 1044 15.70 25.85 -53.20
C GLY A 1044 14.91 24.84 -54.02
N TYR A 1045 15.14 24.88 -55.32
CA TYR A 1045 14.49 23.95 -56.23
C TYR A 1045 15.17 22.59 -56.14
N HIS A 1046 14.40 21.55 -55.85
CA HIS A 1046 14.97 20.24 -55.62
C HIS A 1046 15.40 19.59 -56.93
N LEU A 1047 16.51 18.87 -56.89
CA LEU A 1047 17.02 18.13 -58.04
C LEU A 1047 17.01 16.63 -57.78
N MET A 1048 17.71 16.18 -56.75
CA MET A 1048 17.82 14.78 -56.38
C MET A 1048 18.53 14.70 -55.04
N SER A 1049 18.29 13.60 -54.32
CA SER A 1049 18.85 13.46 -52.98
C SER A 1049 19.45 12.08 -52.82
N PHE A 1050 20.51 12.02 -52.02
CA PHE A 1050 21.24 10.78 -51.76
C PHE A 1050 21.10 10.42 -50.29
N PRO A 1051 20.66 9.21 -49.96
CA PRO A 1051 20.57 8.80 -48.57
C PRO A 1051 21.89 8.27 -48.04
N GLN A 1052 22.06 8.37 -46.72
CA GLN A 1052 23.23 7.86 -46.04
C GLN A 1052 22.81 7.25 -44.72
N SER A 1053 23.38 6.10 -44.39
CA SER A 1053 23.06 5.42 -43.14
C SER A 1053 23.67 6.17 -41.95
N ALA A 1054 23.09 5.94 -40.78
CA ALA A 1054 23.54 6.58 -39.56
C ALA A 1054 23.08 5.73 -38.38
N PRO A 1055 23.74 5.84 -37.23
CA PRO A 1055 23.31 5.04 -36.06
C PRO A 1055 21.94 5.50 -35.60
N HIS A 1056 20.98 4.58 -35.61
CA HIS A 1056 19.61 4.86 -35.19
C HIS A 1056 18.99 6.00 -35.99
N GLY A 1057 19.29 6.05 -37.28
CA GLY A 1057 18.71 7.10 -38.10
C GLY A 1057 19.25 7.06 -39.51
N VAL A 1058 18.90 8.09 -40.28
CA VAL A 1058 19.31 8.23 -41.67
C VAL A 1058 19.60 9.69 -41.96
N VAL A 1059 20.58 9.93 -42.81
CA VAL A 1059 20.99 11.28 -43.19
C VAL A 1059 20.85 11.42 -44.70
N PHE A 1060 20.16 12.47 -45.13
CA PHE A 1060 19.94 12.74 -46.54
C PHE A 1060 20.89 13.84 -47.00
N LEU A 1061 21.27 13.78 -48.27
CA LEU A 1061 22.07 14.82 -48.91
C LEU A 1061 21.25 15.39 -50.06
N HIS A 1062 20.51 16.45 -49.77
CA HIS A 1062 19.66 17.08 -50.77
C HIS A 1062 20.51 17.92 -51.70
N VAL A 1063 20.44 17.62 -52.99
CA VAL A 1063 21.08 18.45 -54.01
C VAL A 1063 20.04 19.35 -54.62
N THR A 1064 20.23 20.66 -54.51
CA THR A 1064 19.22 21.62 -54.89
C THR A 1064 19.82 22.71 -55.77
N TYR A 1065 18.96 23.30 -56.59
CA TYR A 1065 19.34 24.32 -57.55
C TYR A 1065 18.90 25.67 -56.99
N VAL A 1066 19.84 26.62 -56.91
CA VAL A 1066 19.60 27.92 -56.32
C VAL A 1066 19.99 29.01 -57.30
N PRO A 1067 19.08 29.88 -57.71
CA PRO A 1067 19.44 30.97 -58.62
C PRO A 1067 20.30 32.02 -57.93
N ALA A 1068 21.07 32.74 -58.75
CA ALA A 1068 21.93 33.78 -58.23
C ALA A 1068 22.23 34.78 -59.34
N GLN A 1069 22.74 35.95 -58.93
CA GLN A 1069 23.11 37.04 -59.84
C GLN A 1069 21.91 37.49 -60.68
N GLU A 1070 20.91 38.03 -59.99
CA GLU A 1070 19.74 38.54 -60.66
C GLU A 1070 20.08 39.83 -61.42
N LYS A 1071 19.11 40.31 -62.20
CA LYS A 1071 19.33 41.45 -63.07
C LYS A 1071 18.00 42.13 -63.34
N ASN A 1072 18.00 43.46 -63.29
CA ASN A 1072 16.78 44.22 -63.55
C ASN A 1072 16.38 44.13 -65.02
N PHE A 1073 15.08 44.22 -65.26
CA PHE A 1073 14.55 44.29 -66.61
C PHE A 1073 13.21 45.00 -66.57
N THR A 1074 12.81 45.53 -67.72
CA THR A 1074 11.49 46.14 -67.90
C THR A 1074 10.61 45.15 -68.66
N THR A 1075 9.47 44.83 -68.08
CA THR A 1075 8.59 43.80 -68.61
C THR A 1075 7.26 44.39 -69.05
N ALA A 1076 6.56 43.64 -69.89
CA ALA A 1076 5.23 43.98 -70.34
C ALA A 1076 4.38 42.71 -70.41
N PRO A 1077 3.07 42.83 -70.22
CA PRO A 1077 2.22 41.63 -70.26
C PRO A 1077 2.04 41.07 -71.65
N ALA A 1078 1.93 41.92 -72.67
CA ALA A 1078 1.66 41.43 -74.03
C ALA A 1078 2.20 42.45 -75.02
N ILE A 1079 2.28 42.02 -76.28
CA ILE A 1079 2.75 42.85 -77.38
C ILE A 1079 1.61 43.06 -78.36
N CYS A 1080 1.27 44.32 -78.62
CA CYS A 1080 0.24 44.65 -79.60
C CYS A 1080 0.89 44.78 -80.97
N HIS A 1081 0.32 44.11 -81.96
CA HIS A 1081 0.88 44.09 -83.31
C HIS A 1081 -0.23 43.75 -84.29
N ASP A 1082 -0.43 44.64 -85.27
CA ASP A 1082 -1.52 44.50 -86.24
C ASP A 1082 -2.86 44.34 -85.55
N GLY A 1083 -3.07 45.11 -84.47
CA GLY A 1083 -4.29 44.99 -83.71
C GLY A 1083 -4.47 43.67 -83.01
N LYS A 1084 -3.42 42.86 -82.92
CA LYS A 1084 -3.46 41.58 -82.24
C LYS A 1084 -2.51 41.62 -81.05
N ALA A 1085 -2.90 40.99 -79.95
CA ALA A 1085 -2.09 40.93 -78.75
C ALA A 1085 -1.39 39.58 -78.69
N HIS A 1086 -0.06 39.60 -78.70
CA HIS A 1086 0.73 38.38 -78.63
C HIS A 1086 1.21 38.16 -77.20
N PHE A 1087 0.90 37.00 -76.66
CA PHE A 1087 1.31 36.63 -75.31
C PHE A 1087 2.47 35.64 -75.37
N PRO A 1088 3.37 35.65 -74.40
CA PRO A 1088 4.45 34.65 -74.37
C PRO A 1088 3.86 33.27 -74.19
N ARG A 1089 4.48 32.29 -74.85
CA ARG A 1089 3.96 30.93 -74.76
C ARG A 1089 4.56 30.17 -73.57
N GLU A 1090 5.87 30.28 -73.36
CA GLU A 1090 6.52 29.61 -72.26
C GLU A 1090 7.40 30.52 -71.42
N GLY A 1091 7.60 31.77 -71.81
CA GLY A 1091 8.50 32.64 -71.09
C GLY A 1091 7.88 33.95 -70.63
N VAL A 1092 8.68 35.01 -70.65
CA VAL A 1092 8.25 36.33 -70.19
C VAL A 1092 8.95 37.38 -71.03
N PHE A 1093 8.21 38.42 -71.41
CA PHE A 1093 8.77 39.50 -72.20
C PHE A 1093 9.65 40.38 -71.31
N VAL A 1094 10.85 40.71 -71.80
CA VAL A 1094 11.75 41.61 -71.11
C VAL A 1094 12.23 42.65 -72.10
N SER A 1095 13.05 43.58 -71.60
CA SER A 1095 13.58 44.63 -72.44
C SER A 1095 14.82 45.21 -71.77
N ASN A 1096 15.95 45.16 -72.47
CA ASN A 1096 17.18 45.75 -71.96
C ASN A 1096 17.18 47.26 -72.06
N GLY A 1097 16.12 47.86 -72.58
CA GLY A 1097 16.03 49.30 -72.69
C GLY A 1097 15.56 49.76 -74.05
N THR A 1098 15.98 49.04 -75.10
CA THR A 1098 15.63 49.39 -76.46
C THR A 1098 14.83 48.29 -77.15
N HIS A 1099 15.30 47.04 -77.08
CA HIS A 1099 14.66 45.93 -77.75
C HIS A 1099 13.85 45.10 -76.76
N TRP A 1100 13.02 44.21 -77.30
CA TRP A 1100 12.18 43.32 -76.52
C TRP A 1100 12.46 41.88 -76.88
N PHE A 1101 12.67 41.04 -75.86
CA PHE A 1101 12.91 39.62 -76.07
C PHE A 1101 11.97 38.84 -75.17
N VAL A 1102 11.87 37.54 -75.45
CA VAL A 1102 11.14 36.61 -74.60
C VAL A 1102 12.13 35.59 -74.08
N THR A 1103 12.09 35.34 -72.77
CA THR A 1103 13.06 34.48 -72.13
C THR A 1103 12.38 33.65 -71.05
N GLN A 1104 13.01 32.53 -70.72
CA GLN A 1104 12.44 31.63 -69.71
C GLN A 1104 12.46 32.28 -68.33
N ARG A 1105 11.55 31.82 -67.48
CA ARG A 1105 11.33 32.49 -66.20
C ARG A 1105 12.56 32.42 -65.30
N ASN A 1106 13.21 31.26 -65.22
CA ASN A 1106 14.25 31.02 -64.23
C ASN A 1106 15.66 31.30 -64.73
N PHE A 1107 15.83 31.69 -65.99
CA PHE A 1107 17.17 31.92 -66.53
C PHE A 1107 17.09 32.99 -67.61
N TYR A 1108 18.14 33.79 -67.70
CA TYR A 1108 18.20 34.86 -68.70
C TYR A 1108 18.72 34.27 -70.00
N GLU A 1109 17.80 33.93 -70.90
CA GLU A 1109 18.14 33.38 -72.21
C GLU A 1109 17.39 34.16 -73.26
N PRO A 1110 17.84 35.37 -73.57
CA PRO A 1110 17.09 36.24 -74.48
C PRO A 1110 16.96 35.61 -75.86
N GLN A 1111 15.78 35.78 -76.46
CA GLN A 1111 15.49 35.25 -77.78
C GLN A 1111 14.63 36.24 -78.53
N ILE A 1112 14.84 36.31 -79.84
CA ILE A 1112 14.05 37.21 -80.67
C ILE A 1112 12.61 36.73 -80.69
N ILE A 1113 11.69 37.64 -80.43
CA ILE A 1113 10.27 37.30 -80.37
C ILE A 1113 9.77 36.96 -81.77
N THR A 1114 9.11 35.81 -81.90
CA THR A 1114 8.56 35.38 -83.18
C THR A 1114 7.12 34.95 -83.03
N THR A 1115 6.56 34.34 -84.07
CA THR A 1115 5.18 33.88 -84.04
C THR A 1115 5.04 32.41 -83.65
N ASP A 1116 6.15 31.73 -83.35
CA ASP A 1116 6.09 30.33 -82.94
C ASP A 1116 6.25 30.13 -81.44
N ASN A 1117 6.90 31.08 -80.75
CA ASN A 1117 6.98 31.05 -79.30
C ASN A 1117 6.02 32.02 -78.63
N THR A 1118 5.04 32.54 -79.39
CA THR A 1118 3.97 33.36 -78.85
C THR A 1118 2.66 32.90 -79.44
N PHE A 1119 1.57 33.22 -78.77
CA PHE A 1119 0.23 32.89 -79.25
C PHE A 1119 -0.65 34.12 -79.19
N VAL A 1120 -1.53 34.24 -80.18
CA VAL A 1120 -2.38 35.41 -80.35
C VAL A 1120 -3.70 35.17 -79.65
N SER A 1121 -4.24 36.23 -79.03
CA SER A 1121 -5.54 36.13 -78.36
C SER A 1121 -6.13 37.53 -78.28
N GLY A 1122 -7.17 37.76 -79.07
CA GLY A 1122 -7.93 39.00 -79.00
C GLY A 1122 -7.16 40.20 -79.53
N ASN A 1123 -7.83 41.34 -79.48
CA ASN A 1123 -7.23 42.60 -79.89
C ASN A 1123 -6.53 43.27 -78.71
N CYS A 1124 -5.74 44.30 -79.03
CA CYS A 1124 -4.83 44.92 -78.06
C CYS A 1124 -5.43 46.18 -77.43
N ASP A 1125 -6.74 46.19 -77.20
CA ASP A 1125 -7.38 47.29 -76.51
C ASP A 1125 -8.11 46.84 -75.25
N VAL A 1126 -7.86 45.60 -74.79
CA VAL A 1126 -8.53 45.07 -73.62
C VAL A 1126 -7.58 44.83 -72.46
N VAL A 1127 -6.37 44.32 -72.71
CA VAL A 1127 -5.40 44.14 -71.65
C VAL A 1127 -4.88 45.50 -71.19
N ILE A 1128 -4.23 45.50 -70.04
CA ILE A 1128 -3.70 46.73 -69.43
C ILE A 1128 -2.18 46.64 -69.43
N GLY A 1129 -1.53 47.71 -69.88
CA GLY A 1129 -0.09 47.75 -69.93
C GLY A 1129 0.54 47.17 -71.17
N ILE A 1130 -0.23 46.92 -72.22
CA ILE A 1130 0.32 46.39 -73.46
C ILE A 1130 1.25 47.44 -74.08
N VAL A 1131 2.23 46.97 -74.84
CA VAL A 1131 3.23 47.84 -75.44
C VAL A 1131 3.28 47.58 -76.94
N ASN A 1132 3.80 48.57 -77.66
CA ASN A 1132 3.87 48.51 -79.12
C ASN A 1132 5.22 47.97 -79.55
N ASN A 1133 5.20 46.96 -80.41
CA ASN A 1133 6.42 46.39 -80.97
C ASN A 1133 6.04 45.49 -82.13
N THR A 1134 7.04 45.12 -82.93
CA THR A 1134 6.83 44.20 -84.03
C THR A 1134 7.16 42.78 -83.60
N VAL A 1135 6.62 41.82 -84.34
CA VAL A 1135 6.83 40.41 -84.08
C VAL A 1135 7.31 39.77 -85.37
N TYR A 1136 8.58 39.38 -85.41
CA TYR A 1136 9.17 38.81 -86.61
C TYR A 1136 8.51 37.47 -86.95
N ASP A 1137 8.34 37.21 -88.24
CA ASP A 1137 7.80 35.94 -88.71
C ASP A 1137 8.87 35.19 -89.49
N PRO A 1138 9.22 33.97 -89.09
CA PRO A 1138 10.27 33.25 -89.82
C PRO A 1138 9.90 32.89 -91.25
N LEU A 1139 8.62 32.78 -91.56
CA LEU A 1139 8.19 32.31 -92.87
C LEU A 1139 8.32 33.37 -93.95
N GLN A 1140 8.24 34.65 -93.59
CA GLN A 1140 8.21 35.71 -94.61
C GLN A 1140 9.46 35.73 -95.48
N PRO A 1141 10.69 35.67 -94.96
CA PRO A 1141 11.85 35.66 -95.87
C PRO A 1141 11.85 34.49 -96.83
N GLU A 1142 11.41 33.30 -96.38
CA GLU A 1142 11.34 32.17 -97.28
C GLU A 1142 10.27 32.37 -98.34
N LEU A 1143 9.12 32.95 -97.97
CA LEU A 1143 8.10 33.24 -98.95
C LEU A 1143 8.59 34.24 -99.99
N ASP A 1144 9.37 35.25 -99.56
CA ASP A 1144 9.87 36.23 -100.51
C ASP A 1144 10.79 35.60 -101.54
N SER A 1145 11.66 34.69 -101.10
CA SER A 1145 12.57 34.01 -102.03
C SER A 1145 11.84 32.96 -102.85
N CYS B 15 -4.90 -62.58 12.55
CA CYS B 15 -3.72 -62.19 11.78
C CYS B 15 -2.93 -63.42 11.36
N VAL B 16 -2.69 -63.55 10.06
CA VAL B 16 -1.96 -64.68 9.49
C VAL B 16 -0.77 -64.14 8.72
N ASN B 17 0.42 -64.65 9.04
CA ASN B 17 1.63 -64.24 8.34
C ASN B 17 1.73 -64.93 6.99
N LEU B 18 2.07 -64.16 5.97
CA LEU B 18 2.19 -64.66 4.61
C LEU B 18 3.68 -64.79 4.27
N THR B 19 4.11 -66.01 3.97
CA THR B 19 5.48 -66.28 3.58
C THR B 19 5.58 -66.70 2.11
N THR B 20 4.48 -66.67 1.37
CA THR B 20 4.45 -67.05 -0.03
C THR B 20 4.79 -65.89 -0.95
N ARG B 21 5.22 -64.75 -0.39
CA ARG B 21 5.54 -63.59 -1.20
C ARG B 21 6.74 -63.84 -2.09
N THR B 22 6.63 -63.40 -3.34
CA THR B 22 7.73 -63.48 -4.30
C THR B 22 8.40 -62.12 -4.39
N GLN B 23 9.67 -62.05 -3.99
CA GLN B 23 10.38 -60.78 -3.99
C GLN B 23 10.76 -60.39 -5.41
N LEU B 24 10.47 -59.14 -5.77
CA LEU B 24 10.72 -58.66 -7.13
C LEU B 24 10.75 -57.14 -7.15
N PRO B 25 11.66 -56.52 -7.91
CA PRO B 25 11.63 -55.07 -8.02
C PRO B 25 10.34 -54.60 -8.67
N PRO B 26 9.85 -53.42 -8.29
CA PRO B 26 8.55 -52.97 -8.80
C PRO B 26 8.61 -52.66 -10.29
N ALA B 27 7.50 -52.95 -10.98
CA ALA B 27 7.36 -52.59 -12.37
C ALA B 27 7.05 -51.10 -12.50
N TYR B 28 7.29 -50.56 -13.69
CA TYR B 28 7.15 -49.13 -13.94
C TYR B 28 6.42 -48.91 -15.25
N THR B 29 5.73 -47.77 -15.34
CA THR B 29 5.00 -47.40 -16.56
C THR B 29 4.81 -45.89 -16.59
N ASN B 30 4.49 -45.39 -17.78
CA ASN B 30 4.34 -43.96 -17.99
C ASN B 30 2.98 -43.48 -17.48
N SER B 31 2.95 -42.23 -17.02
CA SER B 31 1.70 -41.67 -16.51
C SER B 31 0.75 -41.25 -17.62
N PHE B 32 1.29 -40.84 -18.76
CA PHE B 32 0.48 -40.40 -19.92
C PHE B 32 -0.34 -39.19 -19.50
N THR B 33 -1.66 -39.19 -19.68
CA THR B 33 -2.47 -38.01 -19.43
C THR B 33 -3.49 -38.23 -18.33
N ARG B 34 -3.09 -38.90 -17.26
CA ARG B 34 -3.95 -39.13 -16.11
C ARG B 34 -3.55 -38.22 -14.96
N GLY B 35 -4.48 -38.03 -14.02
CA GLY B 35 -4.20 -37.24 -12.84
C GLY B 35 -4.86 -35.89 -12.82
N VAL B 36 -6.09 -35.81 -13.32
CA VAL B 36 -6.83 -34.56 -13.41
C VAL B 36 -8.11 -34.67 -12.58
N TYR B 37 -8.39 -33.64 -11.80
CA TYR B 37 -9.60 -33.57 -11.00
C TYR B 37 -10.10 -32.14 -10.98
N TYR B 38 -11.38 -31.99 -10.73
CA TYR B 38 -11.96 -30.66 -10.62
C TYR B 38 -11.45 -29.99 -9.35
N PRO B 39 -10.81 -28.82 -9.46
CA PRO B 39 -10.19 -28.24 -8.25
C PRO B 39 -11.20 -27.74 -7.24
N ASP B 40 -12.32 -27.19 -7.69
CA ASP B 40 -13.30 -26.58 -6.81
C ASP B 40 -14.69 -27.09 -7.17
N LYS B 41 -15.69 -26.51 -6.50
CA LYS B 41 -17.10 -26.83 -6.75
C LYS B 41 -17.78 -25.78 -7.61
N VAL B 42 -17.03 -24.86 -8.20
CA VAL B 42 -17.60 -23.79 -9.01
C VAL B 42 -17.90 -24.32 -10.41
N PHE B 43 -18.67 -23.57 -11.18
CA PHE B 43 -19.10 -24.00 -12.50
C PHE B 43 -18.54 -23.08 -13.57
N ARG B 44 -17.82 -23.67 -14.52
CA ARG B 44 -17.31 -22.96 -15.69
C ARG B 44 -17.59 -23.81 -16.92
N SER B 45 -18.09 -23.18 -17.98
CA SER B 45 -18.37 -23.87 -19.22
C SER B 45 -17.83 -23.08 -20.40
N SER B 46 -17.24 -23.79 -21.36
CA SER B 46 -16.71 -23.20 -22.58
C SER B 46 -15.76 -22.04 -22.28
N VAL B 47 -14.79 -22.33 -21.40
CA VAL B 47 -13.82 -21.32 -20.99
C VAL B 47 -12.57 -22.05 -20.52
N LEU B 48 -11.43 -21.37 -20.60
CA LEU B 48 -10.15 -21.91 -20.18
C LEU B 48 -9.71 -21.21 -18.90
N HIS B 49 -9.40 -21.98 -17.87
CA HIS B 49 -8.93 -21.45 -16.61
C HIS B 49 -7.62 -22.12 -16.23
N SER B 50 -6.71 -21.33 -15.67
CA SER B 50 -5.43 -21.82 -15.17
C SER B 50 -5.45 -21.80 -13.66
N THR B 51 -5.02 -22.90 -13.03
CA THR B 51 -5.00 -23.01 -11.59
C THR B 51 -3.70 -23.65 -11.14
N GLN B 52 -3.28 -23.30 -9.93
CA GLN B 52 -2.08 -23.86 -9.31
C GLN B 52 -2.52 -24.76 -8.16
N ASP B 53 -2.22 -26.05 -8.27
CA ASP B 53 -2.64 -27.02 -7.27
C ASP B 53 -1.79 -28.27 -7.43
N LEU B 54 -1.85 -29.12 -6.41
CA LEU B 54 -1.13 -30.40 -6.44
C LEU B 54 -1.69 -31.27 -7.55
N PHE B 55 -0.94 -31.44 -8.63
CA PHE B 55 -1.38 -32.19 -9.78
C PHE B 55 -0.33 -33.25 -10.14
N LEU B 56 -0.79 -34.35 -10.70
CA LEU B 56 0.11 -35.41 -11.12
C LEU B 56 0.81 -35.00 -12.41
N PRO B 57 2.14 -34.94 -12.43
CA PRO B 57 2.84 -34.55 -13.66
C PRO B 57 2.55 -35.51 -14.80
N PHE B 58 2.37 -34.95 -15.99
CA PHE B 58 2.12 -35.77 -17.17
C PHE B 58 3.35 -36.59 -17.53
N PHE B 59 3.11 -37.79 -18.06
CA PHE B 59 4.17 -38.66 -18.59
C PHE B 59 5.21 -38.99 -17.52
N SER B 60 4.81 -38.94 -16.25
CA SER B 60 5.69 -39.39 -15.19
C SER B 60 5.72 -40.91 -15.17
N ASN B 61 6.65 -41.46 -14.38
CA ASN B 61 6.79 -42.90 -14.23
C ASN B 61 6.25 -43.29 -12.86
N VAL B 62 5.17 -44.06 -12.85
CA VAL B 62 4.53 -44.47 -11.62
C VAL B 62 4.92 -45.91 -11.29
N THR B 63 4.68 -46.30 -10.04
CA THR B 63 5.03 -47.63 -9.59
C THR B 63 3.92 -48.62 -9.92
N TRP B 64 4.31 -49.74 -10.53
CA TRP B 64 3.37 -50.76 -10.97
C TRP B 64 3.58 -52.01 -10.13
N PHE B 65 2.50 -52.48 -9.50
CA PHE B 65 2.48 -53.75 -8.81
C PHE B 65 1.52 -54.70 -9.52
N HIS B 66 1.95 -55.95 -9.67
CA HIS B 66 1.15 -56.99 -10.30
C HIS B 66 0.83 -58.05 -9.27
N VAL B 67 -0.45 -58.46 -9.23
CA VAL B 67 -0.93 -59.44 -8.27
C VAL B 67 -1.56 -60.59 -9.03
N ILE B 68 -1.19 -61.81 -8.69
CA ILE B 68 -1.73 -63.00 -9.33
C ILE B 68 -1.69 -64.19 -8.37
N LYS B 75 2.58 -66.48 -8.65
CA LYS B 75 2.11 -66.12 -7.31
C LYS B 75 2.73 -64.81 -6.85
N ARG B 76 2.19 -63.69 -7.33
CA ARG B 76 2.71 -62.36 -7.02
C ARG B 76 1.82 -61.72 -5.96
N PHE B 77 2.41 -61.45 -4.79
CA PHE B 77 1.70 -60.84 -3.67
C PHE B 77 2.43 -59.55 -3.31
N ASP B 78 1.89 -58.42 -3.78
CA ASP B 78 2.48 -57.11 -3.56
C ASP B 78 1.61 -56.33 -2.59
N ASN B 79 2.02 -56.31 -1.32
CA ASN B 79 1.34 -55.53 -0.28
C ASN B 79 2.38 -54.77 0.53
N PRO B 80 3.03 -53.78 -0.05
CA PRO B 80 4.02 -52.99 0.68
C PRO B 80 3.40 -51.75 1.33
N VAL B 81 4.23 -51.06 2.10
CA VAL B 81 3.83 -49.82 2.76
C VAL B 81 4.58 -48.68 2.08
N LEU B 82 3.83 -47.78 1.42
CA LEU B 82 4.44 -46.73 0.64
C LEU B 82 4.30 -45.38 1.33
N PRO B 83 5.30 -44.51 1.20
CA PRO B 83 5.18 -43.16 1.76
C PRO B 83 4.08 -42.36 1.08
N PHE B 84 3.49 -41.45 1.83
CA PHE B 84 2.37 -40.66 1.34
C PHE B 84 2.80 -39.40 0.61
N ASN B 85 3.87 -38.77 1.07
CA ASN B 85 4.38 -37.51 0.49
C ASN B 85 3.24 -36.47 0.60
N ASP B 86 3.06 -35.62 -0.41
CA ASP B 86 2.02 -34.60 -0.38
C ASP B 86 0.71 -35.08 -1.01
N GLY B 87 0.69 -36.26 -1.61
CA GLY B 87 -0.52 -36.75 -2.24
C GLY B 87 -0.24 -38.03 -2.98
N VAL B 88 -1.31 -38.76 -3.27
CA VAL B 88 -1.22 -40.07 -3.88
C VAL B 88 -2.30 -40.20 -4.95
N TYR B 89 -1.91 -40.67 -6.12
CA TYR B 89 -2.84 -41.02 -7.20
C TYR B 89 -2.95 -42.53 -7.27
N PHE B 90 -4.16 -43.04 -7.14
CA PHE B 90 -4.42 -44.48 -7.14
C PHE B 90 -5.24 -44.86 -8.35
N ALA B 91 -4.73 -45.78 -9.15
CA ALA B 91 -5.48 -46.39 -10.24
C ALA B 91 -5.22 -47.88 -10.22
N SER B 92 -6.19 -48.65 -10.73
CA SER B 92 -6.06 -50.10 -10.69
C SER B 92 -6.86 -50.70 -11.84
N ILE B 93 -6.20 -51.51 -12.67
CA ILE B 93 -6.89 -52.31 -13.67
C ILE B 93 -7.53 -53.49 -12.96
N GLU B 94 -8.86 -53.53 -12.96
CA GLU B 94 -9.58 -54.43 -12.08
C GLU B 94 -10.60 -55.26 -12.85
N LYS B 95 -10.80 -56.48 -12.36
CA LYS B 95 -11.93 -57.31 -12.75
C LYS B 95 -12.29 -58.17 -11.55
N SER B 96 -13.58 -58.33 -11.30
CA SER B 96 -14.15 -59.07 -10.18
C SER B 96 -13.87 -58.41 -8.83
N ASN B 97 -13.38 -57.16 -8.83
CA ASN B 97 -13.24 -56.35 -7.61
C ASN B 97 -12.32 -57.02 -6.59
N ILE B 98 -11.07 -57.25 -7.01
CA ILE B 98 -10.09 -57.83 -6.12
C ILE B 98 -9.68 -56.84 -5.03
N ILE B 99 -9.43 -55.59 -5.42
CA ILE B 99 -9.04 -54.56 -4.44
C ILE B 99 -10.24 -54.20 -3.59
N ARG B 100 -10.05 -54.16 -2.27
CA ARG B 100 -11.14 -53.90 -1.34
C ARG B 100 -11.06 -52.55 -0.66
N GLY B 101 -9.90 -52.17 -0.14
CA GLY B 101 -9.81 -50.93 0.60
C GLY B 101 -8.37 -50.50 0.83
N TRP B 102 -8.23 -49.48 1.67
CA TRP B 102 -6.94 -48.86 1.94
C TRP B 102 -6.77 -48.66 3.44
N ILE B 103 -5.53 -48.59 3.87
CA ILE B 103 -5.18 -48.34 5.26
C ILE B 103 -4.24 -47.15 5.30
N PHE B 104 -4.55 -46.16 6.13
CA PHE B 104 -3.78 -44.93 6.22
C PHE B 104 -3.33 -44.69 7.65
N GLY B 105 -2.14 -44.11 7.79
CA GLY B 105 -1.61 -43.82 9.09
C GLY B 105 -0.13 -43.46 9.00
N THR B 106 0.49 -43.36 10.17
CA THR B 106 1.91 -43.07 10.28
C THR B 106 2.68 -44.24 10.89
N THR B 107 2.28 -44.69 12.08
CA THR B 107 2.96 -45.77 12.77
C THR B 107 2.31 -47.12 12.55
N LEU B 108 1.07 -47.15 12.04
CA LEU B 108 0.38 -48.39 11.66
C LEU B 108 0.22 -49.33 12.87
N ASP B 109 0.01 -48.75 14.04
CA ASP B 109 -0.24 -49.53 15.25
C ASP B 109 -1.11 -48.70 16.19
N SER B 110 -1.31 -49.21 17.39
CA SER B 110 -2.17 -48.56 18.38
C SER B 110 -1.54 -47.31 18.98
N LYS B 111 -0.24 -47.09 18.77
CA LYS B 111 0.42 -45.93 19.36
C LYS B 111 -0.16 -44.63 18.80
N THR B 112 -0.41 -44.58 17.50
CA THR B 112 -0.96 -43.42 16.83
C THR B 112 -2.26 -43.80 16.13
N GLN B 113 -3.25 -42.92 16.21
CA GLN B 113 -4.52 -43.17 15.56
C GLN B 113 -4.35 -43.28 14.06
N SER B 114 -4.97 -44.29 13.46
CA SER B 114 -4.84 -44.58 12.04
C SER B 114 -6.21 -44.52 11.39
N LEU B 115 -6.24 -44.79 10.10
CA LEU B 115 -7.43 -44.66 9.28
C LEU B 115 -7.69 -45.96 8.52
N LEU B 116 -8.97 -46.25 8.30
CA LEU B 116 -9.36 -47.48 7.62
C LEU B 116 -10.52 -47.21 6.66
N ILE B 117 -10.41 -47.74 5.46
CA ILE B 117 -11.48 -47.72 4.46
C ILE B 117 -11.61 -49.11 3.87
N VAL B 118 -12.82 -49.68 3.96
CA VAL B 118 -13.10 -50.99 3.36
C VAL B 118 -14.49 -50.93 2.72
N ASN B 119 -14.58 -51.44 1.50
CA ASN B 119 -15.84 -51.60 0.77
C ASN B 119 -16.17 -53.09 0.78
N ASN B 120 -16.90 -53.53 1.80
CA ASN B 120 -17.28 -54.93 1.93
C ASN B 120 -18.40 -55.22 0.93
N ALA B 121 -18.98 -56.42 1.02
CA ALA B 121 -20.00 -56.84 0.07
C ALA B 121 -21.29 -56.04 0.20
N THR B 122 -21.46 -55.25 1.25
CA THR B 122 -22.69 -54.51 1.49
C THR B 122 -22.54 -53.01 1.38
N ASN B 123 -21.47 -52.45 1.95
CA ASN B 123 -21.36 -51.00 2.07
C ASN B 123 -19.88 -50.62 2.03
N VAL B 124 -19.58 -49.40 2.46
CA VAL B 124 -18.22 -48.94 2.69
C VAL B 124 -18.07 -48.61 4.16
N VAL B 125 -16.93 -48.98 4.73
CA VAL B 125 -16.66 -48.81 6.15
C VAL B 125 -15.63 -47.71 6.30
N ILE B 126 -16.00 -46.65 7.01
CA ILE B 126 -15.10 -45.53 7.30
C ILE B 126 -14.94 -45.45 8.80
N LYS B 127 -13.71 -45.65 9.27
CA LYS B 127 -13.42 -45.62 10.71
C LYS B 127 -12.04 -45.03 10.92
N VAL B 128 -11.94 -44.07 11.83
CA VAL B 128 -10.66 -43.57 12.32
C VAL B 128 -10.54 -43.94 13.79
N CYS B 129 -9.51 -44.71 14.12
CA CYS B 129 -9.38 -45.27 15.46
C CYS B 129 -7.95 -45.76 15.63
N GLU B 130 -7.54 -45.88 16.89
CA GLU B 130 -6.20 -46.37 17.22
C GLU B 130 -6.17 -47.88 16.99
N PHE B 131 -6.18 -48.26 15.71
CA PHE B 131 -6.21 -49.66 15.35
C PHE B 131 -4.87 -50.33 15.67
N GLN B 132 -4.90 -51.65 15.73
CA GLN B 132 -3.69 -52.47 15.84
C GLN B 132 -3.71 -53.42 14.66
N PHE B 133 -3.05 -53.03 13.58
CA PHE B 133 -3.15 -53.74 12.31
C PHE B 133 -2.36 -55.03 12.34
N CYS B 134 -2.90 -56.04 11.66
CA CYS B 134 -2.17 -57.29 11.47
C CYS B 134 -0.93 -57.04 10.61
N ASN B 135 0.07 -57.91 10.77
CA ASN B 135 1.29 -57.77 9.98
C ASN B 135 1.01 -57.94 8.49
N ASP B 136 0.13 -58.88 8.14
CA ASP B 136 -0.25 -59.14 6.76
C ASP B 136 -1.76 -59.02 6.65
N PRO B 137 -2.28 -57.79 6.51
CA PRO B 137 -3.73 -57.60 6.42
C PRO B 137 -4.26 -58.03 5.06
N PHE B 138 -5.33 -58.82 5.08
CA PHE B 138 -5.98 -59.28 3.85
C PHE B 138 -7.38 -59.74 4.18
N LEU B 139 -8.13 -60.10 3.14
CA LEU B 139 -9.49 -60.58 3.27
C LEU B 139 -9.66 -61.90 2.53
N ASP B 140 -10.64 -62.68 2.97
CA ASP B 140 -10.92 -63.98 2.36
C ASP B 140 -12.40 -64.12 2.02
N MET B 148 -16.69 -66.73 -2.16
CA MET B 148 -17.41 -66.17 -1.04
C MET B 148 -16.42 -65.58 -0.03
N GLU B 149 -16.72 -64.39 0.47
CA GLU B 149 -15.80 -63.63 1.32
C GLU B 149 -16.45 -63.39 2.67
N SER B 150 -15.99 -64.12 3.69
CA SER B 150 -16.50 -63.95 5.05
C SER B 150 -15.40 -64.09 6.09
N GLU B 151 -14.16 -63.70 5.77
CA GLU B 151 -13.05 -63.79 6.71
C GLU B 151 -12.26 -62.50 6.63
N PHE B 152 -12.38 -61.67 7.66
CA PHE B 152 -11.72 -60.37 7.72
C PHE B 152 -10.63 -60.42 8.78
N ARG B 153 -9.36 -60.40 8.33
CA ARG B 153 -8.20 -60.39 9.22
C ARG B 153 -7.26 -59.29 8.74
N VAL B 154 -7.49 -58.07 9.24
CA VAL B 154 -6.69 -56.92 8.81
C VAL B 154 -6.21 -56.13 10.03
N TYR B 155 -6.82 -56.38 11.18
CA TYR B 155 -6.44 -55.69 12.41
C TYR B 155 -6.81 -56.57 13.59
N SER B 156 -6.27 -56.22 14.76
CA SER B 156 -6.49 -56.98 15.97
C SER B 156 -7.26 -56.22 17.05
N SER B 157 -7.20 -54.90 17.08
CA SER B 157 -7.86 -54.14 18.12
C SER B 157 -8.09 -52.70 17.67
N ALA B 158 -8.95 -52.01 18.40
CA ALA B 158 -9.22 -50.58 18.19
C ALA B 158 -9.40 -49.94 19.56
N ASN B 159 -8.59 -48.92 19.86
CA ASN B 159 -8.51 -48.38 21.21
C ASN B 159 -9.34 -47.11 21.41
N ASN B 160 -9.04 -46.05 20.67
CA ASN B 160 -9.71 -44.76 20.83
C ASN B 160 -10.25 -44.32 19.48
N CYS B 161 -11.54 -44.55 19.26
CA CYS B 161 -12.19 -44.25 18.00
C CYS B 161 -12.75 -42.83 18.04
N THR B 162 -12.63 -42.11 16.93
CA THR B 162 -13.08 -40.74 16.83
C THR B 162 -14.28 -40.55 15.92
N PHE B 163 -14.20 -40.99 14.67
CA PHE B 163 -15.26 -40.78 13.69
C PHE B 163 -15.54 -42.09 12.97
N GLU B 164 -16.82 -42.32 12.65
CA GLU B 164 -17.25 -43.47 11.89
C GLU B 164 -18.24 -43.03 10.82
N TYR B 165 -18.31 -43.81 9.74
CA TYR B 165 -19.22 -43.49 8.64
C TYR B 165 -19.48 -44.75 7.83
N VAL B 166 -20.73 -44.92 7.41
CA VAL B 166 -21.15 -46.00 6.52
C VAL B 166 -22.00 -45.38 5.42
N SER B 167 -21.71 -45.74 4.17
CA SER B 167 -22.43 -45.20 3.04
C SER B 167 -22.63 -46.31 2.01
N GLN B 168 -23.10 -45.92 0.82
CA GLN B 168 -23.28 -46.87 -0.26
C GLN B 168 -21.93 -47.41 -0.73
N PRO B 169 -21.88 -48.66 -1.19
CA PRO B 169 -20.62 -49.20 -1.70
C PRO B 169 -20.13 -48.41 -2.91
N PHE B 170 -18.81 -48.23 -2.98
CA PHE B 170 -18.22 -47.48 -4.08
C PHE B 170 -18.46 -48.16 -5.43
N LEU B 171 -18.35 -49.48 -5.46
CA LEU B 171 -18.51 -50.23 -6.70
C LEU B 171 -19.77 -51.09 -6.66
N ASN B 180 -11.04 -60.55 -20.08
CA ASN B 180 -11.02 -59.18 -20.57
C ASN B 180 -11.19 -58.18 -19.43
N PHE B 181 -10.17 -57.33 -19.24
CA PHE B 181 -10.28 -56.26 -18.27
C PHE B 181 -11.38 -55.30 -18.67
N LYS B 182 -12.29 -55.01 -17.74
CA LYS B 182 -13.46 -54.19 -18.03
C LYS B 182 -13.74 -53.11 -17.00
N ASN B 183 -12.91 -52.96 -15.98
CA ASN B 183 -13.12 -51.95 -14.95
C ASN B 183 -11.83 -51.19 -14.72
N LEU B 184 -11.90 -49.86 -14.84
CA LEU B 184 -10.79 -48.96 -14.54
C LEU B 184 -11.26 -47.99 -13.46
N ARG B 185 -10.56 -47.98 -12.33
CA ARG B 185 -10.92 -47.16 -11.19
C ARG B 185 -9.77 -46.23 -10.84
N GLU B 186 -10.04 -44.93 -10.82
CA GLU B 186 -9.06 -43.92 -10.49
C GLU B 186 -9.39 -43.31 -9.14
N PHE B 187 -8.38 -43.14 -8.30
CA PHE B 187 -8.55 -42.55 -6.98
C PHE B 187 -7.43 -41.58 -6.69
N VAL B 188 -7.78 -40.43 -6.13
CA VAL B 188 -6.83 -39.42 -5.71
C VAL B 188 -7.11 -39.08 -4.26
N PHE B 189 -6.10 -39.26 -3.40
CA PHE B 189 -6.23 -39.00 -1.98
C PHE B 189 -5.34 -37.84 -1.60
N LYS B 190 -5.90 -36.87 -0.88
CA LYS B 190 -5.19 -35.69 -0.44
C LYS B 190 -5.53 -35.39 1.01
N ASN B 191 -4.65 -34.65 1.68
CA ASN B 191 -4.83 -34.27 3.08
C ASN B 191 -4.34 -32.83 3.25
N ILE B 192 -5.27 -31.88 3.18
CA ILE B 192 -4.97 -30.47 3.34
C ILE B 192 -5.89 -29.89 4.41
N ASP B 193 -5.31 -29.15 5.36
CA ASP B 193 -6.06 -28.43 6.38
C ASP B 193 -6.94 -29.38 7.19
N GLY B 194 -6.39 -30.54 7.54
CA GLY B 194 -7.14 -31.50 8.31
C GLY B 194 -8.29 -32.16 7.59
N TYR B 195 -8.42 -31.92 6.28
CA TYR B 195 -9.46 -32.52 5.46
C TYR B 195 -8.85 -33.60 4.59
N PHE B 196 -9.58 -34.70 4.45
CA PHE B 196 -9.16 -35.82 3.61
C PHE B 196 -10.06 -35.83 2.38
N LYS B 197 -9.53 -35.40 1.25
CA LYS B 197 -10.29 -35.34 0.02
C LYS B 197 -10.06 -36.59 -0.82
N ILE B 198 -11.14 -37.13 -1.37
CA ILE B 198 -11.11 -38.32 -2.20
C ILE B 198 -11.77 -38.02 -3.52
N TYR B 199 -11.10 -38.38 -4.62
CA TYR B 199 -11.62 -38.17 -5.97
C TYR B 199 -11.68 -39.52 -6.68
N SER B 200 -12.80 -39.78 -7.34
CA SER B 200 -13.06 -41.09 -7.90
C SER B 200 -13.60 -40.97 -9.31
N LYS B 201 -13.43 -42.04 -10.09
CA LYS B 201 -13.98 -42.14 -11.42
C LYS B 201 -13.98 -43.60 -11.82
N HIS B 202 -15.12 -44.09 -12.30
CA HIS B 202 -15.29 -45.46 -12.73
C HIS B 202 -15.34 -45.51 -14.26
N THR B 203 -14.48 -46.34 -14.85
CA THR B 203 -14.33 -46.37 -16.30
C THR B 203 -14.22 -47.81 -16.79
N PRO B 204 -14.99 -48.18 -17.82
CA PRO B 204 -14.79 -49.49 -18.46
C PRO B 204 -13.85 -49.38 -19.66
N ILE B 205 -12.99 -50.39 -19.80
CA ILE B 205 -12.03 -50.42 -20.89
C ILE B 205 -12.17 -51.71 -21.69
N ASP B 213 -1.51 -52.40 -19.72
CA ASP B 213 -0.97 -51.20 -19.08
C ASP B 213 -2.00 -50.08 -19.08
N LEU B 214 -1.58 -48.88 -18.71
CA LEU B 214 -2.48 -47.75 -18.64
C LEU B 214 -2.92 -47.31 -20.03
N PRO B 215 -4.22 -47.26 -20.31
CA PRO B 215 -4.67 -46.80 -21.63
C PRO B 215 -4.59 -45.29 -21.78
N GLN B 216 -4.51 -44.86 -23.03
CA GLN B 216 -4.46 -43.43 -23.35
C GLN B 216 -5.88 -42.88 -23.35
N GLY B 217 -6.04 -41.65 -22.88
CA GLY B 217 -7.34 -41.02 -22.87
C GLY B 217 -7.33 -39.81 -21.95
N PHE B 218 -8.53 -39.34 -21.63
CA PHE B 218 -8.70 -38.25 -20.67
C PHE B 218 -10.02 -38.40 -19.96
N SER B 219 -10.00 -38.28 -18.64
CA SER B 219 -11.21 -38.39 -17.82
C SER B 219 -10.96 -37.70 -16.50
N ALA B 220 -11.63 -36.58 -16.27
CA ALA B 220 -11.48 -35.87 -15.01
C ALA B 220 -12.09 -36.65 -13.87
N LEU B 221 -11.64 -36.36 -12.66
CA LEU B 221 -12.08 -37.06 -11.45
C LEU B 221 -12.89 -36.10 -10.58
N GLU B 222 -14.10 -36.51 -10.24
CA GLU B 222 -14.95 -35.69 -9.38
C GLU B 222 -14.59 -35.89 -7.92
N PRO B 223 -14.81 -34.87 -7.08
CA PRO B 223 -14.56 -35.03 -5.64
C PRO B 223 -15.67 -35.83 -4.98
N LEU B 224 -15.29 -36.98 -4.42
CA LEU B 224 -16.27 -37.92 -3.89
C LEU B 224 -16.74 -37.52 -2.49
N VAL B 225 -15.86 -37.55 -1.51
CA VAL B 225 -16.20 -37.30 -0.11
C VAL B 225 -15.05 -36.53 0.53
N ASP B 226 -15.39 -35.60 1.42
CA ASP B 226 -14.42 -34.87 2.21
C ASP B 226 -14.51 -35.34 3.67
N LEU B 227 -13.36 -35.64 4.26
CA LEU B 227 -13.31 -36.12 5.64
C LEU B 227 -12.64 -35.07 6.53
N PRO B 228 -13.36 -34.44 7.45
CA PRO B 228 -12.75 -33.47 8.38
C PRO B 228 -12.12 -34.16 9.59
N ILE B 229 -11.08 -34.93 9.34
CA ILE B 229 -10.47 -35.80 10.34
C ILE B 229 -9.36 -35.07 11.11
N GLY B 230 -8.33 -34.62 10.41
CA GLY B 230 -7.26 -33.85 11.04
C GLY B 230 -6.18 -34.68 11.69
N ILE B 231 -5.72 -35.73 11.01
CA ILE B 231 -4.55 -36.48 11.43
C ILE B 231 -3.54 -36.41 10.30
N ASN B 232 -2.25 -36.50 10.60
CA ASN B 232 -1.25 -36.42 9.55
C ASN B 232 -0.94 -37.82 9.05
N ILE B 233 -0.80 -37.96 7.75
CA ILE B 233 -0.58 -39.26 7.11
C ILE B 233 0.77 -39.23 6.43
N THR B 234 1.60 -40.24 6.68
CA THR B 234 2.89 -40.36 6.03
C THR B 234 3.07 -41.65 5.27
N ARG B 235 2.28 -42.68 5.55
CA ARG B 235 2.40 -43.97 4.88
C ARG B 235 1.02 -44.57 4.72
N PHE B 236 0.94 -45.64 3.94
CA PHE B 236 -0.34 -46.31 3.74
C PHE B 236 -0.07 -47.74 3.28
N GLN B 237 -1.17 -48.48 3.10
CA GLN B 237 -1.10 -49.80 2.49
C GLN B 237 -2.50 -50.21 2.04
N THR B 238 -2.58 -50.78 0.85
CA THR B 238 -3.86 -51.17 0.30
C THR B 238 -4.34 -52.48 0.93
N LEU B 239 -5.59 -52.84 0.64
CA LEU B 239 -6.21 -54.05 1.14
C LEU B 239 -6.75 -54.88 -0.01
N LEU B 240 -6.56 -56.19 0.06
CA LEU B 240 -6.93 -57.11 -1.00
C LEU B 240 -7.85 -58.20 -0.46
N ALA B 241 -8.43 -58.97 -1.38
CA ALA B 241 -9.28 -60.11 -1.05
C ALA B 241 -8.66 -61.35 -1.68
N LEU B 242 -8.55 -62.42 -0.90
CA LEU B 242 -7.94 -63.66 -1.36
C LEU B 242 -8.97 -64.78 -1.39
N HIS B 243 -9.09 -65.43 -2.54
CA HIS B 243 -9.98 -66.56 -2.70
C HIS B 243 -9.30 -67.83 -2.15
N ARG B 244 -10.02 -68.54 -1.29
CA ARG B 244 -9.53 -69.80 -0.73
C ARG B 244 -10.22 -70.96 -1.43
N SER B 245 -9.42 -71.93 -1.86
CA SER B 245 -9.95 -73.11 -2.55
C SER B 245 -9.65 -74.38 -1.77
N GLY B 255 -4.70 -74.12 -1.21
CA GLY B 255 -4.35 -72.86 -0.59
C GLY B 255 -5.26 -71.73 -1.01
N TRP B 256 -4.71 -70.52 -1.05
CA TRP B 256 -5.46 -69.33 -1.45
C TRP B 256 -5.01 -68.89 -2.84
N THR B 257 -5.98 -68.56 -3.68
CA THR B 257 -5.74 -68.19 -5.07
C THR B 257 -6.06 -66.73 -5.28
N ALA B 258 -5.14 -66.01 -5.92
CA ALA B 258 -5.29 -64.59 -6.22
C ALA B 258 -5.49 -64.41 -7.72
N GLY B 259 -6.49 -63.63 -8.09
CA GLY B 259 -6.81 -63.41 -9.47
C GLY B 259 -5.89 -62.41 -10.14
N ALA B 260 -6.13 -62.18 -11.42
CA ALA B 260 -5.29 -61.31 -12.24
C ALA B 260 -5.77 -59.87 -12.08
N ALA B 261 -4.95 -59.04 -11.45
CA ALA B 261 -5.25 -57.62 -11.30
C ALA B 261 -3.97 -56.87 -10.99
N ALA B 262 -4.01 -55.56 -11.15
CA ALA B 262 -2.87 -54.71 -10.88
C ALA B 262 -3.35 -53.33 -10.47
N TYR B 263 -2.47 -52.59 -9.80
CA TYR B 263 -2.79 -51.25 -9.35
C TYR B 263 -1.56 -50.37 -9.51
N TYR B 264 -1.81 -49.07 -9.66
CA TYR B 264 -0.78 -48.08 -9.91
C TYR B 264 -0.78 -47.04 -8.81
N VAL B 265 0.38 -46.50 -8.50
CA VAL B 265 0.52 -45.48 -7.46
C VAL B 265 1.27 -44.30 -8.05
N GLY B 266 0.65 -43.11 -7.97
CA GLY B 266 1.30 -41.89 -8.40
C GLY B 266 1.42 -40.92 -7.23
N TYR B 267 2.25 -39.92 -7.42
CA TYR B 267 2.54 -38.94 -6.38
C TYR B 267 2.28 -37.53 -6.89
N LEU B 268 1.53 -36.76 -6.10
CA LEU B 268 1.13 -35.41 -6.49
C LEU B 268 2.29 -34.44 -6.25
N GLN B 269 2.32 -33.39 -7.06
CA GLN B 269 3.33 -32.35 -6.96
C GLN B 269 2.69 -31.00 -7.22
N PRO B 270 3.23 -29.93 -6.62
CA PRO B 270 2.68 -28.59 -6.86
C PRO B 270 3.08 -28.07 -8.23
N ARG B 271 2.13 -28.06 -9.16
CA ARG B 271 2.35 -27.55 -10.50
C ARG B 271 1.19 -26.63 -10.88
N THR B 272 1.29 -26.05 -12.07
CA THR B 272 0.26 -25.20 -12.62
C THR B 272 -0.30 -25.86 -13.88
N PHE B 273 -1.63 -25.94 -13.96
CA PHE B 273 -2.29 -26.52 -15.12
C PHE B 273 -3.23 -25.50 -15.73
N LEU B 274 -3.46 -25.66 -17.03
CA LEU B 274 -4.50 -24.93 -17.75
C LEU B 274 -5.54 -25.96 -18.20
N LEU B 275 -6.78 -25.75 -17.80
CA LEU B 275 -7.84 -26.72 -18.03
C LEU B 275 -8.93 -26.12 -18.91
N LYS B 276 -9.48 -26.94 -19.79
CA LYS B 276 -10.49 -26.50 -20.76
C LYS B 276 -11.82 -27.11 -20.39
N TYR B 277 -12.81 -26.26 -20.15
CA TYR B 277 -14.18 -26.69 -19.86
C TYR B 277 -14.99 -26.66 -21.14
N ASN B 278 -15.81 -27.69 -21.33
CA ASN B 278 -16.67 -27.77 -22.51
C ASN B 278 -17.95 -26.97 -22.25
N GLU B 279 -18.89 -27.05 -23.19
CA GLU B 279 -20.14 -26.30 -23.02
C GLU B 279 -21.07 -26.99 -22.03
N ASN B 280 -20.92 -28.30 -21.83
CA ASN B 280 -21.68 -28.96 -20.78
C ASN B 280 -21.36 -28.37 -19.42
N GLY B 281 -20.09 -28.11 -19.17
CA GLY B 281 -19.60 -27.72 -17.85
C GLY B 281 -18.54 -28.63 -17.29
N THR B 282 -18.03 -29.60 -18.06
CA THR B 282 -17.05 -30.55 -17.58
C THR B 282 -15.70 -30.35 -18.28
N ILE B 283 -14.66 -30.87 -17.65
CA ILE B 283 -13.30 -30.75 -18.17
C ILE B 283 -13.12 -31.77 -19.30
N THR B 284 -12.53 -31.32 -20.41
CA THR B 284 -12.26 -32.17 -21.55
C THR B 284 -10.78 -32.31 -21.86
N ASP B 285 -9.99 -31.25 -21.72
CA ASP B 285 -8.56 -31.31 -22.00
C ASP B 285 -7.82 -30.37 -21.05
N ALA B 286 -6.57 -30.71 -20.76
CA ALA B 286 -5.72 -29.90 -19.91
C ALA B 286 -4.31 -29.91 -20.46
N VAL B 287 -3.55 -28.86 -20.14
CA VAL B 287 -2.20 -28.69 -20.63
C VAL B 287 -1.29 -28.40 -19.45
N ASP B 288 -0.26 -29.22 -19.29
CA ASP B 288 0.75 -28.98 -18.25
C ASP B 288 1.53 -27.73 -18.61
N CYS B 289 1.80 -26.89 -17.61
CA CYS B 289 2.47 -25.62 -17.84
C CYS B 289 3.97 -25.66 -17.53
N ALA B 290 4.53 -26.82 -17.22
CA ALA B 290 5.96 -26.89 -16.96
C ALA B 290 6.61 -28.15 -17.54
N LEU B 291 5.95 -28.83 -18.47
CA LEU B 291 6.48 -30.09 -18.96
C LEU B 291 7.59 -29.88 -19.98
N ASP B 292 7.27 -29.26 -21.10
CA ASP B 292 8.22 -28.97 -22.17
C ASP B 292 7.98 -27.54 -22.65
N PRO B 293 8.98 -26.94 -23.29
CA PRO B 293 8.84 -25.52 -23.67
C PRO B 293 7.62 -25.23 -24.54
N LEU B 294 7.21 -26.17 -25.39
CA LEU B 294 6.03 -25.94 -26.22
C LEU B 294 4.79 -25.74 -25.36
N SER B 295 4.58 -26.61 -24.37
CA SER B 295 3.42 -26.48 -23.51
C SER B 295 3.48 -25.19 -22.69
N GLU B 296 4.68 -24.80 -22.27
CA GLU B 296 4.83 -23.53 -21.56
C GLU B 296 4.34 -22.36 -22.40
N THR B 297 4.62 -22.38 -23.70
CA THR B 297 4.12 -21.32 -24.59
C THR B 297 2.61 -21.28 -24.62
N LYS B 298 1.96 -22.46 -24.68
CA LYS B 298 0.51 -22.51 -24.63
C LYS B 298 -0.01 -21.90 -23.34
N CYS B 299 0.64 -22.21 -22.22
CA CYS B 299 0.21 -21.66 -20.93
C CYS B 299 0.35 -20.15 -20.91
N THR B 300 1.44 -19.61 -21.46
CA THR B 300 1.65 -18.17 -21.46
C THR B 300 0.57 -17.47 -22.28
N LEU B 301 0.27 -17.99 -23.45
CA LEU B 301 -0.78 -17.41 -24.29
C LEU B 301 -2.17 -17.74 -23.80
N LYS B 302 -2.31 -18.66 -22.85
CA LYS B 302 -3.62 -19.11 -22.36
C LYS B 302 -4.49 -19.60 -23.52
N SER B 303 -3.86 -20.33 -24.45
CA SER B 303 -4.56 -20.87 -25.60
C SER B 303 -4.02 -22.27 -25.89
N PHE B 304 -4.86 -23.09 -26.52
CA PHE B 304 -4.49 -24.45 -26.86
C PHE B 304 -3.81 -24.57 -28.23
N THR B 305 -3.86 -23.52 -29.05
CA THR B 305 -3.19 -23.49 -30.33
C THR B 305 -2.32 -22.25 -30.41
N VAL B 306 -1.07 -22.43 -30.81
CA VAL B 306 -0.09 -21.36 -30.85
C VAL B 306 0.20 -21.04 -32.31
N GLU B 307 0.02 -19.79 -32.69
CA GLU B 307 0.27 -19.38 -34.07
C GLU B 307 1.76 -19.31 -34.34
N LYS B 308 2.11 -19.44 -35.62
CA LYS B 308 3.50 -19.38 -36.03
C LYS B 308 4.13 -18.06 -35.63
N GLY B 309 5.32 -18.13 -35.06
CA GLY B 309 6.04 -16.96 -34.63
C GLY B 309 6.97 -17.30 -33.48
N ILE B 310 7.49 -16.25 -32.85
CA ILE B 310 8.40 -16.38 -31.70
C ILE B 310 7.74 -15.72 -30.50
N TYR B 311 7.83 -16.40 -29.35
CA TYR B 311 7.18 -15.93 -28.14
C TYR B 311 8.14 -16.02 -26.97
N GLN B 312 7.95 -15.13 -26.00
CA GLN B 312 8.73 -15.11 -24.77
C GLN B 312 7.94 -15.79 -23.67
N THR B 313 8.55 -16.78 -23.02
CA THR B 313 7.87 -17.58 -22.00
C THR B 313 8.34 -17.24 -20.59
N SER B 314 9.62 -17.39 -20.30
CA SER B 314 10.10 -17.25 -18.94
C SER B 314 11.59 -16.92 -18.98
N ASN B 315 12.25 -17.03 -17.83
CA ASN B 315 13.65 -16.65 -17.68
C ASN B 315 14.48 -17.86 -17.29
N PHE B 316 15.73 -17.86 -17.74
CA PHE B 316 16.70 -18.89 -17.39
C PHE B 316 17.63 -18.35 -16.31
N ARG B 317 17.73 -19.09 -15.21
CA ARG B 317 18.52 -18.66 -14.07
C ARG B 317 19.33 -19.83 -13.55
N VAL B 318 20.62 -19.61 -13.31
CA VAL B 318 21.47 -20.64 -12.75
C VAL B 318 21.40 -20.55 -11.23
N GLN B 319 21.01 -21.64 -10.59
CA GLN B 319 20.78 -21.63 -9.14
C GLN B 319 22.09 -21.86 -8.39
N PRO B 320 22.47 -20.96 -7.48
CA PRO B 320 23.67 -21.18 -6.67
C PRO B 320 23.51 -22.38 -5.75
N THR B 321 24.64 -23.06 -5.50
CA THR B 321 24.58 -24.29 -4.72
C THR B 321 25.62 -24.35 -3.60
N GLU B 322 26.32 -23.27 -3.30
CA GLU B 322 27.30 -23.27 -2.21
C GLU B 322 27.19 -21.97 -1.42
N SER B 323 27.69 -22.02 -0.19
CA SER B 323 27.70 -20.86 0.70
C SER B 323 29.14 -20.56 1.13
N ILE B 324 29.53 -19.29 1.02
CA ILE B 324 30.88 -18.87 1.38
C ILE B 324 30.82 -17.75 2.40
N VAL B 325 30.94 -18.09 3.67
CA VAL B 325 31.01 -17.06 4.71
C VAL B 325 32.47 -16.67 4.91
N ARG B 326 32.73 -15.36 4.89
CA ARG B 326 34.07 -14.83 5.06
C ARG B 326 34.07 -13.81 6.18
N PHE B 327 34.77 -14.13 7.27
CA PHE B 327 34.94 -13.26 8.41
C PHE B 327 36.41 -13.31 8.80
N PRO B 328 36.93 -12.29 9.51
CA PRO B 328 38.38 -12.27 9.78
C PRO B 328 38.84 -13.41 10.65
N ASN B 329 40.15 -13.44 10.95
CA ASN B 329 40.69 -14.48 11.86
C ASN B 329 40.51 -13.97 13.30
N ILE B 330 39.29 -14.05 13.83
CA ILE B 330 39.00 -13.49 15.18
C ILE B 330 40.05 -14.01 16.16
N THR B 331 40.76 -13.10 16.85
CA THR B 331 41.80 -13.49 17.84
C THR B 331 41.73 -12.51 19.02
N ASN B 332 40.55 -12.34 19.62
CA ASN B 332 40.37 -11.41 20.73
C ASN B 332 39.93 -12.14 21.98
N LEU B 333 40.61 -13.24 22.32
CA LEU B 333 40.15 -14.11 23.40
C LEU B 333 40.01 -13.35 24.72
N CYS B 334 38.83 -13.45 25.33
CA CYS B 334 38.57 -12.78 26.60
C CYS B 334 39.33 -13.44 27.73
N PRO B 335 39.69 -12.69 28.77
CA PRO B 335 40.43 -13.24 29.91
C PRO B 335 39.57 -14.10 30.84
N PHE B 336 38.86 -15.06 30.27
CA PHE B 336 38.11 -16.02 31.06
C PHE B 336 39.00 -17.04 31.76
N ASP B 337 40.21 -17.26 31.24
CA ASP B 337 41.15 -18.16 31.90
C ASP B 337 41.51 -17.67 33.28
N GLU B 338 41.77 -16.37 33.43
CA GLU B 338 42.09 -15.81 34.73
C GLU B 338 40.89 -15.88 35.67
N VAL B 339 39.69 -15.63 35.14
CA VAL B 339 38.50 -15.59 35.99
C VAL B 339 38.14 -16.97 36.50
N PHE B 340 38.23 -18.00 35.65
CA PHE B 340 37.75 -19.31 36.03
C PHE B 340 38.85 -20.18 36.63
N ASN B 341 40.04 -20.16 36.04
CA ASN B 341 41.14 -21.02 36.47
C ASN B 341 41.95 -20.42 37.61
N ALA B 342 41.39 -19.45 38.33
CA ALA B 342 42.10 -18.88 39.48
C ALA B 342 42.08 -19.87 40.64
N THR B 343 43.25 -20.07 41.25
CA THR B 343 43.36 -21.05 42.33
C THR B 343 42.55 -20.63 43.55
N ARG B 344 42.56 -19.35 43.88
CA ARG B 344 41.86 -18.83 45.05
C ARG B 344 40.80 -17.83 44.60
N PHE B 345 39.56 -18.06 45.01
CA PHE B 345 38.47 -17.15 44.68
C PHE B 345 38.17 -16.22 45.85
N ALA B 346 37.45 -15.15 45.55
CA ALA B 346 37.05 -14.18 46.56
C ALA B 346 35.98 -14.76 47.48
N SER B 347 35.86 -14.16 48.66
CA SER B 347 34.79 -14.53 49.57
C SER B 347 33.45 -14.07 49.03
N VAL B 348 32.37 -14.73 49.48
CA VAL B 348 31.05 -14.40 48.98
C VAL B 348 30.61 -13.01 49.44
N TYR B 349 30.93 -12.64 50.68
CA TYR B 349 30.57 -11.32 51.16
C TYR B 349 31.40 -10.24 50.45
N ALA B 350 32.70 -10.47 50.31
CA ALA B 350 33.57 -9.58 49.54
C ALA B 350 33.81 -10.15 48.15
N TRP B 351 32.74 -10.26 47.38
CA TRP B 351 32.83 -10.86 46.06
C TRP B 351 33.62 -9.96 45.11
N ASN B 352 34.46 -10.58 44.30
CA ASN B 352 35.25 -9.82 43.33
C ASN B 352 34.37 -9.39 42.16
N ARG B 353 34.82 -8.33 41.47
CA ARG B 353 34.13 -7.82 40.29
C ARG B 353 35.16 -7.64 39.18
N LYS B 354 34.82 -8.12 37.99
CA LYS B 354 35.71 -8.05 36.84
C LYS B 354 34.96 -7.48 35.64
N ARG B 355 35.64 -6.65 34.86
CA ARG B 355 35.11 -6.05 33.67
C ARG B 355 35.69 -6.74 32.44
N ILE B 356 34.81 -7.18 31.54
CA ILE B 356 35.22 -7.86 30.32
C ILE B 356 34.74 -7.05 29.13
N SER B 357 35.68 -6.59 28.31
CA SER B 357 35.35 -5.76 27.15
C SER B 357 36.51 -5.82 26.16
N ASN B 358 36.24 -5.38 24.94
CA ASN B 358 37.23 -5.33 23.86
C ASN B 358 37.86 -6.71 23.63
N CYS B 359 37.01 -7.73 23.64
CA CYS B 359 37.47 -9.10 23.43
C CYS B 359 36.30 -9.93 22.93
N VAL B 360 36.63 -11.05 22.29
CA VAL B 360 35.62 -11.98 21.79
C VAL B 360 35.51 -13.13 22.77
N ALA B 361 34.27 -13.49 23.12
CA ALA B 361 33.99 -14.49 24.14
C ALA B 361 33.85 -15.86 23.47
N ASP B 362 34.78 -16.76 23.79
CA ASP B 362 34.74 -18.13 23.29
C ASP B 362 34.18 -19.04 24.38
N TYR B 363 32.93 -19.45 24.23
CA TYR B 363 32.25 -20.26 25.24
C TYR B 363 32.56 -21.74 25.12
N SER B 364 33.34 -22.15 24.12
CA SER B 364 33.75 -23.55 24.03
C SER B 364 34.81 -23.90 25.06
N VAL B 365 35.50 -22.91 25.62
CA VAL B 365 36.53 -23.16 26.61
C VAL B 365 35.93 -23.65 27.92
N LEU B 366 34.67 -23.31 28.18
CA LEU B 366 34.07 -23.57 29.50
C LEU B 366 33.63 -25.01 29.65
N TYR B 367 34.52 -25.95 29.38
CA TYR B 367 34.31 -27.36 29.67
C TYR B 367 35.48 -27.99 30.40
N ASN B 368 36.71 -27.58 30.11
CA ASN B 368 37.88 -28.14 30.78
C ASN B 368 38.23 -27.38 32.04
N LEU B 369 38.14 -26.05 32.01
CA LEU B 369 38.49 -25.26 33.19
C LEU B 369 37.45 -25.43 34.29
N ALA B 370 36.20 -25.64 33.94
CA ALA B 370 35.11 -25.79 34.91
C ALA B 370 34.34 -27.06 34.61
N PRO B 371 34.88 -28.22 34.98
CA PRO B 371 34.11 -29.46 34.83
C PRO B 371 32.94 -29.50 35.79
N PHE B 372 31.90 -30.24 35.38
CA PHE B 372 30.66 -30.35 36.16
C PHE B 372 30.03 -28.98 36.41
N PHE B 373 30.18 -28.08 35.45
CA PHE B 373 29.60 -26.75 35.56
C PHE B 373 28.09 -26.81 35.34
N THR B 374 27.38 -25.91 36.02
CA THR B 374 25.94 -25.75 35.88
C THR B 374 25.68 -24.46 35.11
N PHE B 375 25.24 -24.59 33.86
CA PHE B 375 25.08 -23.44 32.99
C PHE B 375 23.64 -22.93 32.96
N LYS B 376 22.80 -23.38 33.89
CA LYS B 376 21.46 -22.82 34.03
C LYS B 376 21.55 -21.33 34.29
N CYS B 377 20.77 -20.55 33.55
CA CYS B 377 20.88 -19.10 33.63
C CYS B 377 19.60 -18.49 33.08
N TYR B 378 19.59 -17.16 33.00
CA TYR B 378 18.39 -16.40 32.68
C TYR B 378 18.71 -15.29 31.69
N GLY B 379 17.68 -14.85 30.97
CA GLY B 379 17.76 -13.67 30.14
C GLY B 379 18.28 -13.87 28.73
N VAL B 380 18.77 -15.06 28.39
CA VAL B 380 19.28 -15.32 27.05
C VAL B 380 19.33 -16.83 26.84
N SER B 381 19.14 -17.25 25.60
CA SER B 381 19.24 -18.66 25.26
C SER B 381 20.70 -19.09 25.26
N PRO B 382 21.08 -20.09 26.05
CA PRO B 382 22.50 -20.49 26.11
C PRO B 382 23.05 -20.96 24.77
N THR B 383 22.24 -21.58 23.93
CA THR B 383 22.74 -22.16 22.68
C THR B 383 23.20 -21.09 21.70
N LYS B 384 22.45 -19.99 21.59
CA LYS B 384 22.74 -18.93 20.63
C LYS B 384 23.76 -17.92 21.14
N LEU B 385 24.45 -18.22 22.24
CA LEU B 385 25.46 -17.31 22.76
C LEU B 385 26.70 -17.23 21.87
N ASN B 386 26.90 -18.22 20.99
CA ASN B 386 28.08 -18.21 20.14
C ASN B 386 28.04 -17.04 19.17
N ASP B 387 26.94 -16.88 18.44
CA ASP B 387 26.78 -15.76 17.50
C ASP B 387 25.89 -14.71 18.15
N LEU B 388 26.48 -13.96 19.09
CA LEU B 388 25.77 -12.89 19.78
C LEU B 388 26.79 -11.91 20.30
N CYS B 389 26.36 -10.65 20.42
CA CYS B 389 27.24 -9.56 20.81
C CYS B 389 26.72 -8.90 22.08
N PHE B 390 27.66 -8.57 22.97
CA PHE B 390 27.35 -7.96 24.26
C PHE B 390 28.24 -6.74 24.46
N THR B 391 27.66 -5.67 25.00
CA THR B 391 28.42 -4.44 25.21
C THR B 391 29.06 -4.40 26.59
N ASN B 392 28.28 -4.67 27.65
CA ASN B 392 28.80 -4.64 29.01
C ASN B 392 28.79 -6.04 29.58
N VAL B 393 29.94 -6.48 30.09
CA VAL B 393 30.08 -7.78 30.73
C VAL B 393 30.69 -7.56 32.10
N TYR B 394 29.98 -8.01 33.14
CA TYR B 394 30.45 -7.94 34.52
C TYR B 394 30.64 -9.35 35.05
N ALA B 395 31.83 -9.64 35.56
CA ALA B 395 32.18 -10.96 36.06
C ALA B 395 32.34 -10.90 37.57
N ASP B 396 31.57 -11.73 38.27
CA ASP B 396 31.63 -11.83 39.72
C ASP B 396 31.81 -13.29 40.11
N SER B 397 32.82 -13.57 40.93
CA SER B 397 33.15 -14.92 41.34
C SER B 397 33.33 -14.99 42.85
N PHE B 398 32.92 -16.12 43.43
CA PHE B 398 33.05 -16.35 44.85
C PHE B 398 32.96 -17.85 45.10
N VAL B 399 33.00 -18.23 46.39
CA VAL B 399 32.90 -19.62 46.81
C VAL B 399 31.81 -19.73 47.85
N ILE B 400 30.86 -20.64 47.62
CA ILE B 400 29.75 -20.87 48.54
C ILE B 400 29.59 -22.37 48.75
N ARG B 401 28.70 -22.73 49.67
CA ARG B 401 28.41 -24.13 49.92
C ARG B 401 27.47 -24.68 48.84
N GLY B 402 27.35 -26.01 48.82
CA GLY B 402 26.50 -26.64 47.83
C GLY B 402 25.03 -26.33 48.01
N ASP B 403 24.56 -26.30 49.25
CA ASP B 403 23.16 -25.99 49.51
C ASP B 403 22.82 -24.53 49.27
N GLU B 404 23.83 -23.66 49.17
CA GLU B 404 23.63 -22.24 48.95
C GLU B 404 23.74 -21.82 47.50
N VAL B 405 23.96 -22.78 46.58
CA VAL B 405 24.11 -22.42 45.18
C VAL B 405 22.80 -21.94 44.57
N ARG B 406 21.66 -22.43 45.07
CA ARG B 406 20.36 -22.02 44.57
C ARG B 406 20.01 -20.58 44.91
N GLN B 407 20.73 -19.97 45.85
CA GLN B 407 20.46 -18.60 46.24
C GLN B 407 20.87 -17.58 45.19
N ILE B 408 21.64 -17.97 44.19
CA ILE B 408 22.06 -17.05 43.12
C ILE B 408 20.98 -17.14 42.04
N ALA B 409 19.94 -16.35 42.22
CA ALA B 409 18.83 -16.30 41.29
C ALA B 409 18.04 -15.01 41.53
N PRO B 410 17.54 -14.36 40.49
CA PRO B 410 16.68 -13.19 40.70
C PRO B 410 15.43 -13.56 41.46
N GLY B 411 15.02 -12.69 42.39
CA GLY B 411 13.85 -12.95 43.20
C GLY B 411 14.01 -14.07 44.20
N GLN B 412 15.23 -14.51 44.47
CA GLN B 412 15.47 -15.60 45.41
C GLN B 412 15.91 -15.04 46.76
N THR B 413 15.35 -15.61 47.83
CA THR B 413 15.67 -15.21 49.18
C THR B 413 16.51 -16.28 49.87
N GLY B 414 17.30 -15.85 50.85
CA GLY B 414 18.14 -16.78 51.59
C GLY B 414 19.23 -16.02 52.34
N ASN B 415 20.10 -16.78 52.99
CA ASN B 415 21.20 -16.19 53.75
C ASN B 415 22.18 -15.48 52.83
N ILE B 416 22.61 -16.16 51.76
CA ILE B 416 23.56 -15.54 50.84
C ILE B 416 22.90 -14.42 50.06
N ALA B 417 21.66 -14.63 49.61
CA ALA B 417 20.98 -13.62 48.81
C ALA B 417 20.74 -12.34 49.60
N ASP B 418 20.30 -12.47 50.85
CA ASP B 418 19.97 -11.29 51.65
C ASP B 418 21.21 -10.56 52.14
N TYR B 419 22.21 -11.30 52.61
CA TYR B 419 23.33 -10.71 53.33
C TYR B 419 24.66 -10.79 52.62
N ASN B 420 24.78 -11.57 51.55
CA ASN B 420 26.07 -11.76 50.88
C ASN B 420 26.08 -11.28 49.44
N TYR B 421 25.10 -11.66 48.64
CA TYR B 421 25.08 -11.28 47.23
C TYR B 421 23.65 -11.31 46.73
N LYS B 422 23.09 -10.13 46.46
CA LYS B 422 21.72 -9.99 45.99
C LYS B 422 21.74 -9.59 44.52
N LEU B 423 20.94 -10.30 43.72
CA LEU B 423 20.79 -10.05 42.29
C LEU B 423 19.52 -9.28 42.01
N PRO B 424 19.53 -8.41 41.00
CA PRO B 424 18.31 -7.69 40.64
C PRO B 424 17.24 -8.63 40.10
N ASP B 425 15.98 -8.24 40.32
CA ASP B 425 14.87 -9.04 39.82
C ASP B 425 14.87 -9.14 38.31
N ASP B 426 15.14 -8.03 37.63
CA ASP B 426 15.25 -8.02 36.17
C ASP B 426 16.70 -8.28 35.72
N PHE B 427 17.28 -9.36 36.24
CA PHE B 427 18.67 -9.65 35.93
C PHE B 427 18.79 -10.31 34.55
N THR B 428 19.79 -9.86 33.80
CA THR B 428 20.13 -10.46 32.52
C THR B 428 21.61 -10.85 32.54
N GLY B 429 21.92 -11.95 31.88
CA GLY B 429 23.23 -12.58 31.98
C GLY B 429 23.15 -13.95 32.62
N CYS B 430 24.25 -14.68 32.50
CA CYS B 430 24.28 -16.08 32.91
C CYS B 430 25.32 -16.32 33.98
N VAL B 431 25.06 -17.32 34.82
CA VAL B 431 25.94 -17.69 35.91
C VAL B 431 26.48 -19.09 35.67
N ILE B 432 27.65 -19.37 36.23
CA ILE B 432 28.30 -20.67 36.11
C ILE B 432 28.68 -21.14 37.50
N ALA B 433 28.28 -22.37 37.84
CA ALA B 433 28.58 -22.94 39.15
C ALA B 433 29.05 -24.38 38.98
N TRP B 434 30.13 -24.73 39.67
CA TRP B 434 30.69 -26.08 39.60
C TRP B 434 31.33 -26.42 40.94
N ASN B 435 31.39 -27.72 41.22
CA ASN B 435 31.96 -28.20 42.47
C ASN B 435 33.46 -27.95 42.51
N SER B 436 33.98 -27.64 43.70
CA SER B 436 35.39 -27.40 43.90
C SER B 436 35.89 -28.13 45.14
N ASN B 437 35.42 -29.37 45.35
CA ASN B 437 35.88 -30.15 46.48
C ASN B 437 37.35 -30.54 46.33
N LYS B 438 37.82 -30.64 45.09
CA LYS B 438 39.23 -30.96 44.85
C LYS B 438 40.15 -29.77 45.02
N LEU B 439 39.62 -28.57 45.20
CA LEU B 439 40.42 -27.35 45.30
C LEU B 439 40.29 -26.65 46.65
N ASP B 440 39.07 -26.44 47.12
CA ASP B 440 38.82 -25.63 48.31
C ASP B 440 38.37 -26.50 49.49
N SER B 441 38.94 -27.69 49.60
CA SER B 441 38.71 -28.56 50.75
C SER B 441 40.05 -28.99 51.32
N LYS B 442 40.23 -28.78 52.62
CA LYS B 442 41.47 -29.12 53.31
C LYS B 442 41.18 -30.10 54.43
N VAL B 443 42.12 -31.02 54.66
CA VAL B 443 41.95 -31.98 55.74
C VAL B 443 41.96 -31.28 57.10
N SER B 444 42.76 -30.22 57.25
CA SER B 444 42.76 -29.48 58.50
C SER B 444 41.49 -28.64 58.65
N GLY B 445 40.92 -28.20 57.53
CA GLY B 445 39.71 -27.39 57.58
C GLY B 445 39.82 -26.13 56.75
N ASN B 446 38.84 -25.88 55.89
CA ASN B 446 38.82 -24.69 55.05
C ASN B 446 38.22 -23.55 55.85
N TYR B 447 39.06 -22.86 56.64
CA TYR B 447 38.62 -21.82 57.55
C TYR B 447 38.77 -20.41 56.94
N ASN B 448 39.22 -20.33 55.69
CA ASN B 448 39.53 -19.05 55.09
C ASN B 448 38.38 -18.41 54.33
N TYR B 449 37.25 -19.10 54.19
CA TYR B 449 36.08 -18.57 53.51
C TYR B 449 35.04 -18.15 54.54
N LEU B 450 34.75 -16.85 54.58
CA LEU B 450 33.81 -16.28 55.53
C LEU B 450 32.64 -15.64 54.79
N TYR B 451 31.49 -15.63 55.43
CA TYR B 451 30.29 -15.05 54.85
C TYR B 451 29.59 -14.19 55.89
N ARG B 452 28.88 -13.17 55.42
CA ARG B 452 28.12 -12.30 56.31
C ARG B 452 26.88 -13.04 56.81
N LEU B 453 26.80 -13.24 58.12
CA LEU B 453 25.68 -13.94 58.72
C LEU B 453 24.63 -13.01 59.30
N PHE B 454 25.02 -11.90 59.90
CA PHE B 454 24.10 -10.92 60.47
C PHE B 454 24.21 -9.61 59.70
N ARG B 455 23.06 -9.01 59.43
CA ARG B 455 23.02 -7.71 58.75
C ARG B 455 21.73 -7.00 59.15
N LYS B 456 21.78 -5.67 59.15
CA LYS B 456 20.63 -4.88 59.57
C LYS B 456 19.43 -5.10 58.66
N SER B 457 19.66 -5.16 57.34
CA SER B 457 18.58 -5.29 56.39
C SER B 457 19.06 -6.04 55.16
N ASN B 458 18.12 -6.40 54.29
CA ASN B 458 18.46 -7.09 53.06
C ASN B 458 19.29 -6.19 52.15
N LEU B 459 20.28 -6.77 51.50
CA LEU B 459 21.17 -6.03 50.63
C LEU B 459 20.46 -5.63 49.33
N LYS B 460 20.79 -4.44 48.82
CA LYS B 460 20.33 -4.02 47.52
C LYS B 460 21.01 -4.87 46.44
N PRO B 461 20.38 -5.00 45.28
CA PRO B 461 21.01 -5.78 44.19
C PRO B 461 22.36 -5.22 43.81
N PHE B 462 23.31 -6.13 43.57
CA PHE B 462 24.67 -5.79 43.18
C PHE B 462 25.32 -4.84 44.20
N GLU B 463 25.39 -5.30 45.43
CA GLU B 463 25.99 -4.53 46.52
C GLU B 463 26.93 -5.41 47.33
N ARG B 464 27.93 -4.76 47.92
CA ARG B 464 28.96 -5.44 48.71
C ARG B 464 29.10 -4.73 50.04
N ASP B 465 29.14 -5.51 51.13
CA ASP B 465 29.32 -4.98 52.47
C ASP B 465 30.53 -5.65 53.10
N ILE B 466 31.57 -4.86 53.40
CA ILE B 466 32.79 -5.34 54.00
C ILE B 466 32.95 -4.90 55.43
N SER B 467 31.90 -4.32 56.04
CA SER B 467 32.00 -3.84 57.41
C SER B 467 32.14 -5.02 58.38
N THR B 468 33.05 -4.85 59.35
CA THR B 468 33.29 -5.87 60.37
C THR B 468 32.83 -5.42 61.74
N GLU B 469 31.95 -4.42 61.81
CA GLU B 469 31.46 -3.94 63.09
C GLU B 469 30.66 -5.01 63.81
N ILE B 470 30.80 -5.02 65.14
CA ILE B 470 30.10 -6.02 65.95
C ILE B 470 28.60 -5.78 65.89
N TYR B 471 27.85 -6.83 65.56
CA TYR B 471 26.41 -6.74 65.39
C TYR B 471 25.73 -6.73 66.76
N GLN B 472 24.78 -5.82 66.92
CA GLN B 472 24.03 -5.68 68.17
C GLN B 472 22.62 -6.22 67.93
N ALA B 473 22.33 -7.39 68.50
CA ALA B 473 21.05 -8.05 68.33
C ALA B 473 20.17 -8.00 69.60
N GLY B 474 20.59 -7.25 70.61
CA GLY B 474 19.86 -7.19 71.86
C GLY B 474 19.53 -5.76 72.23
N ASN B 475 19.68 -5.45 73.52
CA ASN B 475 19.40 -4.13 74.06
C ASN B 475 20.66 -3.38 74.48
N LYS B 476 21.58 -4.04 75.17
CA LYS B 476 22.82 -3.40 75.57
C LYS B 476 23.75 -3.24 74.37
N PRO B 477 24.33 -2.05 74.17
CA PRO B 477 25.29 -1.88 73.08
C PRO B 477 26.50 -2.78 73.28
N CYS B 478 27.03 -3.29 72.17
CA CYS B 478 28.18 -4.19 72.24
C CYS B 478 29.42 -3.48 72.76
N ASN B 479 29.70 -2.28 72.25
CA ASN B 479 30.86 -1.49 72.67
C ASN B 479 32.16 -2.27 72.51
N GLY B 480 32.27 -3.01 71.41
CA GLY B 480 33.46 -3.79 71.13
C GLY B 480 33.49 -5.17 71.75
N VAL B 481 32.47 -5.53 72.54
CA VAL B 481 32.41 -6.83 73.18
C VAL B 481 31.60 -7.78 72.31
N ALA B 482 32.14 -8.99 72.10
CA ALA B 482 31.49 -10.01 71.27
C ALA B 482 30.85 -11.10 72.11
N GLY B 483 30.27 -10.73 73.25
CA GLY B 483 29.66 -11.70 74.15
C GLY B 483 28.25 -12.07 73.75
N PHE B 484 27.41 -12.32 74.75
CA PHE B 484 26.02 -12.70 74.51
C PHE B 484 25.25 -11.55 73.86
N ASN B 485 24.36 -11.89 72.93
CA ASN B 485 23.58 -10.92 72.17
C ASN B 485 24.46 -9.93 71.41
N CYS B 486 25.69 -10.35 71.12
CA CYS B 486 26.63 -9.52 70.35
C CYS B 486 27.50 -10.49 69.56
N TYR B 487 27.11 -10.75 68.31
CA TYR B 487 27.74 -11.78 67.50
C TYR B 487 28.50 -11.16 66.34
N PHE B 488 29.58 -11.81 65.95
CA PHE B 488 30.35 -11.37 64.78
C PHE B 488 29.50 -11.57 63.53
N PRO B 489 29.31 -10.54 62.71
CA PRO B 489 28.47 -10.71 61.50
C PRO B 489 29.05 -11.69 60.50
N LEU B 490 30.34 -12.00 60.57
CA LEU B 490 30.98 -12.88 59.60
C LEU B 490 31.28 -14.22 60.25
N ARG B 491 30.92 -15.30 59.56
CA ARG B 491 31.20 -16.65 60.00
C ARG B 491 31.94 -17.40 58.90
N SER B 492 32.80 -18.33 59.31
CA SER B 492 33.66 -19.06 58.40
C SER B 492 33.03 -20.39 58.02
N TYR B 493 32.99 -20.68 56.72
CA TYR B 493 32.50 -21.96 56.24
C TYR B 493 33.32 -23.10 56.83
N SER B 494 32.64 -24.17 57.21
CA SER B 494 33.29 -25.42 57.64
C SER B 494 32.86 -26.49 56.64
N PHE B 495 33.59 -26.58 55.54
CA PHE B 495 33.24 -27.54 54.50
C PHE B 495 33.44 -28.97 55.00
N ARG B 496 32.45 -29.82 54.76
CA ARG B 496 32.48 -31.22 55.18
C ARG B 496 32.24 -32.09 53.96
N PRO B 497 33.32 -32.49 53.27
CA PRO B 497 33.14 -33.38 52.11
C PRO B 497 32.57 -34.74 52.47
N THR B 498 32.65 -35.14 53.74
CA THR B 498 32.07 -36.41 54.16
C THR B 498 30.56 -36.44 53.95
N TYR B 499 29.90 -35.28 54.11
CA TYR B 499 28.47 -35.17 53.82
C TYR B 499 28.28 -35.03 52.32
N GLY B 500 27.08 -34.68 51.90
CA GLY B 500 26.79 -34.51 50.49
C GLY B 500 27.46 -33.26 49.93
N VAL B 501 27.19 -33.02 48.65
CA VAL B 501 27.75 -31.86 47.97
C VAL B 501 27.24 -30.55 48.54
N GLY B 502 26.20 -30.58 49.36
CA GLY B 502 25.69 -29.37 49.98
C GLY B 502 26.56 -28.81 51.08
N HIS B 503 27.55 -29.57 51.54
CA HIS B 503 28.52 -29.11 52.52
C HIS B 503 29.91 -29.00 51.90
N GLN B 504 29.95 -28.86 50.57
CA GLN B 504 31.20 -28.82 49.82
C GLN B 504 31.37 -27.46 49.14
N PRO B 505 32.61 -27.02 48.93
CA PRO B 505 32.84 -25.71 48.30
C PRO B 505 32.38 -25.71 46.85
N TYR B 506 31.44 -24.82 46.55
CA TYR B 506 30.91 -24.63 45.20
C TYR B 506 31.37 -23.28 44.69
N ARG B 507 32.07 -23.29 43.56
CA ARG B 507 32.56 -22.04 42.96
C ARG B 507 31.54 -21.53 41.95
N VAL B 508 31.14 -20.26 42.12
CA VAL B 508 30.09 -19.66 41.31
C VAL B 508 30.67 -18.42 40.64
N VAL B 509 30.49 -18.34 39.32
CA VAL B 509 30.88 -17.17 38.54
C VAL B 509 29.62 -16.57 37.92
N VAL B 510 29.36 -15.31 38.21
CA VAL B 510 28.15 -14.63 37.77
C VAL B 510 28.53 -13.60 36.72
N LEU B 511 27.92 -13.72 35.53
CA LEU B 511 28.14 -12.79 34.44
C LEU B 511 26.91 -11.92 34.26
N SER B 512 27.11 -10.60 34.30
CA SER B 512 26.03 -9.62 34.15
C SER B 512 26.18 -8.97 32.78
N PHE B 513 25.17 -9.10 31.94
CA PHE B 513 25.19 -8.59 30.58
C PHE B 513 24.22 -7.43 30.45
N GLU B 514 24.20 -6.80 29.27
CA GLU B 514 23.15 -5.86 28.93
C GLU B 514 22.58 -6.06 27.53
N LEU B 515 23.30 -6.70 26.61
CA LEU B 515 22.79 -7.06 25.29
C LEU B 515 22.26 -5.85 24.53
N LEU B 516 23.18 -4.93 24.24
CA LEU B 516 22.88 -3.83 23.33
C LEU B 516 23.14 -4.19 21.88
N HIS B 517 24.16 -5.01 21.62
CA HIS B 517 24.47 -5.58 20.30
C HIS B 517 24.42 -4.53 19.19
N ALA B 518 24.82 -3.31 19.51
CA ALA B 518 24.99 -2.27 18.51
C ALA B 518 26.27 -1.48 18.78
N PRO B 519 26.47 -0.92 20.02
CA PRO B 519 27.81 -0.47 20.42
C PRO B 519 28.61 -1.62 21.05
N ALA B 520 28.57 -2.78 20.42
CA ALA B 520 29.08 -3.99 21.03
C ALA B 520 30.60 -3.99 21.06
N THR B 521 31.16 -4.49 22.15
CA THR B 521 32.59 -4.70 22.27
C THR B 521 32.96 -6.13 22.62
N VAL B 522 31.98 -6.98 22.92
CA VAL B 522 32.20 -8.40 23.20
C VAL B 522 31.23 -9.20 22.34
N CYS B 523 31.75 -10.16 21.57
CA CYS B 523 30.93 -11.01 20.72
C CYS B 523 31.49 -12.42 20.81
N GLY B 524 31.04 -13.28 19.90
CA GLY B 524 31.55 -14.64 19.80
C GLY B 524 32.13 -14.90 18.42
N PRO B 525 33.05 -15.86 18.33
CA PRO B 525 33.67 -16.16 17.03
C PRO B 525 32.65 -16.63 16.01
N LYS B 526 32.88 -16.27 14.75
CA LYS B 526 31.96 -16.59 13.66
C LYS B 526 32.53 -17.55 12.64
N LYS B 527 33.85 -17.65 12.54
CA LYS B 527 34.53 -18.57 11.62
C LYS B 527 34.27 -18.19 10.17
N SER B 528 34.89 -18.92 9.24
CA SER B 528 34.73 -18.63 7.82
C SER B 528 35.04 -19.89 7.02
N THR B 529 34.30 -20.09 5.94
CA THR B 529 34.47 -21.25 5.09
C THR B 529 35.57 -21.01 4.05
N ASN B 530 35.71 -21.94 3.11
CA ASN B 530 36.73 -21.85 2.07
C ASN B 530 36.15 -21.17 0.84
N LEU B 531 37.05 -20.68 -0.02
CA LEU B 531 36.67 -19.96 -1.22
C LEU B 531 36.36 -20.96 -2.34
N VAL B 532 35.11 -20.97 -2.80
CA VAL B 532 34.72 -21.72 -3.99
C VAL B 532 34.64 -20.69 -5.11
N LYS B 533 35.74 -20.52 -5.82
CA LYS B 533 35.83 -19.49 -6.85
C LYS B 533 35.30 -20.01 -8.18
N ASN B 534 35.01 -19.05 -9.08
CA ASN B 534 34.57 -19.36 -10.44
C ASN B 534 33.31 -20.23 -10.44
N LYS B 535 32.37 -19.93 -9.56
CA LYS B 535 31.13 -20.70 -9.49
C LYS B 535 30.04 -19.83 -8.88
N CYS B 536 28.81 -20.05 -9.33
CA CYS B 536 27.64 -19.39 -8.76
C CYS B 536 27.40 -19.91 -7.35
N VAL B 537 27.80 -19.13 -6.36
CA VAL B 537 27.70 -19.53 -4.96
C VAL B 537 27.11 -18.39 -4.16
N ASN B 538 26.49 -18.73 -3.03
CA ASN B 538 26.16 -17.72 -2.03
C ASN B 538 27.44 -17.31 -1.31
N PHE B 539 27.59 -16.01 -1.07
CA PHE B 539 28.80 -15.50 -0.45
C PHE B 539 28.44 -14.52 0.65
N ASN B 540 29.35 -14.39 1.60
CA ASN B 540 29.21 -13.43 2.69
C ASN B 540 30.61 -12.93 3.06
N PHE B 541 30.78 -11.61 3.04
CA PHE B 541 32.03 -10.98 3.43
C PHE B 541 31.73 -9.96 4.52
N ASN B 542 32.01 -10.33 5.77
CA ASN B 542 31.84 -9.43 6.91
C ASN B 542 30.40 -8.92 7.00
N GLY B 543 29.45 -9.84 6.84
CA GLY B 543 28.04 -9.49 6.88
C GLY B 543 27.45 -9.06 5.55
N LEU B 544 28.23 -9.07 4.47
CA LEU B 544 27.74 -8.68 3.15
C LEU B 544 27.19 -9.92 2.46
N LYS B 545 25.89 -10.15 2.59
CA LYS B 545 25.23 -11.31 2.00
C LYS B 545 24.96 -11.05 0.52
N GLY B 546 25.35 -12.00 -0.32
CA GLY B 546 25.11 -11.86 -1.75
C GLY B 546 25.33 -13.17 -2.47
N THR B 547 24.92 -13.19 -3.74
CA THR B 547 25.03 -14.36 -4.59
C THR B 547 25.67 -13.95 -5.92
N GLY B 548 26.61 -14.77 -6.39
CA GLY B 548 27.28 -14.48 -7.64
C GLY B 548 28.45 -15.42 -7.85
N VAL B 549 29.31 -15.04 -8.80
CA VAL B 549 30.48 -15.83 -9.15
C VAL B 549 31.74 -15.11 -8.70
N LEU B 550 32.41 -15.65 -7.68
CA LEU B 550 33.61 -15.01 -7.14
C LEU B 550 34.78 -15.27 -8.05
N THR B 551 35.40 -14.21 -8.56
CA THR B 551 36.53 -14.31 -9.45
C THR B 551 37.64 -13.37 -8.99
N GLU B 552 38.85 -13.64 -9.47
CA GLU B 552 40.00 -12.80 -9.14
C GLU B 552 39.79 -11.40 -9.71
N SER B 553 40.09 -10.38 -8.90
CA SER B 553 39.86 -9.00 -9.27
C SER B 553 41.17 -8.27 -9.50
N ASN B 554 41.29 -7.62 -10.65
CA ASN B 554 42.42 -6.75 -10.92
C ASN B 554 42.30 -5.40 -10.22
N LYS B 555 41.14 -5.10 -9.63
CA LYS B 555 40.97 -3.86 -8.89
C LYS B 555 41.84 -3.87 -7.64
N LYS B 556 42.39 -2.71 -7.32
CA LYS B 556 43.31 -2.55 -6.19
C LYS B 556 42.67 -1.60 -5.18
N PHE B 557 42.03 -2.16 -4.16
CA PHE B 557 41.46 -1.35 -3.10
C PHE B 557 42.57 -0.66 -2.31
N LEU B 558 42.26 0.54 -1.82
CA LEU B 558 43.13 1.18 -0.85
C LEU B 558 43.06 0.41 0.46
N PRO B 559 44.07 0.55 1.31
CA PRO B 559 44.11 -0.28 2.54
C PRO B 559 42.86 -0.17 3.38
N PHE B 560 42.25 0.99 3.46
CA PHE B 560 41.01 1.16 4.22
C PHE B 560 39.77 0.76 3.43
N GLN B 561 39.89 0.58 2.11
CA GLN B 561 38.72 0.26 1.30
C GLN B 561 38.24 -1.16 1.57
N GLN B 562 36.93 -1.31 1.75
CA GLN B 562 36.31 -2.60 2.04
C GLN B 562 35.46 -3.12 0.90
N PHE B 563 34.52 -2.31 0.41
CA PHE B 563 33.60 -2.72 -0.64
C PHE B 563 33.95 -2.01 -1.93
N GLY B 564 33.54 -2.61 -3.04
CA GLY B 564 33.60 -1.98 -4.36
C GLY B 564 32.19 -1.75 -4.87
N ARG B 565 31.98 -0.65 -5.57
CA ARG B 565 30.68 -0.33 -6.11
C ARG B 565 30.81 0.18 -7.53
N ASP B 566 29.80 -0.14 -8.34
CA ASP B 566 29.76 0.25 -9.74
C ASP B 566 29.01 1.57 -9.89
N ILE B 567 28.73 1.96 -11.13
CA ILE B 567 27.91 3.15 -11.36
C ILE B 567 26.49 2.93 -10.88
N ALA B 568 25.98 1.72 -11.02
CA ALA B 568 24.63 1.38 -10.57
C ALA B 568 24.52 1.30 -9.05
N ASP B 569 25.58 1.64 -8.32
CA ASP B 569 25.59 1.59 -6.86
C ASP B 569 25.26 0.19 -6.35
N THR B 570 25.97 -0.80 -6.89
CA THR B 570 25.82 -2.19 -6.47
C THR B 570 27.20 -2.80 -6.23
N THR B 571 27.25 -3.79 -5.35
CA THR B 571 28.51 -4.43 -4.99
C THR B 571 29.05 -5.23 -6.17
N ASP B 572 30.31 -4.99 -6.52
CA ASP B 572 30.98 -5.74 -7.58
C ASP B 572 32.35 -6.27 -7.19
N ALA B 573 33.10 -5.58 -6.33
CA ALA B 573 34.43 -6.02 -5.91
C ALA B 573 34.47 -6.04 -4.39
N VAL B 574 35.05 -7.10 -3.83
CA VAL B 574 35.06 -7.29 -2.38
C VAL B 574 36.48 -7.65 -1.95
N ARG B 575 36.74 -7.40 -0.67
CA ARG B 575 38.04 -7.68 -0.05
C ARG B 575 37.83 -8.73 1.05
N ASP B 576 38.59 -9.83 0.96
CA ASP B 576 38.39 -10.95 1.87
C ASP B 576 38.96 -10.62 3.25
N PRO B 577 38.17 -10.74 4.32
CA PRO B 577 38.66 -10.35 5.65
C PRO B 577 39.83 -11.20 6.15
N GLN B 578 39.82 -12.51 5.92
CA GLN B 578 40.90 -13.35 6.43
C GLN B 578 42.20 -13.11 5.69
N THR B 579 42.20 -13.37 4.38
CA THR B 579 43.35 -13.07 3.54
C THR B 579 43.04 -11.83 2.70
N LEU B 580 43.90 -10.82 2.82
CA LEU B 580 43.60 -9.54 2.21
C LEU B 580 43.77 -9.61 0.70
N GLU B 581 42.71 -10.00 -0.01
CA GLU B 581 42.73 -10.09 -1.46
C GLU B 581 41.44 -9.48 -2.00
N ILE B 582 41.51 -9.03 -3.25
CA ILE B 582 40.40 -8.35 -3.91
C ILE B 582 39.75 -9.33 -4.89
N LEU B 583 38.44 -9.50 -4.77
CA LEU B 583 37.70 -10.46 -5.58
C LEU B 583 36.56 -9.75 -6.29
N ASP B 584 36.26 -10.18 -7.51
CA ASP B 584 35.13 -9.63 -8.24
C ASP B 584 33.87 -10.45 -7.96
N ILE B 585 32.72 -9.81 -8.16
CA ILE B 585 31.43 -10.46 -8.03
C ILE B 585 30.67 -10.19 -9.33
N THR B 586 30.30 -11.26 -10.02
CA THR B 586 29.44 -11.16 -11.19
C THR B 586 28.17 -11.95 -10.95
N PRO B 587 27.00 -11.40 -11.26
CA PRO B 587 25.76 -12.17 -11.09
C PRO B 587 25.79 -13.43 -11.95
N CYS B 588 25.19 -14.48 -11.43
CA CYS B 588 25.18 -15.75 -12.15
C CYS B 588 24.48 -15.59 -13.48
N SER B 589 24.97 -16.33 -14.48
CA SER B 589 24.52 -16.14 -15.85
C SER B 589 23.00 -16.21 -15.94
N PHE B 590 22.41 -15.14 -16.48
CA PHE B 590 20.97 -14.98 -16.50
C PHE B 590 20.53 -14.50 -17.87
N GLY B 591 19.34 -14.94 -18.27
CA GLY B 591 18.79 -14.51 -19.55
C GLY B 591 17.37 -15.00 -19.71
N GLY B 592 16.64 -14.34 -20.61
CA GLY B 592 15.29 -14.71 -20.94
C GLY B 592 15.25 -15.86 -21.92
N VAL B 593 14.09 -16.53 -21.97
CA VAL B 593 13.89 -17.69 -22.82
C VAL B 593 12.79 -17.37 -23.82
N SER B 594 13.05 -17.64 -25.09
CA SER B 594 12.07 -17.45 -26.16
C SER B 594 11.92 -18.76 -26.92
N VAL B 595 10.70 -19.04 -27.34
CA VAL B 595 10.37 -20.29 -28.02
C VAL B 595 10.01 -19.96 -29.47
N ILE B 596 10.71 -20.59 -30.40
CA ILE B 596 10.43 -20.44 -31.83
C ILE B 596 9.49 -21.58 -32.22
N THR B 597 8.31 -21.23 -32.69
CA THR B 597 7.42 -22.30 -33.11
C THR B 597 6.89 -22.05 -34.51
N PRO B 598 6.78 -23.08 -35.34
CA PRO B 598 6.20 -22.91 -36.68
C PRO B 598 4.68 -22.95 -36.72
N GLY B 599 4.01 -22.82 -35.59
CA GLY B 599 2.57 -22.95 -35.55
C GLY B 599 2.14 -24.34 -35.14
N THR B 600 1.23 -24.44 -34.16
CA THR B 600 0.80 -25.75 -33.69
C THR B 600 0.07 -26.52 -34.78
N ASN B 601 -0.60 -25.81 -35.68
CA ASN B 601 -1.32 -26.47 -36.76
C ASN B 601 -0.38 -27.25 -37.66
N THR B 602 0.76 -26.65 -38.01
CA THR B 602 1.70 -27.32 -38.90
C THR B 602 2.38 -28.49 -38.21
N SER B 603 2.91 -28.27 -37.01
CA SER B 603 3.64 -29.30 -36.28
C SER B 603 3.78 -28.86 -34.83
N ASN B 604 4.57 -29.62 -34.07
CA ASN B 604 4.79 -29.34 -32.66
C ASN B 604 6.25 -29.09 -32.32
N GLN B 605 7.18 -29.34 -33.22
CA GLN B 605 8.60 -29.17 -32.91
C GLN B 605 8.92 -27.71 -32.67
N VAL B 606 9.78 -27.43 -31.69
CA VAL B 606 10.14 -26.06 -31.35
C VAL B 606 11.65 -25.99 -31.11
N ALA B 607 12.21 -24.81 -31.29
CA ALA B 607 13.61 -24.53 -31.01
C ALA B 607 13.68 -23.35 -30.05
N VAL B 608 14.46 -23.50 -28.99
CA VAL B 608 14.47 -22.56 -27.88
C VAL B 608 15.72 -21.71 -27.98
N LEU B 609 15.56 -20.40 -27.77
CA LEU B 609 16.66 -19.45 -27.79
C LEU B 609 16.83 -18.83 -26.41
N TYR B 610 18.03 -18.92 -25.86
CA TYR B 610 18.35 -18.29 -24.59
C TYR B 610 19.08 -16.98 -24.88
N GLN B 611 18.51 -15.87 -24.39
CA GLN B 611 19.00 -14.55 -24.77
C GLN B 611 20.23 -14.18 -23.97
N GLY B 612 21.28 -13.74 -24.66
CA GLY B 612 22.45 -13.18 -24.03
C GLY B 612 23.24 -14.10 -23.13
N VAL B 613 23.42 -15.35 -23.53
CA VAL B 613 24.26 -16.30 -22.80
C VAL B 613 25.13 -17.04 -23.79
N ASN B 614 26.39 -17.27 -23.41
CA ASN B 614 27.26 -18.12 -24.20
C ASN B 614 26.75 -19.55 -24.17
N CYS B 615 26.92 -20.25 -25.30
CA CYS B 615 26.40 -21.61 -25.41
C CYS B 615 27.05 -22.59 -24.46
N THR B 616 28.21 -22.25 -23.89
CA THR B 616 28.91 -23.15 -22.99
C THR B 616 28.41 -23.05 -21.54
N GLU B 617 27.44 -22.18 -21.28
CA GLU B 617 26.95 -21.94 -19.91
C GLU B 617 25.53 -22.42 -19.73
N VAL B 618 25.21 -23.59 -20.29
CA VAL B 618 23.89 -24.18 -20.11
C VAL B 618 24.02 -25.65 -19.70
N ASN B 639 22.72 -30.05 -32.19
CA ASN B 639 21.83 -29.03 -32.74
C ASN B 639 21.89 -27.75 -31.93
N VAL B 640 23.10 -27.21 -31.75
CA VAL B 640 23.33 -26.00 -30.97
C VAL B 640 23.99 -24.99 -31.89
N PHE B 641 23.43 -23.78 -31.93
CA PHE B 641 23.99 -22.68 -32.71
C PHE B 641 24.21 -21.47 -31.81
N GLN B 642 25.24 -20.69 -32.13
CA GLN B 642 25.57 -19.48 -31.39
C GLN B 642 25.31 -18.26 -32.27
N THR B 643 24.50 -17.34 -31.79
CA THR B 643 24.19 -16.10 -32.49
C THR B 643 24.53 -14.91 -31.61
N ARG B 644 24.38 -13.71 -32.18
CA ARG B 644 24.58 -12.50 -31.38
C ARG B 644 23.47 -12.33 -30.35
N ALA B 645 22.25 -12.75 -30.69
CA ALA B 645 21.14 -12.64 -29.75
C ALA B 645 21.33 -13.57 -28.56
N GLY B 646 21.85 -14.78 -28.80
CA GLY B 646 22.08 -15.71 -27.72
C GLY B 646 22.39 -17.09 -28.25
N CYS B 647 22.17 -18.09 -27.41
CA CYS B 647 22.41 -19.48 -27.76
C CYS B 647 21.12 -20.07 -28.30
N LEU B 648 21.17 -20.62 -29.52
CA LEU B 648 20.01 -21.16 -30.19
C LEU B 648 20.15 -22.67 -30.29
N ILE B 649 19.19 -23.40 -29.71
CA ILE B 649 19.20 -24.85 -29.71
C ILE B 649 17.91 -25.35 -30.34
N GLY B 650 17.99 -26.54 -30.92
CA GLY B 650 16.86 -27.15 -31.60
C GLY B 650 16.76 -26.83 -33.07
N ALA B 651 17.61 -25.94 -33.59
CA ALA B 651 17.60 -25.58 -35.00
C ALA B 651 18.98 -25.75 -35.57
N GLU B 652 19.05 -26.10 -36.85
CA GLU B 652 20.30 -26.29 -37.55
C GLU B 652 20.62 -25.08 -38.41
N TYR B 653 21.89 -24.69 -38.44
CA TYR B 653 22.32 -23.56 -39.26
C TYR B 653 22.61 -24.02 -40.67
N VAL B 654 22.18 -23.21 -41.64
CA VAL B 654 22.27 -23.55 -43.06
C VAL B 654 23.05 -22.46 -43.77
N ASN B 655 24.01 -22.87 -44.60
CA ASN B 655 24.79 -21.90 -45.38
C ASN B 655 23.95 -21.19 -46.43
N ASN B 656 22.79 -21.73 -46.79
CA ASN B 656 21.93 -21.10 -47.76
C ASN B 656 21.34 -19.81 -47.19
N SER B 657 20.56 -19.12 -48.02
CA SER B 657 19.91 -17.88 -47.63
C SER B 657 18.50 -17.83 -48.21
N TYR B 658 17.57 -17.30 -47.42
CA TYR B 658 16.19 -17.11 -47.85
C TYR B 658 15.67 -15.82 -47.25
N GLU B 659 14.38 -15.56 -47.48
CA GLU B 659 13.74 -14.41 -46.87
C GLU B 659 13.51 -14.67 -45.38
N CYS B 660 13.36 -13.59 -44.62
CA CYS B 660 13.15 -13.69 -43.18
C CYS B 660 11.71 -14.13 -42.91
N ASP B 661 11.56 -15.29 -42.26
CA ASP B 661 10.25 -15.83 -41.94
C ASP B 661 9.87 -15.57 -40.49
N ILE B 662 10.69 -16.00 -39.55
CA ILE B 662 10.52 -15.71 -38.14
C ILE B 662 11.73 -14.92 -37.68
N PRO B 663 11.58 -13.66 -37.28
CA PRO B 663 12.75 -12.86 -36.90
C PRO B 663 13.40 -13.40 -35.63
N ILE B 664 14.73 -13.26 -35.56
CA ILE B 664 15.51 -13.66 -34.39
C ILE B 664 16.33 -12.49 -33.86
N GLY B 665 17.17 -11.91 -34.69
CA GLY B 665 18.01 -10.80 -34.29
C GLY B 665 19.37 -10.89 -34.97
N ALA B 666 19.96 -9.72 -35.21
CA ALA B 666 21.28 -9.63 -35.83
C ALA B 666 21.31 -10.35 -37.18
N GLY B 667 20.26 -10.17 -37.98
CA GLY B 667 20.23 -10.70 -39.33
C GLY B 667 19.97 -12.18 -39.45
N ILE B 668 19.53 -12.83 -38.37
CA ILE B 668 19.26 -14.27 -38.38
C ILE B 668 17.75 -14.45 -38.35
N CYS B 669 17.26 -15.37 -39.18
CA CYS B 669 15.84 -15.71 -39.20
C CYS B 669 15.71 -17.21 -39.38
N ALA B 670 14.69 -17.79 -38.75
CA ALA B 670 14.47 -19.22 -38.75
C ALA B 670 13.12 -19.55 -39.37
N SER B 671 12.99 -20.76 -39.90
CA SER B 671 11.77 -21.20 -40.55
C SER B 671 11.70 -22.71 -40.52
N TYR B 672 10.56 -23.23 -40.96
CA TYR B 672 10.28 -24.66 -40.94
C TYR B 672 10.19 -25.18 -42.37
N GLN B 673 10.98 -26.21 -42.67
CA GLN B 673 10.97 -26.78 -44.01
C GLN B 673 10.67 -28.28 -43.97
N SER B 689 12.00 -30.14 -40.80
CA SER B 689 12.50 -29.68 -39.51
C SER B 689 12.65 -28.16 -39.48
N ILE B 690 13.30 -27.66 -38.44
CA ILE B 690 13.49 -26.22 -38.25
C ILE B 690 14.89 -25.86 -38.68
N ILE B 691 15.01 -24.83 -39.51
CA ILE B 691 16.28 -24.38 -40.06
C ILE B 691 16.46 -22.90 -39.78
N ALA B 692 17.68 -22.51 -39.42
CA ALA B 692 18.02 -21.12 -39.16
C ALA B 692 19.05 -20.67 -40.18
N TYR B 693 18.81 -19.51 -40.78
CA TYR B 693 19.66 -19.01 -41.85
C TYR B 693 19.84 -17.51 -41.70
N THR B 694 20.84 -16.98 -42.40
CA THR B 694 21.01 -15.54 -42.52
C THR B 694 20.02 -15.03 -43.57
N MET B 695 19.29 -13.97 -43.23
CA MET B 695 18.25 -13.49 -44.12
C MET B 695 18.85 -12.95 -45.41
N SER B 696 18.11 -13.08 -46.50
CA SER B 696 18.57 -12.63 -47.80
C SER B 696 18.04 -11.22 -48.07
N LEU B 697 18.90 -10.35 -48.55
CA LEU B 697 18.51 -8.96 -48.75
C LEU B 697 17.57 -8.82 -49.94
N GLY B 698 17.89 -9.49 -51.03
CA GLY B 698 17.09 -9.41 -52.23
C GLY B 698 17.85 -10.02 -53.38
N ALA B 699 17.20 -10.03 -54.54
CA ALA B 699 17.79 -10.59 -55.75
C ALA B 699 18.81 -9.62 -56.31
N GLU B 700 20.05 -10.08 -56.48
CA GLU B 700 21.08 -9.24 -57.08
C GLU B 700 20.72 -8.90 -58.52
N ASN B 701 20.95 -7.64 -58.90
CA ASN B 701 20.58 -7.18 -60.24
C ASN B 701 21.52 -6.04 -60.60
N SER B 702 22.53 -6.34 -61.42
CA SER B 702 23.42 -5.32 -61.96
C SER B 702 22.80 -4.76 -63.22
N VAL B 703 22.80 -3.44 -63.35
CA VAL B 703 22.25 -2.77 -64.52
C VAL B 703 23.39 -2.22 -65.35
N ALA B 704 23.34 -2.47 -66.65
CA ALA B 704 24.40 -2.07 -67.57
C ALA B 704 24.25 -0.58 -67.84
N TYR B 705 25.17 0.22 -67.31
CA TYR B 705 25.16 1.67 -67.50
C TYR B 705 26.32 2.06 -68.39
N SER B 706 26.03 2.87 -69.42
CA SER B 706 27.06 3.41 -70.28
C SER B 706 26.59 4.74 -70.82
N ASN B 707 27.55 5.60 -71.13
CA ASN B 707 27.28 7.00 -71.46
C ASN B 707 26.66 7.20 -72.84
N ASN B 708 26.30 6.14 -73.55
CA ASN B 708 25.62 6.31 -74.82
C ASN B 708 24.50 5.28 -75.00
N SER B 709 24.00 4.72 -73.91
CA SER B 709 22.99 3.68 -73.97
C SER B 709 21.79 4.07 -73.12
N ILE B 710 20.60 3.94 -73.71
CA ILE B 710 19.34 4.21 -73.01
C ILE B 710 18.39 3.07 -73.29
N ALA B 711 17.43 2.88 -72.39
CA ALA B 711 16.42 1.84 -72.51
C ALA B 711 15.05 2.48 -72.44
N ILE B 712 14.21 2.20 -73.43
CA ILE B 712 12.88 2.77 -73.55
C ILE B 712 11.87 1.63 -73.49
N PRO B 713 10.85 1.72 -72.65
CA PRO B 713 9.81 0.67 -72.65
C PRO B 713 9.08 0.63 -73.98
N THR B 714 8.68 -0.58 -74.36
CA THR B 714 7.90 -0.78 -75.57
C THR B 714 6.47 -1.24 -75.29
N ASN B 715 6.08 -1.32 -74.02
CA ASN B 715 4.77 -1.83 -73.64
C ASN B 715 4.52 -1.38 -72.21
N PHE B 716 3.37 -1.78 -71.67
CA PHE B 716 3.03 -1.41 -70.31
C PHE B 716 2.16 -2.50 -69.68
N THR B 717 1.74 -2.24 -68.45
CA THR B 717 0.92 -3.18 -67.70
C THR B 717 0.17 -2.41 -66.64
N ILE B 718 -1.17 -2.39 -66.73
CA ILE B 718 -1.99 -1.72 -65.74
C ILE B 718 -2.05 -2.59 -64.50
N SER B 719 -1.61 -2.06 -63.37
CA SER B 719 -1.55 -2.78 -62.11
C SER B 719 -2.52 -2.18 -61.12
N VAL B 720 -3.14 -3.04 -60.31
CA VAL B 720 -4.06 -2.63 -59.27
C VAL B 720 -3.56 -3.17 -57.95
N THR B 721 -3.39 -2.29 -56.97
CA THR B 721 -2.89 -2.65 -55.65
C THR B 721 -3.88 -2.19 -54.59
N THR B 722 -3.80 -2.81 -53.42
CA THR B 722 -4.66 -2.49 -52.30
C THR B 722 -3.86 -1.83 -51.18
N GLU B 723 -4.59 -1.24 -50.24
CA GLU B 723 -3.96 -0.57 -49.10
C GLU B 723 -5.01 -0.43 -48.01
N ILE B 724 -4.77 -1.06 -46.87
CA ILE B 724 -5.71 -1.08 -45.75
C ILE B 724 -5.23 -0.11 -44.69
N LEU B 725 -6.13 0.74 -44.20
CA LEU B 725 -5.80 1.74 -43.20
C LEU B 725 -6.89 1.74 -42.13
N PRO B 726 -6.55 1.56 -40.86
CA PRO B 726 -7.54 1.74 -39.81
C PRO B 726 -7.94 3.19 -39.69
N VAL B 727 -9.19 3.42 -39.28
CA VAL B 727 -9.76 4.76 -39.22
C VAL B 727 -10.25 5.09 -37.81
N SER B 728 -11.11 4.24 -37.25
CA SER B 728 -11.69 4.50 -35.94
C SER B 728 -11.72 3.22 -35.13
N MET B 729 -11.41 3.35 -33.84
CA MET B 729 -11.46 2.23 -32.91
C MET B 729 -12.76 2.29 -32.11
N THR B 730 -13.06 1.19 -31.43
CA THR B 730 -14.36 1.03 -30.79
C THR B 730 -14.50 1.99 -29.61
N LYS B 731 -15.62 2.73 -29.59
CA LYS B 731 -15.86 3.70 -28.53
C LYS B 731 -16.35 2.98 -27.28
N THR B 732 -15.66 3.18 -26.17
CA THR B 732 -16.04 2.58 -24.89
C THR B 732 -16.20 3.66 -23.83
N SER B 733 -17.09 3.40 -22.88
CA SER B 733 -17.28 4.27 -21.73
C SER B 733 -17.35 3.41 -20.48
N VAL B 734 -16.84 3.94 -19.37
CA VAL B 734 -16.75 3.20 -18.12
C VAL B 734 -17.69 3.82 -17.11
N ASP B 735 -18.14 2.99 -16.16
CA ASP B 735 -18.92 3.44 -15.02
C ASP B 735 -18.05 3.21 -13.78
N CYS B 736 -17.41 4.27 -13.31
CA CYS B 736 -16.41 4.13 -12.26
C CYS B 736 -17.00 3.58 -10.98
N THR B 737 -18.17 4.09 -10.57
CA THR B 737 -18.73 3.70 -9.28
C THR B 737 -19.05 2.22 -9.21
N MET B 738 -19.66 1.67 -10.27
CA MET B 738 -19.99 0.25 -10.27
C MET B 738 -18.77 -0.64 -10.48
N TYR B 739 -17.78 -0.19 -11.23
CA TYR B 739 -16.58 -0.99 -11.40
C TYR B 739 -15.79 -1.07 -10.11
N ILE B 740 -15.65 0.06 -9.41
CA ILE B 740 -14.84 0.09 -8.20
C ILE B 740 -15.57 -0.58 -7.04
N CYS B 741 -16.79 -0.14 -6.77
CA CYS B 741 -17.54 -0.59 -5.60
C CYS B 741 -18.71 -1.48 -5.96
N GLY B 742 -19.64 -0.98 -6.79
CA GLY B 742 -20.79 -1.76 -7.17
C GLY B 742 -22.00 -1.48 -6.30
N ASP B 743 -22.57 -2.53 -5.71
CA ASP B 743 -23.78 -2.39 -4.90
C ASP B 743 -23.51 -1.86 -3.50
N SER B 744 -22.26 -1.86 -3.04
CA SER B 744 -21.93 -1.36 -1.72
C SER B 744 -22.05 0.16 -1.70
N THR B 745 -22.65 0.69 -0.64
CA THR B 745 -22.85 2.14 -0.52
C THR B 745 -21.72 2.81 0.25
N GLU B 746 -21.32 2.25 1.38
CA GLU B 746 -20.22 2.81 2.15
C GLU B 746 -18.92 2.80 1.37
N CYS B 747 -18.75 1.84 0.45
CA CYS B 747 -17.59 1.88 -0.44
C CYS B 747 -17.60 3.14 -1.28
N SER B 748 -18.76 3.50 -1.84
CA SER B 748 -18.88 4.73 -2.60
C SER B 748 -18.66 5.95 -1.71
N ASN B 749 -19.16 5.91 -0.48
CA ASN B 749 -18.93 7.01 0.44
C ASN B 749 -17.45 7.22 0.69
N LEU B 750 -16.71 6.14 0.91
CA LEU B 750 -15.28 6.26 1.12
C LEU B 750 -14.57 6.69 -0.16
N LEU B 751 -15.09 6.26 -1.32
CA LEU B 751 -14.53 6.70 -2.59
C LEU B 751 -14.65 8.22 -2.74
N LEU B 752 -15.76 8.78 -2.27
CA LEU B 752 -15.98 10.21 -2.40
C LEU B 752 -14.86 11.04 -1.79
N GLN B 753 -14.18 10.52 -0.76
CA GLN B 753 -13.12 11.27 -0.11
C GLN B 753 -11.86 11.38 -0.94
N TYR B 754 -11.68 10.51 -1.95
CA TYR B 754 -10.44 10.56 -2.73
C TYR B 754 -10.43 11.71 -3.71
N GLY B 755 -11.57 12.05 -4.30
CA GLY B 755 -11.62 13.20 -5.17
C GLY B 755 -12.31 12.96 -6.49
N SER B 756 -11.83 13.63 -7.54
CA SER B 756 -12.46 13.61 -8.86
C SER B 756 -11.64 12.82 -9.87
N PHE B 757 -11.03 11.72 -9.43
CA PHE B 757 -10.37 10.82 -10.37
C PHE B 757 -11.38 10.27 -11.36
N CYS B 758 -12.55 9.85 -10.86
CA CYS B 758 -13.57 9.30 -11.74
C CYS B 758 -13.99 10.32 -12.80
N THR B 759 -14.11 11.58 -12.41
CA THR B 759 -14.48 12.61 -13.37
C THR B 759 -13.42 12.74 -14.46
N GLN B 760 -12.14 12.73 -14.09
CA GLN B 760 -11.08 12.83 -15.08
C GLN B 760 -11.12 11.66 -16.05
N LEU B 761 -11.27 10.45 -15.53
CA LEU B 761 -11.30 9.27 -16.40
C LEU B 761 -12.49 9.30 -17.34
N LYS B 762 -13.67 9.66 -16.81
CA LYS B 762 -14.85 9.76 -17.64
C LYS B 762 -14.69 10.81 -18.74
N ARG B 763 -14.09 11.95 -18.39
CA ARG B 763 -13.88 13.00 -19.38
C ARG B 763 -12.91 12.55 -20.46
N ALA B 764 -11.85 11.83 -20.08
CA ALA B 764 -10.90 11.34 -21.08
C ALA B 764 -11.58 10.37 -22.03
N LEU B 765 -12.38 9.44 -21.50
CA LEU B 765 -13.09 8.51 -22.37
C LEU B 765 -14.08 9.22 -23.28
N THR B 766 -14.77 10.25 -22.76
CA THR B 766 -15.68 11.01 -23.61
C THR B 766 -14.92 11.71 -24.73
N GLY B 767 -13.75 12.28 -24.43
CA GLY B 767 -12.95 12.89 -25.47
C GLY B 767 -12.56 11.92 -26.56
N ILE B 768 -12.13 10.72 -26.16
CA ILE B 768 -11.77 9.70 -27.15
C ILE B 768 -12.99 9.31 -27.99
N ALA B 769 -14.14 9.17 -27.33
CA ALA B 769 -15.35 8.77 -28.04
C ALA B 769 -15.75 9.79 -29.09
N VAL B 770 -15.68 11.08 -28.77
CA VAL B 770 -16.02 12.07 -29.78
C VAL B 770 -14.95 12.16 -30.85
N GLU B 771 -13.68 11.90 -30.48
CA GLU B 771 -12.61 11.94 -31.48
C GLU B 771 -12.81 10.85 -32.53
N GLN B 772 -13.35 9.71 -32.13
CA GLN B 772 -13.59 8.63 -33.11
C GLN B 772 -14.56 9.09 -34.20
N ASP B 773 -15.68 9.68 -33.80
CA ASP B 773 -16.65 10.16 -34.77
C ASP B 773 -16.07 11.29 -35.61
N LYS B 774 -15.24 12.15 -35.00
CA LYS B 774 -14.59 13.19 -35.79
C LYS B 774 -13.69 12.57 -36.85
N ASN B 775 -12.96 11.51 -36.50
CA ASN B 775 -12.09 10.84 -37.47
C ASN B 775 -12.89 10.28 -38.63
N THR B 776 -14.00 9.60 -38.33
CA THR B 776 -14.80 9.03 -39.41
C THR B 776 -15.37 10.14 -40.30
N GLN B 777 -15.86 11.22 -39.68
CA GLN B 777 -16.39 12.33 -40.47
C GLN B 777 -15.33 12.91 -41.38
N GLU B 778 -14.11 13.12 -40.86
CA GLU B 778 -13.06 13.69 -41.68
C GLU B 778 -12.67 12.76 -42.83
N VAL B 779 -12.59 11.47 -42.56
CA VAL B 779 -12.14 10.54 -43.60
C VAL B 779 -13.18 10.43 -44.71
N PHE B 780 -14.45 10.24 -44.36
CA PHE B 780 -15.43 9.91 -45.38
C PHE B 780 -16.26 11.09 -45.85
N ALA B 781 -16.74 11.93 -44.94
CA ALA B 781 -17.64 13.03 -45.30
C ALA B 781 -16.83 14.16 -45.94
N GLN B 782 -16.44 13.93 -47.19
CA GLN B 782 -15.71 14.93 -47.97
C GLN B 782 -16.51 15.48 -49.15
N VAL B 783 -17.57 14.82 -49.57
CA VAL B 783 -18.43 15.28 -50.65
C VAL B 783 -19.80 15.63 -50.07
N LYS B 784 -20.30 16.80 -50.43
CA LYS B 784 -21.55 17.29 -49.88
C LYS B 784 -22.76 16.97 -50.75
N GLN B 785 -22.57 16.24 -51.84
CA GLN B 785 -23.66 15.84 -52.71
C GLN B 785 -23.52 14.34 -52.98
N ILE B 786 -24.64 13.63 -52.87
CA ILE B 786 -24.65 12.18 -53.05
C ILE B 786 -25.01 11.90 -54.50
N TYR B 787 -24.00 11.60 -55.30
CA TYR B 787 -24.21 11.29 -56.71
C TYR B 787 -24.69 9.85 -56.88
N LYS B 788 -25.22 9.56 -58.05
CA LYS B 788 -25.68 8.23 -58.39
C LYS B 788 -25.11 7.81 -59.74
N THR B 789 -24.73 6.55 -59.84
CA THR B 789 -24.23 6.01 -61.09
C THR B 789 -25.38 5.92 -62.11
N PRO B 790 -25.08 6.08 -63.40
CA PRO B 790 -26.12 5.95 -64.41
C PRO B 790 -26.66 4.53 -64.49
N PRO B 791 -27.90 4.35 -64.94
CA PRO B 791 -28.45 2.98 -65.00
C PRO B 791 -27.65 2.04 -65.89
N ILE B 792 -27.08 2.53 -66.97
CA ILE B 792 -26.28 1.70 -67.87
C ILE B 792 -24.81 1.76 -67.43
N LYS B 793 -24.18 0.61 -67.35
CA LYS B 793 -22.82 0.48 -66.81
C LYS B 793 -21.81 0.18 -67.92
N TYR B 794 -21.98 0.80 -69.08
CA TYR B 794 -21.03 0.68 -70.18
C TYR B 794 -20.12 1.89 -70.19
N PHE B 795 -18.84 1.68 -69.96
CA PHE B 795 -17.84 2.75 -69.87
C PHE B 795 -16.70 2.48 -70.84
N GLY B 796 -17.05 2.18 -72.09
CA GLY B 796 -16.04 1.91 -73.10
C GLY B 796 -15.23 0.66 -72.84
N GLY B 797 -15.88 -0.39 -72.32
CA GLY B 797 -15.24 -1.66 -72.10
C GLY B 797 -14.76 -1.90 -70.68
N PHE B 798 -14.57 -0.84 -69.89
CA PHE B 798 -14.18 -1.02 -68.50
C PHE B 798 -15.33 -1.62 -67.71
N ASN B 799 -15.00 -2.49 -66.76
CA ASN B 799 -15.98 -3.23 -65.98
C ASN B 799 -15.80 -2.89 -64.51
N PHE B 800 -16.84 -2.30 -63.92
CA PHE B 800 -16.79 -1.86 -62.53
C PHE B 800 -17.74 -2.64 -61.63
N SER B 801 -18.16 -3.83 -62.05
CA SER B 801 -19.14 -4.58 -61.27
C SER B 801 -18.60 -4.97 -59.90
N GLN B 802 -17.29 -5.20 -59.79
CA GLN B 802 -16.72 -5.67 -58.54
C GLN B 802 -16.59 -4.59 -57.48
N ILE B 803 -16.83 -3.33 -57.82
CA ILE B 803 -16.76 -2.25 -56.85
C ILE B 803 -18.05 -1.44 -56.75
N LEU B 804 -18.91 -1.48 -57.74
CA LEU B 804 -20.15 -0.74 -57.66
C LEU B 804 -21.14 -1.43 -56.73
N PRO B 805 -22.02 -0.69 -56.08
CA PRO B 805 -22.98 -1.31 -55.16
C PRO B 805 -23.88 -2.31 -55.87
N ASP B 806 -24.22 -3.38 -55.15
CA ASP B 806 -25.06 -4.45 -55.69
C ASP B 806 -26.49 -4.25 -55.23
N PRO B 807 -27.43 -3.99 -56.14
CA PRO B 807 -28.85 -3.89 -55.73
C PRO B 807 -29.40 -5.19 -55.16
N SER B 808 -28.89 -6.34 -55.60
CA SER B 808 -29.41 -7.62 -55.11
C SER B 808 -29.15 -7.79 -53.62
N LYS B 809 -27.96 -7.42 -53.17
CA LYS B 809 -27.63 -7.56 -51.76
C LYS B 809 -28.53 -6.67 -50.91
N PRO B 810 -29.09 -7.18 -49.82
CA PRO B 810 -29.98 -6.35 -48.99
C PRO B 810 -29.29 -5.13 -48.40
N SER B 811 -28.00 -5.21 -48.10
CA SER B 811 -27.27 -4.11 -47.50
C SER B 811 -26.70 -3.14 -48.53
N LYS B 812 -26.88 -3.42 -49.82
CA LYS B 812 -26.40 -2.55 -50.90
C LYS B 812 -24.88 -2.35 -50.79
N ARG B 813 -24.16 -3.45 -50.95
CA ARG B 813 -22.70 -3.46 -50.84
C ARG B 813 -22.09 -4.10 -52.07
N SER B 814 -20.92 -3.60 -52.48
CA SER B 814 -20.19 -4.20 -53.56
C SER B 814 -19.61 -5.55 -53.13
N PRO B 815 -19.33 -6.44 -54.06
CA PRO B 815 -18.79 -7.76 -53.67
C PRO B 815 -17.51 -7.67 -52.85
N ILE B 816 -16.64 -6.72 -53.16
CA ILE B 816 -15.41 -6.58 -52.40
C ILE B 816 -15.70 -6.14 -50.98
N GLU B 817 -16.67 -5.23 -50.80
CA GLU B 817 -17.04 -4.81 -49.46
C GLU B 817 -17.60 -5.98 -48.66
N ASP B 818 -18.41 -6.82 -49.29
CA ASP B 818 -18.94 -8.01 -48.62
C ASP B 818 -17.81 -8.95 -48.21
N LEU B 819 -16.84 -9.15 -49.11
CA LEU B 819 -15.70 -10.00 -48.78
C LEU B 819 -14.93 -9.44 -47.59
N LEU B 820 -14.72 -8.11 -47.57
CA LEU B 820 -14.01 -7.50 -46.45
C LEU B 820 -14.78 -7.67 -45.15
N PHE B 821 -16.11 -7.50 -45.19
CA PHE B 821 -16.90 -7.69 -43.99
C PHE B 821 -16.82 -9.11 -43.48
N ASN B 822 -16.87 -10.09 -44.39
CA ASN B 822 -16.76 -11.49 -43.98
C ASN B 822 -15.39 -11.80 -43.39
N LYS B 823 -14.32 -11.30 -44.00
CA LYS B 823 -12.97 -11.67 -43.60
C LYS B 823 -12.56 -11.11 -42.24
N VAL B 824 -13.34 -10.20 -41.67
CA VAL B 824 -13.02 -9.58 -40.39
C VAL B 824 -14.17 -9.85 -39.43
N THR B 825 -13.83 -10.33 -38.23
CA THR B 825 -14.83 -10.63 -37.22
C THR B 825 -15.26 -9.36 -36.49
N ALA B 850 -17.60 -11.05 -23.73
CA ALA B 850 -18.84 -10.88 -24.48
C ALA B 850 -19.80 -9.97 -23.72
N GLN B 851 -20.14 -10.36 -22.50
CA GLN B 851 -21.07 -9.63 -21.65
C GLN B 851 -20.30 -9.09 -20.45
N LYS B 852 -20.36 -7.78 -20.25
CA LYS B 852 -19.59 -7.10 -19.20
C LYS B 852 -20.56 -6.29 -18.35
N PHE B 853 -20.99 -6.87 -17.24
CA PHE B 853 -21.90 -6.22 -16.31
C PHE B 853 -21.18 -5.29 -15.33
N LYS B 854 -19.85 -5.27 -15.37
CA LYS B 854 -19.07 -4.55 -14.36
C LYS B 854 -19.18 -3.05 -14.47
N GLY B 855 -19.78 -2.53 -15.55
CA GLY B 855 -19.85 -1.09 -15.77
C GLY B 855 -19.11 -0.62 -17.00
N LEU B 856 -18.64 -1.53 -17.85
CA LEU B 856 -17.94 -1.17 -19.07
C LEU B 856 -18.89 -1.33 -20.25
N THR B 857 -19.09 -0.25 -21.01
CA THR B 857 -20.05 -0.23 -22.08
C THR B 857 -19.37 0.12 -23.40
N VAL B 858 -19.97 -0.35 -24.50
CA VAL B 858 -19.51 -0.06 -25.84
C VAL B 858 -20.55 0.84 -26.51
N LEU B 859 -20.17 2.07 -26.80
CA LEU B 859 -21.10 2.99 -27.42
C LEU B 859 -21.14 2.75 -28.92
N PRO B 860 -22.34 2.69 -29.52
CA PRO B 860 -22.42 2.46 -30.95
C PRO B 860 -21.91 3.68 -31.72
N PRO B 861 -21.34 3.48 -32.90
CA PRO B 861 -20.84 4.63 -33.66
C PRO B 861 -21.99 5.47 -34.20
N LEU B 862 -21.68 6.75 -34.44
CA LEU B 862 -22.68 7.65 -35.00
C LEU B 862 -23.01 7.29 -36.44
N LEU B 863 -22.01 6.86 -37.21
CA LEU B 863 -22.17 6.55 -38.62
C LEU B 863 -22.39 5.05 -38.77
N THR B 864 -23.61 4.66 -39.15
CA THR B 864 -23.86 3.25 -39.41
C THR B 864 -23.16 2.81 -40.69
N ASP B 865 -23.00 1.49 -40.83
CA ASP B 865 -22.29 0.96 -42.00
C ASP B 865 -22.99 1.32 -43.29
N GLU B 866 -24.32 1.41 -43.29
CA GLU B 866 -25.02 1.73 -44.53
C GLU B 866 -24.71 3.15 -44.99
N MET B 867 -24.61 4.10 -44.06
CA MET B 867 -24.30 5.47 -44.44
C MET B 867 -22.87 5.58 -44.97
N ILE B 868 -21.94 4.85 -44.37
CA ILE B 868 -20.58 4.80 -44.89
C ILE B 868 -20.59 4.22 -46.31
N ALA B 869 -21.38 3.18 -46.52
CA ALA B 869 -21.50 2.62 -47.87
C ALA B 869 -22.07 3.64 -48.84
N GLN B 870 -23.01 4.47 -48.39
CA GLN B 870 -23.55 5.49 -49.28
C GLN B 870 -22.50 6.53 -49.64
N TYR B 871 -21.69 6.95 -48.67
CA TYR B 871 -20.55 7.81 -48.99
C TYR B 871 -19.62 7.17 -50.01
N THR B 872 -19.30 5.89 -49.81
CA THR B 872 -18.40 5.22 -50.75
C THR B 872 -19.00 5.17 -52.15
N SER B 873 -20.29 4.87 -52.25
CA SER B 873 -20.94 4.83 -53.54
C SER B 873 -20.96 6.21 -54.20
N ALA B 874 -21.21 7.26 -53.41
CA ALA B 874 -21.19 8.61 -53.96
C ALA B 874 -19.81 8.96 -54.48
N LEU B 875 -18.76 8.63 -53.74
CA LEU B 875 -17.41 8.91 -54.20
C LEU B 875 -17.09 8.15 -55.47
N LEU B 876 -17.50 6.88 -55.54
CA LEU B 876 -17.26 6.10 -56.75
C LEU B 876 -17.97 6.68 -57.96
N ALA B 877 -19.24 7.07 -57.78
CA ALA B 877 -19.97 7.66 -58.89
C ALA B 877 -19.34 8.98 -59.33
N GLY B 878 -18.91 9.80 -58.37
CA GLY B 878 -18.27 11.06 -58.72
C GLY B 878 -16.97 10.86 -59.47
N THR B 879 -16.15 9.90 -59.03
CA THR B 879 -14.87 9.67 -59.68
C THR B 879 -14.99 8.88 -60.97
N ILE B 880 -16.13 8.26 -61.22
CA ILE B 880 -16.31 7.52 -62.47
C ILE B 880 -16.94 8.40 -63.55
N THR B 881 -18.02 9.10 -63.22
CA THR B 881 -18.76 9.84 -64.23
C THR B 881 -18.20 11.23 -64.51
N SER B 882 -17.55 11.86 -63.53
CA SER B 882 -17.13 13.25 -63.68
C SER B 882 -15.63 13.45 -63.46
N GLY B 883 -14.83 12.41 -63.57
CA GLY B 883 -13.40 12.57 -63.37
C GLY B 883 -13.09 13.05 -61.97
N TRP B 884 -12.18 14.01 -61.87
CA TRP B 884 -11.84 14.62 -60.59
C TRP B 884 -12.37 16.03 -60.46
N THR B 885 -13.18 16.50 -61.40
CA THR B 885 -13.70 17.85 -61.32
C THR B 885 -14.63 18.04 -60.15
N PHE B 886 -15.34 16.97 -59.74
CA PHE B 886 -16.28 17.08 -58.64
C PHE B 886 -15.59 17.36 -57.31
N GLY B 887 -14.28 17.12 -57.22
CA GLY B 887 -13.54 17.40 -56.02
C GLY B 887 -13.11 18.84 -55.86
N ALA B 888 -13.37 19.69 -56.84
CA ALA B 888 -12.93 21.08 -56.78
C ALA B 888 -14.00 22.04 -57.28
N GLY B 889 -15.27 21.69 -57.17
CA GLY B 889 -16.34 22.54 -57.65
C GLY B 889 -17.51 21.72 -58.16
N PRO B 890 -18.29 22.30 -59.06
CA PRO B 890 -19.41 21.54 -59.64
C PRO B 890 -18.89 20.38 -60.48
N ALA B 891 -19.68 19.30 -60.48
CA ALA B 891 -19.29 18.11 -61.22
C ALA B 891 -19.55 18.29 -62.71
N LEU B 892 -18.58 17.94 -63.53
CA LEU B 892 -18.67 18.06 -64.98
C LEU B 892 -18.47 16.68 -65.60
N GLN B 893 -19.51 16.16 -66.24
CA GLN B 893 -19.43 14.83 -66.80
C GLN B 893 -18.43 14.78 -67.95
N ILE B 894 -17.67 13.68 -68.01
CA ILE B 894 -16.67 13.46 -69.04
C ILE B 894 -16.73 11.99 -69.44
N PRO B 895 -16.74 11.66 -70.73
CA PRO B 895 -16.68 10.25 -71.11
C PRO B 895 -15.44 9.60 -70.55
N PHE B 896 -15.60 8.37 -70.05
CA PHE B 896 -14.52 7.74 -69.31
C PHE B 896 -13.23 7.57 -70.11
N PRO B 897 -13.24 7.10 -71.36
CA PRO B 897 -11.96 7.00 -72.08
C PRO B 897 -11.23 8.34 -72.19
N MET B 898 -11.96 9.43 -72.36
CA MET B 898 -11.30 10.73 -72.40
C MET B 898 -10.67 11.06 -71.05
N GLN B 899 -11.32 10.67 -69.96
CA GLN B 899 -10.72 10.86 -68.65
C GLN B 899 -9.43 10.06 -68.52
N MET B 900 -9.43 8.82 -69.00
CA MET B 900 -8.22 8.02 -68.95
C MET B 900 -7.11 8.64 -69.80
N ALA B 901 -7.48 9.21 -70.94
CA ALA B 901 -6.50 9.90 -71.77
C ALA B 901 -5.94 11.11 -71.04
N TYR B 902 -6.80 11.85 -70.33
CA TYR B 902 -6.33 12.95 -69.52
C TYR B 902 -5.32 12.48 -68.48
N ARG B 903 -5.58 11.34 -67.86
CA ARG B 903 -4.68 10.83 -66.84
C ARG B 903 -3.33 10.42 -67.43
N PHE B 904 -3.35 9.71 -68.57
CA PHE B 904 -2.09 9.38 -69.24
C PHE B 904 -1.33 10.64 -69.60
N ASN B 905 -2.01 11.63 -70.18
CA ASN B 905 -1.34 12.89 -70.47
C ASN B 905 -0.79 13.53 -69.22
N GLY B 906 -1.42 13.28 -68.07
CA GLY B 906 -0.87 13.75 -66.81
C GLY B 906 0.43 13.06 -66.45
N ILE B 907 0.54 11.76 -66.71
CA ILE B 907 1.73 11.01 -66.34
C ILE B 907 2.77 11.01 -67.46
N GLY B 908 2.61 11.85 -68.47
CA GLY B 908 3.62 11.99 -69.50
C GLY B 908 3.53 11.05 -70.66
N VAL B 909 2.37 10.41 -70.88
CA VAL B 909 2.14 9.54 -72.01
C VAL B 909 1.03 10.15 -72.86
N THR B 910 1.26 10.23 -74.16
CA THR B 910 0.35 10.94 -75.04
C THR B 910 -0.99 10.20 -75.14
N GLN B 911 -1.99 10.92 -75.65
CA GLN B 911 -3.36 10.41 -75.68
C GLN B 911 -3.51 9.27 -76.68
N ASN B 912 -2.79 9.34 -77.81
CA ASN B 912 -2.94 8.34 -78.84
C ASN B 912 -2.59 6.95 -78.34
N VAL B 913 -1.69 6.85 -77.37
CA VAL B 913 -1.35 5.56 -76.80
C VAL B 913 -2.58 4.86 -76.26
N LEU B 914 -3.38 5.58 -75.46
CA LEU B 914 -4.61 4.99 -74.96
C LEU B 914 -5.64 4.81 -76.07
N TYR B 915 -5.79 5.82 -76.93
CA TYR B 915 -6.87 5.73 -77.90
C TYR B 915 -6.62 4.64 -78.92
N GLU B 916 -5.41 4.11 -78.99
CA GLU B 916 -5.12 3.06 -79.96
C GLU B 916 -5.18 1.65 -79.37
N ASN B 917 -5.11 1.48 -78.05
CA ASN B 917 -5.21 0.15 -77.45
C ASN B 917 -6.11 0.21 -76.21
N GLN B 918 -7.17 1.01 -76.33
CA GLN B 918 -8.20 1.06 -75.29
C GLN B 918 -8.71 -0.33 -74.92
N LYS B 919 -8.98 -1.18 -75.89
CA LYS B 919 -9.56 -2.49 -75.56
C LYS B 919 -8.57 -3.35 -74.78
N LEU B 920 -7.28 -3.31 -75.17
CA LEU B 920 -6.28 -4.04 -74.42
C LEU B 920 -6.17 -3.52 -73.00
N ILE B 921 -6.22 -2.20 -72.84
CA ILE B 921 -6.14 -1.63 -71.50
C ILE B 921 -7.35 -2.04 -70.66
N ALA B 922 -8.52 -2.06 -71.27
CA ALA B 922 -9.72 -2.49 -70.55
C ALA B 922 -9.61 -3.94 -70.12
N ASN B 923 -9.10 -4.81 -71.00
CA ASN B 923 -8.92 -6.21 -70.63
C ASN B 923 -7.95 -6.34 -69.48
N GLN B 924 -6.84 -5.60 -69.52
CA GLN B 924 -5.88 -5.63 -68.42
C GLN B 924 -6.52 -5.17 -67.12
N PHE B 925 -7.32 -4.12 -67.18
CA PHE B 925 -7.96 -3.60 -65.98
C PHE B 925 -8.92 -4.62 -65.37
N ASN B 926 -9.75 -5.24 -66.22
CA ASN B 926 -10.69 -6.25 -65.71
C ASN B 926 -9.94 -7.43 -65.10
N SER B 927 -8.89 -7.90 -65.76
CA SER B 927 -8.11 -9.00 -65.20
C SER B 927 -7.50 -8.62 -63.86
N ALA B 928 -7.01 -7.39 -63.75
CA ALA B 928 -6.43 -6.93 -62.49
C ALA B 928 -7.47 -6.90 -61.38
N ILE B 929 -8.68 -6.42 -61.68
CA ILE B 929 -9.74 -6.40 -60.66
C ILE B 929 -10.08 -7.82 -60.21
N GLY B 930 -10.22 -8.75 -61.17
CA GLY B 930 -10.49 -10.12 -60.80
C GLY B 930 -9.40 -10.72 -59.92
N LYS B 931 -8.14 -10.46 -60.27
CA LYS B 931 -7.03 -10.97 -59.48
C LYS B 931 -7.04 -10.37 -58.07
N ILE B 932 -7.38 -9.09 -57.95
CA ILE B 932 -7.44 -8.48 -56.62
C ILE B 932 -8.52 -9.13 -55.78
N GLN B 933 -9.69 -9.37 -56.37
CA GLN B 933 -10.76 -10.01 -55.63
C GLN B 933 -10.34 -11.40 -55.16
N ASP B 934 -9.72 -12.18 -56.05
CA ASP B 934 -9.29 -13.52 -55.68
C ASP B 934 -8.20 -13.48 -54.60
N SER B 935 -7.27 -12.53 -54.71
CA SER B 935 -6.20 -12.41 -53.72
C SER B 935 -6.75 -12.07 -52.35
N LEU B 936 -7.72 -11.16 -52.29
CA LEU B 936 -8.35 -10.86 -51.01
C LEU B 936 -9.08 -12.08 -50.47
N SER B 937 -9.77 -12.83 -51.35
CA SER B 937 -10.53 -13.98 -50.89
C SER B 937 -9.62 -15.07 -50.32
N SER B 938 -8.51 -15.34 -51.00
CA SER B 938 -7.72 -16.53 -50.73
C SER B 938 -6.65 -16.34 -49.66
N THR B 939 -6.39 -15.12 -49.21
CA THR B 939 -5.35 -14.87 -48.23
C THR B 939 -5.97 -14.27 -46.96
N PRO B 940 -5.87 -14.95 -45.81
CA PRO B 940 -6.48 -14.42 -44.59
C PRO B 940 -5.64 -13.39 -43.85
N SER B 941 -4.36 -13.26 -44.19
CA SER B 941 -3.47 -12.35 -43.48
C SER B 941 -3.41 -10.96 -44.11
N ALA B 942 -4.22 -10.69 -45.13
CA ALA B 942 -4.17 -9.38 -45.77
C ALA B 942 -4.73 -8.28 -44.88
N LEU B 943 -5.72 -8.60 -44.05
CA LEU B 943 -6.40 -7.61 -43.21
C LEU B 943 -5.84 -7.59 -41.80
N GLY B 944 -4.51 -7.70 -41.67
CA GLY B 944 -3.92 -7.79 -40.35
C GLY B 944 -4.21 -6.59 -39.47
N LYS B 945 -4.24 -5.39 -40.05
CA LYS B 945 -4.28 -4.18 -39.24
C LYS B 945 -5.62 -4.03 -38.51
N LEU B 946 -6.73 -4.19 -39.23
CA LEU B 946 -8.04 -4.05 -38.59
C LEU B 946 -8.25 -5.12 -37.53
N GLN B 947 -7.83 -6.35 -37.83
CA GLN B 947 -7.91 -7.42 -36.84
C GLN B 947 -7.06 -7.10 -35.63
N ASP B 948 -5.89 -6.49 -35.83
CA ASP B 948 -5.06 -6.09 -34.70
C ASP B 948 -5.76 -5.05 -33.84
N VAL B 949 -6.42 -4.08 -34.48
CA VAL B 949 -7.17 -3.09 -33.71
C VAL B 949 -8.24 -3.75 -32.86
N VAL B 950 -9.04 -4.62 -33.48
CA VAL B 950 -10.14 -5.26 -32.76
C VAL B 950 -9.60 -6.11 -31.62
N ASN B 951 -8.56 -6.90 -31.90
CA ASN B 951 -8.01 -7.77 -30.87
C ASN B 951 -7.38 -6.97 -29.74
N HIS B 952 -6.70 -5.87 -30.06
CA HIS B 952 -6.10 -5.05 -29.03
C HIS B 952 -7.17 -4.51 -28.09
N ASN B 953 -8.25 -3.96 -28.65
CA ASN B 953 -9.30 -3.43 -27.79
C ASN B 953 -9.95 -4.51 -26.96
N ALA B 954 -10.24 -5.67 -27.58
CA ALA B 954 -10.89 -6.75 -26.85
C ALA B 954 -10.01 -7.24 -25.71
N GLN B 955 -8.72 -7.42 -25.96
CA GLN B 955 -7.84 -7.92 -24.91
C GLN B 955 -7.61 -6.89 -23.82
N ALA B 956 -7.59 -5.60 -24.17
CA ALA B 956 -7.49 -4.57 -23.14
C ALA B 956 -8.69 -4.60 -22.22
N LEU B 957 -9.89 -4.69 -22.80
CA LEU B 957 -11.09 -4.77 -21.97
C LEU B 957 -11.10 -6.03 -21.12
N ASN B 958 -10.67 -7.15 -21.70
CA ASN B 958 -10.64 -8.41 -20.97
C ASN B 958 -9.68 -8.33 -19.78
N THR B 959 -8.49 -7.75 -19.98
CA THR B 959 -7.55 -7.58 -18.89
C THR B 959 -8.12 -6.67 -17.81
N LEU B 960 -8.75 -5.57 -18.21
CA LEU B 960 -9.34 -4.68 -17.23
C LEU B 960 -10.41 -5.39 -16.40
N VAL B 961 -11.23 -6.22 -17.04
CA VAL B 961 -12.26 -6.95 -16.32
C VAL B 961 -11.63 -7.96 -15.37
N LYS B 962 -10.66 -8.73 -15.84
CA LYS B 962 -10.01 -9.73 -15.00
C LYS B 962 -9.22 -9.11 -13.85
N GLN B 963 -8.90 -7.81 -13.95
CA GLN B 963 -8.22 -7.15 -12.84
C GLN B 963 -9.06 -7.09 -11.58
N LEU B 964 -10.38 -7.31 -11.67
CA LEU B 964 -11.22 -7.25 -10.48
C LEU B 964 -10.91 -8.38 -9.50
N SER B 965 -10.56 -9.56 -10.01
CA SER B 965 -10.36 -10.73 -9.17
C SER B 965 -8.99 -10.76 -8.52
N SER B 966 -8.30 -9.63 -8.45
CA SER B 966 -7.00 -9.54 -7.83
C SER B 966 -7.14 -9.07 -6.39
N LYS B 967 -6.42 -9.71 -5.48
CA LYS B 967 -6.49 -9.38 -4.07
C LYS B 967 -5.72 -8.10 -3.73
N PHE B 968 -4.75 -7.72 -4.57
CA PHE B 968 -3.94 -6.51 -4.37
C PHE B 968 -3.22 -6.53 -3.02
N GLY B 969 -2.98 -7.73 -2.48
CA GLY B 969 -2.35 -7.86 -1.19
C GLY B 969 -3.30 -7.87 -0.01
N ALA B 970 -4.57 -7.55 -0.23
CA ALA B 970 -5.58 -7.64 0.82
C ALA B 970 -5.93 -9.10 1.08
N ILE B 971 -6.45 -9.36 2.28
CA ILE B 971 -6.76 -10.74 2.66
C ILE B 971 -7.91 -11.30 1.85
N SER B 972 -8.70 -10.46 1.19
CA SER B 972 -9.77 -10.93 0.32
C SER B 972 -10.04 -9.87 -0.74
N SER B 973 -10.75 -10.29 -1.79
CA SER B 973 -11.05 -9.41 -2.92
C SER B 973 -12.56 -9.27 -3.12
N VAL B 974 -13.33 -9.39 -2.04
CA VAL B 974 -14.78 -9.26 -2.08
C VAL B 974 -15.20 -8.25 -1.03
N LEU B 975 -16.05 -7.30 -1.42
CA LEU B 975 -16.46 -6.24 -0.50
C LEU B 975 -17.28 -6.80 0.66
N ASN B 976 -18.26 -7.66 0.34
CA ASN B 976 -19.15 -8.19 1.37
C ASN B 976 -18.40 -9.05 2.37
N ASP B 977 -17.44 -9.85 1.90
CA ASP B 977 -16.69 -10.72 2.81
C ASP B 977 -15.92 -9.89 3.83
N ILE B 978 -15.22 -8.85 3.38
CA ILE B 978 -14.47 -8.02 4.30
C ILE B 978 -15.40 -7.24 5.21
N PHE B 979 -16.56 -6.82 4.69
CA PHE B 979 -17.52 -6.10 5.50
C PHE B 979 -18.07 -6.97 6.63
N SER B 980 -18.34 -8.24 6.34
CA SER B 980 -18.94 -9.13 7.33
C SER B 980 -17.93 -9.76 8.28
N ARG B 981 -16.68 -9.97 7.85
CA ARG B 981 -15.71 -10.65 8.67
C ARG B 981 -14.95 -9.72 9.62
N LEU B 982 -14.85 -8.43 9.31
CA LEU B 982 -14.07 -7.51 10.11
C LEU B 982 -14.89 -6.27 10.43
N ASP B 983 -14.52 -5.60 11.52
CA ASP B 983 -15.12 -4.35 11.93
C ASP B 983 -14.49 -3.19 11.17
N PRO B 984 -15.10 -2.01 11.22
CA PRO B 984 -14.61 -0.86 10.42
C PRO B 984 -13.14 -0.53 10.65
N PRO B 985 -12.60 -0.62 11.88
CA PRO B 985 -11.22 -0.12 12.08
C PRO B 985 -10.17 -0.62 11.11
N GLU B 986 -10.18 -1.91 10.74
CA GLU B 986 -9.24 -2.40 9.74
C GLU B 986 -9.88 -2.73 8.40
N ALA B 987 -11.19 -2.98 8.39
CA ALA B 987 -11.89 -3.10 7.11
C ALA B 987 -11.73 -1.83 6.29
N GLU B 988 -11.64 -0.68 6.95
CA GLU B 988 -11.42 0.57 6.25
C GLU B 988 -10.08 0.54 5.52
N VAL B 989 -9.03 0.08 6.19
CA VAL B 989 -7.71 0.01 5.56
C VAL B 989 -7.72 -0.98 4.40
N GLN B 990 -8.37 -2.12 4.61
CA GLN B 990 -8.45 -3.13 3.54
C GLN B 990 -9.18 -2.56 2.31
N ILE B 991 -10.31 -1.89 2.54
CA ILE B 991 -11.05 -1.29 1.44
C ILE B 991 -10.23 -0.20 0.77
N ASP B 992 -9.48 0.58 1.55
CA ASP B 992 -8.62 1.60 0.97
C ASP B 992 -7.59 0.98 0.03
N ARG B 993 -6.94 -0.10 0.46
CA ARG B 993 -5.97 -0.76 -0.39
C ARG B 993 -6.63 -1.27 -1.67
N LEU B 994 -7.79 -1.91 -1.54
CA LEU B 994 -8.46 -2.46 -2.71
C LEU B 994 -8.85 -1.37 -3.70
N ILE B 995 -9.45 -0.28 -3.20
CA ILE B 995 -9.91 0.78 -4.09
C ILE B 995 -8.74 1.49 -4.72
N THR B 996 -7.64 1.68 -3.99
CA THR B 996 -6.46 2.28 -4.59
C THR B 996 -5.93 1.43 -5.73
N GLY B 997 -5.83 0.12 -5.52
CA GLY B 997 -5.36 -0.75 -6.59
C GLY B 997 -6.27 -0.71 -7.80
N ARG B 998 -7.58 -0.76 -7.57
CA ARG B 998 -8.51 -0.76 -8.70
C ARG B 998 -8.45 0.56 -9.48
N LEU B 999 -8.39 1.69 -8.77
CA LEU B 999 -8.26 2.98 -9.45
C LEU B 999 -6.97 3.05 -10.25
N GLN B 1000 -5.87 2.56 -9.68
CA GLN B 1000 -4.61 2.58 -10.43
C GLN B 1000 -4.71 1.75 -11.70
N SER B 1001 -5.31 0.57 -11.61
CA SER B 1001 -5.45 -0.27 -12.79
C SER B 1001 -6.31 0.41 -13.85
N LEU B 1002 -7.43 1.00 -13.43
CA LEU B 1002 -8.31 1.64 -14.41
C LEU B 1002 -7.63 2.84 -15.06
N GLN B 1003 -6.87 3.60 -14.27
CA GLN B 1003 -6.15 4.73 -14.84
C GLN B 1003 -5.10 4.27 -15.84
N THR B 1004 -4.42 3.16 -15.56
CA THR B 1004 -3.48 2.60 -16.52
C THR B 1004 -4.19 2.24 -17.82
N TYR B 1005 -5.37 1.62 -17.72
CA TYR B 1005 -6.12 1.30 -18.92
C TYR B 1005 -6.49 2.56 -19.69
N VAL B 1006 -6.87 3.62 -18.97
CA VAL B 1006 -7.23 4.88 -19.62
C VAL B 1006 -6.04 5.45 -20.38
N THR B 1007 -4.86 5.43 -19.77
CA THR B 1007 -3.68 5.95 -20.45
C THR B 1007 -3.36 5.14 -21.70
N GLN B 1008 -3.48 3.80 -21.60
CA GLN B 1008 -3.25 2.98 -22.78
C GLN B 1008 -4.24 3.31 -23.88
N GLN B 1009 -5.50 3.51 -23.53
CA GLN B 1009 -6.51 3.89 -24.50
C GLN B 1009 -6.15 5.22 -25.16
N LEU B 1010 -5.68 6.18 -24.37
CA LEU B 1010 -5.32 7.48 -24.92
C LEU B 1010 -4.20 7.35 -25.94
N ILE B 1011 -3.17 6.57 -25.62
CA ILE B 1011 -2.04 6.42 -26.55
C ILE B 1011 -2.51 5.76 -27.85
N ARG B 1012 -3.30 4.68 -27.72
CA ARG B 1012 -3.79 4.01 -28.91
C ARG B 1012 -4.67 4.92 -29.74
N ALA B 1013 -5.48 5.75 -29.08
CA ALA B 1013 -6.34 6.69 -29.80
C ALA B 1013 -5.51 7.72 -30.56
N ALA B 1014 -4.42 8.19 -29.96
CA ALA B 1014 -3.56 9.13 -30.67
C ALA B 1014 -2.96 8.49 -31.92
N GLU B 1015 -2.49 7.24 -31.79
CA GLU B 1015 -1.95 6.55 -32.96
C GLU B 1015 -3.02 6.38 -34.04
N ILE B 1016 -4.23 5.99 -33.65
CA ILE B 1016 -5.31 5.79 -34.61
C ILE B 1016 -5.66 7.10 -35.29
N ARG B 1017 -5.63 8.20 -34.54
CA ARG B 1017 -5.92 9.50 -35.14
C ARG B 1017 -4.87 9.89 -36.16
N ALA B 1018 -3.60 9.60 -35.88
CA ALA B 1018 -2.56 9.85 -36.89
C ALA B 1018 -2.84 9.03 -38.15
N SER B 1019 -3.18 7.76 -37.97
CA SER B 1019 -3.48 6.93 -39.14
C SER B 1019 -4.69 7.44 -39.90
N ALA B 1020 -5.70 7.95 -39.19
CA ALA B 1020 -6.89 8.47 -39.84
C ALA B 1020 -6.59 9.74 -40.61
N ASN B 1021 -5.73 10.60 -40.07
CA ASN B 1021 -5.30 11.78 -40.82
C ASN B 1021 -4.58 11.38 -42.10
N LEU B 1022 -3.71 10.38 -42.01
CA LEU B 1022 -3.05 9.89 -43.22
C LEU B 1022 -4.06 9.34 -44.21
N ALA B 1023 -5.07 8.62 -43.72
CA ALA B 1023 -6.09 8.08 -44.62
C ALA B 1023 -6.89 9.19 -45.29
N ALA B 1024 -7.21 10.25 -44.55
CA ALA B 1024 -7.92 11.37 -45.15
C ALA B 1024 -7.08 12.04 -46.22
N THR B 1025 -5.78 12.20 -45.97
CA THR B 1025 -4.91 12.76 -47.00
C THR B 1025 -4.88 11.87 -48.23
N LYS B 1026 -4.76 10.56 -48.04
CA LYS B 1026 -4.74 9.65 -49.17
C LYS B 1026 -6.03 9.74 -49.96
N MET B 1027 -7.16 9.80 -49.28
CA MET B 1027 -8.43 9.96 -49.99
C MET B 1027 -8.42 11.25 -50.81
N SER B 1028 -8.16 12.38 -50.17
CA SER B 1028 -8.29 13.66 -50.83
C SER B 1028 -7.34 13.79 -52.02
N GLU B 1029 -6.20 13.12 -51.96
CA GLU B 1029 -5.23 13.26 -53.06
C GLU B 1029 -5.36 12.16 -54.10
N CYS B 1030 -5.26 10.88 -53.71
CA CYS B 1030 -5.30 9.82 -54.70
C CYS B 1030 -6.69 9.64 -55.30
N VAL B 1031 -7.76 9.84 -54.52
CA VAL B 1031 -9.09 9.54 -55.03
C VAL B 1031 -9.65 10.72 -55.80
N LEU B 1032 -9.72 11.88 -55.14
CA LEU B 1032 -10.28 13.09 -55.73
C LEU B 1032 -9.35 13.74 -56.74
N GLY B 1033 -8.28 13.07 -57.14
CA GLY B 1033 -7.36 13.65 -58.09
C GLY B 1033 -6.29 12.65 -58.48
N GLN B 1034 -5.23 13.17 -59.08
CA GLN B 1034 -4.08 12.36 -59.46
C GLN B 1034 -2.86 12.89 -58.73
N SER B 1035 -2.00 11.98 -58.27
CA SER B 1035 -0.86 12.33 -57.44
C SER B 1035 0.43 12.15 -58.21
N LYS B 1036 1.30 13.16 -58.14
CA LYS B 1036 2.65 13.07 -58.67
C LYS B 1036 3.66 12.58 -57.64
N ARG B 1037 3.22 12.36 -56.41
CA ARG B 1037 4.12 11.86 -55.37
C ARG B 1037 4.39 10.38 -55.59
N VAL B 1038 5.66 10.01 -55.54
CA VAL B 1038 6.07 8.63 -55.82
C VAL B 1038 5.66 7.73 -54.66
N ASP B 1039 5.02 6.60 -54.99
CA ASP B 1039 4.67 5.56 -54.04
C ASP B 1039 3.67 6.03 -52.99
N PHE B 1040 3.21 7.27 -53.09
CA PHE B 1040 2.17 7.73 -52.17
C PHE B 1040 0.85 7.04 -52.45
N CYS B 1041 0.53 6.84 -53.73
CA CYS B 1041 -0.72 6.17 -54.09
C CYS B 1041 -0.45 4.91 -54.90
N GLY B 1042 0.46 4.08 -54.41
CA GLY B 1042 0.71 2.80 -55.04
C GLY B 1042 2.04 2.77 -55.79
N LYS B 1043 2.62 1.57 -55.87
CA LYS B 1043 3.87 1.40 -56.57
C LYS B 1043 3.69 1.63 -58.05
N GLY B 1044 4.59 2.40 -58.66
CA GLY B 1044 4.49 2.77 -60.05
C GLY B 1044 3.79 4.10 -60.24
N TYR B 1045 3.65 4.48 -61.51
CA TYR B 1045 2.96 5.73 -61.84
C TYR B 1045 1.49 5.59 -61.49
N HIS B 1046 0.95 6.59 -60.80
CA HIS B 1046 -0.43 6.52 -60.35
C HIS B 1046 -1.37 7.04 -61.42
N LEU B 1047 -2.53 6.38 -61.54
CA LEU B 1047 -3.56 6.80 -62.48
C LEU B 1047 -4.81 7.29 -61.75
N MET B 1048 -5.38 6.46 -60.88
CA MET B 1048 -6.58 6.78 -60.13
C MET B 1048 -6.80 5.67 -59.12
N SER B 1049 -7.61 5.96 -58.11
CA SER B 1049 -7.86 5.01 -57.04
C SER B 1049 -9.33 4.98 -56.70
N PHE B 1050 -9.78 3.86 -56.15
CA PHE B 1050 -11.15 3.69 -55.72
C PHE B 1050 -11.19 3.28 -54.27
N PRO B 1051 -12.08 3.87 -53.46
CA PRO B 1051 -12.16 3.50 -52.05
C PRO B 1051 -13.17 2.38 -51.80
N GLN B 1052 -12.91 1.64 -50.74
CA GLN B 1052 -13.84 0.62 -50.28
C GLN B 1052 -13.89 0.65 -48.76
N SER B 1053 -15.09 0.53 -48.21
CA SER B 1053 -15.25 0.57 -46.76
C SER B 1053 -14.88 -0.77 -46.15
N ALA B 1054 -14.64 -0.75 -44.84
CA ALA B 1054 -14.22 -1.93 -44.11
C ALA B 1054 -14.53 -1.71 -42.63
N PRO B 1055 -14.63 -2.78 -41.84
CA PRO B 1055 -14.88 -2.60 -40.40
C PRO B 1055 -13.73 -1.85 -39.74
N HIS B 1056 -14.05 -0.67 -39.19
CA HIS B 1056 -13.08 0.15 -38.49
C HIS B 1056 -11.90 0.53 -39.38
N GLY B 1057 -12.18 0.80 -40.65
CA GLY B 1057 -11.12 1.18 -41.56
C GLY B 1057 -11.63 1.38 -42.97
N VAL B 1058 -10.69 1.69 -43.86
CA VAL B 1058 -10.99 1.93 -45.27
C VAL B 1058 -9.93 1.23 -46.10
N VAL B 1059 -10.33 0.74 -47.27
CA VAL B 1059 -9.47 0.01 -48.18
C VAL B 1059 -9.46 0.72 -49.51
N PHE B 1060 -8.27 0.99 -50.03
CA PHE B 1060 -8.10 1.68 -51.31
C PHE B 1060 -7.71 0.67 -52.39
N LEU B 1061 -8.06 0.99 -53.62
CA LEU B 1061 -7.66 0.21 -54.78
C LEU B 1061 -6.89 1.13 -55.73
N HIS B 1062 -5.58 1.21 -55.52
CA HIS B 1062 -4.74 2.08 -56.32
C HIS B 1062 -4.51 1.46 -57.69
N VAL B 1063 -5.12 2.04 -58.72
CA VAL B 1063 -4.87 1.63 -60.09
C VAL B 1063 -3.66 2.40 -60.59
N THR B 1064 -2.62 1.67 -61.00
CA THR B 1064 -1.34 2.29 -61.32
C THR B 1064 -0.83 1.75 -62.66
N TYR B 1065 0.01 2.55 -63.29
CA TYR B 1065 0.59 2.24 -64.59
C TYR B 1065 2.03 1.80 -64.40
N VAL B 1066 2.39 0.67 -65.00
CA VAL B 1066 3.71 0.07 -64.84
C VAL B 1066 4.31 -0.24 -66.20
N PRO B 1067 5.44 0.35 -66.57
CA PRO B 1067 6.07 0.02 -67.85
C PRO B 1067 6.66 -1.38 -67.84
N ALA B 1068 6.81 -1.94 -69.04
CA ALA B 1068 7.35 -3.28 -69.18
C ALA B 1068 7.90 -3.45 -70.58
N GLN B 1069 8.67 -4.53 -70.77
CA GLN B 1069 9.29 -4.87 -72.05
C GLN B 1069 10.22 -3.76 -72.53
N GLU B 1070 11.21 -3.46 -71.71
CA GLU B 1070 12.19 -2.44 -72.07
C GLU B 1070 13.10 -2.94 -73.18
N LYS B 1071 13.64 -1.99 -73.94
CA LYS B 1071 14.54 -2.28 -75.05
C LYS B 1071 15.64 -1.22 -75.07
N ASN B 1072 16.89 -1.66 -75.17
CA ASN B 1072 18.02 -0.75 -75.15
C ASN B 1072 18.12 0.01 -76.47
N PHE B 1073 18.77 1.17 -76.41
CA PHE B 1073 18.97 2.00 -77.59
C PHE B 1073 20.25 2.79 -77.42
N THR B 1074 20.79 3.26 -78.55
CA THR B 1074 21.94 4.15 -78.55
C THR B 1074 21.44 5.57 -78.74
N THR B 1075 21.81 6.45 -77.82
CA THR B 1075 21.24 7.79 -77.74
C THR B 1075 22.33 8.84 -77.78
N ALA B 1076 21.94 10.05 -78.17
CA ALA B 1076 22.82 11.20 -78.21
C ALA B 1076 22.13 12.39 -77.56
N PRO B 1077 22.89 13.30 -76.95
CA PRO B 1077 22.24 14.43 -76.28
C PRO B 1077 21.62 15.43 -77.23
N ALA B 1078 22.27 15.71 -78.36
CA ALA B 1078 21.77 16.70 -79.29
C ALA B 1078 22.27 16.35 -80.68
N ILE B 1079 21.69 17.01 -81.68
CA ILE B 1079 22.03 16.77 -83.09
C ILE B 1079 22.61 18.04 -83.67
N CYS B 1080 23.81 17.94 -84.23
CA CYS B 1080 24.45 19.06 -84.92
C CYS B 1080 24.08 18.99 -86.38
N HIS B 1081 23.62 20.12 -86.92
CA HIS B 1081 23.14 20.17 -88.30
C HIS B 1081 23.36 21.58 -88.84
N ASP B 1082 24.26 21.70 -89.82
CA ASP B 1082 24.62 23.00 -90.39
C ASP B 1082 25.13 23.95 -89.32
N GLY B 1083 25.93 23.42 -88.39
CA GLY B 1083 26.47 24.25 -87.34
C GLY B 1083 25.50 24.67 -86.27
N LYS B 1084 24.32 24.06 -86.22
CA LYS B 1084 23.32 24.35 -85.20
C LYS B 1084 22.96 23.09 -84.45
N ALA B 1085 22.78 23.22 -83.14
CA ALA B 1085 22.47 22.09 -82.27
C ALA B 1085 20.97 22.06 -82.03
N HIS B 1086 20.36 20.91 -82.33
CA HIS B 1086 18.92 20.73 -82.17
C HIS B 1086 18.65 19.86 -80.95
N PHE B 1087 17.88 20.38 -80.01
CA PHE B 1087 17.50 19.63 -78.82
C PHE B 1087 16.03 19.22 -78.90
N PRO B 1088 15.66 18.10 -78.31
CA PRO B 1088 14.25 17.71 -78.33
C PRO B 1088 13.41 18.58 -77.42
N ARG B 1089 12.20 18.90 -77.87
CA ARG B 1089 11.29 19.66 -77.02
C ARG B 1089 10.86 18.85 -75.81
N GLU B 1090 10.45 17.61 -76.03
CA GLU B 1090 9.99 16.73 -74.97
C GLU B 1090 10.55 15.32 -75.02
N GLY B 1091 10.97 14.84 -76.18
CA GLY B 1091 11.45 13.48 -76.33
C GLY B 1091 12.93 13.33 -76.05
N VAL B 1092 13.47 12.21 -76.52
CA VAL B 1092 14.90 11.93 -76.42
C VAL B 1092 15.34 11.27 -77.70
N PHE B 1093 16.51 11.66 -78.20
CA PHE B 1093 17.00 11.13 -79.46
C PHE B 1093 17.47 9.69 -79.28
N VAL B 1094 16.94 8.79 -80.10
CA VAL B 1094 17.30 7.38 -80.08
C VAL B 1094 17.63 6.95 -81.50
N SER B 1095 18.32 5.81 -81.62
CA SER B 1095 18.73 5.31 -82.92
C SER B 1095 18.85 3.81 -82.86
N ASN B 1096 18.14 3.12 -83.77
CA ASN B 1096 18.22 1.67 -83.80
C ASN B 1096 19.56 1.16 -84.33
N GLY B 1097 20.41 2.04 -84.84
CA GLY B 1097 21.70 1.64 -85.34
C GLY B 1097 22.10 2.36 -86.61
N THR B 1098 21.13 2.71 -87.43
CA THR B 1098 21.41 3.42 -88.68
C THR B 1098 20.68 4.75 -88.78
N HIS B 1099 19.45 4.84 -88.28
CA HIS B 1099 18.66 6.05 -88.37
C HIS B 1099 18.34 6.56 -86.98
N TRP B 1100 18.07 7.85 -86.88
CA TRP B 1100 17.82 8.51 -85.61
C TRP B 1100 16.37 8.98 -85.53
N PHE B 1101 15.78 8.84 -84.35
CA PHE B 1101 14.42 9.28 -84.11
C PHE B 1101 14.36 10.01 -82.78
N VAL B 1102 13.25 10.71 -82.57
CA VAL B 1102 12.93 11.32 -81.29
C VAL B 1102 11.64 10.67 -80.77
N THR B 1103 11.66 10.23 -79.52
CA THR B 1103 10.53 9.53 -78.94
C THR B 1103 10.32 9.96 -77.51
N GLN B 1104 9.08 9.90 -77.06
CA GLN B 1104 8.74 10.25 -75.69
C GLN B 1104 9.38 9.27 -74.72
N ARG B 1105 9.62 9.76 -73.49
CA ARG B 1105 10.45 9.02 -72.55
C ARG B 1105 9.80 7.71 -72.13
N ASN B 1106 8.50 7.71 -71.85
CA ASN B 1106 7.85 6.58 -71.21
C ASN B 1106 7.30 5.56 -72.18
N PHE B 1107 7.43 5.78 -73.48
CA PHE B 1107 6.92 4.83 -74.46
C PHE B 1107 7.73 4.96 -75.74
N TYR B 1108 7.83 3.87 -76.48
CA TYR B 1108 8.60 3.85 -77.72
C TYR B 1108 7.68 4.22 -78.88
N GLU B 1109 7.71 5.48 -79.28
CA GLU B 1109 6.95 5.97 -80.44
C GLU B 1109 7.89 6.74 -81.34
N PRO B 1110 8.67 6.04 -82.16
CA PRO B 1110 9.68 6.72 -82.98
C PRO B 1110 9.04 7.69 -83.97
N GLN B 1111 9.72 8.82 -84.16
CA GLN B 1111 9.26 9.85 -85.07
C GLN B 1111 10.44 10.39 -85.86
N ILE B 1112 10.16 10.91 -87.05
CA ILE B 1112 11.20 11.53 -87.86
C ILE B 1112 11.57 12.87 -87.24
N ILE B 1113 12.87 13.13 -87.14
CA ILE B 1113 13.36 14.35 -86.49
C ILE B 1113 13.12 15.52 -87.44
N THR B 1114 12.17 16.37 -87.11
CA THR B 1114 11.86 17.55 -87.91
C THR B 1114 12.27 18.81 -87.15
N THR B 1115 11.96 19.96 -87.74
CA THR B 1115 12.30 21.24 -87.14
C THR B 1115 11.22 21.78 -86.22
N ASP B 1116 10.11 21.06 -86.05
CA ASP B 1116 9.05 21.49 -85.16
C ASP B 1116 9.08 20.79 -83.81
N ASN B 1117 9.62 19.58 -83.75
CA ASN B 1117 9.80 18.87 -82.48
C ASN B 1117 11.22 19.00 -81.94
N THR B 1118 12.03 19.89 -82.52
CA THR B 1118 13.34 20.21 -81.98
C THR B 1118 13.50 21.72 -81.94
N PHE B 1119 14.22 22.20 -80.94
CA PHE B 1119 14.49 23.62 -80.80
C PHE B 1119 15.98 23.87 -80.81
N VAL B 1120 16.39 24.88 -81.57
CA VAL B 1120 17.79 25.18 -81.82
C VAL B 1120 18.33 26.06 -80.71
N SER B 1121 19.57 25.79 -80.29
CA SER B 1121 20.23 26.61 -79.28
C SER B 1121 21.74 26.56 -79.50
N GLY B 1122 22.27 27.58 -80.15
CA GLY B 1122 23.71 27.69 -80.33
C GLY B 1122 24.27 26.74 -81.36
N ASN B 1123 25.59 26.68 -81.41
CA ASN B 1123 26.30 25.81 -82.33
C ASN B 1123 26.57 24.46 -81.67
N CYS B 1124 27.15 23.54 -82.44
CA CYS B 1124 27.44 22.19 -81.96
C CYS B 1124 28.90 22.05 -81.53
N ASP B 1125 29.46 23.08 -80.92
CA ASP B 1125 30.83 23.05 -80.45
C ASP B 1125 30.94 22.84 -78.95
N VAL B 1126 30.00 23.34 -78.16
CA VAL B 1126 30.09 23.26 -76.72
C VAL B 1126 29.40 22.02 -76.16
N VAL B 1127 28.37 21.50 -76.82
CA VAL B 1127 27.70 20.30 -76.33
C VAL B 1127 28.63 19.11 -76.46
N ILE B 1128 28.74 18.34 -75.40
CA ILE B 1128 29.63 17.18 -75.36
C ILE B 1128 28.84 15.94 -75.74
N GLY B 1129 29.32 15.21 -76.75
CA GLY B 1129 28.64 14.03 -77.23
C GLY B 1129 27.68 14.25 -78.36
N ILE B 1130 27.62 15.46 -78.93
CA ILE B 1130 26.72 15.72 -80.04
C ILE B 1130 27.16 14.93 -81.27
N VAL B 1131 26.18 14.54 -82.08
CA VAL B 1131 26.42 13.72 -83.25
C VAL B 1131 25.94 14.46 -84.49
N ASN B 1132 26.18 13.85 -85.64
CA ASN B 1132 25.84 14.43 -86.94
C ASN B 1132 24.63 13.72 -87.52
N ASN B 1133 23.65 14.51 -87.97
CA ASN B 1133 22.50 13.99 -88.68
C ASN B 1133 21.77 15.14 -89.33
N THR B 1134 20.99 14.83 -90.35
CA THR B 1134 20.12 15.81 -90.99
C THR B 1134 18.84 15.96 -90.20
N VAL B 1135 18.19 17.10 -90.37
CA VAL B 1135 16.90 17.39 -89.74
C VAL B 1135 15.91 17.73 -90.84
N TYR B 1136 14.91 16.87 -91.01
CA TYR B 1136 13.92 17.09 -92.05
C TYR B 1136 13.13 18.38 -91.80
N ASP B 1137 12.80 19.08 -92.87
CA ASP B 1137 11.99 20.30 -92.77
C ASP B 1137 10.75 20.13 -93.63
N PRO B 1138 9.54 20.20 -93.05
CA PRO B 1138 8.33 19.97 -93.85
C PRO B 1138 8.04 21.06 -94.86
N LEU B 1139 8.49 22.29 -94.62
CA LEU B 1139 8.09 23.41 -95.47
C LEU B 1139 8.84 23.44 -96.79
N GLN B 1140 10.05 22.89 -96.83
CA GLN B 1140 10.83 22.91 -98.07
C GLN B 1140 10.14 22.17 -99.21
N PRO B 1141 9.61 20.96 -99.04
CA PRO B 1141 8.83 20.36 -100.14
C PRO B 1141 7.64 21.19 -100.55
N GLU B 1142 7.02 21.91 -99.62
CA GLU B 1142 5.92 22.80 -99.97
C GLU B 1142 6.39 23.94 -100.87
N LEU B 1143 7.54 24.52 -100.56
CA LEU B 1143 8.10 25.53 -101.46
C LEU B 1143 8.61 24.94 -102.77
N ASP B 1144 8.87 23.63 -102.81
CA ASP B 1144 9.30 23.01 -104.05
C ASP B 1144 8.23 23.12 -105.12
N SER B 1145 6.97 22.99 -104.74
CA SER B 1145 5.87 23.12 -105.69
C SER B 1145 5.51 24.59 -105.91
N CYS C 15 -55.06 26.27 31.91
CA CYS C 15 -55.52 25.41 30.83
C CYS C 15 -57.01 25.58 30.60
N VAL C 16 -57.37 26.14 29.45
CA VAL C 16 -58.76 26.38 29.09
C VAL C 16 -59.06 25.56 27.84
N ASN C 17 -60.08 24.70 27.93
CA ASN C 17 -60.50 23.91 26.78
C ASN C 17 -61.06 24.83 25.70
N LEU C 18 -60.65 24.58 24.46
CA LEU C 18 -61.11 25.38 23.33
C LEU C 18 -61.59 24.44 22.24
N THR C 19 -62.74 24.77 21.64
CA THR C 19 -63.31 23.97 20.58
C THR C 19 -63.82 24.84 19.43
N THR C 20 -63.74 26.17 19.56
CA THR C 20 -64.27 27.07 18.56
C THR C 20 -63.52 27.04 17.24
N ARG C 21 -62.36 26.39 17.19
CA ARG C 21 -61.62 26.29 15.94
C ARG C 21 -62.43 25.57 14.88
N THR C 22 -62.39 26.09 13.66
CA THR C 22 -63.10 25.46 12.55
C THR C 22 -62.32 24.24 12.06
N GLN C 23 -63.01 23.12 11.93
CA GLN C 23 -62.37 21.89 11.48
C GLN C 23 -62.29 21.88 9.96
N LEU C 24 -61.07 21.74 9.44
CA LEU C 24 -60.84 21.78 8.00
C LEU C 24 -59.50 21.14 7.68
N PRO C 25 -59.43 20.24 6.69
CA PRO C 25 -58.15 19.66 6.29
C PRO C 25 -57.19 20.75 5.84
N PRO C 26 -55.91 20.62 6.16
CA PRO C 26 -54.95 21.66 5.79
C PRO C 26 -54.77 21.74 4.28
N ALA C 27 -54.56 22.97 3.79
CA ALA C 27 -54.31 23.19 2.38
C ALA C 27 -52.85 22.88 2.05
N TYR C 28 -52.48 23.09 0.79
CA TYR C 28 -51.12 22.86 0.34
C TYR C 28 -50.70 23.96 -0.63
N THR C 29 -49.39 24.12 -0.78
CA THR C 29 -48.82 25.03 -1.75
C THR C 29 -47.42 24.54 -2.12
N ASN C 30 -46.82 25.20 -3.09
CA ASN C 30 -45.54 24.78 -3.63
C ASN C 30 -44.41 25.46 -2.88
N SER C 31 -43.40 24.69 -2.49
CA SER C 31 -42.29 25.23 -1.71
C SER C 31 -41.42 26.17 -2.53
N PHE C 32 -41.48 26.07 -3.86
CA PHE C 32 -40.68 26.89 -4.79
C PHE C 32 -39.21 26.59 -4.48
N THR C 33 -38.36 27.60 -4.34
CA THR C 33 -36.94 27.36 -4.10
C THR C 33 -36.49 27.96 -2.78
N ARG C 34 -37.28 27.77 -1.74
CA ARG C 34 -36.98 28.32 -0.42
C ARG C 34 -36.42 27.24 0.49
N GLY C 35 -35.71 27.68 1.53
CA GLY C 35 -35.18 26.75 2.51
C GLY C 35 -33.71 26.43 2.34
N VAL C 36 -32.90 27.46 2.09
CA VAL C 36 -31.46 27.30 1.93
C VAL C 36 -30.77 28.00 3.09
N TYR C 37 -29.89 27.28 3.78
CA TYR C 37 -29.19 27.77 4.96
C TYR C 37 -27.70 27.48 4.82
N TYR C 38 -26.89 28.29 5.48
CA TYR C 38 -25.45 28.11 5.40
C TYR C 38 -25.06 26.82 6.13
N PRO C 39 -24.44 25.85 5.47
CA PRO C 39 -24.17 24.56 6.11
C PRO C 39 -23.00 24.58 7.08
N ASP C 40 -22.14 25.59 7.05
CA ASP C 40 -20.99 25.63 7.95
C ASP C 40 -20.68 27.10 8.26
N LYS C 41 -19.61 27.30 9.03
CA LYS C 41 -19.27 28.63 9.54
C LYS C 41 -18.15 29.29 8.73
N VAL C 42 -17.63 28.62 7.70
CA VAL C 42 -16.52 29.17 6.93
C VAL C 42 -17.04 30.26 6.00
N PHE C 43 -16.13 31.01 5.40
CA PHE C 43 -16.47 32.07 4.47
C PHE C 43 -15.87 31.77 3.11
N ARG C 44 -16.70 31.80 2.06
CA ARG C 44 -16.26 31.53 0.71
C ARG C 44 -16.86 32.58 -0.22
N SER C 45 -16.11 32.93 -1.27
CA SER C 45 -16.54 33.95 -2.20
C SER C 45 -16.30 33.50 -3.63
N SER C 46 -17.31 33.68 -4.48
CA SER C 46 -17.21 33.41 -5.92
C SER C 46 -16.84 31.95 -6.20
N VAL C 47 -17.28 31.05 -5.31
CA VAL C 47 -16.96 29.64 -5.42
C VAL C 47 -18.26 28.84 -5.39
N LEU C 48 -18.42 27.95 -6.35
CA LEU C 48 -19.55 27.04 -6.40
C LEU C 48 -19.21 25.80 -5.57
N HIS C 49 -19.77 25.71 -4.38
CA HIS C 49 -19.48 24.63 -3.45
C HIS C 49 -20.62 23.62 -3.46
N SER C 50 -20.26 22.34 -3.57
CA SER C 50 -21.23 21.26 -3.54
C SER C 50 -21.25 20.66 -2.14
N THR C 51 -22.43 20.63 -1.53
CA THR C 51 -22.59 20.10 -0.19
C THR C 51 -23.76 19.11 -0.15
N GLN C 52 -23.66 18.14 0.74
CA GLN C 52 -24.70 17.15 0.96
C GLN C 52 -25.13 17.23 2.42
N ASP C 53 -26.40 17.56 2.65
CA ASP C 53 -26.92 17.71 4.00
C ASP C 53 -28.43 17.67 3.93
N LEU C 54 -29.07 17.83 5.09
CA LEU C 54 -30.52 17.82 5.19
C LEU C 54 -31.05 19.16 4.71
N PHE C 55 -31.78 19.14 3.59
CA PHE C 55 -32.30 20.34 2.97
C PHE C 55 -33.77 20.15 2.62
N LEU C 56 -34.48 21.26 2.52
CA LEU C 56 -35.87 21.21 2.08
C LEU C 56 -35.91 21.00 0.57
N PRO C 57 -36.55 19.94 0.07
CA PRO C 57 -36.59 19.71 -1.37
C PRO C 57 -37.28 20.85 -2.10
N PHE C 58 -36.78 21.17 -3.29
CA PHE C 58 -37.36 22.23 -4.09
C PHE C 58 -38.75 21.84 -4.58
N PHE C 59 -39.65 22.82 -4.61
CA PHE C 59 -41.00 22.64 -5.14
C PHE C 59 -41.73 21.49 -4.45
N SER C 60 -41.64 21.46 -3.12
CA SER C 60 -42.31 20.45 -2.32
C SER C 60 -43.65 20.98 -1.80
N ASN C 61 -44.42 20.09 -1.20
CA ASN C 61 -45.74 20.42 -0.68
C ASN C 61 -45.59 20.82 0.78
N VAL C 62 -45.54 22.12 1.06
CA VAL C 62 -45.48 22.64 2.41
C VAL C 62 -46.91 22.80 2.91
N THR C 63 -47.20 22.18 4.04
CA THR C 63 -48.56 22.21 4.58
C THR C 63 -48.95 23.62 4.97
N TRP C 64 -50.20 23.98 4.69
CA TRP C 64 -50.69 25.34 4.88
C TRP C 64 -51.69 25.36 6.02
N PHE C 65 -51.46 26.26 6.98
CA PHE C 65 -52.39 26.55 8.06
C PHE C 65 -52.65 28.04 8.09
N HIS C 66 -53.89 28.41 8.36
CA HIS C 66 -54.30 29.81 8.44
C HIS C 66 -55.03 30.06 9.75
N VAL C 67 -54.79 31.24 10.32
CA VAL C 67 -55.41 31.63 11.59
C VAL C 67 -56.12 32.97 11.39
N ILE C 68 -57.38 33.03 11.80
CA ILE C 68 -58.17 34.25 11.72
C ILE C 68 -59.30 34.20 12.72
N LYS C 75 -63.43 31.77 12.30
CA LYS C 75 -62.85 31.42 13.58
C LYS C 75 -61.86 30.28 13.39
N ARG C 76 -60.73 30.60 12.76
CA ARG C 76 -59.74 29.60 12.36
C ARG C 76 -58.60 29.58 13.37
N PHE C 77 -58.45 28.46 14.09
CA PHE C 77 -57.33 28.21 14.99
C PHE C 77 -56.64 26.93 14.54
N ASP C 78 -55.47 27.07 13.93
CA ASP C 78 -54.67 25.93 13.48
C ASP C 78 -53.48 25.77 14.42
N ASN C 79 -53.67 24.97 15.46
CA ASN C 79 -52.58 24.58 16.37
C ASN C 79 -52.64 23.07 16.59
N PRO C 80 -52.36 22.29 15.56
CA PRO C 80 -52.41 20.83 15.69
C PRO C 80 -51.05 20.26 16.09
N VAL C 81 -51.04 18.94 16.24
CA VAL C 81 -49.82 18.20 16.55
C VAL C 81 -49.18 17.77 15.25
N LEU C 82 -47.94 18.19 15.03
CA LEU C 82 -47.23 17.86 13.80
C LEU C 82 -45.93 17.11 14.11
N PRO C 83 -45.67 16.01 13.40
CA PRO C 83 -44.43 15.28 13.63
C PRO C 83 -43.21 16.09 13.22
N PHE C 84 -42.08 15.79 13.85
CA PHE C 84 -40.83 16.49 13.59
C PHE C 84 -40.00 15.81 12.51
N ASN C 85 -39.91 14.49 12.54
CA ASN C 85 -39.10 13.69 11.60
C ASN C 85 -37.66 14.19 11.69
N ASP C 86 -36.93 14.25 10.58
CA ASP C 86 -35.54 14.67 10.63
C ASP C 86 -35.38 16.19 10.70
N GLY C 87 -36.41 16.94 10.31
CA GLY C 87 -36.32 18.38 10.38
C GLY C 87 -37.64 19.02 9.97
N VAL C 88 -37.71 20.32 10.22
CA VAL C 88 -38.89 21.11 9.90
C VAL C 88 -38.45 22.47 9.36
N TYR C 89 -39.05 22.88 8.26
CA TYR C 89 -38.92 24.25 7.76
C TYR C 89 -40.16 25.01 8.18
N PHE C 90 -39.97 26.04 9.00
CA PHE C 90 -41.07 26.82 9.55
C PHE C 90 -41.04 28.22 8.95
N ALA C 91 -42.13 28.61 8.32
CA ALA C 91 -42.31 29.94 7.77
C ALA C 91 -43.64 30.50 8.22
N SER C 92 -43.79 31.82 8.10
CA SER C 92 -45.02 32.47 8.55
C SER C 92 -45.13 33.83 7.89
N ILE C 93 -46.21 34.06 7.15
CA ILE C 93 -46.53 35.37 6.61
C ILE C 93 -47.24 36.13 7.73
N GLU C 94 -46.54 37.09 8.34
CA GLU C 94 -47.02 37.68 9.58
C GLU C 94 -47.14 39.20 9.49
N LYS C 95 -48.17 39.71 10.16
CA LYS C 95 -48.32 41.12 10.45
C LYS C 95 -48.75 41.25 11.91
N SER C 96 -48.09 42.13 12.65
CA SER C 96 -48.29 42.37 14.08
C SER C 96 -47.78 41.24 14.96
N ASN C 97 -47.18 40.20 14.39
CA ASN C 97 -46.48 39.16 15.15
C ASN C 97 -47.41 38.45 16.14
N ILE C 98 -48.41 37.75 15.60
CA ILE C 98 -49.31 36.97 16.44
C ILE C 98 -48.56 35.80 17.09
N ILE C 99 -47.73 35.11 16.30
CA ILE C 99 -47.04 33.92 16.81
C ILE C 99 -46.09 34.29 17.93
N ARG C 100 -46.01 33.42 18.93
CA ARG C 100 -45.14 33.65 20.07
C ARG C 100 -44.01 32.64 20.23
N GLY C 101 -44.21 31.39 19.81
CA GLY C 101 -43.18 30.39 19.97
C GLY C 101 -43.67 29.02 19.56
N TRP C 102 -42.96 28.00 20.04
CA TRP C 102 -43.23 26.62 19.68
C TRP C 102 -43.02 25.73 20.89
N ILE C 103 -43.57 24.52 20.81
CA ILE C 103 -43.43 23.49 21.83
C ILE C 103 -42.89 22.24 21.15
N PHE C 104 -41.94 21.57 21.80
CA PHE C 104 -41.30 20.39 21.23
C PHE C 104 -41.29 19.25 22.25
N GLY C 105 -40.91 18.08 21.78
CA GLY C 105 -40.80 16.92 22.64
C GLY C 105 -41.29 15.67 21.92
N THR C 106 -41.66 14.68 22.73
CA THR C 106 -42.23 13.43 22.22
C THR C 106 -43.67 13.23 22.67
N THR C 107 -43.93 13.32 23.98
CA THR C 107 -45.27 13.11 24.51
C THR C 107 -45.90 14.38 25.04
N LEU C 108 -45.11 15.45 25.27
CA LEU C 108 -45.62 16.75 25.69
C LEU C 108 -46.37 16.65 27.02
N ASP C 109 -45.76 15.99 27.99
CA ASP C 109 -46.34 15.85 29.33
C ASP C 109 -45.21 15.72 30.33
N SER C 110 -45.54 15.26 31.54
CA SER C 110 -44.55 15.09 32.60
C SER C 110 -43.82 13.77 32.52
N LYS C 111 -44.03 12.97 31.48
CA LYS C 111 -43.36 11.68 31.38
C LYS C 111 -41.93 11.84 30.88
N THR C 112 -41.73 12.48 29.74
CA THR C 112 -40.43 12.65 29.12
C THR C 112 -40.13 14.12 28.90
N GLN C 113 -38.84 14.46 29.01
CA GLN C 113 -38.43 15.86 28.95
C GLN C 113 -38.82 16.50 27.62
N SER C 114 -39.25 17.76 27.70
CA SER C 114 -39.68 18.52 26.55
C SER C 114 -38.87 19.80 26.47
N LEU C 115 -39.25 20.67 25.54
CA LEU C 115 -38.57 21.94 25.33
C LEU C 115 -39.60 22.99 24.96
N LEU C 116 -39.41 24.21 25.47
CA LEU C 116 -40.35 25.29 25.25
C LEU C 116 -39.61 26.56 24.85
N ILE C 117 -40.12 27.24 23.83
CA ILE C 117 -39.58 28.50 23.35
C ILE C 117 -40.73 29.47 23.20
N VAL C 118 -40.60 30.66 23.81
CA VAL C 118 -41.62 31.70 23.73
C VAL C 118 -40.94 33.04 23.50
N ASN C 119 -41.71 33.98 22.97
CA ASN C 119 -41.27 35.36 22.73
C ASN C 119 -42.29 36.29 23.37
N ASN C 120 -42.03 36.69 24.61
CA ASN C 120 -42.94 37.58 25.32
C ASN C 120 -42.68 39.02 24.86
N ALA C 121 -43.35 39.98 25.52
CA ALA C 121 -43.17 41.38 25.17
C ALA C 121 -41.79 41.92 25.56
N THR C 122 -41.01 41.15 26.32
CA THR C 122 -39.71 41.60 26.79
C THR C 122 -38.56 40.98 25.99
N ASN C 123 -38.55 39.65 25.86
CA ASN C 123 -37.40 38.96 25.29
C ASN C 123 -37.85 37.60 24.78
N VAL C 124 -36.88 36.74 24.50
CA VAL C 124 -37.12 35.33 24.24
C VAL C 124 -36.81 34.56 25.52
N VAL C 125 -37.56 33.49 25.75
CA VAL C 125 -37.36 32.63 26.91
C VAL C 125 -37.25 31.20 26.41
N ILE C 126 -36.10 30.58 26.62
CA ILE C 126 -35.85 29.20 26.24
C ILE C 126 -35.72 28.39 27.52
N LYS C 127 -36.56 27.36 27.65
CA LYS C 127 -36.58 26.56 28.86
C LYS C 127 -36.67 25.09 28.49
N VAL C 128 -35.86 24.27 29.16
CA VAL C 128 -35.91 22.82 29.02
C VAL C 128 -36.35 22.28 30.37
N CYS C 129 -37.61 21.85 30.46
CA CYS C 129 -38.17 21.41 31.72
C CYS C 129 -39.21 20.33 31.46
N GLU C 130 -39.50 19.57 32.51
CA GLU C 130 -40.54 18.53 32.46
C GLU C 130 -41.91 19.18 32.66
N PHE C 131 -42.30 19.95 31.65
CA PHE C 131 -43.56 20.67 31.70
C PHE C 131 -44.74 19.70 31.65
N GLN C 132 -45.89 20.17 32.11
CA GLN C 132 -47.17 19.51 31.89
C GLN C 132 -48.01 20.48 31.06
N PHE C 133 -47.87 20.39 29.75
CA PHE C 133 -48.51 21.33 28.85
C PHE C 133 -50.04 21.18 28.90
N CYS C 134 -50.72 22.28 28.60
CA CYS C 134 -52.16 22.23 28.47
C CYS C 134 -52.56 21.44 27.23
N ASN C 135 -53.81 20.99 27.20
CA ASN C 135 -54.33 20.35 26.00
C ASN C 135 -54.36 21.32 24.82
N ASP C 136 -54.65 22.60 25.10
CA ASP C 136 -54.69 23.65 24.10
C ASP C 136 -53.88 24.84 24.59
N PRO C 137 -52.56 24.76 24.52
CA PRO C 137 -51.74 25.91 24.93
C PRO C 137 -51.83 27.05 23.93
N PHE C 138 -51.84 28.28 24.46
CA PHE C 138 -51.88 29.47 23.64
C PHE C 138 -51.55 30.68 24.51
N LEU C 139 -51.73 31.87 23.95
CA LEU C 139 -51.48 33.11 24.67
C LEU C 139 -52.64 34.06 24.42
N ASP C 140 -52.87 34.96 25.38
CA ASP C 140 -53.92 35.95 25.26
C ASP C 140 -53.41 37.35 25.53
N MET C 148 -52.28 44.46 24.43
CA MET C 148 -51.39 44.19 25.55
C MET C 148 -51.55 42.75 26.01
N GLU C 149 -50.42 42.07 26.19
CA GLU C 149 -50.40 40.63 26.48
C GLU C 149 -50.17 40.43 27.97
N SER C 150 -51.09 39.72 28.63
CA SER C 150 -50.94 39.49 30.07
C SER C 150 -51.43 38.11 30.51
N GLU C 151 -51.82 37.24 29.59
CA GLU C 151 -52.37 35.93 29.94
C GLU C 151 -51.45 34.84 29.40
N PHE C 152 -50.97 33.98 30.31
CA PHE C 152 -50.05 32.90 29.98
C PHE C 152 -50.74 31.59 30.29
N ARG C 153 -51.11 30.83 29.26
CA ARG C 153 -51.79 29.54 29.43
C ARG C 153 -51.15 28.53 28.49
N VAL C 154 -50.08 27.88 28.97
CA VAL C 154 -49.38 26.89 28.16
C VAL C 154 -49.23 25.58 28.94
N TYR C 155 -48.64 25.66 30.13
CA TYR C 155 -48.31 24.49 30.92
C TYR C 155 -48.84 24.67 32.33
N SER C 156 -49.10 23.54 33.00
CA SER C 156 -49.60 23.54 34.36
C SER C 156 -48.51 23.36 35.40
N SER C 157 -47.48 22.57 35.13
CA SER C 157 -46.43 22.31 36.09
C SER C 157 -45.10 22.19 35.37
N ALA C 158 -44.02 22.43 36.11
CA ALA C 158 -42.67 22.32 35.56
C ALA C 158 -41.72 22.04 36.72
N ASN C 159 -41.32 20.78 36.88
CA ASN C 159 -40.48 20.36 38.00
C ASN C 159 -39.02 20.16 37.59
N ASN C 160 -38.77 19.29 36.61
CA ASN C 160 -37.42 18.89 36.25
C ASN C 160 -36.89 19.80 35.15
N CYS C 161 -36.53 21.02 35.54
CA CYS C 161 -35.95 21.98 34.60
C CYS C 161 -34.46 21.70 34.42
N THR C 162 -34.04 21.56 33.18
CA THR C 162 -32.66 21.21 32.85
C THR C 162 -31.86 22.37 32.29
N PHE C 163 -32.43 23.12 31.35
CA PHE C 163 -31.72 24.21 30.70
C PHE C 163 -32.60 25.45 30.63
N GLU C 164 -31.96 26.61 30.73
CA GLU C 164 -32.61 27.90 30.56
C GLU C 164 -31.70 28.81 29.77
N TYR C 165 -32.29 29.74 29.01
CA TYR C 165 -31.52 30.71 28.26
C TYR C 165 -32.36 31.97 28.06
N VAL C 166 -31.68 33.10 27.95
CA VAL C 166 -32.32 34.40 27.74
C VAL C 166 -31.53 35.16 26.69
N SER C 167 -32.25 35.80 25.76
CA SER C 167 -31.63 36.65 24.75
C SER C 167 -32.62 37.73 24.36
N GLN C 168 -32.25 38.54 23.38
CA GLN C 168 -33.14 39.57 22.87
C GLN C 168 -34.27 38.94 22.07
N PRO C 169 -35.42 39.62 21.96
CA PRO C 169 -36.53 39.05 21.19
C PRO C 169 -36.15 38.82 19.74
N PHE C 170 -36.63 37.70 19.19
CA PHE C 170 -36.29 37.33 17.82
C PHE C 170 -36.87 38.33 16.82
N LEU C 171 -38.11 38.78 17.05
CA LEU C 171 -38.82 39.59 16.08
C LEU C 171 -38.89 41.04 16.52
N ASN C 180 -52.33 44.69 4.90
CA ASN C 180 -51.44 43.91 4.05
C ASN C 180 -50.31 43.28 4.85
N PHE C 181 -50.13 41.98 4.70
CA PHE C 181 -49.01 41.30 5.32
C PHE C 181 -47.70 41.86 4.78
N LYS C 182 -46.77 42.15 5.69
CA LYS C 182 -45.52 42.80 5.31
C LYS C 182 -44.27 42.12 5.85
N ASN C 183 -44.38 41.22 6.83
CA ASN C 183 -43.23 40.60 7.46
C ASN C 183 -43.23 39.11 7.20
N LEU C 184 -42.10 38.59 6.74
CA LEU C 184 -41.93 37.15 6.51
C LEU C 184 -40.86 36.63 7.46
N ARG C 185 -41.17 35.53 8.14
CA ARG C 185 -40.28 34.91 9.10
C ARG C 185 -40.02 33.48 8.65
N GLU C 186 -38.75 33.10 8.59
CA GLU C 186 -38.36 31.79 8.07
C GLU C 186 -37.44 31.11 9.08
N PHE C 187 -37.76 29.86 9.41
CA PHE C 187 -37.00 29.12 10.42
C PHE C 187 -36.82 27.68 9.98
N VAL C 188 -35.63 27.14 10.23
CA VAL C 188 -35.32 25.74 9.96
C VAL C 188 -34.74 25.14 11.24
N PHE C 189 -35.30 24.01 11.66
CA PHE C 189 -34.94 23.38 12.92
C PHE C 189 -34.21 22.07 12.63
N LYS C 190 -33.05 21.90 13.27
CA LYS C 190 -32.24 20.70 13.11
C LYS C 190 -31.85 20.17 14.48
N ASN C 191 -32.04 18.87 14.67
CA ASN C 191 -31.71 18.20 15.93
C ASN C 191 -30.80 17.01 15.59
N ILE C 192 -29.50 17.28 15.53
CA ILE C 192 -28.50 16.28 15.18
C ILE C 192 -27.38 16.34 16.21
N ASP C 193 -26.89 15.16 16.62
CA ASP C 193 -25.77 15.04 17.55
C ASP C 193 -26.08 15.74 18.88
N GLY C 194 -27.33 15.61 19.34
CA GLY C 194 -27.72 16.24 20.59
C GLY C 194 -27.70 17.75 20.56
N TYR C 195 -27.64 18.35 19.37
CA TYR C 195 -27.58 19.79 19.23
C TYR C 195 -28.79 20.28 18.46
N PHE C 196 -29.44 21.32 18.99
CA PHE C 196 -30.60 21.93 18.37
C PHE C 196 -30.14 23.13 17.56
N LYS C 197 -30.43 23.14 16.28
CA LYS C 197 -29.96 24.17 15.37
C LYS C 197 -31.12 25.06 14.94
N ILE C 198 -30.92 26.38 15.03
CA ILE C 198 -31.95 27.35 14.70
C ILE C 198 -31.38 28.32 13.67
N TYR C 199 -32.09 28.48 12.56
CA TYR C 199 -31.77 29.47 11.55
C TYR C 199 -32.97 30.38 11.33
N SER C 200 -32.70 31.66 11.08
CA SER C 200 -33.77 32.63 11.02
C SER C 200 -33.47 33.69 9.95
N LYS C 201 -34.52 34.37 9.52
CA LYS C 201 -34.41 35.48 8.59
C LYS C 201 -35.71 36.27 8.54
N HIS C 202 -35.62 37.59 8.70
CA HIS C 202 -36.77 38.48 8.62
C HIS C 202 -36.78 39.13 7.24
N THR C 203 -37.90 39.01 6.54
CA THR C 203 -37.98 39.50 5.17
C THR C 203 -39.22 40.36 4.99
N PRO C 204 -39.07 41.57 4.46
CA PRO C 204 -40.26 42.40 4.18
C PRO C 204 -41.09 41.81 3.05
N ILE C 205 -42.39 42.08 3.09
CA ILE C 205 -43.31 41.58 2.08
C ILE C 205 -44.14 42.73 1.51
N ASP C 213 -49.55 33.68 -0.60
CA ASP C 213 -48.74 32.47 -0.72
C ASP C 213 -47.25 32.80 -0.64
N LEU C 214 -46.42 31.77 -0.72
CA LEU C 214 -44.97 31.99 -0.64
C LEU C 214 -44.50 32.79 -1.85
N PRO C 215 -43.74 33.86 -1.65
CA PRO C 215 -43.30 34.67 -2.78
C PRO C 215 -42.16 34.01 -3.54
N GLN C 216 -42.00 34.42 -4.80
CA GLN C 216 -40.93 33.92 -5.64
C GLN C 216 -39.66 34.69 -5.35
N GLY C 217 -38.61 33.98 -4.94
CA GLY C 217 -37.36 34.61 -4.62
C GLY C 217 -36.44 33.63 -3.92
N PHE C 218 -35.23 34.10 -3.67
CA PHE C 218 -34.21 33.29 -3.02
C PHE C 218 -33.52 34.09 -1.94
N SER C 219 -33.39 33.49 -0.76
CA SER C 219 -32.70 34.15 0.35
C SER C 219 -32.17 33.08 1.29
N ALA C 220 -30.87 33.14 1.58
CA ALA C 220 -30.27 32.16 2.46
C ALA C 220 -30.65 32.43 3.91
N LEU C 221 -30.50 31.41 4.75
CA LEU C 221 -30.86 31.49 6.16
C LEU C 221 -29.59 31.52 7.00
N GLU C 222 -29.41 32.58 7.75
CA GLU C 222 -28.26 32.71 8.64
C GLU C 222 -28.45 31.82 9.87
N PRO C 223 -27.38 31.23 10.41
CA PRO C 223 -27.49 30.59 11.71
C PRO C 223 -27.78 31.62 12.78
N LEU C 224 -28.61 31.23 13.75
CA LEU C 224 -29.02 32.11 14.82
C LEU C 224 -28.51 31.65 16.19
N VAL C 225 -28.67 30.37 16.50
CA VAL C 225 -28.20 29.84 17.77
C VAL C 225 -28.18 28.32 17.66
N ASP C 226 -27.27 27.70 18.40
CA ASP C 226 -27.21 26.26 18.54
C ASP C 226 -27.34 25.90 20.01
N LEU C 227 -28.14 24.88 20.31
CA LEU C 227 -28.44 24.51 21.69
C LEU C 227 -27.97 23.09 21.97
N PRO C 228 -27.06 22.88 22.90
CA PRO C 228 -26.65 21.50 23.26
C PRO C 228 -27.63 20.85 24.23
N ILE C 229 -28.87 20.69 23.77
CA ILE C 229 -29.94 20.16 24.61
C ILE C 229 -29.85 18.64 24.63
N GLY C 230 -29.95 18.02 23.46
CA GLY C 230 -29.86 16.57 23.37
C GLY C 230 -31.01 15.84 24.02
N ILE C 231 -32.23 16.11 23.58
CA ILE C 231 -33.41 15.43 24.09
C ILE C 231 -34.17 14.83 22.91
N ASN C 232 -34.88 13.75 23.21
CA ASN C 232 -35.73 13.11 22.22
C ASN C 232 -36.81 14.08 21.76
N ILE C 233 -36.94 14.26 20.45
CA ILE C 233 -37.97 15.12 19.87
C ILE C 233 -38.57 14.39 18.67
N THR C 234 -39.89 14.25 18.66
CA THR C 234 -40.60 13.67 17.52
C THR C 234 -41.82 14.46 17.08
N ARG C 235 -42.41 15.28 17.95
CA ARG C 235 -43.58 16.06 17.61
C ARG C 235 -43.39 17.48 18.10
N PHE C 236 -44.13 18.40 17.49
CA PHE C 236 -43.98 19.81 17.84
C PHE C 236 -45.29 20.55 17.57
N GLN C 237 -45.39 21.74 18.15
CA GLN C 237 -46.62 22.52 18.15
C GLN C 237 -46.31 23.94 17.69
N THR C 238 -47.29 24.83 17.83
CA THR C 238 -47.10 26.24 17.61
C THR C 238 -47.88 27.04 18.66
N LEU C 239 -47.47 28.29 18.85
CA LEU C 239 -48.02 29.14 19.90
C LEU C 239 -48.41 30.49 19.31
N LEU C 240 -49.59 30.97 19.68
CA LEU C 240 -50.11 32.24 19.19
C LEU C 240 -50.70 33.05 20.33
N ALA C 241 -50.71 34.37 20.16
CA ALA C 241 -51.21 35.31 21.17
C ALA C 241 -52.53 35.88 20.69
N LEU C 242 -53.63 35.30 21.19
CA LEU C 242 -54.95 35.77 20.82
C LEU C 242 -55.22 37.14 21.46
N HIS C 243 -55.91 38.00 20.72
CA HIS C 243 -56.32 39.30 21.23
C HIS C 243 -57.75 39.24 21.75
N ARG C 244 -57.95 39.72 22.96
CA ARG C 244 -59.25 39.68 23.63
C ARG C 244 -59.93 41.03 23.52
N SER C 245 -61.18 41.03 23.04
CA SER C 245 -61.94 42.25 22.88
C SER C 245 -63.23 42.22 23.69
N GLY C 255 -65.39 37.91 23.37
CA GLY C 255 -64.38 36.94 23.76
C GLY C 255 -63.00 37.26 23.22
N TRP C 256 -62.41 36.29 22.52
CA TRP C 256 -61.09 36.45 21.91
C TRP C 256 -61.21 36.42 20.40
N THR C 257 -60.56 37.36 19.74
CA THR C 257 -60.57 37.46 18.28
C THR C 257 -59.15 37.37 17.75
N ALA C 258 -58.98 36.61 16.67
CA ALA C 258 -57.67 36.40 16.08
C ALA C 258 -57.60 37.10 14.72
N GLY C 259 -56.50 37.82 14.49
CA GLY C 259 -56.28 38.45 13.20
C GLY C 259 -55.83 37.45 12.15
N ALA C 260 -55.69 37.94 10.93
CA ALA C 260 -55.31 37.11 9.81
C ALA C 260 -53.84 36.72 9.93
N ALA C 261 -53.56 35.42 9.83
CA ALA C 261 -52.20 34.92 9.94
C ALA C 261 -52.13 33.55 9.28
N ALA C 262 -50.90 33.14 8.95
CA ALA C 262 -50.67 31.84 8.34
C ALA C 262 -49.25 31.40 8.62
N TYR C 263 -49.06 30.09 8.76
CA TYR C 263 -47.74 29.53 8.98
C TYR C 263 -47.62 28.23 8.21
N TYR C 264 -46.39 27.89 7.84
CA TYR C 264 -46.10 26.81 6.91
C TYR C 264 -45.15 25.83 7.58
N VAL C 265 -45.29 24.55 7.25
CA VAL C 265 -44.38 23.51 7.74
C VAL C 265 -43.91 22.67 6.56
N GLY C 266 -42.60 22.49 6.46
CA GLY C 266 -42.03 21.62 5.44
C GLY C 266 -40.91 20.79 6.03
N TYR C 267 -40.80 19.56 5.54
CA TYR C 267 -39.91 18.57 6.12
C TYR C 267 -38.64 18.48 5.30
N LEU C 268 -37.50 18.42 5.99
CA LEU C 268 -36.21 18.30 5.33
C LEU C 268 -35.92 16.84 4.99
N GLN C 269 -35.06 16.66 3.99
CA GLN C 269 -34.58 15.34 3.59
C GLN C 269 -33.11 15.44 3.25
N PRO C 270 -32.36 14.35 3.40
CA PRO C 270 -30.93 14.37 3.03
C PRO C 270 -30.77 14.30 1.52
N ARG C 271 -30.28 15.38 0.93
CA ARG C 271 -30.04 15.41 -0.51
C ARG C 271 -28.91 16.38 -0.79
N THR C 272 -28.30 16.22 -1.95
CA THR C 272 -27.12 16.98 -2.33
C THR C 272 -27.54 18.26 -3.05
N PHE C 273 -26.99 19.39 -2.62
CA PHE C 273 -27.23 20.67 -3.26
C PHE C 273 -25.94 21.20 -3.87
N LEU C 274 -26.08 22.26 -4.66
CA LEU C 274 -24.96 23.01 -5.19
C LEU C 274 -25.23 24.48 -4.94
N LEU C 275 -24.38 25.11 -4.13
CA LEU C 275 -24.60 26.47 -3.68
C LEU C 275 -23.74 27.44 -4.47
N LYS C 276 -24.29 28.61 -4.77
CA LYS C 276 -23.59 29.65 -5.50
C LYS C 276 -23.21 30.76 -4.53
N TYR C 277 -21.92 30.89 -4.25
CA TYR C 277 -21.40 31.96 -3.42
C TYR C 277 -21.00 33.13 -4.31
N ASN C 278 -21.47 34.32 -3.98
CA ASN C 278 -21.10 35.51 -4.74
C ASN C 278 -19.78 36.06 -4.21
N GLU C 279 -19.31 37.15 -4.80
CA GLU C 279 -18.08 37.80 -4.33
C GLU C 279 -18.23 38.39 -2.94
N ASN C 280 -19.44 38.78 -2.56
CA ASN C 280 -19.71 39.29 -1.22
C ASN C 280 -19.85 38.19 -0.19
N GLY C 281 -19.81 36.92 -0.61
CA GLY C 281 -19.93 35.82 0.31
C GLY C 281 -21.35 35.41 0.64
N THR C 282 -22.34 35.98 -0.02
CA THR C 282 -23.74 35.67 0.21
C THR C 282 -24.22 34.64 -0.80
N ILE C 283 -24.88 33.60 -0.31
CA ILE C 283 -25.45 32.59 -1.20
C ILE C 283 -26.56 33.22 -2.01
N THR C 284 -26.36 33.32 -3.32
CA THR C 284 -27.32 33.97 -4.20
C THR C 284 -28.12 33.00 -5.05
N ASP C 285 -27.67 31.75 -5.19
CA ASP C 285 -28.38 30.79 -6.02
C ASP C 285 -28.06 29.38 -5.54
N ALA C 286 -29.02 28.48 -5.73
CA ALA C 286 -28.84 27.09 -5.33
C ALA C 286 -29.47 26.19 -6.39
N VAL C 287 -28.98 24.96 -6.45
CA VAL C 287 -29.44 23.98 -7.43
C VAL C 287 -29.62 22.65 -6.72
N ASP C 288 -30.79 22.04 -6.90
CA ASP C 288 -31.04 20.71 -6.37
C ASP C 288 -30.48 19.68 -7.33
N CYS C 289 -29.80 18.67 -6.79
CA CYS C 289 -29.12 17.68 -7.62
C CYS C 289 -29.92 16.40 -7.79
N ALA C 290 -31.20 16.39 -7.40
CA ALA C 290 -32.01 15.20 -7.59
C ALA C 290 -33.43 15.52 -8.06
N LEU C 291 -33.68 16.75 -8.51
CA LEU C 291 -35.05 17.12 -8.88
C LEU C 291 -35.39 16.63 -10.29
N ASP C 292 -34.69 17.15 -11.30
CA ASP C 292 -34.94 16.81 -12.68
C ASP C 292 -33.61 16.68 -13.39
N PRO C 293 -33.58 15.96 -14.53
CA PRO C 293 -32.30 15.74 -15.20
C PRO C 293 -31.57 17.02 -15.57
N LEU C 294 -32.29 18.08 -15.92
CA LEU C 294 -31.63 19.34 -16.22
C LEU C 294 -30.84 19.86 -15.03
N SER C 295 -31.44 19.82 -13.84
CA SER C 295 -30.72 20.25 -12.65
C SER C 295 -29.59 19.28 -12.32
N GLU C 296 -29.80 17.98 -12.54
CA GLU C 296 -28.74 17.02 -12.27
C GLU C 296 -27.54 17.24 -13.15
N THR C 297 -27.76 17.62 -14.41
CA THR C 297 -26.64 17.93 -15.31
C THR C 297 -25.86 19.13 -14.79
N LYS C 298 -26.56 20.16 -14.29
CA LYS C 298 -25.88 21.29 -13.68
C LYS C 298 -25.01 20.85 -12.52
N CYS C 299 -25.48 19.86 -11.76
CA CYS C 299 -24.73 19.37 -10.61
C CYS C 299 -23.45 18.68 -11.03
N THR C 300 -23.54 17.76 -11.99
CA THR C 300 -22.35 17.00 -12.39
C THR C 300 -21.37 17.85 -13.19
N LEU C 301 -21.82 18.93 -13.81
CA LEU C 301 -20.93 19.80 -14.55
C LEU C 301 -20.36 20.94 -13.71
N LYS C 302 -20.84 21.10 -12.48
CA LYS C 302 -20.42 22.19 -11.60
C LYS C 302 -20.59 23.54 -12.29
N SER C 303 -21.73 23.71 -12.96
CA SER C 303 -22.03 24.96 -13.65
C SER C 303 -23.53 25.20 -13.62
N PHE C 304 -23.90 26.48 -13.72
CA PHE C 304 -25.30 26.86 -13.72
C PHE C 304 -25.86 27.08 -15.12
N THR C 305 -25.00 27.08 -16.14
CA THR C 305 -25.45 27.15 -17.52
C THR C 305 -24.89 25.95 -18.27
N VAL C 306 -25.77 25.17 -18.88
CA VAL C 306 -25.39 23.97 -19.62
C VAL C 306 -25.54 24.27 -21.10
N GLU C 307 -24.43 24.18 -21.83
CA GLU C 307 -24.45 24.53 -23.24
C GLU C 307 -25.05 23.40 -24.07
N LYS C 308 -25.38 23.72 -25.31
CA LYS C 308 -26.03 22.76 -26.19
C LYS C 308 -25.12 21.57 -26.44
N GLY C 309 -25.69 20.37 -26.36
CA GLY C 309 -24.96 19.16 -26.62
C GLY C 309 -25.54 18.01 -25.82
N ILE C 310 -24.80 16.89 -25.84
CA ILE C 310 -25.16 15.68 -25.11
C ILE C 310 -24.21 15.55 -23.93
N TYR C 311 -24.75 15.20 -22.77
CA TYR C 311 -23.96 15.06 -21.55
C TYR C 311 -24.33 13.76 -20.86
N GLN C 312 -23.34 13.08 -20.30
CA GLN C 312 -23.56 11.88 -19.50
C GLN C 312 -23.46 12.27 -18.03
N THR C 313 -24.56 12.15 -17.30
CA THR C 313 -24.63 12.63 -15.93
C THR C 313 -24.31 11.52 -14.92
N SER C 314 -25.12 10.48 -14.89
CA SER C 314 -24.96 9.42 -13.91
C SER C 314 -25.48 8.12 -14.52
N ASN C 315 -25.75 7.14 -13.66
CA ASN C 315 -26.37 5.90 -14.07
C ASN C 315 -27.62 5.66 -13.24
N PHE C 316 -28.59 4.97 -13.84
CA PHE C 316 -29.82 4.63 -13.15
C PHE C 316 -29.69 3.25 -12.52
N ARG C 317 -30.12 3.16 -11.26
CA ARG C 317 -29.98 1.94 -10.50
C ARG C 317 -31.35 1.45 -10.07
N VAL C 318 -31.65 0.19 -10.37
CA VAL C 318 -32.90 -0.42 -9.92
C VAL C 318 -32.62 -1.05 -8.55
N GLN C 319 -33.22 -0.48 -7.52
CA GLN C 319 -32.94 -0.92 -6.16
C GLN C 319 -33.52 -2.30 -5.91
N PRO C 320 -32.85 -3.14 -5.13
CA PRO C 320 -33.41 -4.44 -4.77
C PRO C 320 -34.66 -4.30 -3.92
N THR C 321 -35.57 -5.26 -4.08
CA THR C 321 -36.87 -5.22 -3.43
C THR C 321 -36.96 -6.17 -2.24
N GLU C 322 -36.71 -7.46 -2.45
CA GLU C 322 -36.87 -8.46 -1.40
C GLU C 322 -35.57 -9.19 -1.14
N SER C 323 -35.53 -9.91 -0.02
CA SER C 323 -34.34 -10.63 0.43
C SER C 323 -34.69 -12.08 0.70
N ILE C 324 -33.79 -12.99 0.32
CA ILE C 324 -33.96 -14.41 0.56
C ILE C 324 -32.65 -15.00 1.06
N VAL C 325 -32.59 -15.31 2.35
CA VAL C 325 -31.44 -16.04 2.89
C VAL C 325 -31.72 -17.53 2.85
N ARG C 326 -30.87 -18.30 2.16
CA ARG C 326 -31.20 -19.74 1.96
C ARG C 326 -30.17 -20.64 2.65
N PHE C 327 -30.55 -21.82 3.13
CA PHE C 327 -29.67 -22.68 3.97
C PHE C 327 -30.09 -24.14 3.81
N PRO C 328 -29.22 -25.14 4.06
CA PRO C 328 -29.54 -26.56 3.79
C PRO C 328 -30.70 -27.20 4.55
N ASN C 329 -31.24 -28.32 4.02
CA ASN C 329 -32.32 -29.06 4.71
C ASN C 329 -31.71 -29.78 5.91
N ILE C 330 -32.51 -30.11 6.94
CA ILE C 330 -31.95 -30.72 8.18
C ILE C 330 -32.41 -32.17 8.31
N THR C 331 -31.52 -33.08 8.72
CA THR C 331 -31.86 -34.52 8.79
C THR C 331 -31.32 -35.20 10.05
N ASN C 332 -29.99 -35.32 10.19
CA ASN C 332 -29.40 -36.07 11.33
C ASN C 332 -29.54 -35.28 12.63
N LEU C 333 -30.49 -35.67 13.49
CA LEU C 333 -30.75 -34.93 14.77
C LEU C 333 -29.90 -35.52 15.90
N CYS C 334 -29.85 -34.85 17.05
CA CYS C 334 -29.08 -35.31 18.19
C CYS C 334 -29.93 -36.13 19.15
N PRO C 335 -29.33 -37.10 19.86
CA PRO C 335 -30.07 -37.94 20.80
C PRO C 335 -30.32 -37.29 22.16
N PHE C 336 -30.80 -36.04 22.14
CA PHE C 336 -31.16 -35.37 23.38
C PHE C 336 -32.39 -35.99 24.04
N ASP C 337 -33.25 -36.64 23.26
CA ASP C 337 -34.41 -37.31 23.83
C ASP C 337 -33.98 -38.44 24.76
N GLU C 338 -32.97 -39.21 24.36
CA GLU C 338 -32.50 -40.32 25.19
C GLU C 338 -31.95 -39.83 26.52
N VAL C 339 -31.17 -38.74 26.50
CA VAL C 339 -30.54 -38.26 27.72
C VAL C 339 -31.56 -37.57 28.63
N PHE C 340 -32.42 -36.74 28.04
CA PHE C 340 -33.28 -35.89 28.86
C PHE C 340 -34.55 -36.60 29.33
N ASN C 341 -35.03 -37.59 28.55
CA ASN C 341 -36.27 -38.28 28.87
C ASN C 341 -36.02 -39.61 29.59
N ALA C 342 -34.80 -39.84 30.10
CA ALA C 342 -34.52 -41.08 30.80
C ALA C 342 -35.28 -41.14 32.11
N THR C 343 -35.93 -42.28 32.36
CA THR C 343 -36.71 -42.44 33.58
C THR C 343 -35.82 -42.43 34.82
N ARG C 344 -34.64 -43.06 34.73
CA ARG C 344 -33.72 -43.13 35.84
C ARG C 344 -32.42 -42.42 35.48
N PHE C 345 -31.98 -41.51 36.34
CA PHE C 345 -30.72 -40.83 36.16
C PHE C 345 -29.63 -41.44 37.05
N ALA C 346 -28.40 -41.01 36.80
CA ALA C 346 -27.25 -41.52 37.53
C ALA C 346 -27.12 -40.83 38.88
N SER C 347 -26.40 -41.49 39.79
CA SER C 347 -26.03 -40.85 41.05
C SER C 347 -25.00 -39.77 40.77
N VAL C 348 -24.97 -38.76 41.65
CA VAL C 348 -24.09 -37.63 41.43
C VAL C 348 -22.63 -38.04 41.58
N TYR C 349 -22.34 -38.93 42.53
CA TYR C 349 -20.96 -39.40 42.68
C TYR C 349 -20.52 -40.23 41.49
N ALA C 350 -21.38 -41.14 41.03
CA ALA C 350 -21.12 -41.90 39.81
C ALA C 350 -21.89 -41.31 38.64
N TRP C 351 -21.56 -40.06 38.32
CA TRP C 351 -22.28 -39.34 37.27
C TRP C 351 -21.96 -39.93 35.90
N ASN C 352 -23.00 -40.11 35.10
CA ASN C 352 -22.81 -40.65 33.77
C ASN C 352 -22.28 -39.57 32.82
N ARG C 353 -21.47 -40.01 31.85
CA ARG C 353 -20.87 -39.14 30.85
C ARG C 353 -21.29 -39.62 29.48
N LYS C 354 -21.75 -38.68 28.63
CA LYS C 354 -22.26 -39.03 27.32
C LYS C 354 -21.61 -38.16 26.25
N ARG C 355 -21.41 -38.73 25.08
CA ARG C 355 -20.85 -38.05 23.92
C ARG C 355 -21.94 -37.72 22.92
N ILE C 356 -21.96 -36.48 22.45
CA ILE C 356 -22.89 -36.03 21.43
C ILE C 356 -22.08 -35.44 20.28
N SER C 357 -22.28 -35.98 19.07
CA SER C 357 -21.57 -35.51 17.90
C SER C 357 -22.29 -36.03 16.66
N ASN C 358 -21.88 -35.49 15.50
CA ASN C 358 -22.38 -35.91 14.20
C ASN C 358 -23.90 -35.78 14.11
N CYS C 359 -24.41 -34.68 14.66
CA CYS C 359 -25.85 -34.48 14.68
C CYS C 359 -26.14 -32.99 14.85
N VAL C 360 -27.37 -32.60 14.51
CA VAL C 360 -27.85 -31.24 14.70
C VAL C 360 -28.59 -31.17 16.02
N ALA C 361 -28.28 -30.16 16.82
CA ALA C 361 -28.83 -30.00 18.16
C ALA C 361 -30.05 -29.09 18.09
N ASP C 362 -31.21 -29.62 18.44
CA ASP C 362 -32.45 -28.85 18.50
C ASP C 362 -32.79 -28.57 19.96
N TYR C 363 -32.75 -27.30 20.34
CA TYR C 363 -32.97 -26.90 21.73
C TYR C 363 -34.42 -26.52 22.01
N SER C 364 -35.29 -26.49 21.01
CA SER C 364 -36.68 -26.16 21.23
C SER C 364 -37.45 -27.31 21.89
N VAL C 365 -36.93 -28.53 21.80
CA VAL C 365 -37.60 -29.67 22.42
C VAL C 365 -37.49 -29.62 23.94
N LEU C 366 -36.49 -28.91 24.46
CA LEU C 366 -36.22 -28.93 25.89
C LEU C 366 -37.16 -28.00 26.66
N TYR C 367 -38.45 -28.15 26.43
CA TYR C 367 -39.50 -27.52 27.22
C TYR C 367 -40.57 -28.51 27.66
N ASN C 368 -40.92 -29.48 26.81
CA ASN C 368 -41.86 -30.52 27.20
C ASN C 368 -41.15 -31.64 27.96
N LEU C 369 -39.98 -32.05 27.49
CA LEU C 369 -39.22 -33.09 28.19
C LEU C 369 -38.79 -32.62 29.57
N ALA C 370 -38.36 -31.36 29.67
CA ALA C 370 -37.86 -30.79 30.92
C ALA C 370 -38.59 -29.47 31.20
N PRO C 371 -39.85 -29.54 31.66
CA PRO C 371 -40.51 -28.33 32.10
C PRO C 371 -39.92 -27.84 33.42
N PHE C 372 -40.19 -26.57 33.74
CA PHE C 372 -39.67 -25.95 34.95
C PHE C 372 -38.14 -25.98 34.99
N PHE C 373 -37.52 -25.81 33.82
CA PHE C 373 -36.08 -25.88 33.71
C PHE C 373 -35.44 -24.50 33.88
N THR C 374 -34.19 -24.51 34.33
CA THR C 374 -33.39 -23.29 34.48
C THR C 374 -32.23 -23.37 33.51
N PHE C 375 -32.15 -22.41 32.59
CA PHE C 375 -31.11 -22.40 31.57
C PHE C 375 -29.99 -21.41 31.89
N LYS C 376 -29.91 -20.94 33.12
CA LYS C 376 -28.78 -20.10 33.54
C LYS C 376 -27.49 -20.87 33.35
N CYS C 377 -26.56 -20.29 32.59
CA CYS C 377 -25.34 -20.99 32.21
C CYS C 377 -24.26 -19.96 31.89
N TYR C 378 -23.12 -20.45 31.43
CA TYR C 378 -21.93 -19.64 31.25
C TYR C 378 -21.26 -19.96 29.92
N GLY C 379 -20.45 -19.01 29.45
CA GLY C 379 -19.56 -19.22 28.33
C GLY C 379 -20.16 -19.00 26.95
N VAL C 380 -21.45 -18.76 26.84
CA VAL C 380 -22.10 -18.56 25.55
C VAL C 380 -23.46 -17.92 25.77
N SER C 381 -23.91 -17.16 24.80
CA SER C 381 -25.24 -16.55 24.85
C SER C 381 -26.30 -17.62 24.65
N PRO C 382 -27.24 -17.80 25.57
CA PRO C 382 -28.25 -18.85 25.41
C PRO C 382 -29.13 -18.69 24.17
N THR C 383 -29.43 -17.45 23.78
CA THR C 383 -30.39 -17.23 22.70
C THR C 383 -29.84 -17.68 21.35
N LYS C 384 -28.60 -17.31 21.04
CA LYS C 384 -28.02 -17.56 19.72
C LYS C 384 -27.42 -18.95 19.61
N LEU C 385 -27.81 -19.88 20.48
CA LEU C 385 -27.33 -21.26 20.38
C LEU C 385 -27.95 -21.99 19.19
N ASN C 386 -29.09 -21.50 18.69
CA ASN C 386 -29.74 -22.17 17.57
C ASN C 386 -28.88 -22.11 16.31
N ASP C 387 -28.37 -20.93 15.99
CA ASP C 387 -27.48 -20.75 14.84
C ASP C 387 -26.04 -20.76 15.34
N LEU C 388 -25.60 -21.92 15.81
CA LEU C 388 -24.26 -22.06 16.36
C LEU C 388 -23.78 -23.49 16.09
N CYS C 389 -22.46 -23.62 15.98
CA CYS C 389 -21.83 -24.89 15.66
C CYS C 389 -20.88 -25.29 16.78
N PHE C 390 -21.00 -26.54 17.22
CA PHE C 390 -20.17 -27.11 18.27
C PHE C 390 -19.38 -28.28 17.72
N THR C 391 -18.08 -28.28 17.98
CA THR C 391 -17.23 -29.40 17.57
C THR C 391 -17.16 -30.47 18.64
N ASN C 392 -17.18 -30.06 19.91
CA ASN C 392 -17.14 -30.99 21.03
C ASN C 392 -18.36 -30.79 21.90
N VAL C 393 -19.01 -31.89 22.29
CA VAL C 393 -20.13 -31.85 23.21
C VAL C 393 -19.97 -32.98 24.21
N TYR C 394 -20.03 -32.65 25.49
CA TYR C 394 -20.11 -33.63 26.57
C TYR C 394 -21.42 -33.42 27.33
N ALA C 395 -22.04 -34.54 27.73
CA ALA C 395 -23.26 -34.51 28.52
C ALA C 395 -23.02 -35.23 29.84
N ASP C 396 -23.32 -34.56 30.94
CA ASP C 396 -23.22 -35.14 32.29
C ASP C 396 -24.54 -34.93 33.01
N SER C 397 -25.14 -36.03 33.46
CA SER C 397 -26.46 -35.98 34.07
C SER C 397 -26.43 -36.73 35.40
N PHE C 398 -27.10 -36.16 36.39
CA PHE C 398 -27.26 -36.78 37.70
C PHE C 398 -28.40 -36.09 38.43
N VAL C 399 -28.64 -36.51 39.67
CA VAL C 399 -29.71 -35.98 40.50
C VAL C 399 -29.10 -35.47 41.80
N ILE C 400 -29.39 -34.21 42.14
CA ILE C 400 -28.94 -33.61 43.39
C ILE C 400 -30.14 -32.95 44.06
N ARG C 401 -29.93 -32.54 45.31
CA ARG C 401 -30.99 -31.92 46.08
C ARG C 401 -31.22 -30.49 45.60
N GLY C 402 -32.36 -29.92 46.02
CA GLY C 402 -32.71 -28.57 45.59
C GLY C 402 -31.74 -27.52 46.11
N ASP C 403 -31.32 -27.65 47.37
CA ASP C 403 -30.37 -26.70 47.92
C ASP C 403 -28.98 -26.83 47.31
N GLU C 404 -28.71 -27.93 46.61
CA GLU C 404 -27.39 -28.19 46.03
C GLU C 404 -27.31 -27.85 44.56
N VAL C 405 -28.39 -27.36 43.95
CA VAL C 405 -28.36 -27.03 42.53
C VAL C 405 -27.46 -25.82 42.26
N ARG C 406 -27.38 -24.88 43.21
CA ARG C 406 -26.53 -23.72 43.06
C ARG C 406 -25.04 -24.06 43.05
N GLN C 407 -24.67 -25.24 43.55
CA GLN C 407 -23.27 -25.65 43.61
C GLN C 407 -22.69 -25.99 42.23
N ILE C 408 -23.54 -26.13 41.21
CA ILE C 408 -23.07 -26.47 39.86
C ILE C 408 -22.76 -25.14 39.18
N ALA C 409 -21.54 -24.66 39.42
CA ALA C 409 -21.08 -23.41 38.84
C ALA C 409 -19.56 -23.38 38.92
N PRO C 410 -18.88 -22.79 37.93
CA PRO C 410 -17.42 -22.68 38.00
C PRO C 410 -16.99 -21.88 39.22
N GLY C 411 -15.89 -22.31 39.84
CA GLY C 411 -15.38 -21.64 41.01
C GLY C 411 -16.24 -21.76 42.25
N GLN C 412 -17.20 -22.68 42.28
CA GLN C 412 -18.08 -22.85 43.41
C GLN C 412 -17.60 -24.02 44.27
N THR C 413 -17.61 -23.82 45.59
CA THR C 413 -17.22 -24.84 46.54
C THR C 413 -18.44 -25.34 47.31
N GLY C 414 -18.38 -26.59 47.74
CA GLY C 414 -19.47 -27.17 48.49
C GLY C 414 -19.34 -28.68 48.55
N ASN C 415 -20.36 -29.32 49.12
CA ASN C 415 -20.38 -30.77 49.27
C ASN C 415 -20.39 -31.46 47.91
N ILE C 416 -21.27 -31.01 47.01
CA ILE C 416 -21.33 -31.59 45.67
C ILE C 416 -20.09 -31.25 44.88
N ALA C 417 -19.62 -30.02 44.98
CA ALA C 417 -18.48 -29.58 44.17
C ALA C 417 -17.21 -30.32 44.56
N ASP C 418 -16.88 -30.36 45.85
CA ASP C 418 -15.58 -30.89 46.26
C ASP C 418 -15.53 -32.42 46.21
N TYR C 419 -16.64 -33.09 46.52
CA TYR C 419 -16.64 -34.53 46.70
C TYR C 419 -17.42 -35.30 45.65
N ASN C 420 -18.28 -34.65 44.87
CA ASN C 420 -19.13 -35.34 43.92
C ASN C 420 -18.90 -34.92 42.48
N TYR C 421 -18.88 -33.63 42.20
CA TYR C 421 -18.72 -33.15 40.81
C TYR C 421 -18.17 -31.73 40.86
N LYS C 422 -16.95 -31.55 40.38
CA LYS C 422 -16.27 -30.26 40.41
C LYS C 422 -16.23 -29.66 39.02
N LEU C 423 -16.57 -28.37 38.92
CA LEU C 423 -16.52 -27.70 37.62
C LEU C 423 -15.24 -26.88 37.49
N PRO C 424 -14.61 -26.90 36.32
CA PRO C 424 -13.40 -26.09 36.12
C PRO C 424 -13.72 -24.61 36.12
N ASP C 425 -12.71 -23.80 36.48
CA ASP C 425 -12.89 -22.35 36.47
C ASP C 425 -13.18 -21.84 35.07
N ASP C 426 -12.46 -22.33 34.07
CA ASP C 426 -12.71 -21.96 32.69
C ASP C 426 -13.67 -22.94 32.01
N PHE C 427 -14.82 -23.17 32.65
CA PHE C 427 -15.80 -24.09 32.09
C PHE C 427 -16.56 -23.43 30.94
N THR C 428 -16.61 -24.12 29.81
CA THR C 428 -17.38 -23.68 28.66
C THR C 428 -18.46 -24.70 28.35
N GLY C 429 -19.67 -24.21 28.15
CA GLY C 429 -20.86 -25.03 28.08
C GLY C 429 -21.91 -24.59 29.09
N CYS C 430 -23.08 -25.19 28.94
CA CYS C 430 -24.24 -24.77 29.72
C CYS C 430 -24.85 -25.94 30.47
N VAL C 431 -25.50 -25.64 31.59
CA VAL C 431 -26.14 -26.63 32.44
C VAL C 431 -27.65 -26.41 32.42
N ILE C 432 -28.39 -27.50 32.54
CA ILE C 432 -29.84 -27.48 32.56
C ILE C 432 -30.33 -28.26 33.78
N ALA C 433 -31.21 -27.66 34.56
CA ALA C 433 -31.74 -28.28 35.77
C ALA C 433 -33.24 -28.04 35.85
N TRP C 434 -34.00 -29.09 36.17
CA TRP C 434 -35.44 -29.00 36.34
C TRP C 434 -35.87 -29.92 37.46
N ASN C 435 -36.98 -29.56 38.10
CA ASN C 435 -37.48 -30.35 39.22
C ASN C 435 -38.08 -31.66 38.72
N SER C 436 -37.95 -32.71 39.53
CA SER C 436 -38.44 -34.04 39.19
C SER C 436 -39.14 -34.67 40.40
N ASN C 437 -39.97 -33.90 41.08
CA ASN C 437 -40.70 -34.43 42.23
C ASN C 437 -41.72 -35.48 41.81
N LYS C 438 -42.33 -35.29 40.64
CA LYS C 438 -43.30 -36.26 40.14
C LYS C 438 -42.65 -37.57 39.72
N LEU C 439 -41.34 -37.62 39.57
CA LEU C 439 -40.65 -38.80 39.04
C LEU C 439 -39.67 -39.43 40.04
N ASP C 440 -38.94 -38.62 40.80
CA ASP C 440 -37.89 -39.12 41.68
C ASP C 440 -38.30 -38.99 43.15
N SER C 441 -39.59 -39.11 43.43
CA SER C 441 -40.08 -39.12 44.80
C SER C 441 -40.96 -40.34 45.01
N LYS C 442 -40.71 -41.07 46.09
CA LYS C 442 -41.43 -42.30 46.41
C LYS C 442 -42.12 -42.15 47.76
N VAL C 443 -43.27 -42.80 47.89
CA VAL C 443 -43.99 -42.76 49.16
C VAL C 443 -43.19 -43.45 50.26
N SER C 444 -42.46 -44.51 49.91
CA SER C 444 -41.58 -45.16 50.89
C SER C 444 -40.31 -44.35 51.11
N GLY C 445 -39.81 -43.69 50.06
CA GLY C 445 -38.60 -42.91 50.17
C GLY C 445 -37.64 -43.15 49.02
N ASN C 446 -37.05 -42.08 48.50
CA ASN C 446 -36.08 -42.18 47.41
C ASN C 446 -34.71 -42.45 48.01
N TYR C 447 -34.46 -43.72 48.35
CA TYR C 447 -33.24 -44.14 49.04
C TYR C 447 -32.18 -44.64 48.07
N ASN C 448 -32.46 -44.63 46.77
CA ASN C 448 -31.58 -45.22 45.79
C ASN C 448 -30.50 -44.28 45.28
N TYR C 449 -30.55 -43.00 45.62
CA TYR C 449 -29.59 -42.02 45.15
C TYR C 449 -28.60 -41.73 46.26
N LEU C 450 -27.31 -41.92 45.97
CA LEU C 450 -26.24 -41.74 46.95
C LEU C 450 -25.23 -40.72 46.45
N TYR C 451 -24.55 -40.09 47.41
CA TYR C 451 -23.54 -39.08 47.09
C TYR C 451 -22.34 -39.30 48.00
N ARG C 452 -21.17 -38.87 47.54
CA ARG C 452 -19.96 -38.96 48.36
C ARG C 452 -19.95 -37.85 49.40
N LEU C 453 -19.84 -38.25 50.67
CA LEU C 453 -19.84 -37.30 51.78
C LEU C 453 -18.47 -37.11 52.42
N PHE C 454 -17.71 -38.17 52.62
CA PHE C 454 -16.36 -38.07 53.17
C PHE C 454 -15.35 -38.44 52.09
N ARG C 455 -14.34 -37.60 51.94
CA ARG C 455 -13.34 -37.78 50.90
C ARG C 455 -12.04 -37.14 51.35
N LYS C 456 -10.92 -37.75 50.96
CA LYS C 456 -9.62 -37.30 51.43
C LYS C 456 -9.32 -35.87 50.97
N SER C 457 -9.64 -35.54 49.72
CA SER C 457 -9.33 -34.23 49.18
C SER C 457 -10.38 -33.83 48.16
N ASN C 458 -10.43 -32.53 47.88
CA ASN C 458 -11.41 -32.01 46.92
C ASN C 458 -11.13 -32.55 45.53
N LEU C 459 -12.21 -32.93 44.84
CA LEU C 459 -12.08 -33.52 43.51
C LEU C 459 -11.59 -32.50 42.50
N LYS C 460 -10.76 -32.97 41.58
CA LYS C 460 -10.38 -32.16 40.44
C LYS C 460 -11.57 -31.97 39.50
N PRO C 461 -11.58 -30.90 38.72
CA PRO C 461 -12.71 -30.67 37.81
C PRO C 461 -12.90 -31.82 36.85
N PHE C 462 -14.18 -32.15 36.60
CA PHE C 462 -14.58 -33.20 35.66
C PHE C 462 -13.94 -34.54 36.04
N GLU C 463 -14.15 -34.93 37.30
CA GLU C 463 -13.63 -36.19 37.82
C GLU C 463 -14.73 -36.95 38.53
N ARG C 464 -14.62 -38.28 38.50
CA ARG C 464 -15.59 -39.17 39.11
C ARG C 464 -14.89 -40.08 40.10
N ASP C 465 -15.52 -40.31 41.25
CA ASP C 465 -14.98 -41.19 42.27
C ASP C 465 -16.04 -42.22 42.65
N ILE C 466 -15.72 -43.49 42.46
CA ILE C 466 -16.61 -44.60 42.78
C ILE C 466 -16.08 -45.45 43.92
N SER C 467 -15.08 -44.97 44.65
CA SER C 467 -14.47 -45.77 45.71
C SER C 467 -15.46 -45.98 46.87
N THR C 468 -15.45 -47.20 47.41
CA THR C 468 -16.33 -47.56 48.54
C THR C 468 -15.52 -47.92 49.78
N GLU C 469 -14.26 -47.53 49.84
CA GLU C 469 -13.44 -47.81 51.01
C GLU C 469 -13.92 -47.01 52.21
N ILE C 470 -13.82 -47.62 53.39
CA ILE C 470 -14.27 -46.97 54.61
C ILE C 470 -13.35 -45.80 54.95
N TYR C 471 -13.95 -44.64 55.19
CA TYR C 471 -13.19 -43.42 55.45
C TYR C 471 -12.68 -43.43 56.88
N GLN C 472 -11.42 -43.02 57.07
CA GLN C 472 -10.79 -42.96 58.38
C GLN C 472 -10.68 -41.49 58.78
N ALA C 473 -11.48 -41.09 59.77
CA ALA C 473 -11.52 -39.71 60.23
C ALA C 473 -10.83 -39.51 61.58
N GLY C 474 -10.15 -40.52 62.09
CA GLY C 474 -9.48 -40.43 63.38
C GLY C 474 -8.02 -40.82 63.27
N ASN C 475 -7.55 -41.55 64.27
CA ASN C 475 -6.18 -42.04 64.31
C ASN C 475 -6.08 -43.55 64.17
N LYS C 476 -6.93 -44.30 64.87
CA LYS C 476 -6.92 -45.75 64.73
C LYS C 476 -7.48 -46.14 63.37
N PRO C 477 -6.78 -47.00 62.62
CA PRO C 477 -7.30 -47.44 61.32
C PRO C 477 -8.63 -48.16 61.46
N CYS C 478 -9.51 -47.93 60.47
CA CYS C 478 -10.83 -48.55 60.49
C CYS C 478 -10.73 -50.08 60.39
N ASN C 479 -9.87 -50.57 59.50
CA ASN C 479 -9.69 -52.02 59.28
C ASN C 479 -11.01 -52.68 58.89
N GLY C 480 -11.81 -51.99 58.07
CA GLY C 480 -13.08 -52.51 57.63
C GLY C 480 -14.24 -52.32 58.60
N VAL C 481 -14.02 -51.64 59.71
CA VAL C 481 -15.06 -51.40 60.69
C VAL C 481 -15.62 -50.00 60.48
N ALA C 482 -16.95 -49.88 60.48
CA ALA C 482 -17.65 -48.63 60.24
C ALA C 482 -18.20 -48.02 61.52
N GLY C 483 -17.47 -48.14 62.63
CA GLY C 483 -17.90 -47.61 63.90
C GLY C 483 -17.65 -46.12 64.04
N PHE C 484 -17.34 -45.71 65.26
CA PHE C 484 -17.05 -44.30 65.52
C PHE C 484 -15.74 -43.89 64.86
N ASN C 485 -15.70 -42.65 64.36
CA ASN C 485 -14.57 -42.10 63.62
C ASN C 485 -14.27 -42.90 62.36
N CYS C 486 -15.26 -43.66 61.88
CA CYS C 486 -15.11 -44.46 60.67
C CYS C 486 -16.48 -44.50 60.00
N TYR C 487 -16.71 -43.59 59.06
CA TYR C 487 -18.00 -43.43 58.42
C TYR C 487 -17.92 -43.83 56.95
N PHE C 488 -19.01 -44.41 56.45
CA PHE C 488 -19.10 -44.74 55.04
C PHE C 488 -19.01 -43.46 54.21
N PRO C 489 -18.13 -43.39 53.21
CA PRO C 489 -17.98 -42.14 52.45
C PRO C 489 -19.22 -41.72 51.71
N LEU C 490 -20.16 -42.63 51.45
CA LEU C 490 -21.36 -42.33 50.69
C LEU C 490 -22.58 -42.35 51.61
N ARG C 491 -23.36 -41.28 51.55
CA ARG C 491 -24.66 -41.20 52.20
C ARG C 491 -25.76 -41.22 51.15
N SER C 492 -26.96 -41.61 51.58
CA SER C 492 -28.10 -41.71 50.69
C SER C 492 -28.98 -40.48 50.83
N TYR C 493 -29.37 -39.90 49.70
CA TYR C 493 -30.37 -38.84 49.70
C TYR C 493 -31.67 -39.32 50.32
N SER C 494 -32.24 -38.46 51.15
CA SER C 494 -33.59 -38.65 51.69
C SER C 494 -34.40 -37.42 51.26
N PHE C 495 -34.95 -37.48 50.05
CA PHE C 495 -35.74 -36.37 49.54
C PHE C 495 -37.03 -36.21 50.34
N ARG C 496 -37.33 -34.96 50.69
CA ARG C 496 -38.50 -34.64 51.50
C ARG C 496 -39.38 -33.69 50.69
N PRO C 497 -40.30 -34.23 49.89
CA PRO C 497 -41.20 -33.36 49.12
C PRO C 497 -42.11 -32.51 49.99
N THR C 498 -42.32 -32.90 51.26
CA THR C 498 -43.15 -32.09 52.14
C THR C 498 -42.55 -30.72 52.38
N TYR C 499 -41.23 -30.63 52.46
CA TYR C 499 -40.55 -29.35 52.63
C TYR C 499 -40.49 -28.63 51.29
N GLY C 500 -39.71 -27.56 51.22
CA GLY C 500 -39.60 -26.77 50.02
C GLY C 500 -38.80 -27.49 48.94
N VAL C 501 -38.59 -26.77 47.84
CA VAL C 501 -37.86 -27.33 46.70
C VAL C 501 -36.41 -27.66 47.02
N GLY C 502 -35.86 -27.09 48.09
CA GLY C 502 -34.49 -27.39 48.47
C GLY C 502 -34.28 -28.79 49.01
N HIS C 503 -35.35 -29.48 49.37
CA HIS C 503 -35.29 -30.86 49.84
C HIS C 503 -35.99 -31.81 48.86
N GLN C 504 -35.94 -31.48 47.57
CA GLN C 504 -36.61 -32.25 46.55
C GLN C 504 -35.61 -32.67 45.46
N PRO C 505 -35.84 -33.80 44.79
CA PRO C 505 -34.90 -34.28 43.78
C PRO C 505 -34.84 -33.32 42.59
N TYR C 506 -33.63 -32.85 42.29
CA TYR C 506 -33.39 -31.98 41.15
C TYR C 506 -32.56 -32.75 40.11
N ARG C 507 -33.08 -32.84 38.89
CA ARG C 507 -32.35 -33.50 37.81
C ARG C 507 -31.54 -32.45 37.06
N VAL C 508 -30.22 -32.63 37.06
CA VAL C 508 -29.28 -31.68 36.48
C VAL C 508 -28.54 -32.36 35.34
N VAL C 509 -28.57 -31.73 34.17
CA VAL C 509 -27.82 -32.19 33.01
C VAL C 509 -26.80 -31.13 32.66
N VAL C 510 -25.53 -31.51 32.63
CA VAL C 510 -24.42 -30.59 32.41
C VAL C 510 -23.88 -30.84 31.00
N LEU C 511 -23.90 -29.79 30.18
CA LEU C 511 -23.39 -29.85 28.82
C LEU C 511 -22.12 -29.01 28.71
N SER C 512 -21.07 -29.60 28.15
CA SER C 512 -19.79 -28.94 27.98
C SER C 512 -19.43 -28.95 26.49
N PHE C 513 -19.05 -27.79 25.96
CA PHE C 513 -18.71 -27.63 24.56
C PHE C 513 -17.27 -27.10 24.43
N GLU C 514 -16.88 -26.80 23.20
CA GLU C 514 -15.64 -26.06 22.96
C GLU C 514 -15.77 -24.92 21.97
N LEU C 515 -16.76 -24.94 21.07
CA LEU C 515 -17.04 -23.84 20.15
C LEU C 515 -15.83 -23.49 19.29
N LEU C 516 -15.43 -24.45 18.45
CA LEU C 516 -14.47 -24.18 17.40
C LEU C 516 -15.11 -23.66 16.13
N HIS C 517 -16.33 -24.12 15.83
CA HIS C 517 -17.10 -23.71 14.65
C HIS C 517 -16.25 -23.65 13.39
N ALA C 518 -15.37 -24.66 13.23
CA ALA C 518 -14.63 -24.83 11.98
C ALA C 518 -14.61 -26.30 11.60
N PRO C 519 -14.14 -27.25 12.48
CA PRO C 519 -14.36 -28.68 12.22
C PRO C 519 -15.66 -29.16 12.86
N ALA C 520 -16.74 -28.42 12.62
CA ALA C 520 -17.97 -28.60 13.38
C ALA C 520 -18.61 -29.95 13.10
N THR C 521 -19.12 -30.58 14.16
CA THR C 521 -19.89 -31.81 14.05
C THR C 521 -21.28 -31.68 14.63
N VAL C 522 -21.55 -30.64 15.42
CA VAL C 522 -22.87 -30.35 15.97
C VAL C 522 -23.20 -28.90 15.64
N CYS C 523 -24.34 -28.69 14.99
CA CYS C 523 -24.75 -27.35 14.59
C CYS C 523 -26.26 -27.23 14.79
N GLY C 524 -26.86 -26.19 14.21
CA GLY C 524 -28.32 -25.99 14.36
C GLY C 524 -28.98 -25.73 13.02
N PRO C 525 -30.30 -26.02 12.86
CA PRO C 525 -30.95 -25.86 11.57
C PRO C 525 -30.86 -24.39 11.16
N LYS C 526 -30.37 -24.13 9.94
CA LYS C 526 -30.19 -22.72 9.49
C LYS C 526 -31.49 -22.22 8.87
N LYS C 527 -32.55 -23.04 8.90
CA LYS C 527 -33.89 -22.61 8.41
C LYS C 527 -33.87 -22.35 6.90
N SER C 528 -34.86 -21.62 6.39
CA SER C 528 -34.95 -21.32 4.93
C SER C 528 -35.86 -20.12 4.73
N THR C 529 -35.84 -19.53 3.54
CA THR C 529 -36.68 -18.32 3.26
C THR C 529 -37.50 -18.56 2.00
N ASN C 530 -38.74 -18.06 1.98
CA ASN C 530 -39.60 -18.20 0.78
C ASN C 530 -38.87 -17.61 -0.43
N LEU C 531 -38.27 -18.47 -1.26
CA LEU C 531 -37.61 -18.02 -2.49
C LEU C 531 -38.50 -17.02 -3.22
N VAL C 532 -37.89 -15.92 -3.66
CA VAL C 532 -38.57 -14.97 -4.53
C VAL C 532 -37.76 -14.81 -5.80
N LYS C 533 -38.44 -14.78 -6.94
CA LYS C 533 -37.80 -14.87 -8.24
C LYS C 533 -38.16 -13.69 -9.12
N ASN C 534 -37.32 -13.46 -10.13
CA ASN C 534 -37.59 -12.51 -11.21
C ASN C 534 -37.73 -11.08 -10.71
N LYS C 535 -36.89 -10.70 -9.75
CA LYS C 535 -36.85 -9.32 -9.28
C LYS C 535 -35.49 -9.05 -8.64
N CYS C 536 -35.18 -7.77 -8.51
CA CYS C 536 -33.92 -7.33 -7.92
C CYS C 536 -33.95 -7.70 -6.44
N VAL C 537 -32.97 -8.50 -6.01
CA VAL C 537 -33.03 -9.16 -4.70
C VAL C 537 -31.66 -9.06 -4.03
N ASN C 538 -31.67 -8.73 -2.73
CA ASN C 538 -30.49 -8.89 -1.90
C ASN C 538 -30.45 -10.32 -1.35
N PHE C 539 -29.50 -11.12 -1.82
CA PHE C 539 -29.40 -12.51 -1.44
C PHE C 539 -28.14 -12.74 -0.60
N ASN C 540 -28.18 -13.80 0.21
CA ASN C 540 -27.03 -14.20 1.01
C ASN C 540 -27.12 -15.70 1.21
N PHE C 541 -26.30 -16.45 0.48
CA PHE C 541 -26.36 -17.91 0.48
C PHE C 541 -25.09 -18.43 1.15
N ASN C 542 -25.24 -18.97 2.37
CA ASN C 542 -24.11 -19.53 3.12
C ASN C 542 -22.99 -18.51 3.28
N GLY C 543 -23.37 -17.29 3.63
CA GLY C 543 -22.42 -16.21 3.79
C GLY C 543 -22.05 -15.49 2.52
N LEU C 544 -22.60 -15.88 1.37
CA LEU C 544 -22.30 -15.25 0.09
C LEU C 544 -23.35 -14.18 -0.14
N LYS C 545 -23.08 -12.97 0.33
CA LYS C 545 -23.99 -11.85 0.19
C LYS C 545 -23.79 -11.17 -1.16
N GLY C 546 -24.91 -10.86 -1.81
CA GLY C 546 -24.87 -10.18 -3.10
C GLY C 546 -26.24 -9.69 -3.47
N THR C 547 -26.27 -8.86 -4.51
CA THR C 547 -27.50 -8.25 -5.00
C THR C 547 -27.67 -8.57 -6.47
N GLY C 548 -28.88 -8.93 -6.87
CA GLY C 548 -29.15 -9.26 -8.25
C GLY C 548 -30.57 -9.77 -8.42
N VAL C 549 -30.84 -10.25 -9.63
CA VAL C 549 -32.14 -10.81 -9.98
C VAL C 549 -31.99 -12.32 -10.04
N LEU C 550 -32.78 -13.03 -9.24
CA LEU C 550 -32.70 -14.48 -9.17
C LEU C 550 -33.70 -15.09 -10.15
N THR C 551 -33.20 -15.76 -11.17
CA THR C 551 -34.02 -16.34 -12.21
C THR C 551 -33.73 -17.83 -12.33
N GLU C 552 -34.64 -18.54 -12.99
CA GLU C 552 -34.45 -19.96 -13.22
C GLU C 552 -33.26 -20.20 -14.13
N SER C 553 -32.45 -21.19 -13.78
CA SER C 553 -31.21 -21.47 -14.49
C SER C 553 -31.31 -22.79 -15.24
N ASN C 554 -30.83 -22.79 -16.49
CA ASN C 554 -30.84 -23.98 -17.33
C ASN C 554 -29.59 -24.82 -17.18
N LYS C 555 -28.62 -24.39 -16.37
CA LYS C 555 -27.35 -25.10 -16.28
C LYS C 555 -27.51 -26.40 -15.50
N LYS C 556 -26.58 -27.32 -15.75
CA LYS C 556 -26.69 -28.70 -15.27
C LYS C 556 -25.40 -29.13 -14.58
N PHE C 557 -24.81 -28.23 -13.80
CA PHE C 557 -23.54 -28.55 -13.18
C PHE C 557 -23.69 -29.66 -12.13
N LEU C 558 -22.58 -30.34 -11.89
CA LEU C 558 -22.60 -31.69 -11.31
C LEU C 558 -22.97 -31.66 -9.83
N PRO C 559 -23.35 -32.83 -9.26
CA PRO C 559 -23.80 -32.84 -7.85
C PRO C 559 -22.79 -32.27 -6.88
N PHE C 560 -21.50 -32.62 -6.99
CA PHE C 560 -20.50 -32.00 -6.14
C PHE C 560 -20.39 -30.51 -6.39
N GLN C 561 -20.72 -30.08 -7.60
CA GLN C 561 -20.46 -28.73 -8.06
C GLN C 561 -21.54 -27.82 -7.47
N GLN C 562 -21.11 -26.79 -6.72
CA GLN C 562 -22.04 -25.96 -5.97
C GLN C 562 -22.32 -24.62 -6.64
N PHE C 563 -21.28 -23.83 -6.86
CA PHE C 563 -21.46 -22.46 -7.34
C PHE C 563 -21.47 -22.42 -8.87
N GLY C 564 -21.38 -21.21 -9.39
CA GLY C 564 -21.17 -20.99 -10.82
C GLY C 564 -20.46 -19.68 -11.03
N ARG C 565 -19.34 -19.71 -11.76
CA ARG C 565 -18.54 -18.52 -12.00
C ARG C 565 -18.66 -18.12 -13.46
N ASP C 566 -18.15 -16.94 -13.78
CA ASP C 566 -18.20 -16.39 -15.13
C ASP C 566 -16.78 -16.03 -15.56
N ILE C 567 -16.68 -15.37 -16.72
CA ILE C 567 -15.37 -14.94 -17.21
C ILE C 567 -14.79 -13.89 -16.28
N ALA C 568 -15.63 -13.00 -15.76
CA ALA C 568 -15.19 -11.95 -14.84
C ALA C 568 -14.80 -12.47 -13.47
N ASP C 569 -14.81 -13.79 -13.27
CA ASP C 569 -14.48 -14.41 -11.99
C ASP C 569 -15.41 -13.93 -10.88
N THR C 570 -16.71 -13.91 -11.19
CA THR C 570 -17.74 -13.56 -10.22
C THR C 570 -18.84 -14.61 -10.25
N THR C 571 -19.48 -14.81 -9.10
CA THR C 571 -20.49 -15.86 -8.97
C THR C 571 -21.76 -15.44 -9.69
N ASP C 572 -22.13 -16.18 -10.74
CA ASP C 572 -23.35 -15.91 -11.49
C ASP C 572 -24.39 -17.01 -11.35
N ALA C 573 -23.98 -18.23 -11.04
CA ALA C 573 -24.90 -19.34 -10.84
C ALA C 573 -24.71 -19.91 -9.44
N VAL C 574 -25.83 -20.27 -8.81
CA VAL C 574 -25.81 -20.77 -7.44
C VAL C 574 -26.87 -21.85 -7.31
N ARG C 575 -26.62 -22.80 -6.41
CA ARG C 575 -27.54 -23.88 -6.09
C ARG C 575 -28.05 -23.68 -4.67
N ASP C 576 -29.35 -23.71 -4.49
CA ASP C 576 -29.96 -23.35 -3.21
C ASP C 576 -29.71 -24.44 -2.17
N PRO C 577 -29.15 -24.10 -1.00
CA PRO C 577 -28.96 -25.12 0.04
C PRO C 577 -30.25 -25.75 0.54
N GLN C 578 -31.34 -24.98 0.64
CA GLN C 578 -32.60 -25.54 1.12
C GLN C 578 -33.15 -26.55 0.14
N THR C 579 -33.26 -26.18 -1.13
CA THR C 579 -33.79 -27.05 -2.17
C THR C 579 -32.79 -27.13 -3.30
N LEU C 580 -32.49 -28.36 -3.74
CA LEU C 580 -31.50 -28.56 -4.78
C LEU C 580 -32.08 -28.09 -6.11
N GLU C 581 -31.83 -26.83 -6.41
CA GLU C 581 -32.27 -26.21 -7.65
C GLU C 581 -31.20 -25.25 -8.15
N ILE C 582 -31.24 -24.97 -9.45
CA ILE C 582 -30.24 -24.15 -10.12
C ILE C 582 -30.81 -22.77 -10.34
N LEU C 583 -30.08 -21.75 -9.89
CA LEU C 583 -30.51 -20.36 -10.05
C LEU C 583 -29.46 -19.58 -10.80
N ASP C 584 -29.92 -18.62 -11.60
CA ASP C 584 -29.07 -17.64 -12.26
C ASP C 584 -29.06 -16.35 -11.46
N ILE C 585 -27.87 -15.88 -11.14
CA ILE C 585 -27.70 -14.57 -10.50
C ILE C 585 -27.30 -13.59 -11.59
N THR C 586 -28.20 -12.66 -11.89
CA THR C 586 -27.94 -11.63 -12.87
C THR C 586 -28.02 -10.27 -12.20
N PRO C 587 -27.02 -9.41 -12.35
CA PRO C 587 -27.14 -8.06 -11.81
C PRO C 587 -28.35 -7.35 -12.39
N CYS C 588 -29.01 -6.58 -11.55
CA CYS C 588 -30.25 -5.94 -11.95
C CYS C 588 -29.98 -4.95 -13.08
N SER C 589 -31.03 -4.69 -13.87
CA SER C 589 -30.88 -3.85 -15.06
C SER C 589 -30.31 -2.49 -14.70
N PHE C 590 -29.32 -2.04 -15.47
CA PHE C 590 -28.60 -0.81 -15.19
C PHE C 590 -28.14 -0.19 -16.49
N GLY C 591 -27.55 1.00 -16.38
CA GLY C 591 -27.00 1.67 -17.54
C GLY C 591 -26.81 3.14 -17.23
N GLY C 592 -26.03 3.79 -18.09
CA GLY C 592 -25.80 5.21 -17.96
C GLY C 592 -26.93 6.03 -18.55
N VAL C 593 -27.19 7.18 -17.93
CA VAL C 593 -28.23 8.09 -18.38
C VAL C 593 -27.57 9.34 -18.95
N SER C 594 -28.12 9.83 -20.06
CA SER C 594 -27.59 11.01 -20.72
C SER C 594 -28.74 11.98 -21.00
N VAL C 595 -28.41 13.26 -21.04
CA VAL C 595 -29.39 14.32 -21.16
C VAL C 595 -29.16 15.04 -22.48
N ILE C 596 -30.21 15.14 -23.29
CA ILE C 596 -30.14 15.86 -24.57
C ILE C 596 -30.63 17.28 -24.35
N THR C 597 -29.72 18.19 -24.04
CA THR C 597 -30.15 19.55 -23.75
C THR C 597 -29.89 20.44 -24.97
N PRO C 598 -30.80 21.37 -25.27
CA PRO C 598 -30.56 22.31 -26.37
C PRO C 598 -29.85 23.56 -25.90
N GLY C 599 -29.27 23.53 -24.70
CA GLY C 599 -28.63 24.69 -24.15
C GLY C 599 -29.51 25.43 -23.18
N THR C 600 -29.01 25.65 -21.96
CA THR C 600 -29.81 26.33 -20.94
C THR C 600 -30.13 27.76 -21.36
N ASN C 601 -29.23 28.39 -22.11
CA ASN C 601 -29.49 29.75 -22.59
C ASN C 601 -30.69 29.78 -23.51
N THR C 602 -30.78 28.83 -24.44
CA THR C 602 -31.86 28.83 -25.42
C THR C 602 -33.19 28.51 -24.75
N SER C 603 -33.24 27.46 -23.95
CA SER C 603 -34.48 27.02 -23.32
C SER C 603 -34.13 26.14 -22.13
N ASN C 604 -35.15 25.50 -21.56
CA ASN C 604 -34.98 24.65 -20.39
C ASN C 604 -35.52 23.23 -20.57
N GLN C 605 -36.11 22.92 -21.72
CA GLN C 605 -36.57 21.57 -21.97
C GLN C 605 -35.39 20.62 -22.13
N VAL C 606 -35.62 19.34 -21.86
CA VAL C 606 -34.59 18.32 -21.98
C VAL C 606 -35.22 17.04 -22.52
N ALA C 607 -34.36 16.16 -23.03
CA ALA C 607 -34.74 14.83 -23.45
C ALA C 607 -33.74 13.84 -22.88
N VAL C 608 -34.23 12.75 -22.31
CA VAL C 608 -33.40 11.79 -21.58
C VAL C 608 -33.20 10.56 -22.43
N LEU C 609 -31.95 10.10 -22.52
CA LEU C 609 -31.59 8.91 -23.27
C LEU C 609 -31.04 7.87 -22.31
N TYR C 610 -31.79 6.79 -22.11
CA TYR C 610 -31.28 5.66 -21.35
C TYR C 610 -30.47 4.75 -22.27
N GLN C 611 -29.30 4.34 -21.78
CA GLN C 611 -28.31 3.66 -22.61
C GLN C 611 -28.45 2.16 -22.46
N GLY C 612 -28.60 1.47 -23.59
CA GLY C 612 -28.55 0.02 -23.62
C GLY C 612 -29.66 -0.69 -22.87
N VAL C 613 -30.87 -0.13 -22.89
CA VAL C 613 -32.03 -0.77 -22.28
C VAL C 613 -33.22 -0.61 -23.21
N ASN C 614 -33.96 -1.70 -23.40
CA ASN C 614 -35.27 -1.64 -24.05
C ASN C 614 -36.24 -1.02 -23.05
N CYS C 615 -36.75 0.16 -23.35
CA CYS C 615 -37.50 0.89 -22.32
C CYS C 615 -38.84 0.28 -21.98
N THR C 616 -39.19 -0.90 -22.51
CA THR C 616 -40.32 -1.62 -21.92
C THR C 616 -40.01 -2.10 -20.51
N GLU C 617 -38.74 -2.03 -20.09
CA GLU C 617 -38.30 -2.47 -18.77
C GLU C 617 -37.88 -1.29 -17.89
N VAL C 618 -38.59 -0.17 -17.99
CA VAL C 618 -38.32 0.98 -17.14
C VAL C 618 -39.61 1.54 -16.58
N ASN C 639 -44.07 10.09 -27.46
CA ASN C 639 -42.86 10.78 -27.04
C ASN C 639 -41.75 9.80 -26.71
N VAL C 640 -42.10 8.52 -26.65
CA VAL C 640 -41.14 7.47 -26.31
C VAL C 640 -40.65 6.84 -27.61
N PHE C 641 -39.34 6.90 -27.82
CA PHE C 641 -38.74 6.38 -29.04
C PHE C 641 -37.62 5.41 -28.67
N GLN C 642 -37.57 4.28 -29.38
CA GLN C 642 -36.59 3.25 -29.15
C GLN C 642 -35.53 3.33 -30.25
N THR C 643 -34.28 3.51 -29.85
CA THR C 643 -33.16 3.60 -30.79
C THR C 643 -32.25 2.40 -30.62
N ARG C 644 -31.18 2.37 -31.41
CA ARG C 644 -30.20 1.30 -31.29
C ARG C 644 -29.36 1.47 -30.03
N ALA C 645 -29.06 2.72 -29.66
CA ALA C 645 -28.24 2.96 -28.48
C ALA C 645 -29.03 2.81 -27.19
N GLY C 646 -30.36 2.81 -27.28
CA GLY C 646 -31.17 2.73 -26.08
C GLY C 646 -32.58 3.20 -26.38
N CYS C 647 -33.22 3.79 -25.37
CA CYS C 647 -34.54 4.37 -25.54
C CYS C 647 -34.48 5.85 -25.20
N LEU C 648 -35.07 6.67 -26.06
CA LEU C 648 -35.05 8.12 -25.91
C LEU C 648 -36.41 8.60 -25.42
N ILE C 649 -36.41 9.42 -24.38
CA ILE C 649 -37.62 9.93 -23.76
C ILE C 649 -37.62 11.45 -23.86
N GLY C 650 -38.74 12.02 -24.29
CA GLY C 650 -38.89 13.45 -24.41
C GLY C 650 -38.80 13.99 -25.82
N ALA C 651 -38.37 13.18 -26.77
CA ALA C 651 -38.27 13.61 -28.16
C ALA C 651 -38.97 12.59 -29.05
N GLU C 652 -39.66 13.08 -30.08
CA GLU C 652 -40.44 12.24 -30.97
C GLU C 652 -39.69 12.04 -32.28
N TYR C 653 -39.90 10.88 -32.90
CA TYR C 653 -39.27 10.58 -34.17
C TYR C 653 -39.98 11.30 -35.30
N VAL C 654 -39.21 11.96 -36.17
CA VAL C 654 -39.72 12.74 -37.27
C VAL C 654 -39.25 12.11 -38.57
N ASN C 655 -40.18 11.88 -39.49
CA ASN C 655 -39.85 11.23 -40.76
C ASN C 655 -38.95 12.10 -41.64
N ASN C 656 -38.83 13.39 -41.34
CA ASN C 656 -37.94 14.25 -42.10
C ASN C 656 -36.49 13.86 -41.85
N SER C 657 -35.58 14.58 -42.51
CA SER C 657 -34.15 14.31 -42.41
C SER C 657 -33.38 15.60 -42.59
N TYR C 658 -32.75 16.07 -41.52
CA TYR C 658 -31.93 17.27 -41.58
C TYR C 658 -30.50 16.93 -41.20
N GLU C 659 -29.64 17.94 -41.08
CA GLU C 659 -28.26 17.72 -40.69
C GLU C 659 -28.18 17.30 -39.22
N CYS C 660 -27.05 16.71 -38.86
CA CYS C 660 -26.83 16.27 -37.49
C CYS C 660 -26.56 17.48 -36.61
N ASP C 661 -27.37 17.65 -35.57
CA ASP C 661 -27.24 18.78 -34.66
C ASP C 661 -26.63 18.38 -33.33
N ILE C 662 -27.22 17.39 -32.65
CA ILE C 662 -26.65 16.81 -31.45
C ILE C 662 -26.51 15.30 -31.69
N PRO C 663 -25.30 14.76 -31.75
CA PRO C 663 -25.15 13.34 -32.04
C PRO C 663 -25.73 12.47 -30.94
N ILE C 664 -26.43 11.41 -31.34
CA ILE C 664 -26.98 10.43 -30.41
C ILE C 664 -26.30 9.08 -30.56
N GLY C 665 -26.32 8.52 -31.76
CA GLY C 665 -25.69 7.25 -32.04
C GLY C 665 -26.51 6.47 -33.05
N ALA C 666 -25.83 5.68 -33.86
CA ALA C 666 -26.45 4.82 -34.86
C ALA C 666 -27.32 5.62 -35.82
N GLY C 667 -26.80 6.75 -36.31
CA GLY C 667 -27.48 7.50 -37.33
C GLY C 667 -28.64 8.35 -36.88
N ILE C 668 -28.75 8.64 -35.58
CA ILE C 668 -29.80 9.48 -35.05
C ILE C 668 -29.16 10.74 -34.48
N CYS C 669 -29.75 11.90 -34.80
CA CYS C 669 -29.31 13.16 -34.24
C CYS C 669 -30.54 13.98 -33.85
N ALA C 670 -30.47 14.60 -32.67
CA ALA C 670 -31.58 15.34 -32.11
C ALA C 670 -31.34 16.83 -32.26
N SER C 671 -32.43 17.58 -32.36
CA SER C 671 -32.34 19.03 -32.58
C SER C 671 -33.54 19.71 -31.96
N TYR C 672 -33.41 21.02 -31.77
CA TYR C 672 -34.44 21.85 -31.14
C TYR C 672 -34.94 22.86 -32.17
N GLN C 673 -36.25 22.85 -32.40
CA GLN C 673 -36.84 23.77 -33.37
C GLN C 673 -37.90 24.65 -32.72
N SER C 689 -39.81 22.70 -29.15
CA SER C 689 -39.77 21.30 -28.77
C SER C 689 -38.55 20.60 -29.37
N ILE C 690 -38.16 19.47 -28.77
CA ILE C 690 -37.00 18.71 -29.20
C ILE C 690 -37.47 17.56 -30.08
N ILE C 691 -36.84 17.41 -31.25
CA ILE C 691 -37.21 16.38 -32.21
C ILE C 691 -36.01 15.49 -32.46
N ALA C 692 -36.28 14.25 -32.83
CA ALA C 692 -35.26 13.27 -33.17
C ALA C 692 -35.49 12.77 -34.58
N TYR C 693 -34.42 12.65 -35.35
CA TYR C 693 -34.52 12.30 -36.76
C TYR C 693 -33.28 11.53 -37.19
N THR C 694 -33.41 10.82 -38.31
CA THR C 694 -32.24 10.25 -38.96
C THR C 694 -31.54 11.36 -39.73
N MET C 695 -30.22 11.49 -39.53
CA MET C 695 -29.50 12.61 -40.09
C MET C 695 -29.50 12.56 -41.61
N SER C 696 -29.64 13.72 -42.23
CA SER C 696 -29.59 13.81 -43.69
C SER C 696 -28.14 13.62 -44.14
N LEU C 697 -27.89 12.53 -44.86
CA LEU C 697 -26.51 12.19 -45.21
C LEU C 697 -25.91 13.20 -46.16
N GLY C 698 -26.70 13.72 -47.09
CA GLY C 698 -26.23 14.73 -48.01
C GLY C 698 -27.30 15.07 -49.01
N ALA C 699 -27.10 16.20 -49.69
CA ALA C 699 -28.04 16.64 -50.71
C ALA C 699 -27.99 15.66 -51.89
N GLU C 700 -29.15 15.11 -52.25
CA GLU C 700 -29.20 14.16 -53.35
C GLU C 700 -28.91 14.86 -54.67
N ASN C 701 -28.19 14.18 -55.54
CA ASN C 701 -27.83 14.74 -56.84
C ASN C 701 -27.51 13.60 -57.80
N SER C 702 -27.69 13.88 -59.09
CA SER C 702 -27.35 12.92 -60.13
C SER C 702 -26.81 13.69 -61.32
N VAL C 703 -25.65 13.27 -61.83
CA VAL C 703 -25.01 13.93 -62.95
C VAL C 703 -25.30 13.14 -64.22
N ALA C 704 -25.65 13.85 -65.28
CA ALA C 704 -26.06 13.23 -66.53
C ALA C 704 -24.81 12.78 -67.28
N TYR C 705 -24.53 11.48 -67.22
CA TYR C 705 -23.36 10.93 -67.89
C TYR C 705 -23.76 10.28 -69.21
N SER C 706 -23.00 10.60 -70.25
CA SER C 706 -23.15 9.92 -71.53
C SER C 706 -21.78 9.89 -72.20
N ASN C 707 -21.61 8.94 -73.11
CA ASN C 707 -20.31 8.61 -73.65
C ASN C 707 -19.91 9.47 -74.85
N ASN C 708 -20.62 10.57 -75.12
CA ASN C 708 -20.18 11.50 -76.14
C ASN C 708 -20.47 12.94 -75.76
N SER C 709 -20.67 13.21 -74.47
CA SER C 709 -21.03 14.54 -74.00
C SER C 709 -20.08 14.98 -72.90
N ILE C 710 -19.71 16.25 -72.92
CA ILE C 710 -18.80 16.85 -71.95
C ILE C 710 -19.37 18.18 -71.51
N ALA C 711 -18.95 18.63 -70.33
CA ALA C 711 -19.36 19.91 -69.78
C ALA C 711 -18.12 20.74 -69.48
N ILE C 712 -18.12 21.99 -69.93
CA ILE C 712 -16.95 22.85 -69.79
C ILE C 712 -17.35 24.17 -69.17
N PRO C 713 -16.65 24.65 -68.14
CA PRO C 713 -17.03 25.92 -67.51
C PRO C 713 -16.85 27.09 -68.47
N THR C 714 -17.73 28.08 -68.32
CA THR C 714 -17.64 29.31 -69.09
C THR C 714 -17.34 30.52 -68.22
N ASN C 715 -17.15 30.33 -66.92
CA ASN C 715 -16.90 31.41 -65.99
C ASN C 715 -16.21 30.83 -64.77
N PHE C 716 -15.65 31.71 -63.94
CA PHE C 716 -14.92 31.27 -62.77
C PHE C 716 -15.40 32.05 -61.56
N THR C 717 -14.84 31.71 -60.41
CA THR C 717 -15.14 32.40 -59.17
C THR C 717 -13.94 32.29 -58.24
N ILE C 718 -13.39 33.43 -57.86
CA ILE C 718 -12.28 33.46 -56.91
C ILE C 718 -12.86 33.35 -55.50
N SER C 719 -12.48 32.31 -54.79
CA SER C 719 -12.98 32.04 -53.46
C SER C 719 -11.85 32.12 -52.44
N VAL C 720 -12.17 32.60 -51.25
CA VAL C 720 -11.23 32.67 -50.14
C VAL C 720 -11.81 31.87 -48.98
N THR C 721 -11.01 30.98 -48.42
CA THR C 721 -11.42 30.17 -47.28
C THR C 721 -10.37 30.29 -46.18
N THR C 722 -10.81 30.05 -44.95
CA THR C 722 -9.93 30.13 -43.79
C THR C 722 -9.61 28.73 -43.28
N GLU C 723 -8.63 28.67 -42.39
CA GLU C 723 -8.24 27.42 -41.75
C GLU C 723 -7.41 27.75 -40.53
N ILE C 724 -7.86 27.29 -39.36
CA ILE C 724 -7.23 27.61 -38.09
C ILE C 724 -6.46 26.39 -37.60
N LEU C 725 -5.21 26.61 -37.18
CA LEU C 725 -4.36 25.52 -36.72
C LEU C 725 -3.64 25.96 -35.46
N PRO C 726 -3.79 25.26 -34.34
CA PRO C 726 -2.98 25.57 -33.16
C PRO C 726 -1.53 25.21 -33.39
N VAL C 727 -0.64 25.92 -32.71
CA VAL C 727 0.80 25.76 -32.87
C VAL C 727 1.46 25.37 -31.55
N SER C 728 1.24 26.14 -30.50
CA SER C 728 1.86 25.88 -29.21
C SER C 728 0.91 26.27 -28.10
N MET C 729 0.85 25.43 -27.07
CA MET C 729 0.04 25.74 -25.90
C MET C 729 0.87 26.57 -24.93
N THR C 730 0.33 26.73 -23.72
CA THR C 730 0.98 27.57 -22.72
C THR C 730 2.03 26.77 -21.96
N LYS C 731 3.25 27.29 -21.94
CA LYS C 731 4.33 26.64 -21.20
C LYS C 731 4.07 26.74 -19.71
N THR C 732 4.18 25.63 -19.01
CA THR C 732 3.88 25.56 -17.59
C THR C 732 5.02 24.91 -16.83
N SER C 733 5.11 25.23 -15.54
CA SER C 733 6.10 24.63 -14.65
C SER C 733 5.50 24.53 -13.26
N VAL C 734 5.99 23.55 -12.49
CA VAL C 734 5.46 23.28 -11.16
C VAL C 734 6.61 23.23 -10.17
N ASP C 735 6.28 23.41 -8.89
CA ASP C 735 7.22 23.28 -7.79
C ASP C 735 6.84 22.04 -7.00
N CYS C 736 7.79 21.13 -6.82
CA CYS C 736 7.48 19.84 -6.21
C CYS C 736 7.10 20.00 -4.75
N THR C 737 8.02 20.50 -3.94
CA THR C 737 7.80 20.57 -2.50
C THR C 737 6.68 21.52 -2.15
N MET C 738 6.61 22.67 -2.82
CA MET C 738 5.57 23.65 -2.51
C MET C 738 4.18 23.08 -2.75
N TYR C 739 4.04 22.12 -3.66
CA TYR C 739 2.75 21.49 -3.91
C TYR C 739 2.52 20.29 -3.00
N ILE C 740 3.43 19.32 -3.03
CA ILE C 740 3.26 18.12 -2.22
C ILE C 740 3.18 18.48 -0.75
N CYS C 741 4.13 19.27 -0.27
CA CYS C 741 4.14 19.78 1.08
C CYS C 741 3.54 21.18 1.09
N GLY C 742 3.65 21.86 2.22
CA GLY C 742 3.18 23.23 2.31
C GLY C 742 4.22 24.14 2.92
N ASP C 743 3.77 25.06 3.77
CA ASP C 743 4.68 25.94 4.49
C ASP C 743 5.52 25.20 5.52
N SER C 744 5.14 23.99 5.89
CA SER C 744 5.92 23.21 6.85
C SER C 744 7.26 22.81 6.25
N THR C 745 8.24 22.60 7.14
CA THR C 745 9.59 22.26 6.74
C THR C 745 9.88 20.77 6.86
N GLU C 746 9.48 20.14 7.97
CA GLU C 746 9.72 18.72 8.18
C GLU C 746 9.06 17.85 7.13
N CYS C 747 7.99 18.32 6.49
CA CYS C 747 7.38 17.57 5.40
C CYS C 747 8.38 17.37 4.26
N SER C 748 9.22 18.37 3.99
CA SER C 748 10.25 18.21 2.99
C SER C 748 11.22 17.09 3.36
N ASN C 749 11.60 17.03 4.63
CA ASN C 749 12.48 15.95 5.09
C ASN C 749 11.79 14.60 4.93
N LEU C 750 10.50 14.53 5.24
CA LEU C 750 9.76 13.28 5.06
C LEU C 750 9.67 12.91 3.58
N LEU C 751 9.66 13.90 2.70
CA LEU C 751 9.52 13.65 1.27
C LEU C 751 10.84 13.22 0.65
N LEU C 752 11.97 13.67 1.20
CA LEU C 752 13.26 13.49 0.54
C LEU C 752 13.55 12.04 0.21
N GLN C 753 13.10 11.10 1.04
CA GLN C 753 13.48 9.70 0.88
C GLN C 753 12.48 8.90 0.04
N TYR C 754 11.47 9.55 -0.53
CA TYR C 754 10.51 8.82 -1.36
C TYR C 754 10.98 8.62 -2.79
N GLY C 755 12.13 9.17 -3.16
CA GLY C 755 12.67 9.03 -4.48
C GLY C 755 13.07 10.37 -5.04
N SER C 756 13.41 10.37 -6.32
CA SER C 756 13.83 11.56 -7.04
C SER C 756 12.84 11.92 -8.14
N PHE C 757 11.55 11.83 -7.82
CA PHE C 757 10.53 12.10 -8.82
C PHE C 757 10.53 13.56 -9.25
N CYS C 758 10.99 14.46 -8.37
CA CYS C 758 11.02 15.86 -8.72
C CYS C 758 11.90 16.12 -9.94
N THR C 759 13.05 15.46 -10.00
CA THR C 759 13.94 15.64 -11.15
C THR C 759 13.25 15.20 -12.44
N GLN C 760 12.57 14.05 -12.42
CA GLN C 760 11.91 13.57 -13.62
C GLN C 760 10.79 14.52 -14.05
N LEU C 761 9.99 14.99 -13.09
CA LEU C 761 8.92 15.92 -13.45
C LEU C 761 9.47 17.23 -14.02
N LYS C 762 10.52 17.78 -13.40
CA LYS C 762 11.10 19.01 -13.91
C LYS C 762 11.67 18.81 -15.30
N ARG C 763 12.34 17.68 -15.53
CA ARG C 763 12.90 17.40 -16.85
C ARG C 763 11.79 17.29 -17.90
N ALA C 764 10.71 16.59 -17.57
CA ALA C 764 9.62 16.42 -18.53
C ALA C 764 8.99 17.77 -18.87
N LEU C 765 8.74 18.60 -17.86
CA LEU C 765 8.11 19.89 -18.12
C LEU C 765 9.04 20.81 -18.89
N THR C 766 10.34 20.77 -18.60
CA THR C 766 11.29 21.57 -19.38
C THR C 766 11.33 21.11 -20.83
N GLY C 767 11.30 19.80 -21.05
CA GLY C 767 11.22 19.29 -22.41
C GLY C 767 9.99 19.79 -23.14
N ILE C 768 8.84 19.77 -22.46
CA ILE C 768 7.62 20.27 -23.08
C ILE C 768 7.74 21.75 -23.42
N ALA C 769 8.32 22.53 -22.51
CA ALA C 769 8.46 23.97 -22.75
C ALA C 769 9.34 24.25 -23.96
N VAL C 770 10.51 23.61 -24.02
CA VAL C 770 11.39 23.85 -25.16
C VAL C 770 10.76 23.32 -26.43
N GLU C 771 9.96 22.25 -26.35
CA GLU C 771 9.25 21.77 -27.53
C GLU C 771 8.26 22.81 -28.03
N GLN C 772 7.54 23.46 -27.12
CA GLN C 772 6.61 24.52 -27.53
C GLN C 772 7.35 25.65 -28.23
N ASP C 773 8.46 26.07 -27.64
CA ASP C 773 9.23 27.16 -28.22
C ASP C 773 9.75 26.78 -29.61
N LYS C 774 10.27 25.57 -29.76
CA LYS C 774 10.75 25.13 -31.06
C LYS C 774 9.63 25.01 -32.06
N ASN C 775 8.44 24.61 -31.62
CA ASN C 775 7.29 24.55 -32.52
C ASN C 775 6.99 25.92 -33.09
N THR C 776 6.89 26.93 -32.22
CA THR C 776 6.61 28.27 -32.72
C THR C 776 7.72 28.75 -33.67
N GLN C 777 8.97 28.52 -33.29
CA GLN C 777 10.08 28.96 -34.12
C GLN C 777 10.04 28.30 -35.49
N GLU C 778 9.75 27.00 -35.54
CA GLU C 778 9.73 26.28 -36.80
C GLU C 778 8.58 26.73 -37.69
N VAL C 779 7.38 26.91 -37.11
CA VAL C 779 6.25 27.31 -37.92
C VAL C 779 6.46 28.70 -38.50
N PHE C 780 6.94 29.63 -37.69
CA PHE C 780 6.97 31.03 -38.13
C PHE C 780 8.31 31.45 -38.73
N ALA C 781 9.42 31.19 -38.05
CA ALA C 781 10.72 31.68 -38.49
C ALA C 781 11.21 30.84 -39.67
N GLN C 782 10.69 31.17 -40.85
CA GLN C 782 11.07 30.49 -42.08
C GLN C 782 11.73 31.39 -43.11
N VAL C 783 11.92 32.68 -42.81
CA VAL C 783 12.60 33.61 -43.70
C VAL C 783 13.67 34.34 -42.91
N LYS C 784 14.86 34.43 -43.49
CA LYS C 784 16.00 35.05 -42.83
C LYS C 784 16.07 36.55 -43.06
N GLN C 785 15.18 37.09 -43.88
CA GLN C 785 15.12 38.52 -44.14
C GLN C 785 13.76 39.06 -43.70
N ILE C 786 13.70 40.36 -43.45
CA ILE C 786 12.43 41.00 -43.14
C ILE C 786 12.06 41.91 -44.31
N TYR C 787 11.29 41.38 -45.26
CA TYR C 787 10.87 42.15 -46.40
C TYR C 787 9.79 43.15 -45.99
N LYS C 788 9.85 44.34 -46.60
CA LYS C 788 8.92 45.41 -46.29
C LYS C 788 8.16 45.80 -47.55
N THR C 789 6.85 45.97 -47.39
CA THR C 789 6.01 46.39 -48.50
C THR C 789 6.35 47.82 -48.92
N PRO C 790 6.23 48.14 -50.20
CA PRO C 790 6.51 49.50 -50.65
C PRO C 790 5.48 50.48 -50.11
N PRO C 791 5.83 51.76 -50.00
CA PRO C 791 4.88 52.73 -49.43
C PRO C 791 3.58 52.85 -50.20
N ILE C 792 3.61 52.72 -51.52
CA ILE C 792 2.42 52.88 -52.34
C ILE C 792 1.77 51.51 -52.49
N LYS C 793 0.57 51.35 -51.96
CA LYS C 793 -0.12 50.06 -51.95
C LYS C 793 -1.10 49.98 -53.12
N TYR C 794 -0.53 49.95 -54.33
CA TYR C 794 -1.29 49.72 -55.55
C TYR C 794 -0.75 48.47 -56.24
N PHE C 795 -1.60 47.46 -56.39
CA PHE C 795 -1.20 46.18 -56.95
C PHE C 795 -2.10 45.80 -58.12
N GLY C 796 -2.32 46.76 -59.01
CA GLY C 796 -3.15 46.51 -60.18
C GLY C 796 -4.60 46.24 -59.85
N GLY C 797 -5.16 46.94 -58.87
CA GLY C 797 -6.54 46.80 -58.50
C GLY C 797 -6.82 45.94 -57.29
N PHE C 798 -5.86 45.12 -56.87
CA PHE C 798 -6.08 44.28 -55.69
C PHE C 798 -5.97 45.10 -54.42
N ASN C 799 -6.73 44.71 -53.41
CA ASN C 799 -6.87 45.46 -52.17
C ASN C 799 -6.44 44.58 -51.01
N PHE C 800 -5.24 44.84 -50.48
CA PHE C 800 -4.68 44.06 -49.38
C PHE C 800 -4.77 44.79 -48.04
N SER C 801 -5.62 45.80 -47.94
CA SER C 801 -5.68 46.59 -46.72
C SER C 801 -6.14 45.77 -45.53
N GLN C 802 -6.98 44.77 -45.76
CA GLN C 802 -7.53 44.01 -44.63
C GLN C 802 -6.52 43.05 -44.02
N ILE C 803 -5.43 42.74 -44.72
CA ILE C 803 -4.45 41.80 -44.21
C ILE C 803 -3.08 42.41 -43.98
N LEU C 804 -2.80 43.60 -44.50
CA LEU C 804 -1.52 44.22 -44.24
C LEU C 804 -1.55 44.94 -42.90
N PRO C 805 -0.39 45.08 -42.24
CA PRO C 805 -0.37 45.74 -40.93
C PRO C 805 -0.85 47.18 -41.02
N ASP C 806 -1.49 47.63 -39.95
CA ASP C 806 -2.01 48.99 -39.88
C ASP C 806 -1.10 49.81 -38.97
N PRO C 807 -0.32 50.74 -39.50
CA PRO C 807 0.58 51.52 -38.64
C PRO C 807 -0.13 52.41 -37.64
N SER C 808 -1.39 52.78 -37.90
CA SER C 808 -2.09 53.68 -37.00
C SER C 808 -2.26 53.07 -35.61
N LYS C 809 -2.62 51.80 -35.55
CA LYS C 809 -2.77 51.15 -34.26
C LYS C 809 -1.39 50.92 -33.62
N PRO C 810 -1.31 51.03 -32.29
CA PRO C 810 -0.01 50.85 -31.63
C PRO C 810 0.60 49.48 -31.82
N SER C 811 -0.22 48.44 -31.92
CA SER C 811 0.29 47.07 -31.98
C SER C 811 0.81 46.69 -33.36
N LYS C 812 0.54 47.51 -34.39
CA LYS C 812 0.96 47.22 -35.76
C LYS C 812 0.43 45.86 -36.22
N ARG C 813 -0.89 45.74 -36.17
CA ARG C 813 -1.58 44.50 -36.49
C ARG C 813 -2.60 44.74 -37.59
N SER C 814 -2.74 43.75 -38.48
CA SER C 814 -3.76 43.80 -39.50
C SER C 814 -5.14 43.67 -38.87
N PRO C 815 -6.18 44.20 -39.53
CA PRO C 815 -7.53 44.10 -38.95
C PRO C 815 -7.95 42.67 -38.66
N ILE C 816 -7.58 41.73 -39.53
CA ILE C 816 -7.94 40.33 -39.29
C ILE C 816 -7.26 39.81 -38.04
N GLU C 817 -5.97 40.11 -37.86
CA GLU C 817 -5.25 39.66 -36.68
C GLU C 817 -5.83 40.27 -35.42
N ASP C 818 -6.17 41.56 -35.47
CA ASP C 818 -6.77 42.21 -34.32
C ASP C 818 -8.11 41.58 -33.97
N LEU C 819 -8.93 41.29 -34.98
CA LEU C 819 -10.20 40.61 -34.73
C LEU C 819 -9.97 39.25 -34.10
N LEU C 820 -8.97 38.51 -34.59
CA LEU C 820 -8.66 37.21 -34.03
C LEU C 820 -8.25 37.31 -32.56
N PHE C 821 -7.41 38.30 -32.23
CA PHE C 821 -7.03 38.49 -30.84
C PHE C 821 -8.23 38.82 -29.98
N ASN C 822 -9.14 39.64 -30.49
CA ASN C 822 -10.33 39.98 -29.71
C ASN C 822 -11.26 38.79 -29.55
N LYS C 823 -11.27 37.86 -30.49
CA LYS C 823 -12.19 36.73 -30.42
C LYS C 823 -11.75 35.63 -29.47
N VAL C 824 -10.52 35.70 -28.94
CA VAL C 824 -9.99 34.67 -28.07
C VAL C 824 -9.56 35.31 -26.76
N THR C 825 -10.00 34.73 -25.64
CA THR C 825 -9.64 35.24 -24.33
C THR C 825 -8.40 34.52 -23.78
N ALA C 850 -8.09 31.07 -10.46
CA ALA C 850 -7.59 32.36 -10.89
C ALA C 850 -6.07 32.35 -10.99
N GLN C 851 -5.41 33.11 -10.11
CA GLN C 851 -3.97 33.21 -10.12
C GLN C 851 -3.39 32.71 -8.81
N LYS C 852 -3.84 31.54 -8.36
CA LYS C 852 -3.37 30.94 -7.12
C LYS C 852 -2.04 30.25 -7.41
N PHE C 853 -0.95 30.80 -6.87
CA PHE C 853 0.37 30.21 -7.01
C PHE C 853 0.67 29.31 -5.80
N LYS C 854 0.03 28.16 -5.80
CA LYS C 854 0.37 27.10 -4.86
C LYS C 854 1.33 26.11 -5.48
N GLY C 855 2.43 26.62 -6.02
CA GLY C 855 3.44 25.82 -6.67
C GLY C 855 3.35 25.75 -8.18
N LEU C 856 2.25 26.19 -8.76
CA LEU C 856 2.04 26.13 -10.20
C LEU C 856 2.40 27.47 -10.84
N THR C 857 3.22 27.43 -11.88
CA THR C 857 3.71 28.62 -12.54
C THR C 857 3.47 28.54 -14.04
N VAL C 858 3.42 29.71 -14.67
CA VAL C 858 3.25 29.84 -16.11
C VAL C 858 4.44 30.61 -16.66
N LEU C 859 5.17 30.00 -17.58
CA LEU C 859 6.32 30.69 -18.14
C LEU C 859 5.92 31.46 -19.40
N PRO C 860 6.48 32.65 -19.61
CA PRO C 860 6.16 33.40 -20.82
C PRO C 860 6.87 32.80 -22.02
N PRO C 861 6.24 32.84 -23.19
CA PRO C 861 6.91 32.31 -24.39
C PRO C 861 8.06 33.18 -24.82
N LEU C 862 9.00 32.58 -25.54
CA LEU C 862 10.17 33.33 -26.00
C LEU C 862 9.79 34.42 -26.98
N LEU C 863 8.91 34.12 -27.94
CA LEU C 863 8.54 35.05 -28.98
C LEU C 863 7.24 35.75 -28.58
N THR C 864 7.34 37.04 -28.30
CA THR C 864 6.16 37.83 -27.99
C THR C 864 5.33 38.02 -29.26
N ASP C 865 4.09 38.48 -29.07
CA ASP C 865 3.17 38.62 -30.20
C ASP C 865 3.69 39.59 -31.24
N GLU C 866 4.49 40.58 -30.84
CA GLU C 866 4.97 41.57 -31.80
C GLU C 866 5.85 40.93 -32.87
N MET C 867 6.78 40.06 -32.46
CA MET C 867 7.65 39.44 -33.45
C MET C 867 6.91 38.40 -34.28
N ILE C 868 5.89 37.77 -33.72
CA ILE C 868 5.05 36.91 -34.54
C ILE C 868 4.36 37.74 -35.64
N ALA C 869 3.81 38.90 -35.26
CA ALA C 869 3.22 39.78 -36.25
C ALA C 869 4.25 40.26 -37.27
N GLN C 870 5.49 40.46 -36.84
CA GLN C 870 6.52 40.92 -37.76
C GLN C 870 6.91 39.82 -38.76
N TYR C 871 7.00 38.57 -38.30
CA TYR C 871 7.18 37.46 -39.24
C TYR C 871 6.03 37.37 -40.22
N THR C 872 4.80 37.52 -39.73
CA THR C 872 3.65 37.46 -40.63
C THR C 872 3.71 38.56 -41.67
N SER C 873 4.05 39.79 -41.26
CA SER C 873 4.15 40.89 -42.20
C SER C 873 5.28 40.66 -43.21
N ALA C 874 6.40 40.13 -42.75
CA ALA C 874 7.50 39.84 -43.67
C ALA C 874 7.09 38.80 -44.69
N LEU C 875 6.39 37.75 -44.25
CA LEU C 875 5.93 36.72 -45.18
C LEU C 875 4.95 37.31 -46.20
N LEU C 876 4.03 38.15 -45.75
CA LEU C 876 3.09 38.77 -46.69
C LEU C 876 3.81 39.66 -47.69
N ALA C 877 4.76 40.47 -47.23
CA ALA C 877 5.50 41.33 -48.15
C ALA C 877 6.28 40.50 -49.16
N GLY C 878 6.92 39.44 -48.70
CA GLY C 878 7.68 38.60 -49.62
C GLY C 878 6.79 37.91 -50.65
N THR C 879 5.64 37.40 -50.21
CA THR C 879 4.77 36.68 -51.13
C THR C 879 3.95 37.61 -52.02
N ILE C 880 3.88 38.89 -51.71
CA ILE C 880 3.20 39.83 -52.58
C ILE C 880 4.17 40.46 -53.58
N THR C 881 5.29 40.99 -53.11
CA THR C 881 6.21 41.70 -53.99
C THR C 881 7.16 40.78 -54.75
N SER C 882 7.25 39.51 -54.39
CA SER C 882 8.23 38.65 -55.04
C SER C 882 7.69 37.26 -55.38
N GLY C 883 6.37 37.09 -55.42
CA GLY C 883 5.81 35.80 -55.78
C GLY C 883 6.25 34.71 -54.83
N TRP C 884 6.71 33.60 -55.38
CA TRP C 884 7.25 32.50 -54.60
C TRP C 884 8.76 32.35 -54.74
N THR C 885 9.42 33.25 -55.47
CA THR C 885 10.86 33.15 -55.66
C THR C 885 11.63 33.31 -54.36
N PHE C 886 11.13 34.12 -53.42
CA PHE C 886 11.85 34.35 -52.18
C PHE C 886 11.88 33.11 -51.30
N GLY C 887 11.07 32.11 -51.59
CA GLY C 887 11.09 30.87 -50.85
C GLY C 887 12.11 29.86 -51.31
N ALA C 888 12.87 30.18 -52.37
CA ALA C 888 13.87 29.25 -52.88
C ALA C 888 15.16 29.95 -53.27
N GLY C 889 15.41 31.15 -52.75
CA GLY C 889 16.59 31.90 -53.10
C GLY C 889 16.37 33.38 -52.89
N PRO C 890 17.11 34.21 -53.61
CA PRO C 890 16.91 35.66 -53.50
C PRO C 890 15.54 36.06 -54.02
N ALA C 891 15.00 37.12 -53.41
CA ALA C 891 13.68 37.61 -53.81
C ALA C 891 13.80 38.46 -55.08
N LEU C 892 12.96 38.15 -56.06
CA LEU C 892 12.96 38.85 -57.34
C LEU C 892 11.60 39.49 -57.54
N GLN C 893 11.58 40.82 -57.61
CA GLN C 893 10.32 41.54 -57.71
C GLN C 893 9.62 41.21 -59.03
N ILE C 894 8.30 41.13 -58.97
CA ILE C 894 7.47 40.82 -60.14
C ILE C 894 6.18 41.62 -60.03
N PRO C 895 5.72 42.27 -61.10
CA PRO C 895 4.43 42.94 -61.05
C PRO C 895 3.33 41.94 -60.69
N PHE C 896 2.44 42.34 -59.80
CA PHE C 896 1.48 41.39 -59.24
C PHE C 896 0.57 40.76 -60.28
N PRO C 897 -0.02 41.48 -61.24
CA PRO C 897 -0.83 40.78 -62.25
C PRO C 897 -0.04 39.73 -63.01
N MET C 898 1.25 39.96 -63.23
CA MET C 898 2.06 38.94 -63.87
C MET C 898 2.18 37.70 -62.99
N GLN C 899 2.26 37.90 -61.67
CA GLN C 899 2.29 36.76 -60.77
C GLN C 899 0.96 36.01 -60.80
N MET C 900 -0.16 36.74 -60.89
CA MET C 900 -1.44 36.08 -61.08
C MET C 900 -1.50 35.28 -62.37
N ALA C 901 -0.93 35.83 -63.45
CA ALA C 901 -0.89 35.10 -64.70
C ALA C 901 -0.07 33.83 -64.56
N TYR C 902 1.06 33.92 -63.86
CA TYR C 902 1.87 32.73 -63.62
C TYR C 902 1.08 31.69 -62.85
N ARG C 903 0.32 32.12 -61.84
CA ARG C 903 -0.42 31.18 -61.02
C ARG C 903 -1.55 30.53 -61.80
N PHE C 904 -2.26 31.28 -62.64
CA PHE C 904 -3.24 30.65 -63.52
C PHE C 904 -2.58 29.67 -64.48
N ASN C 905 -1.46 30.06 -65.09
CA ASN C 905 -0.77 29.14 -65.97
C ASN C 905 -0.33 27.89 -65.24
N GLY C 906 -0.14 27.97 -63.92
CA GLY C 906 0.17 26.79 -63.15
C GLY C 906 -0.96 25.79 -63.11
N ILE C 907 -2.21 26.26 -63.11
CA ILE C 907 -3.36 25.39 -62.93
C ILE C 907 -4.08 25.11 -64.25
N GLY C 908 -3.37 25.24 -65.37
CA GLY C 908 -3.93 24.85 -66.66
C GLY C 908 -4.83 25.85 -67.32
N VAL C 909 -4.79 27.12 -66.92
CA VAL C 909 -5.55 28.18 -67.56
C VAL C 909 -4.57 29.20 -68.12
N THR C 910 -4.72 29.53 -69.39
CA THR C 910 -3.75 30.38 -70.07
C THR C 910 -3.83 31.81 -69.53
N GLN C 911 -2.82 32.60 -69.90
CA GLN C 911 -2.65 33.93 -69.35
C GLN C 911 -3.75 34.87 -69.84
N ASN C 912 -4.15 34.73 -71.11
CA ASN C 912 -5.12 35.66 -71.69
C ASN C 912 -6.45 35.62 -70.97
N VAL C 913 -6.73 34.54 -70.24
CA VAL C 913 -7.93 34.50 -69.43
C VAL C 913 -7.85 35.53 -68.32
N LEU C 914 -6.71 35.59 -67.62
CA LEU C 914 -6.54 36.60 -66.59
C LEU C 914 -6.48 37.99 -67.19
N TYR C 915 -5.62 38.20 -68.20
CA TYR C 915 -5.31 39.55 -68.63
C TYR C 915 -6.52 40.25 -69.23
N GLU C 916 -7.53 39.51 -69.66
CA GLU C 916 -8.76 40.11 -70.16
C GLU C 916 -9.81 40.28 -69.07
N ASN C 917 -9.58 39.75 -67.88
CA ASN C 917 -10.54 39.81 -66.78
C ASN C 917 -9.87 40.28 -65.50
N GLN C 918 -9.04 41.32 -65.60
CA GLN C 918 -8.33 41.78 -64.41
C GLN C 918 -9.27 42.51 -63.46
N LYS C 919 -10.12 43.39 -63.98
CA LYS C 919 -11.02 44.14 -63.12
C LYS C 919 -11.99 43.22 -62.39
N LEU C 920 -12.57 42.25 -63.10
CA LEU C 920 -13.51 41.34 -62.48
C LEU C 920 -12.85 40.51 -61.40
N ILE C 921 -11.63 40.04 -61.66
CA ILE C 921 -10.93 39.23 -60.66
C ILE C 921 -10.57 40.06 -59.44
N ALA C 922 -10.14 41.31 -59.64
CA ALA C 922 -9.85 42.17 -58.51
C ALA C 922 -11.11 42.41 -57.68
N ASN C 923 -12.24 42.67 -58.33
CA ASN C 923 -13.49 42.88 -57.61
C ASN C 923 -13.88 41.64 -56.81
N GLN C 924 -13.76 40.46 -57.44
CA GLN C 924 -14.12 39.23 -56.74
C GLN C 924 -13.22 38.99 -55.54
N PHE C 925 -11.93 39.25 -55.69
CA PHE C 925 -11.00 39.06 -54.59
C PHE C 925 -11.32 40.00 -53.42
N ASN C 926 -11.58 41.28 -53.72
CA ASN C 926 -11.90 42.22 -52.66
C ASN C 926 -13.20 41.83 -51.96
N SER C 927 -14.21 41.44 -52.73
CA SER C 927 -15.48 41.03 -52.13
C SER C 927 -15.30 39.81 -51.24
N ALA C 928 -14.49 38.85 -51.71
CA ALA C 928 -14.24 37.66 -50.90
C ALA C 928 -13.54 38.02 -49.59
N ILE C 929 -12.57 38.93 -49.64
CA ILE C 929 -11.87 39.31 -48.43
C ILE C 929 -12.84 39.96 -47.44
N GLY C 930 -13.67 40.87 -47.92
CA GLY C 930 -14.66 41.48 -47.04
C GLY C 930 -15.61 40.47 -46.43
N LYS C 931 -16.07 39.52 -47.24
CA LYS C 931 -16.98 38.50 -46.74
C LYS C 931 -16.32 37.63 -45.69
N ILE C 932 -15.03 37.31 -45.89
CA ILE C 932 -14.31 36.54 -44.86
C ILE C 932 -14.23 37.31 -43.56
N GLN C 933 -13.92 38.60 -43.63
CA GLN C 933 -13.86 39.38 -42.39
C GLN C 933 -15.21 39.36 -41.68
N ASP C 934 -16.29 39.59 -42.42
CA ASP C 934 -17.62 39.61 -41.81
C ASP C 934 -17.98 38.26 -41.22
N SER C 935 -17.73 37.17 -41.95
CA SER C 935 -18.08 35.83 -41.48
C SER C 935 -17.27 35.47 -40.24
N LEU C 936 -15.98 35.80 -40.23
CA LEU C 936 -15.17 35.52 -39.05
C LEU C 936 -15.67 36.30 -37.85
N SER C 937 -16.06 37.57 -38.06
CA SER C 937 -16.59 38.36 -36.95
C SER C 937 -17.90 37.78 -36.42
N SER C 938 -18.77 37.34 -37.32
CA SER C 938 -20.14 36.96 -36.95
C SER C 938 -20.29 35.53 -36.45
N THR C 939 -19.27 34.68 -36.65
CA THR C 939 -19.40 33.28 -36.27
C THR C 939 -18.59 33.00 -35.02
N PRO C 940 -19.23 32.56 -33.93
CA PRO C 940 -18.48 32.36 -32.67
C PRO C 940 -17.73 31.04 -32.62
N SER C 941 -18.17 30.05 -33.40
CA SER C 941 -17.58 28.72 -33.37
C SER C 941 -16.44 28.56 -34.36
N ALA C 942 -16.06 29.63 -35.06
CA ALA C 942 -14.96 29.53 -36.02
C ALA C 942 -13.63 29.22 -35.35
N LEU C 943 -13.40 29.81 -34.18
CA LEU C 943 -12.11 29.69 -33.48
C LEU C 943 -12.17 28.64 -32.38
N GLY C 944 -12.85 27.52 -32.64
CA GLY C 944 -13.03 26.52 -31.61
C GLY C 944 -11.73 25.88 -31.15
N LYS C 945 -10.76 25.73 -32.04
CA LYS C 945 -9.57 24.94 -31.71
C LYS C 945 -8.69 25.65 -30.67
N LEU C 946 -8.39 26.92 -30.90
CA LEU C 946 -7.54 27.66 -29.97
C LEU C 946 -8.23 27.82 -28.61
N GLN C 947 -9.53 28.12 -28.63
CA GLN C 947 -10.30 28.17 -27.40
C GLN C 947 -10.26 26.83 -26.68
N ASP C 948 -10.33 25.73 -27.42
CA ASP C 948 -10.25 24.41 -26.82
C ASP C 948 -8.90 24.19 -26.15
N VAL C 949 -7.82 24.61 -26.81
CA VAL C 949 -6.49 24.46 -26.21
C VAL C 949 -6.41 25.23 -24.90
N VAL C 950 -6.85 26.49 -24.92
CA VAL C 950 -6.77 27.33 -23.73
C VAL C 950 -7.61 26.74 -22.61
N ASN C 951 -8.84 26.32 -22.93
CA ASN C 951 -9.73 25.74 -21.93
C ASN C 951 -9.16 24.45 -21.37
N HIS C 952 -8.57 23.61 -22.23
CA HIS C 952 -7.97 22.37 -21.75
C HIS C 952 -6.89 22.65 -20.73
N ASN C 953 -5.98 23.57 -21.05
CA ASN C 953 -4.90 23.88 -20.12
C ASN C 953 -5.45 24.44 -18.82
N ALA C 954 -6.38 25.40 -18.91
CA ALA C 954 -6.92 26.03 -17.71
C ALA C 954 -7.62 25.02 -16.82
N GLN C 955 -8.44 24.14 -17.41
CA GLN C 955 -9.20 23.19 -16.60
C GLN C 955 -8.30 22.10 -16.03
N ALA C 956 -7.26 21.69 -16.75
CA ALA C 956 -6.32 20.73 -16.17
C ALA C 956 -5.60 21.34 -14.97
N LEU C 957 -5.14 22.57 -15.10
CA LEU C 957 -4.48 23.22 -13.97
C LEU C 957 -5.44 23.40 -12.79
N ASN C 958 -6.68 23.77 -13.08
CA ASN C 958 -7.67 23.93 -12.02
C ASN C 958 -7.95 22.61 -11.31
N THR C 959 -8.09 21.53 -12.06
CA THR C 959 -8.29 20.23 -11.43
C THR C 959 -7.10 19.86 -10.54
N LEU C 960 -5.89 20.11 -11.03
CA LEU C 960 -4.70 19.81 -10.24
C LEU C 960 -4.69 20.58 -8.93
N VAL C 961 -5.01 21.88 -8.99
CA VAL C 961 -4.95 22.68 -7.76
C VAL C 961 -6.11 22.33 -6.84
N LYS C 962 -7.25 21.93 -7.39
CA LYS C 962 -8.40 21.63 -6.54
C LYS C 962 -8.22 20.28 -5.85
N GLN C 963 -7.53 19.33 -6.50
CA GLN C 963 -7.34 18.03 -5.89
C GLN C 963 -6.49 18.09 -4.63
N LEU C 964 -5.82 19.21 -4.39
CA LEU C 964 -4.99 19.34 -3.19
C LEU C 964 -5.82 19.29 -1.92
N SER C 965 -7.14 19.49 -2.00
CA SER C 965 -8.02 19.43 -0.84
C SER C 965 -8.64 18.05 -0.64
N SER C 966 -8.06 17.02 -1.24
CA SER C 966 -8.57 15.66 -1.10
C SER C 966 -8.02 15.02 0.16
N LYS C 967 -8.86 14.24 0.83
CA LYS C 967 -8.49 13.68 2.12
C LYS C 967 -7.49 12.54 1.98
N PHE C 968 -7.68 11.70 0.96
CA PHE C 968 -6.85 10.50 0.75
C PHE C 968 -6.89 9.58 1.97
N GLY C 969 -8.02 9.54 2.66
CA GLY C 969 -8.19 8.65 3.78
C GLY C 969 -7.51 9.06 5.06
N ALA C 970 -7.10 10.32 5.19
CA ALA C 970 -6.52 10.80 6.43
C ALA C 970 -7.59 11.31 7.37
N ILE C 971 -7.17 11.62 8.60
CA ILE C 971 -8.08 12.28 9.52
C ILE C 971 -8.35 13.71 9.08
N SER C 972 -7.34 14.38 8.52
CA SER C 972 -7.49 15.72 8.00
C SER C 972 -6.62 15.87 6.75
N SER C 973 -7.05 16.75 5.86
CA SER C 973 -6.33 17.01 4.62
C SER C 973 -5.28 18.10 4.76
N VAL C 974 -5.14 18.69 5.94
CA VAL C 974 -4.12 19.71 6.21
C VAL C 974 -3.02 19.06 7.02
N LEU C 975 -1.81 19.04 6.46
CA LEU C 975 -0.70 18.37 7.13
C LEU C 975 -0.32 19.08 8.43
N ASN C 976 -0.49 20.40 8.49
CA ASN C 976 -0.33 21.10 9.76
C ASN C 976 -1.26 20.52 10.81
N ASP C 977 -2.53 20.30 10.45
CA ASP C 977 -3.48 19.70 11.39
C ASP C 977 -2.99 18.33 11.84
N ILE C 978 -2.44 17.54 10.92
CA ILE C 978 -1.95 16.22 11.28
C ILE C 978 -0.82 16.34 12.30
N PHE C 979 0.08 17.31 12.09
CA PHE C 979 1.23 17.46 12.98
C PHE C 979 0.83 17.83 14.39
N SER C 980 -0.18 18.68 14.56
CA SER C 980 -0.62 19.12 15.88
C SER C 980 -1.70 18.22 16.46
N ARG C 981 -2.06 17.15 15.76
CA ARG C 981 -3.12 16.24 16.22
C ARG C 981 -2.60 14.88 16.64
N LEU C 982 -1.41 14.47 16.19
CA LEU C 982 -0.94 13.12 16.42
C LEU C 982 0.51 13.12 16.91
N ASP C 983 0.86 12.06 17.62
CA ASP C 983 2.25 11.76 17.91
C ASP C 983 2.93 11.37 16.60
N PRO C 984 4.22 11.62 16.45
CA PRO C 984 4.92 11.30 15.20
C PRO C 984 4.67 9.87 14.75
N PRO C 985 4.83 8.84 15.61
CA PRO C 985 4.86 7.45 15.10
C PRO C 985 3.75 7.10 14.11
N GLU C 986 2.57 7.68 14.28
CA GLU C 986 1.49 7.57 13.30
C GLU C 986 1.50 8.71 12.30
N ALA C 987 2.09 9.86 12.68
CA ALA C 987 2.22 10.95 11.73
C ALA C 987 3.00 10.51 10.49
N GLU C 988 4.01 9.66 10.63
CA GLU C 988 4.71 9.24 9.42
C GLU C 988 3.78 8.51 8.46
N VAL C 989 2.96 7.58 8.96
CA VAL C 989 2.11 6.83 8.04
C VAL C 989 1.02 7.72 7.45
N GLN C 990 0.42 8.60 8.26
CA GLN C 990 -0.61 9.51 7.72
C GLN C 990 -0.03 10.39 6.63
N ILE C 991 1.07 11.08 6.93
CA ILE C 991 1.70 11.96 5.96
C ILE C 991 2.18 11.17 4.75
N ASP C 992 2.65 9.95 4.96
CA ASP C 992 3.14 9.14 3.86
C ASP C 992 2.03 8.84 2.88
N ARG C 993 0.88 8.39 3.37
CA ARG C 993 -0.20 8.05 2.45
C ARG C 993 -0.72 9.31 1.74
N LEU C 994 -0.82 10.42 2.47
CA LEU C 994 -1.25 11.67 1.83
C LEU C 994 -0.28 12.09 0.72
N ILE C 995 1.02 12.02 1.01
CA ILE C 995 2.03 12.40 0.02
C ILE C 995 1.99 11.48 -1.18
N THR C 996 1.81 10.18 -0.95
CA THR C 996 1.72 9.25 -2.07
C THR C 996 0.55 9.61 -2.99
N GLY C 997 -0.60 9.92 -2.40
CA GLY C 997 -1.74 10.33 -3.22
C GLY C 997 -1.46 11.59 -4.03
N ARG C 998 -0.89 12.59 -3.37
CA ARG C 998 -0.63 13.85 -4.07
C ARG C 998 0.39 13.66 -5.20
N LEU C 999 1.42 12.85 -4.95
CA LEU C 999 2.42 12.58 -5.98
C LEU C 999 1.79 11.82 -7.15
N GLN C 1000 0.87 10.90 -6.86
CA GLN C 1000 0.17 10.21 -7.94
C GLN C 1000 -0.61 11.20 -8.80
N SER C 1001 -1.31 12.13 -8.17
CA SER C 1001 -2.06 13.13 -8.93
C SER C 1001 -1.12 13.96 -9.80
N LEU C 1002 0.01 14.38 -9.24
CA LEU C 1002 0.97 15.18 -10.00
C LEU C 1002 1.49 14.42 -11.21
N GLN C 1003 1.84 13.14 -11.02
CA GLN C 1003 2.35 12.35 -12.13
C GLN C 1003 1.28 12.17 -13.21
N THR C 1004 0.02 11.98 -12.80
CA THR C 1004 -1.06 11.89 -13.78
C THR C 1004 -1.15 13.17 -14.60
N TYR C 1005 -1.07 14.33 -13.94
CA TYR C 1005 -1.11 15.58 -14.67
C TYR C 1005 0.05 15.68 -15.66
N VAL C 1006 1.24 15.25 -15.23
CA VAL C 1006 2.40 15.30 -16.13
C VAL C 1006 2.17 14.43 -17.36
N THR C 1007 1.61 13.25 -17.17
CA THR C 1007 1.36 12.37 -18.31
C THR C 1007 0.35 12.98 -19.27
N GLN C 1008 -0.73 13.57 -18.74
CA GLN C 1008 -1.70 14.22 -19.61
C GLN C 1008 -1.05 15.36 -20.39
N GLN C 1009 -0.20 16.15 -19.72
CA GLN C 1009 0.49 17.23 -20.40
C GLN C 1009 1.38 16.69 -21.51
N LEU C 1010 2.06 15.57 -21.26
CA LEU C 1010 2.93 14.99 -22.30
C LEU C 1010 2.12 14.58 -23.53
N ILE C 1011 0.98 13.93 -23.31
CA ILE C 1011 0.17 13.50 -24.46
C ILE C 1011 -0.33 14.70 -25.24
N ARG C 1012 -0.82 15.72 -24.53
CA ARG C 1012 -1.28 16.92 -25.21
C ARG C 1012 -0.15 17.58 -25.98
N ALA C 1013 1.06 17.57 -25.42
CA ALA C 1013 2.21 18.16 -26.10
C ALA C 1013 2.53 17.41 -27.38
N ALA C 1014 2.44 16.08 -27.35
CA ALA C 1014 2.68 15.32 -28.57
C ALA C 1014 1.65 15.66 -29.65
N GLU C 1015 0.38 15.75 -29.25
CA GLU C 1015 -0.65 16.08 -30.24
C GLU C 1015 -0.41 17.47 -30.82
N ILE C 1016 -0.09 18.44 -29.96
CA ILE C 1016 0.14 19.81 -30.43
C ILE C 1016 1.36 19.85 -31.33
N ARG C 1017 2.39 19.06 -31.03
CA ARG C 1017 3.55 19.02 -31.89
C ARG C 1017 3.21 18.48 -33.28
N ALA C 1018 2.35 17.45 -33.33
CA ALA C 1018 1.90 16.97 -34.63
C ALA C 1018 1.15 18.06 -35.39
N SER C 1019 0.27 18.78 -34.69
CA SER C 1019 -0.46 19.86 -35.34
C SER C 1019 0.48 20.95 -35.84
N ALA C 1020 1.52 21.26 -35.06
CA ALA C 1020 2.47 22.28 -35.47
C ALA C 1020 3.29 21.84 -36.67
N ASN C 1021 3.65 20.56 -36.74
CA ASN C 1021 4.32 20.05 -37.92
C ASN C 1021 3.43 20.19 -39.15
N LEU C 1022 2.15 19.85 -39.01
CA LEU C 1022 1.23 20.01 -40.13
C LEU C 1022 1.12 21.47 -40.54
N ALA C 1023 1.06 22.38 -39.56
CA ALA C 1023 0.97 23.80 -39.88
C ALA C 1023 2.22 24.30 -40.58
N ALA C 1024 3.39 23.85 -40.15
CA ALA C 1024 4.62 24.25 -40.81
C ALA C 1024 4.68 23.76 -42.24
N THR C 1025 4.26 22.50 -42.46
CA THR C 1025 4.22 21.98 -43.82
C THR C 1025 3.25 22.78 -44.68
N LYS C 1026 2.07 23.11 -44.13
CA LYS C 1026 1.10 23.89 -44.88
C LYS C 1026 1.65 25.26 -45.23
N MET C 1027 2.32 25.91 -44.28
CA MET C 1027 2.93 27.20 -44.56
C MET C 1027 3.95 27.09 -45.69
N SER C 1028 4.87 26.15 -45.56
CA SER C 1028 5.94 26.03 -46.55
C SER C 1028 5.43 25.67 -47.93
N GLU C 1029 4.34 24.91 -48.01
CA GLU C 1029 3.87 24.42 -49.30
C GLU C 1029 2.73 25.23 -49.90
N CYS C 1030 2.05 26.06 -49.12
CA CYS C 1030 0.95 26.85 -49.65
C CYS C 1030 1.25 28.34 -49.68
N VAL C 1031 2.16 28.83 -48.83
CA VAL C 1031 2.47 30.26 -48.78
C VAL C 1031 3.67 30.53 -49.66
N LEU C 1032 4.75 29.81 -49.44
CA LEU C 1032 5.99 29.98 -50.19
C LEU C 1032 5.94 29.38 -51.56
N GLY C 1033 4.76 29.03 -52.05
CA GLY C 1033 4.66 28.44 -53.38
C GLY C 1033 3.21 28.10 -53.67
N GLN C 1034 3.03 27.34 -54.75
CA GLN C 1034 1.74 26.84 -55.15
C GLN C 1034 1.77 25.31 -55.11
N SER C 1035 0.75 24.71 -54.52
CA SER C 1035 0.71 23.28 -54.32
C SER C 1035 -0.35 22.66 -55.22
N LYS C 1036 0.00 21.57 -55.88
CA LYS C 1036 -0.92 20.82 -56.71
C LYS C 1036 -1.68 19.76 -55.93
N ARG C 1037 -1.37 19.56 -54.66
CA ARG C 1037 -2.09 18.59 -53.86
C ARG C 1037 -3.54 19.04 -53.65
N VAL C 1038 -4.46 18.11 -53.89
CA VAL C 1038 -5.88 18.45 -53.88
C VAL C 1038 -6.33 18.71 -52.44
N ASP C 1039 -7.08 19.79 -52.25
CA ASP C 1039 -7.71 20.12 -50.98
C ASP C 1039 -6.70 20.35 -49.86
N PHE C 1040 -5.41 20.39 -50.19
CA PHE C 1040 -4.41 20.63 -49.16
C PHE C 1040 -4.35 22.10 -48.77
N CYS C 1041 -4.52 23.00 -49.75
CA CYS C 1041 -4.53 24.43 -49.44
C CYS C 1041 -5.88 25.03 -49.79
N GLY C 1042 -6.96 24.38 -49.40
CA GLY C 1042 -8.29 24.91 -49.59
C GLY C 1042 -9.05 24.18 -50.69
N LYS C 1043 -10.37 24.28 -50.60
CA LYS C 1043 -11.23 23.63 -51.58
C LYS C 1043 -11.08 24.29 -52.95
N GLY C 1044 -11.02 23.48 -54.00
CA GLY C 1044 -10.84 23.99 -55.34
C GLY C 1044 -9.37 24.04 -55.74
N TYR C 1045 -9.13 24.69 -56.87
CA TYR C 1045 -7.77 24.87 -57.36
C TYR C 1045 -7.09 25.99 -56.59
N HIS C 1046 -5.89 25.71 -56.07
CA HIS C 1046 -5.20 26.64 -55.20
C HIS C 1046 -4.43 27.67 -56.00
N LEU C 1047 -4.50 28.92 -55.58
CA LEU C 1047 -3.75 30.01 -56.17
C LEU C 1047 -2.65 30.52 -55.26
N MET C 1048 -2.99 30.91 -54.03
CA MET C 1048 -2.02 31.30 -53.04
C MET C 1048 -2.72 31.36 -51.69
N SER C 1049 -1.94 31.54 -50.64
CA SER C 1049 -2.48 31.65 -49.29
C SER C 1049 -1.76 32.77 -48.55
N PHE C 1050 -2.45 33.34 -47.57
CA PHE C 1050 -1.88 34.37 -46.72
C PHE C 1050 -2.00 33.93 -45.26
N PRO C 1051 -0.92 33.97 -44.50
CA PRO C 1051 -1.01 33.60 -43.09
C PRO C 1051 -1.40 34.78 -42.22
N GLN C 1052 -2.07 34.46 -41.12
CA GLN C 1052 -2.45 35.44 -40.12
C GLN C 1052 -2.16 34.88 -38.74
N SER C 1053 -1.55 35.69 -37.89
CA SER C 1053 -1.21 35.26 -36.54
C SER C 1053 -2.47 35.17 -35.68
N ALA C 1054 -2.36 34.35 -34.63
CA ALA C 1054 -3.49 34.11 -33.73
C ALA C 1054 -2.92 33.63 -32.40
N PRO C 1055 -3.68 33.75 -31.31
CA PRO C 1055 -3.19 33.26 -30.02
C PRO C 1055 -3.01 31.76 -30.04
N HIS C 1056 -1.78 31.32 -29.76
CA HIS C 1056 -1.45 29.90 -29.68
C HIS C 1056 -1.77 29.18 -31.00
N GLY C 1057 -1.57 29.86 -32.12
CA GLY C 1057 -1.85 29.22 -33.40
C GLY C 1057 -1.69 30.19 -34.54
N VAL C 1058 -2.03 29.70 -35.73
CA VAL C 1058 -1.92 30.47 -36.96
C VAL C 1058 -3.20 30.25 -37.77
N VAL C 1059 -3.53 31.25 -38.60
CA VAL C 1059 -4.74 31.21 -39.42
C VAL C 1059 -4.35 31.51 -40.85
N PHE C 1060 -4.80 30.67 -41.79
CA PHE C 1060 -4.48 30.81 -43.19
C PHE C 1060 -5.68 31.36 -43.95
N LEU C 1061 -5.42 32.04 -45.05
CA LEU C 1061 -6.44 32.54 -45.96
C LEU C 1061 -6.17 31.94 -47.34
N HIS C 1062 -6.79 30.80 -47.62
CA HIS C 1062 -6.54 30.09 -48.87
C HIS C 1062 -7.33 30.72 -50.00
N VAL C 1063 -6.64 31.40 -50.91
CA VAL C 1063 -7.26 31.93 -52.11
C VAL C 1063 -7.30 30.83 -53.15
N THR C 1064 -8.50 30.53 -53.66
CA THR C 1064 -8.67 29.38 -54.54
C THR C 1064 -9.54 29.76 -55.73
N TYR C 1065 -9.37 29.01 -56.80
CA TYR C 1065 -10.07 29.24 -58.07
C TYR C 1065 -11.11 28.15 -58.24
N VAL C 1066 -12.37 28.55 -58.44
CA VAL C 1066 -13.48 27.63 -58.52
C VAL C 1066 -14.26 27.88 -59.79
N PRO C 1067 -14.42 26.90 -60.68
CA PRO C 1067 -15.20 27.11 -61.91
C PRO C 1067 -16.68 27.23 -61.62
N ALA C 1068 -17.38 27.87 -62.55
CA ALA C 1068 -18.83 28.06 -62.40
C ALA C 1068 -19.43 28.26 -63.78
N GLN C 1069 -20.76 28.14 -63.84
CA GLN C 1069 -21.53 28.32 -65.07
C GLN C 1069 -21.09 27.30 -66.14
N GLU C 1070 -21.22 26.03 -65.79
CA GLU C 1070 -20.88 24.97 -66.73
C GLU C 1070 -21.90 24.91 -67.86
N LYS C 1071 -21.44 24.41 -69.01
CA LYS C 1071 -22.27 24.30 -70.19
C LYS C 1071 -21.94 23.00 -70.91
N ASN C 1072 -22.96 22.22 -71.23
CA ASN C 1072 -22.77 20.93 -71.86
C ASN C 1072 -22.31 21.10 -73.31
N PHE C 1073 -21.64 20.08 -73.83
CA PHE C 1073 -21.14 20.10 -75.19
C PHE C 1073 -21.05 18.67 -75.70
N THR C 1074 -20.92 18.54 -77.01
CA THR C 1074 -20.70 17.25 -77.65
C THR C 1074 -19.23 17.12 -78.02
N THR C 1075 -18.60 16.06 -77.55
CA THR C 1075 -17.16 15.89 -77.70
C THR C 1075 -16.84 14.66 -78.52
N ALA C 1076 -15.60 14.59 -78.99
CA ALA C 1076 -15.09 13.47 -79.75
C ALA C 1076 -13.63 13.24 -79.39
N PRO C 1077 -13.16 11.99 -79.48
CA PRO C 1077 -11.75 11.73 -79.11
C PRO C 1077 -10.75 12.25 -80.11
N ALA C 1078 -11.07 12.21 -81.41
CA ALA C 1078 -10.12 12.62 -82.43
C ALA C 1078 -10.88 13.03 -83.68
N ILE C 1079 -10.15 13.65 -84.60
CA ILE C 1079 -10.70 14.13 -85.87
C ILE C 1079 -9.98 13.41 -87.01
N CYS C 1080 -10.74 12.75 -87.87
CA CYS C 1080 -10.19 12.08 -89.04
C CYS C 1080 -10.22 13.04 -90.21
N HIS C 1081 -9.08 13.18 -90.88
CA HIS C 1081 -8.94 14.12 -91.98
C HIS C 1081 -7.91 13.56 -92.96
N ASP C 1082 -8.34 13.32 -94.20
CA ASP C 1082 -7.49 12.72 -95.23
C ASP C 1082 -6.91 11.40 -94.75
N GLY C 1083 -7.71 10.64 -94.01
CA GLY C 1083 -7.23 9.38 -93.48
C GLY C 1083 -6.24 9.50 -92.36
N LYS C 1084 -6.04 10.68 -91.81
CA LYS C 1084 -5.16 10.89 -90.68
C LYS C 1084 -5.98 11.28 -89.45
N ALA C 1085 -5.55 10.78 -88.29
CA ALA C 1085 -6.22 11.07 -87.04
C ALA C 1085 -5.50 12.20 -86.34
N HIS C 1086 -6.23 13.27 -86.04
CA HIS C 1086 -5.67 14.44 -85.38
C HIS C 1086 -6.11 14.46 -83.91
N PHE C 1087 -5.14 14.52 -83.01
CA PHE C 1087 -5.44 14.62 -81.59
C PHE C 1087 -5.12 16.02 -81.09
N PRO C 1088 -5.83 16.53 -80.10
CA PRO C 1088 -5.52 17.86 -79.58
C PRO C 1088 -4.18 17.89 -78.89
N ARG C 1089 -3.45 18.99 -79.07
CA ARG C 1089 -2.16 19.13 -78.40
C ARG C 1089 -2.34 19.25 -76.89
N GLU C 1090 -3.20 20.15 -76.45
CA GLU C 1090 -3.44 20.36 -75.03
C GLU C 1090 -4.91 20.53 -74.68
N GLY C 1091 -5.78 20.76 -75.65
CA GLY C 1091 -7.17 21.05 -75.39
C GLY C 1091 -8.06 19.82 -75.46
N VAL C 1092 -9.29 20.06 -75.89
CA VAL C 1092 -10.30 19.01 -76.04
C VAL C 1092 -11.26 19.43 -77.12
N PHE C 1093 -11.64 18.48 -77.97
CA PHE C 1093 -12.53 18.78 -79.09
C PHE C 1093 -13.96 18.90 -78.60
N VAL C 1094 -14.62 19.99 -79.00
CA VAL C 1094 -16.01 20.23 -78.66
C VAL C 1094 -16.75 20.65 -79.91
N SER C 1095 -18.08 20.64 -79.82
CA SER C 1095 -18.93 21.06 -80.93
C SER C 1095 -20.20 21.66 -80.37
N ASN C 1096 -20.52 22.88 -80.81
CA ASN C 1096 -21.74 23.53 -80.38
C ASN C 1096 -22.98 22.97 -81.07
N GLY C 1097 -22.80 22.07 -82.03
CA GLY C 1097 -23.92 21.46 -82.73
C GLY C 1097 -23.70 21.38 -84.22
N THR C 1098 -22.99 22.34 -84.77
CA THR C 1098 -22.72 22.39 -86.20
C THR C 1098 -21.25 22.24 -86.53
N HIS C 1099 -20.40 23.07 -85.94
CA HIS C 1099 -18.97 23.06 -86.23
C HIS C 1099 -18.21 22.51 -85.02
N TRP C 1100 -16.91 22.30 -85.22
CA TRP C 1100 -16.04 21.76 -84.19
C TRP C 1100 -14.94 22.74 -83.85
N PHE C 1101 -14.58 22.80 -82.57
CA PHE C 1101 -13.50 23.64 -82.10
C PHE C 1101 -12.67 22.87 -81.09
N VAL C 1102 -11.56 23.46 -80.69
CA VAL C 1102 -10.71 22.93 -79.62
C VAL C 1102 -10.56 24.02 -78.57
N THR C 1103 -10.65 23.63 -77.30
CA THR C 1103 -10.62 24.59 -76.21
C THR C 1103 -9.92 23.98 -75.01
N GLN C 1104 -9.39 24.85 -74.16
CA GLN C 1104 -8.70 24.41 -72.96
C GLN C 1104 -9.69 23.76 -71.99
N ARG C 1105 -9.18 22.85 -71.17
CA ARG C 1105 -10.04 22.01 -70.35
C ARG C 1105 -10.82 22.83 -69.32
N ASN C 1106 -10.18 23.80 -68.69
CA ASN C 1106 -10.76 24.49 -67.54
C ASN C 1106 -11.46 25.80 -67.90
N PHE C 1107 -11.57 26.14 -69.18
CA PHE C 1107 -12.26 27.35 -69.57
C PHE C 1107 -12.75 27.21 -70.99
N TYR C 1108 -13.94 27.75 -71.25
CA TYR C 1108 -14.52 27.68 -72.57
C TYR C 1108 -13.95 28.80 -73.42
N GLU C 1109 -13.20 28.43 -74.46
CA GLU C 1109 -12.56 29.40 -75.35
C GLU C 1109 -12.33 28.74 -76.70
N PRO C 1110 -13.39 28.61 -77.49
CA PRO C 1110 -13.28 27.86 -78.74
C PRO C 1110 -12.32 28.51 -79.72
N GLN C 1111 -11.59 27.68 -80.44
CA GLN C 1111 -10.68 28.13 -81.49
C GLN C 1111 -10.84 27.21 -82.70
N ILE C 1112 -10.54 27.75 -83.88
CA ILE C 1112 -10.59 26.95 -85.09
C ILE C 1112 -9.54 25.85 -85.03
N ILE C 1113 -9.92 24.65 -85.45
CA ILE C 1113 -9.02 23.50 -85.40
C ILE C 1113 -8.04 23.61 -86.57
N THR C 1114 -6.77 23.81 -86.27
CA THR C 1114 -5.72 23.90 -87.27
C THR C 1114 -4.66 22.83 -87.00
N THR C 1115 -3.69 22.74 -87.89
CA THR C 1115 -2.57 21.83 -87.67
C THR C 1115 -1.57 22.38 -86.67
N ASP C 1116 -1.75 23.62 -86.22
CA ASP C 1116 -0.88 24.17 -85.19
C ASP C 1116 -1.11 23.46 -83.85
N ASN C 1117 -2.36 23.33 -83.42
CA ASN C 1117 -2.69 22.83 -82.10
C ASN C 1117 -3.13 21.37 -82.12
N THR C 1118 -2.89 20.64 -83.20
CA THR C 1118 -3.20 19.23 -83.27
C THR C 1118 -1.99 18.47 -83.81
N PHE C 1119 -1.84 17.23 -83.37
CA PHE C 1119 -0.76 16.37 -83.82
C PHE C 1119 -1.32 15.06 -84.35
N VAL C 1120 -0.72 14.58 -85.42
CA VAL C 1120 -1.22 13.43 -86.18
C VAL C 1120 -0.58 12.16 -85.64
N SER C 1121 -1.35 11.07 -85.63
CA SER C 1121 -0.82 9.78 -85.20
C SER C 1121 -1.64 8.68 -85.87
N GLY C 1122 -1.11 8.09 -86.93
CA GLY C 1122 -1.73 6.95 -87.57
C GLY C 1122 -2.97 7.32 -88.37
N ASN C 1123 -3.66 6.30 -88.84
CA ASN C 1123 -4.89 6.48 -89.59
C ASN C 1123 -6.09 6.56 -88.64
N CYS C 1124 -7.25 6.88 -89.21
CA CYS C 1124 -8.48 7.03 -88.44
C CYS C 1124 -9.34 5.77 -88.50
N ASP C 1125 -8.70 4.60 -88.49
CA ASP C 1125 -9.41 3.34 -88.54
C ASP C 1125 -9.38 2.56 -87.24
N VAL C 1126 -8.45 2.85 -86.33
CA VAL C 1126 -8.27 2.06 -85.13
C VAL C 1126 -8.95 2.71 -83.93
N VAL C 1127 -8.93 4.05 -83.88
CA VAL C 1127 -9.51 4.77 -82.76
C VAL C 1127 -11.02 4.67 -82.82
N ILE C 1128 -11.65 4.63 -81.65
CA ILE C 1128 -13.09 4.46 -81.52
C ILE C 1128 -13.72 5.81 -81.21
N GLY C 1129 -14.74 6.18 -81.99
CA GLY C 1129 -15.45 7.41 -81.78
C GLY C 1129 -14.99 8.59 -82.60
N ILE C 1130 -14.06 8.39 -83.52
CA ILE C 1130 -13.56 9.49 -84.34
C ILE C 1130 -14.67 10.01 -85.23
N VAL C 1131 -14.62 11.31 -85.52
CA VAL C 1131 -15.64 11.97 -86.34
C VAL C 1131 -14.97 12.70 -87.48
N ASN C 1132 -15.60 12.65 -88.66
CA ASN C 1132 -15.06 13.33 -89.82
C ASN C 1132 -15.14 14.85 -89.65
N ASN C 1133 -14.11 15.53 -90.13
CA ASN C 1133 -14.08 16.99 -90.18
C ASN C 1133 -12.83 17.40 -90.94
N THR C 1134 -12.80 18.67 -91.34
CA THR C 1134 -11.63 19.23 -91.99
C THR C 1134 -10.81 20.01 -90.98
N VAL C 1135 -9.52 20.16 -91.27
CA VAL C 1135 -8.59 20.87 -90.41
C VAL C 1135 -7.94 21.98 -91.24
N TYR C 1136 -8.18 23.22 -90.84
CA TYR C 1136 -7.63 24.36 -91.56
C TYR C 1136 -6.11 24.35 -91.49
N ASP C 1137 -5.46 24.59 -92.63
CA ASP C 1137 -4.00 24.68 -92.67
C ASP C 1137 -3.59 26.13 -92.79
N PRO C 1138 -2.87 26.68 -91.80
CA PRO C 1138 -2.51 28.10 -91.88
C PRO C 1138 -1.60 28.44 -93.05
N LEU C 1139 -0.82 27.47 -93.54
CA LEU C 1139 0.13 27.77 -94.61
C LEU C 1139 -0.54 27.95 -95.95
N GLN C 1140 -1.68 27.29 -96.18
CA GLN C 1140 -2.28 27.27 -97.52
C GLN C 1140 -2.52 28.64 -98.11
N PRO C 1141 -3.10 29.62 -97.41
CA PRO C 1141 -3.29 30.94 -98.03
C PRO C 1141 -1.99 31.62 -98.45
N GLU C 1142 -0.89 31.35 -97.74
CA GLU C 1142 0.36 32.05 -98.04
C GLU C 1142 0.89 31.66 -99.42
N LEU C 1143 0.99 30.36 -99.70
CA LEU C 1143 1.41 29.95 -101.03
C LEU C 1143 0.27 30.00 -102.04
N ASP C 1144 -0.97 30.22 -101.58
CA ASP C 1144 -2.07 30.43 -102.52
C ASP C 1144 -1.84 31.69 -103.34
N SER C 1145 -1.29 32.73 -102.72
CA SER C 1145 -1.00 33.97 -103.42
C SER C 1145 0.11 33.78 -104.44
N ASP D 1 -20.63 26.12 49.43
CA ASP D 1 -20.58 25.76 48.02
C ASP D 1 -21.68 24.75 47.69
N ILE D 2 -21.96 23.86 48.63
CA ILE D 2 -22.97 22.82 48.47
C ILE D 2 -24.16 23.19 49.36
N VAL D 3 -25.34 23.26 48.76
CA VAL D 3 -26.57 23.60 49.48
C VAL D 3 -27.65 22.59 49.09
N MET D 4 -28.41 22.16 50.09
CA MET D 4 -29.46 21.17 49.91
C MET D 4 -30.76 21.67 50.53
N THR D 5 -31.86 21.06 50.11
CA THR D 5 -33.16 21.25 50.74
C THR D 5 -33.80 19.89 50.98
N GLN D 6 -34.57 19.79 52.06
CA GLN D 6 -35.24 18.56 52.44
C GLN D 6 -36.75 18.76 52.41
N THR D 7 -37.43 17.88 51.70
CA THR D 7 -38.88 17.94 51.52
C THR D 7 -39.43 16.53 51.67
N PRO D 8 -40.67 16.39 52.15
CA PRO D 8 -41.62 17.40 52.63
C PRO D 8 -41.28 17.96 54.01
N ALA D 9 -41.92 19.06 54.38
CA ALA D 9 -41.73 19.61 55.73
C ALA D 9 -42.24 18.64 56.79
N SER D 10 -43.40 18.03 56.56
CA SER D 10 -43.96 17.07 57.50
C SER D 10 -44.88 16.12 56.73
N VAL D 11 -45.01 14.90 57.25
CA VAL D 11 -45.84 13.87 56.65
C VAL D 11 -46.75 13.28 57.73
N SER D 12 -47.87 12.71 57.27
CA SER D 12 -48.82 12.08 58.18
C SER D 12 -49.57 11.01 57.41
N GLU D 13 -49.55 9.78 57.95
CA GLU D 13 -50.15 8.65 57.26
C GLU D 13 -50.38 7.55 58.28
N PRO D 14 -51.48 6.79 58.15
CA PRO D 14 -51.78 5.76 59.16
C PRO D 14 -50.75 4.65 59.18
N VAL D 15 -50.95 3.72 60.12
CA VAL D 15 -49.93 2.75 60.50
C VAL D 15 -49.54 1.80 59.37
N GLY D 16 -50.41 1.61 58.38
CA GLY D 16 -50.13 0.65 57.33
C GLY D 16 -49.48 1.20 56.08
N GLY D 17 -49.29 2.51 55.99
CA GLY D 17 -48.77 3.12 54.79
C GLY D 17 -47.26 3.14 54.74
N THR D 18 -46.74 3.84 53.74
CA THR D 18 -45.30 4.02 53.56
C THR D 18 -45.00 5.51 53.47
N VAL D 19 -44.04 5.96 54.27
CA VAL D 19 -43.65 7.38 54.28
C VAL D 19 -42.32 7.54 53.55
N THR D 20 -42.25 8.56 52.71
CA THR D 20 -41.09 8.81 51.87
C THR D 20 -40.65 10.26 51.99
N ILE D 21 -39.33 10.46 51.94
CA ILE D 21 -38.72 11.77 52.12
C ILE D 21 -37.74 12.01 50.98
N LYS D 22 -37.76 13.21 50.41
CA LYS D 22 -36.87 13.58 49.32
C LYS D 22 -35.74 14.46 49.85
N CYS D 23 -34.52 14.15 49.46
CA CYS D 23 -33.36 15.00 49.72
C CYS D 23 -32.67 15.27 48.40
N GLN D 24 -32.77 16.52 47.94
CA GLN D 24 -32.27 16.91 46.63
C GLN D 24 -31.11 17.89 46.79
N ALA D 25 -30.16 17.81 45.87
CA ALA D 25 -28.93 18.59 45.93
C ALA D 25 -28.88 19.59 44.78
N SER D 26 -28.18 20.70 45.03
CA SER D 26 -27.94 21.68 43.96
C SER D 26 -27.06 21.10 42.87
N GLU D 27 -26.01 20.37 43.26
CA GLU D 27 -25.16 19.64 42.32
C GLU D 27 -24.90 18.25 42.88
N SER D 28 -24.47 17.35 41.99
CA SER D 28 -24.42 15.93 42.29
C SER D 28 -23.41 15.64 43.39
N ILE D 29 -23.77 14.78 44.34
CA ILE D 29 -22.87 14.45 45.47
C ILE D 29 -22.50 12.96 45.40
N SER D 30 -22.86 12.30 44.30
CA SER D 30 -22.59 10.84 44.15
C SER D 30 -23.31 10.07 45.26
N ASN D 31 -22.79 8.90 45.62
CA ASN D 31 -23.44 8.06 46.68
C ASN D 31 -23.31 8.76 48.04
N TRP D 32 -22.14 9.37 48.30
CA TRP D 32 -21.90 10.07 49.59
C TRP D 32 -23.22 10.63 50.13
N LEU D 33 -23.77 10.03 51.19
CA LEU D 33 -25.01 10.55 51.77
C LEU D 33 -25.27 9.79 53.06
N ALA D 34 -25.98 10.46 53.98
CA ALA D 34 -26.35 9.82 55.23
C ALA D 34 -27.67 10.39 55.73
N TRP D 35 -28.47 9.52 56.36
CA TRP D 35 -29.78 9.88 56.89
C TRP D 35 -29.74 9.75 58.41
N TYR D 36 -30.28 10.75 59.11
CA TYR D 36 -30.20 10.84 60.57
C TYR D 36 -31.58 11.02 61.17
N GLN D 37 -31.83 10.38 62.31
CA GLN D 37 -33.10 10.48 63.02
C GLN D 37 -32.85 10.82 64.49
N GLN D 38 -33.55 11.84 64.99
CA GLN D 38 -33.48 12.22 66.41
C GLN D 38 -34.86 12.12 67.03
N LYS D 39 -34.98 11.37 68.11
CA LYS D 39 -36.17 11.44 68.92
C LYS D 39 -36.15 12.72 69.76
N PRO D 40 -37.31 13.25 70.11
CA PRO D 40 -37.33 14.46 70.95
C PRO D 40 -36.62 14.20 72.28
N GLY D 41 -35.84 15.18 72.70
CA GLY D 41 -35.01 15.01 73.89
C GLY D 41 -34.00 13.88 73.72
N GLN D 42 -33.44 13.74 72.53
CA GLN D 42 -32.50 12.65 72.24
C GLN D 42 -31.63 13.07 71.08
N PRO D 43 -30.32 12.81 71.13
CA PRO D 43 -29.47 13.15 69.99
C PRO D 43 -29.87 12.35 68.77
N PRO D 44 -29.56 12.84 67.57
CA PRO D 44 -29.87 12.09 66.37
C PRO D 44 -29.11 10.78 66.32
N LYS D 45 -29.64 9.84 65.55
CA LYS D 45 -28.97 8.56 65.32
C LYS D 45 -28.87 8.31 63.81
N LEU D 46 -27.77 7.69 63.42
CA LEU D 46 -27.56 7.34 62.02
C LEU D 46 -28.47 6.17 61.65
N LEU D 47 -29.16 6.31 60.51
CA LEU D 47 -30.06 5.27 60.01
C LEU D 47 -29.55 4.68 58.70
N ILE D 48 -29.28 5.52 57.71
CA ILE D 48 -28.77 5.08 56.41
C ILE D 48 -27.53 5.89 56.10
N TYR D 49 -26.40 5.21 55.91
CA TYR D 49 -25.17 5.84 55.47
C TYR D 49 -24.79 5.30 54.10
N ALA D 50 -24.10 6.14 53.32
CA ALA D 50 -23.82 5.88 51.90
C ALA D 50 -25.10 5.75 51.08
N ALA D 51 -26.21 6.26 51.63
CA ALA D 51 -27.50 6.37 50.95
C ALA D 51 -28.12 5.01 50.64
N PHE D 52 -27.41 3.93 50.88
CA PHE D 52 -27.97 2.61 50.65
C PHE D 52 -27.79 1.66 51.80
N THR D 53 -26.68 1.74 52.53
CA THR D 53 -26.35 0.72 53.52
C THR D 53 -27.09 0.99 54.83
N LEU D 54 -27.76 -0.03 55.34
CA LEU D 54 -28.42 0.06 56.63
C LEU D 54 -27.39 0.19 57.75
N ALA D 55 -27.77 0.93 58.79
CA ALA D 55 -26.89 1.14 59.94
C ALA D 55 -26.92 -0.12 60.81
N SER D 56 -26.31 -0.02 62.00
CA SER D 56 -26.25 -1.14 62.93
C SER D 56 -27.44 -1.09 63.89
N GLY D 57 -28.14 -2.20 64.00
CA GLY D 57 -29.26 -2.31 64.91
C GLY D 57 -30.54 -1.65 64.44
N VAL D 58 -30.60 -1.20 63.19
CA VAL D 58 -31.78 -0.53 62.66
C VAL D 58 -32.65 -1.56 61.94
N PRO D 59 -33.96 -1.57 62.18
CA PRO D 59 -34.82 -2.56 61.53
C PRO D 59 -34.89 -2.35 60.02
N SER D 60 -35.16 -3.43 59.30
CA SER D 60 -35.19 -3.44 57.84
C SER D 60 -36.54 -2.94 57.31
N ARG D 61 -36.82 -1.68 57.61
CA ARG D 61 -38.00 -1.00 57.08
C ARG D 61 -37.68 0.31 56.39
N PHE D 62 -36.49 0.87 56.60
CA PHE D 62 -36.10 2.14 56.03
C PHE D 62 -35.25 1.90 54.79
N LYS D 63 -35.67 2.48 53.66
CA LYS D 63 -35.00 2.27 52.38
C LYS D 63 -34.50 3.61 51.85
N GLY D 64 -33.21 3.65 51.52
CA GLY D 64 -32.66 4.79 50.82
C GLY D 64 -32.47 4.49 49.34
N SER D 65 -32.82 5.47 48.51
CA SER D 65 -32.79 5.26 47.07
C SER D 65 -32.28 6.51 46.38
N GLY D 66 -31.91 6.36 45.11
CA GLY D 66 -31.40 7.44 44.31
C GLY D 66 -29.90 7.63 44.46
N SER D 67 -29.32 8.29 43.46
CA SER D 67 -27.89 8.57 43.47
C SER D 67 -27.65 9.87 42.70
N GLY D 68 -26.56 10.54 43.06
CA GLY D 68 -26.21 11.77 42.38
C GLY D 68 -26.86 12.99 42.98
N THR D 69 -27.98 13.41 42.41
CA THR D 69 -28.68 14.64 42.81
C THR D 69 -29.93 14.39 43.64
N GLN D 70 -30.76 13.42 43.25
CA GLN D 70 -32.02 13.15 43.93
C GLN D 70 -31.89 11.90 44.79
N PHE D 71 -32.31 11.99 46.04
CA PHE D 71 -32.27 10.87 46.96
C PHE D 71 -33.59 10.78 47.70
N THR D 72 -34.08 9.56 47.90
CA THR D 72 -35.35 9.32 48.56
C THR D 72 -35.14 8.36 49.73
N LEU D 73 -35.77 8.67 50.85
CA LEU D 73 -35.79 7.79 52.02
C LEU D 73 -37.20 7.28 52.22
N THR D 74 -37.39 5.97 52.05
CA THR D 74 -38.71 5.35 52.07
C THR D 74 -38.79 4.34 53.20
N ILE D 75 -39.87 4.39 53.97
CA ILE D 75 -40.12 3.46 55.06
C ILE D 75 -41.27 2.56 54.64
N ASN D 76 -41.04 1.25 54.60
CA ASN D 76 -42.07 0.32 54.16
C ASN D 76 -43.26 0.33 55.12
N GLY D 77 -43.01 0.31 56.42
CA GLY D 77 -44.09 0.28 57.38
C GLY D 77 -43.80 1.04 58.65
N VAL D 78 -44.75 1.87 59.08
CA VAL D 78 -44.60 2.65 60.30
C VAL D 78 -45.30 1.91 61.44
N GLU D 79 -44.83 2.17 62.66
CA GLU D 79 -45.40 1.56 63.87
C GLU D 79 -45.60 2.61 64.96
N CYS D 80 -45.70 3.87 64.57
CA CYS D 80 -45.91 5.00 65.47
C CYS D 80 -44.70 5.21 66.37
N ALA D 81 -43.61 4.49 66.09
CA ALA D 81 -42.37 4.63 66.84
C ALA D 81 -41.30 5.38 66.06
N ASP D 82 -41.53 5.70 64.79
CA ASP D 82 -40.59 6.44 63.98
C ASP D 82 -40.99 7.90 63.80
N ALA D 83 -41.92 8.39 64.61
CA ALA D 83 -42.39 9.77 64.52
C ALA D 83 -41.31 10.70 65.07
N ALA D 84 -40.48 11.24 64.18
CA ALA D 84 -39.36 12.09 64.57
C ALA D 84 -38.94 12.91 63.35
N THR D 85 -37.87 13.69 63.53
CA THR D 85 -37.32 14.51 62.45
C THR D 85 -36.17 13.75 61.79
N TYR D 86 -36.08 13.86 60.48
CA TYR D 86 -35.03 13.22 59.70
C TYR D 86 -34.24 14.25 58.93
N TYR D 87 -32.93 14.04 58.83
CA TYR D 87 -32.04 14.93 58.12
C TYR D 87 -31.15 14.12 57.18
N CYS D 88 -30.70 14.79 56.11
CA CYS D 88 -29.75 14.21 55.18
C CYS D 88 -28.47 15.05 55.17
N GLN D 89 -27.33 14.37 55.19
CA GLN D 89 -26.02 15.02 55.26
C GLN D 89 -25.27 14.83 53.96
N GLN D 90 -24.64 15.91 53.48
CA GLN D 90 -23.90 15.83 52.22
C GLN D 90 -22.71 14.88 52.31
N THR D 91 -21.95 14.94 53.41
CA THR D 91 -20.75 14.15 53.68
C THR D 91 -19.86 14.01 52.44
N TYR D 92 -19.86 15.02 51.57
CA TYR D 92 -19.11 14.98 50.32
C TYR D 92 -18.07 16.08 50.22
N SER D 93 -18.45 17.33 50.47
CA SER D 93 -17.51 18.44 50.41
C SER D 93 -18.03 19.53 51.34
N SER D 94 -17.23 19.89 52.34
CA SER D 94 -17.62 20.85 53.36
C SER D 94 -16.57 21.94 53.53
N ARG D 95 -15.92 22.34 52.43
CA ARG D 95 -14.90 23.37 52.51
C ARG D 95 -15.49 24.69 53.00
N ASP D 96 -16.47 25.22 52.28
CA ASP D 96 -17.20 26.43 52.69
C ASP D 96 -18.69 26.12 52.54
N VAL D 97 -19.26 25.51 53.58
CA VAL D 97 -20.66 25.09 53.57
C VAL D 97 -21.34 25.62 54.82
N ASP D 98 -22.49 26.26 54.65
CA ASP D 98 -23.22 26.80 55.79
C ASP D 98 -23.68 25.70 56.74
N ASN D 99 -24.18 24.59 56.21
CA ASN D 99 -24.68 23.50 57.04
C ASN D 99 -24.56 22.21 56.25
N VAL D 100 -23.84 21.24 56.81
CA VAL D 100 -23.73 19.94 56.13
C VAL D 100 -25.09 19.25 56.11
N PHE D 101 -25.89 19.43 57.15
CA PHE D 101 -27.21 18.82 57.18
C PHE D 101 -28.23 19.68 56.45
N GLY D 102 -29.33 19.04 56.06
CA GLY D 102 -30.41 19.70 55.35
C GLY D 102 -31.52 20.16 56.27
N GLY D 103 -32.69 20.35 55.68
CA GLY D 103 -33.85 20.81 56.41
C GLY D 103 -34.46 19.72 57.28
N GLY D 104 -35.41 20.13 58.10
CA GLY D 104 -36.06 19.22 59.03
C GLY D 104 -37.38 18.71 58.49
N THR D 105 -37.62 17.41 58.70
CA THR D 105 -38.85 16.75 58.26
C THR D 105 -39.36 15.91 59.41
N GLU D 106 -40.42 16.38 60.07
CA GLU D 106 -41.03 15.67 61.18
C GLU D 106 -42.13 14.74 60.67
N VAL D 107 -42.08 13.49 61.14
CA VAL D 107 -43.05 12.46 60.76
C VAL D 107 -44.09 12.37 61.87
N VAL D 108 -45.37 12.41 61.49
CA VAL D 108 -46.47 12.31 62.42
C VAL D 108 -47.27 11.06 62.09
N VAL D 109 -47.44 10.18 63.05
CA VAL D 109 -48.17 8.94 62.87
C VAL D 109 -49.41 8.98 63.76
N LYS D 110 -50.59 8.91 63.15
CA LYS D 110 -51.85 8.88 63.88
C LYS D 110 -52.30 7.43 63.97
N GLY D 111 -52.27 6.89 65.20
CA GLY D 111 -52.67 5.52 65.43
C GLY D 111 -54.05 5.40 66.04
N GLN E 1 -18.55 3.48 75.02
CA GLN E 1 -17.83 4.74 75.21
C GLN E 1 -18.81 5.90 75.26
N SER E 2 -18.40 7.01 75.87
CA SER E 2 -19.23 8.19 76.02
C SER E 2 -18.47 9.42 75.53
N LEU E 3 -19.24 10.40 75.06
CA LEU E 3 -18.71 11.65 74.51
C LEU E 3 -19.43 12.84 75.15
N GLU E 4 -19.53 12.81 76.48
CA GLU E 4 -20.31 13.81 77.20
C GLU E 4 -19.71 15.20 77.06
N GLU E 5 -20.57 16.20 77.14
CA GLU E 5 -20.19 17.60 77.07
C GLU E 5 -20.45 18.27 78.42
N SER E 6 -19.84 19.45 78.58
CA SER E 6 -20.00 20.24 79.79
C SER E 6 -19.99 21.72 79.41
N GLY E 7 -19.93 22.58 80.42
CA GLY E 7 -19.91 24.01 80.17
C GLY E 7 -21.19 24.57 79.58
N GLY E 8 -22.34 24.17 80.09
CA GLY E 8 -23.60 24.70 79.61
C GLY E 8 -24.39 25.42 80.68
N ASP E 9 -24.60 26.73 80.50
CA ASP E 9 -25.31 27.54 81.48
C ASP E 9 -25.80 28.81 80.80
N LEU E 10 -26.53 29.62 81.56
CA LEU E 10 -26.99 30.91 81.06
C LEU E 10 -25.81 31.85 80.87
N VAL E 11 -25.82 32.60 79.77
CA VAL E 11 -24.74 33.52 79.42
C VAL E 11 -25.35 34.85 79.01
N LYS E 12 -24.77 35.94 79.53
CA LYS E 12 -25.20 37.26 79.13
C LYS E 12 -24.77 37.54 77.70
N PRO E 13 -25.50 38.38 76.97
CA PRO E 13 -25.11 38.68 75.59
C PRO E 13 -23.79 39.41 75.52
N GLY E 14 -23.08 39.20 74.41
CA GLY E 14 -21.76 39.79 74.24
C GLY E 14 -20.72 39.23 75.19
N ALA E 15 -20.73 37.92 75.42
CA ALA E 15 -19.76 37.30 76.32
C ALA E 15 -19.03 36.16 75.62
N SER E 16 -18.26 35.38 76.38
CA SER E 16 -17.50 34.28 75.83
C SER E 16 -17.64 33.05 76.72
N LEU E 17 -17.62 31.88 76.09
CA LEU E 17 -17.66 30.60 76.81
C LEU E 17 -16.86 29.58 76.02
N THR E 18 -16.27 28.64 76.75
CA THR E 18 -15.46 27.56 76.17
C THR E 18 -16.07 26.23 76.58
N LEU E 19 -16.87 25.64 75.69
CA LEU E 19 -17.46 24.34 75.96
C LEU E 19 -16.39 23.26 76.03
N THR E 20 -16.64 22.25 76.84
CA THR E 20 -15.67 21.18 77.06
C THR E 20 -16.31 19.85 76.68
N CYS E 21 -15.67 19.13 75.76
CA CYS E 21 -16.12 17.82 75.32
C CYS E 21 -15.09 16.78 75.79
N THR E 22 -15.54 15.82 76.58
CA THR E 22 -14.67 14.84 77.19
C THR E 22 -14.98 13.46 76.65
N ALA E 23 -13.95 12.77 76.17
CA ALA E 23 -14.09 11.40 75.70
C ALA E 23 -14.00 10.42 76.87
N SER E 24 -14.97 9.52 76.94
CA SER E 24 -15.05 8.52 78.00
C SER E 24 -14.94 7.13 77.38
N GLY E 25 -14.10 6.29 77.96
CA GLY E 25 -13.85 4.97 77.44
C GLY E 25 -12.86 4.91 76.30
N PHE E 26 -12.33 6.05 75.87
CA PHE E 26 -11.37 6.10 74.77
C PHE E 26 -10.68 7.45 74.77
N SER E 27 -9.58 7.53 74.03
CA SER E 27 -8.81 8.76 73.87
C SER E 27 -8.88 9.24 72.42
N PHE E 28 -8.44 10.48 72.22
CA PHE E 28 -8.52 11.10 70.90
C PHE E 28 -7.43 10.50 70.00
N SER E 29 -7.77 9.44 69.30
CA SER E 29 -6.82 8.80 68.40
C SER E 29 -6.66 9.63 67.13
N SER E 30 -5.54 9.39 66.44
CA SER E 30 -5.21 10.14 65.24
C SER E 30 -6.10 9.79 64.05
N GLY E 31 -6.60 8.57 63.97
CA GLY E 31 -7.41 8.14 62.85
C GLY E 31 -8.87 8.53 62.90
N TYR E 32 -9.30 9.21 63.96
CA TYR E 32 -10.69 9.62 64.09
C TYR E 32 -10.78 11.14 64.19
N ASP E 33 -11.97 11.65 63.88
CA ASP E 33 -12.24 13.09 63.83
C ASP E 33 -13.23 13.45 64.91
N MET E 34 -12.86 14.42 65.76
CA MET E 34 -13.77 14.99 66.74
C MET E 34 -14.43 16.19 66.10
N CYS E 35 -15.76 16.19 66.04
CA CYS E 35 -16.44 17.20 65.26
C CYS E 35 -17.59 17.77 66.08
N TRP E 36 -17.86 19.06 65.88
CA TRP E 36 -18.76 19.82 66.73
C TRP E 36 -19.93 20.37 65.91
N VAL E 37 -21.14 20.26 66.47
CA VAL E 37 -22.35 20.79 65.87
C VAL E 37 -23.23 21.38 66.97
N ARG E 38 -24.33 22.00 66.55
CA ARG E 38 -25.32 22.52 67.50
C ARG E 38 -26.71 22.36 66.90
N GLN E 39 -27.70 22.21 67.77
CA GLN E 39 -29.10 22.08 67.37
C GLN E 39 -29.90 23.21 67.99
N ALA E 40 -30.64 23.93 67.16
CA ALA E 40 -31.49 25.00 67.65
C ALA E 40 -32.61 24.42 68.52
N PRO E 41 -33.12 25.21 69.48
CA PRO E 41 -34.15 24.69 70.39
C PRO E 41 -35.39 24.16 69.68
N GLY E 42 -35.79 24.77 68.58
CA GLY E 42 -36.98 24.31 67.88
C GLY E 42 -36.78 24.11 66.39
N LYS E 43 -35.54 24.29 65.92
CA LYS E 43 -35.21 24.16 64.52
C LYS E 43 -34.25 22.99 64.31
N GLY E 44 -33.77 22.86 63.07
CA GLY E 44 -32.93 21.73 62.70
C GLY E 44 -31.51 21.84 63.23
N LEU E 45 -30.74 20.79 62.96
CA LEU E 45 -29.35 20.73 63.39
C LEU E 45 -28.44 21.44 62.39
N GLU E 46 -27.44 22.13 62.92
CA GLU E 46 -26.49 22.85 62.08
C GLU E 46 -25.07 22.61 62.59
N TRP E 47 -24.11 22.79 61.69
CA TRP E 47 -22.70 22.51 61.96
C TRP E 47 -21.96 23.80 62.26
N ILE E 48 -21.04 23.75 63.22
CA ILE E 48 -20.30 24.93 63.65
C ILE E 48 -18.88 24.89 63.11
N ALA E 49 -18.13 23.89 63.56
CA ALA E 49 -16.71 23.78 63.23
C ALA E 49 -16.32 22.32 63.41
N CYS E 50 -15.11 21.98 62.95
CA CYS E 50 -14.73 20.57 62.91
C CYS E 50 -13.23 20.49 62.80
N ILE E 51 -12.58 19.85 63.78
CA ILE E 51 -11.13 19.79 63.87
C ILE E 51 -10.68 18.34 63.99
N GLY E 52 -9.61 17.98 63.28
CA GLY E 52 -9.10 16.64 63.27
C GLY E 52 -8.14 16.37 64.42
N THR E 53 -8.18 15.14 64.94
CA THR E 53 -7.31 14.72 66.03
C THR E 53 -6.07 13.98 65.54
N GLY E 54 -5.69 14.15 64.28
CA GLY E 54 -4.49 13.56 63.75
C GLY E 54 -3.25 14.36 64.12
N SER E 55 -2.15 14.03 63.44
CA SER E 55 -0.92 14.78 63.66
C SER E 55 -1.08 16.24 63.25
N SER E 56 -1.75 16.49 62.14
CA SER E 56 -2.05 17.84 61.66
C SER E 56 -3.56 17.96 61.50
N GLY E 57 -4.18 18.77 62.36
CA GLY E 57 -5.63 18.92 62.35
C GLY E 57 -6.17 19.56 61.09
N ASN E 58 -7.10 18.87 60.42
CA ASN E 58 -7.78 19.41 59.25
C ASN E 58 -8.98 20.23 59.74
N ILE E 59 -8.65 21.36 60.37
CA ILE E 59 -9.67 22.18 61.02
C ILE E 59 -10.57 22.81 59.97
N TYR E 60 -11.88 22.67 60.16
CA TYR E 60 -12.88 23.17 59.23
C TYR E 60 -13.92 24.00 59.98
N TYR E 61 -14.39 25.05 59.32
CA TYR E 61 -15.38 25.95 59.88
C TYR E 61 -16.60 26.04 58.97
N ALA E 62 -17.75 26.31 59.56
CA ALA E 62 -18.94 26.62 58.80
C ALA E 62 -18.91 28.08 58.36
N SER E 63 -19.71 28.37 57.32
CA SER E 63 -19.66 29.70 56.70
C SER E 63 -19.98 30.80 57.70
N TRP E 64 -20.99 30.61 58.53
CA TRP E 64 -21.35 31.59 59.54
C TRP E 64 -20.49 31.48 60.80
N ALA E 65 -19.47 30.63 60.80
CA ALA E 65 -18.57 30.45 61.94
C ALA E 65 -17.12 30.58 61.49
N LYS E 66 -16.84 31.60 60.67
CA LYS E 66 -15.46 31.86 60.25
C LYS E 66 -14.58 32.25 61.43
N GLY E 67 -15.00 33.25 62.19
CA GLY E 67 -14.18 33.75 63.28
C GLY E 67 -14.92 33.88 64.59
N ARG E 68 -16.25 33.80 64.54
CA ARG E 68 -17.04 33.88 65.76
C ARG E 68 -16.79 32.67 66.66
N PHE E 69 -16.44 31.53 66.08
CA PHE E 69 -16.18 30.31 66.82
C PHE E 69 -14.78 29.80 66.51
N THR E 70 -14.16 29.20 67.52
CA THR E 70 -12.81 28.67 67.39
C THR E 70 -12.75 27.34 68.10
N ILE E 71 -12.30 26.30 67.39
CA ILE E 71 -12.23 24.95 67.93
C ILE E 71 -10.77 24.53 68.03
N SER E 72 -10.44 23.84 69.12
CA SER E 72 -9.07 23.43 69.37
C SER E 72 -9.06 22.24 70.31
N LYS E 73 -7.92 21.54 70.34
CA LYS E 73 -7.72 20.39 71.21
C LYS E 73 -6.85 20.77 72.39
N THR E 74 -7.24 20.33 73.58
CA THR E 74 -6.51 20.64 74.80
C THR E 74 -5.80 19.45 75.42
N SER E 75 -6.25 18.22 75.15
CA SER E 75 -5.65 17.04 75.73
C SER E 75 -5.99 15.84 74.86
N SER E 76 -5.55 14.65 75.27
CA SER E 76 -5.82 13.43 74.55
C SER E 76 -7.25 12.95 74.69
N THR E 77 -8.04 13.56 75.58
CA THR E 77 -9.44 13.18 75.72
C THR E 77 -10.36 14.39 75.93
N THR E 78 -9.86 15.60 75.72
CA THR E 78 -10.66 16.81 75.91
C THR E 78 -10.47 17.73 74.71
N VAL E 79 -11.57 18.06 74.04
CA VAL E 79 -11.57 19.01 72.93
C VAL E 79 -12.53 20.13 73.28
N THR E 80 -12.10 21.37 73.11
CA THR E 80 -12.86 22.54 73.53
C THR E 80 -13.16 23.44 72.34
N LEU E 81 -14.41 23.86 72.25
CA LEU E 81 -14.86 24.85 71.27
C LEU E 81 -15.32 26.09 72.00
N GLN E 82 -14.73 27.23 71.65
CA GLN E 82 -15.04 28.49 72.32
C GLN E 82 -15.45 29.54 71.31
N MET E 83 -16.35 30.42 71.74
CA MET E 83 -16.87 31.50 70.90
C MET E 83 -17.01 32.77 71.74
N THR E 84 -17.05 33.90 71.06
CA THR E 84 -17.15 35.20 71.70
C THR E 84 -18.38 35.95 71.20
N SER E 85 -18.87 36.87 72.04
CA SER E 85 -20.01 37.73 71.71
C SER E 85 -21.25 36.91 71.36
N LEU E 86 -21.71 36.16 72.35
CA LEU E 86 -22.90 35.34 72.18
C LEU E 86 -24.12 36.23 71.94
N THR E 87 -24.75 36.08 70.77
CA THR E 87 -25.90 36.89 70.42
C THR E 87 -27.19 36.18 70.82
N ALA E 88 -28.32 36.79 70.47
CA ALA E 88 -29.62 36.24 70.87
C ALA E 88 -29.88 34.89 70.24
N ALA E 89 -29.53 34.72 68.95
CA ALA E 89 -29.79 33.49 68.23
C ALA E 89 -28.81 32.38 68.57
N ASP E 90 -27.73 32.69 69.30
CA ASP E 90 -26.73 31.68 69.64
C ASP E 90 -27.24 30.64 70.63
N THR E 91 -28.35 30.91 71.32
CA THR E 91 -28.94 29.91 72.20
C THR E 91 -29.39 28.69 71.40
N ALA E 92 -28.99 27.51 71.86
CA ALA E 92 -29.25 26.26 71.15
C ALA E 92 -28.82 25.11 72.05
N THR E 93 -28.97 23.89 71.54
CA THR E 93 -28.46 22.69 72.19
C THR E 93 -27.21 22.25 71.43
N TYR E 94 -26.10 22.14 72.15
CA TYR E 94 -24.80 21.89 71.54
C TYR E 94 -24.43 20.42 71.72
N PHE E 95 -24.10 19.76 70.61
CA PHE E 95 -23.69 18.37 70.60
C PHE E 95 -22.25 18.25 70.13
N CYS E 96 -21.46 17.45 70.85
CA CYS E 96 -20.11 17.10 70.42
C CYS E 96 -20.13 15.63 69.98
N ALA E 97 -20.05 15.40 68.68
CA ALA E 97 -20.16 14.06 68.11
C ALA E 97 -18.81 13.58 67.61
N ARG E 98 -18.78 12.34 67.12
CA ARG E 98 -17.58 11.72 66.58
C ARG E 98 -17.81 11.32 65.13
N ASP E 99 -16.80 11.54 64.31
CA ASP E 99 -16.83 11.13 62.91
C ASP E 99 -16.29 9.70 62.80
N ASP E 100 -16.23 9.17 61.57
CA ASP E 100 -15.72 7.82 61.36
C ASP E 100 -14.54 7.77 60.41
N ALA E 101 -14.19 8.87 59.75
CA ALA E 101 -13.07 8.88 58.80
C ALA E 101 -12.51 10.29 58.72
N ASP E 102 -11.19 10.37 58.55
CA ASP E 102 -10.51 11.66 58.41
C ASP E 102 -10.38 12.05 56.93
N TYR E 103 -11.51 12.47 56.37
CA TYR E 103 -11.57 12.90 54.97
C TYR E 103 -11.64 14.41 54.84
N ALA E 104 -10.93 15.14 55.71
CA ALA E 104 -10.86 16.60 55.68
C ALA E 104 -12.25 17.23 55.79
N GLY E 105 -13.06 16.69 56.69
CA GLY E 105 -14.37 17.23 56.94
C GLY E 105 -15.27 16.29 57.71
N PRO E 106 -16.46 16.78 58.07
CA PRO E 106 -17.44 15.94 58.80
C PRO E 106 -18.04 14.89 57.89
N ASP E 107 -17.64 13.64 58.09
CA ASP E 107 -18.23 12.49 57.42
C ASP E 107 -19.37 11.94 58.28
N TYR E 108 -19.80 10.70 58.01
CA TYR E 108 -20.83 10.06 58.82
C TYR E 108 -20.46 10.06 60.29
N PHE E 109 -21.37 10.54 61.11
CA PHE E 109 -21.13 10.61 62.55
C PHE E 109 -21.68 9.33 63.18
N ASN E 110 -20.76 8.44 63.53
CA ASN E 110 -21.13 7.16 64.14
C ASN E 110 -21.69 7.31 65.55
N LEU E 111 -21.12 8.20 66.36
CA LEU E 111 -21.44 8.30 67.78
C LEU E 111 -21.73 9.75 68.19
N TRP E 112 -22.54 9.88 69.25
CA TRP E 112 -23.05 11.15 69.76
C TRP E 112 -22.74 11.30 71.25
N GLY E 113 -22.55 12.55 71.68
CA GLY E 113 -22.63 12.90 73.08
C GLY E 113 -24.05 13.25 73.45
N PRO E 114 -24.38 13.21 74.75
CA PRO E 114 -25.75 13.56 75.17
C PRO E 114 -26.15 14.98 74.85
N GLY E 115 -25.19 15.88 74.67
CA GLY E 115 -25.53 17.27 74.39
C GLY E 115 -25.63 18.11 75.64
N THR E 116 -25.31 19.39 75.49
CA THR E 116 -25.36 20.33 76.60
C THR E 116 -26.18 21.55 76.19
N LEU E 117 -26.86 22.14 77.16
CA LEU E 117 -27.76 23.26 76.92
C LEU E 117 -27.07 24.56 77.28
N VAL E 118 -26.97 25.47 76.31
CA VAL E 118 -26.42 26.80 76.51
C VAL E 118 -27.47 27.80 76.06
N THR E 119 -27.80 28.75 76.92
CA THR E 119 -28.81 29.76 76.63
C THR E 119 -28.25 31.15 76.90
N VAL E 120 -28.84 32.14 76.23
CA VAL E 120 -28.41 33.53 76.31
C VAL E 120 -29.59 34.39 76.73
N SER E 121 -29.35 35.27 77.70
CA SER E 121 -30.38 36.20 78.18
C SER E 121 -29.70 37.27 79.01
N SER E 122 -30.48 38.25 79.43
CA SER E 122 -29.98 39.34 80.25
C SER E 122 -30.23 39.08 81.73
N ASP F 1 51.23 -8.76 39.42
CA ASP F 1 49.90 -8.23 39.17
C ASP F 1 49.46 -7.31 40.30
N ILE F 2 49.42 -7.85 41.52
CA ILE F 2 48.95 -7.11 42.69
C ILE F 2 50.15 -6.42 43.34
N VAL F 3 50.08 -5.10 43.46
CA VAL F 3 51.14 -4.30 44.06
C VAL F 3 50.56 -3.64 45.30
N MET F 4 51.28 -3.76 46.41
CA MET F 4 50.76 -3.42 47.72
C MET F 4 51.59 -2.32 48.38
N THR F 5 50.91 -1.48 49.16
CA THR F 5 51.54 -0.41 49.92
C THR F 5 51.08 -0.49 51.37
N GLN F 6 52.00 -0.16 52.29
CA GLN F 6 51.71 -0.13 53.71
C GLN F 6 51.98 1.25 54.26
N THR F 7 50.98 1.83 54.93
CA THR F 7 51.06 3.18 55.46
C THR F 7 50.47 3.19 56.87
N PRO F 8 50.98 4.05 57.76
CA PRO F 8 52.12 4.96 57.59
C PRO F 8 53.46 4.26 57.70
N ALA F 9 54.55 4.98 57.36
CA ALA F 9 55.88 4.41 57.46
C ALA F 9 56.24 4.09 58.90
N SER F 10 55.90 4.98 59.82
CA SER F 10 56.19 4.79 61.24
C SER F 10 55.16 5.54 62.08
N VAL F 11 54.89 5.02 63.28
CA VAL F 11 53.99 5.64 64.23
C VAL F 11 54.66 5.67 65.60
N SER F 12 54.21 6.60 66.43
CA SER F 12 54.77 6.75 67.78
C SER F 12 53.68 7.27 68.69
N GLU F 13 53.21 6.43 69.60
CA GLU F 13 52.14 6.78 70.54
C GLU F 13 52.56 6.36 71.94
N PRO F 14 52.01 7.01 72.97
CA PRO F 14 52.28 6.60 74.35
C PRO F 14 51.81 5.18 74.60
N VAL F 15 52.11 4.69 75.81
CA VAL F 15 51.74 3.32 76.17
C VAL F 15 50.23 3.14 76.14
N GLY F 16 49.47 4.15 76.55
CA GLY F 16 48.03 4.06 76.55
C GLY F 16 47.37 4.38 75.22
N GLY F 17 48.13 4.80 74.22
CA GLY F 17 47.58 5.19 72.95
C GLY F 17 47.29 4.03 72.03
N THR F 18 46.75 4.36 70.86
CA THR F 18 46.40 3.39 69.84
C THR F 18 47.15 3.70 68.56
N VAL F 19 47.53 2.64 67.84
CA VAL F 19 48.25 2.77 66.57
C VAL F 19 47.44 2.04 65.50
N THR F 20 47.44 2.60 64.29
CA THR F 20 46.74 2.01 63.16
C THR F 20 47.68 1.88 61.98
N ILE F 21 47.72 0.68 61.39
CA ILE F 21 48.55 0.39 60.23
C ILE F 21 47.64 0.01 59.08
N LYS F 22 47.75 0.74 57.98
CA LYS F 22 46.89 0.57 56.82
C LYS F 22 47.67 -0.10 55.69
N CYS F 23 47.12 -1.18 55.15
CA CYS F 23 47.70 -1.89 54.03
C CYS F 23 46.79 -1.73 52.82
N GLN F 24 47.34 -1.21 51.73
CA GLN F 24 46.59 -0.93 50.52
C GLN F 24 47.11 -1.80 49.38
N ALA F 25 46.18 -2.43 48.66
CA ALA F 25 46.52 -3.30 47.55
C ALA F 25 46.01 -2.70 46.24
N SER F 26 46.77 -2.90 45.16
CA SER F 26 46.37 -2.38 43.87
C SER F 26 45.09 -3.05 43.38
N GLU F 27 44.95 -4.34 43.61
CA GLU F 27 43.80 -5.10 43.16
C GLU F 27 43.04 -5.67 44.34
N SER F 28 41.77 -5.97 44.11
CA SER F 28 40.89 -6.48 45.16
C SER F 28 41.28 -7.90 45.54
N ILE F 29 41.81 -8.07 46.75
CA ILE F 29 42.19 -9.40 47.24
C ILE F 29 41.15 -10.00 48.17
N SER F 30 39.97 -9.36 48.30
CA SER F 30 38.85 -9.88 49.08
C SER F 30 39.23 -10.05 50.55
N ASN F 31 39.35 -11.30 50.99
CA ASN F 31 39.65 -11.59 52.38
C ASN F 31 41.03 -12.16 52.61
N TRP F 32 41.72 -12.58 51.55
CA TRP F 32 43.04 -13.19 51.67
C TRP F 32 44.08 -12.12 52.03
N LEU F 33 44.54 -12.14 53.28
CA LEU F 33 45.61 -11.26 53.72
C LEU F 33 46.18 -11.81 55.02
N ALA F 34 47.46 -11.53 55.25
CA ALA F 34 48.16 -11.97 56.44
C ALA F 34 48.92 -10.81 57.05
N TRP F 35 49.16 -10.88 58.35
CA TRP F 35 49.92 -9.88 59.08
C TRP F 35 51.01 -10.55 59.90
N TYR F 36 52.23 -10.03 59.80
CA TYR F 36 53.39 -10.59 60.47
C TYR F 36 54.10 -9.51 61.27
N GLN F 37 54.55 -9.86 62.47
CA GLN F 37 55.29 -8.95 63.34
C GLN F 37 56.60 -9.61 63.73
N GLN F 38 57.72 -8.91 63.48
CA GLN F 38 59.04 -9.43 63.78
C GLN F 38 59.78 -8.50 64.72
N LYS F 39 60.50 -9.08 65.67
CA LYS F 39 61.48 -8.40 66.49
C LYS F 39 62.85 -8.52 65.83
N PRO F 40 63.79 -7.61 66.10
CA PRO F 40 65.12 -7.74 65.51
C PRO F 40 65.77 -9.07 65.90
N GLY F 41 66.32 -9.76 64.90
CA GLY F 41 66.87 -11.10 65.17
C GLY F 41 65.73 -12.12 65.21
N GLN F 42 64.50 -11.67 64.98
CA GLN F 42 63.32 -12.59 65.09
C GLN F 42 62.52 -12.59 63.78
N PRO F 43 62.28 -13.75 63.14
CA PRO F 43 61.45 -13.81 61.94
C PRO F 43 60.01 -13.41 62.28
N PRO F 44 59.29 -12.70 61.39
CA PRO F 44 57.93 -12.23 61.70
C PRO F 44 56.94 -13.40 61.87
N LYS F 45 56.24 -13.42 63.01
CA LYS F 45 55.23 -14.48 63.27
C LYS F 45 53.90 -14.08 62.64
N LEU F 46 52.97 -15.02 62.48
CA LEU F 46 51.66 -14.65 61.95
C LEU F 46 50.76 -14.16 63.08
N LEU F 47 50.10 -13.02 62.84
CA LEU F 47 49.21 -12.42 63.82
C LEU F 47 47.77 -12.41 63.35
N ILE F 48 47.51 -11.84 62.18
CA ILE F 48 46.14 -11.68 61.66
C ILE F 48 46.10 -12.40 60.31
N TYR F 49 45.69 -13.66 60.33
CA TYR F 49 45.41 -14.39 59.10
C TYR F 49 43.93 -14.29 58.78
N ALA F 50 43.63 -14.34 57.48
CA ALA F 50 42.29 -14.12 56.94
C ALA F 50 41.77 -12.72 57.25
N ALA F 51 42.66 -11.82 57.69
CA ALA F 51 42.40 -10.40 57.87
C ALA F 51 41.48 -10.12 59.06
N PHE F 52 40.92 -11.16 59.66
CA PHE F 52 40.06 -10.97 60.82
C PHE F 52 40.41 -11.89 61.98
N THR F 53 40.80 -13.14 61.70
CA THR F 53 40.98 -14.13 62.76
C THR F 53 42.31 -13.92 63.46
N LEU F 54 42.27 -13.94 64.80
CA LEU F 54 43.49 -13.84 65.58
C LEU F 54 44.26 -15.15 65.53
N ALA F 55 45.57 -15.04 65.77
CA ALA F 55 46.45 -16.21 65.75
C ALA F 55 46.34 -16.95 67.08
N SER F 56 47.23 -17.92 67.29
CA SER F 56 47.22 -18.73 68.51
C SER F 56 48.23 -18.16 69.51
N GLY F 57 47.78 -17.94 70.74
CA GLY F 57 48.62 -17.39 71.77
C GLY F 57 48.81 -15.89 71.72
N VAL F 58 48.18 -15.22 70.76
CA VAL F 58 48.31 -13.77 70.60
C VAL F 58 47.21 -13.08 71.41
N PRO F 59 47.52 -12.02 72.16
CA PRO F 59 46.48 -11.33 72.94
C PRO F 59 45.45 -10.67 72.04
N SER F 60 44.25 -10.53 72.57
CA SER F 60 43.12 -9.96 71.82
C SER F 60 43.17 -8.43 71.88
N ARG F 61 44.20 -7.89 71.25
CA ARG F 61 44.32 -6.43 71.11
C ARG F 61 44.52 -6.07 69.65
N PHE F 62 45.13 -6.98 68.89
CA PHE F 62 45.36 -6.75 67.46
C PHE F 62 44.12 -7.15 66.67
N LYS F 63 43.44 -6.17 66.09
CA LYS F 63 42.22 -6.41 65.35
C LYS F 63 42.34 -5.81 63.96
N GLY F 64 42.00 -6.61 62.94
CA GLY F 64 41.96 -6.16 61.57
C GLY F 64 40.55 -5.76 61.16
N SER F 65 40.48 -4.85 60.19
CA SER F 65 39.20 -4.35 59.73
C SER F 65 39.25 -4.11 58.22
N GLY F 66 38.08 -4.12 57.60
CA GLY F 66 37.97 -3.89 56.17
C GLY F 66 38.25 -5.13 55.36
N SER F 67 37.94 -5.04 54.07
CA SER F 67 38.15 -6.14 53.14
C SER F 67 38.29 -5.57 51.74
N GLY F 68 38.78 -6.40 50.83
CA GLY F 68 38.95 -5.99 49.45
C GLY F 68 40.32 -5.44 49.15
N THR F 69 40.45 -4.12 49.05
CA THR F 69 41.73 -3.49 48.75
C THR F 69 42.37 -2.80 49.94
N GLN F 70 41.58 -2.31 50.89
CA GLN F 70 42.10 -1.54 52.02
C GLN F 70 41.88 -2.34 53.30
N PHE F 71 42.95 -2.55 54.06
CA PHE F 71 42.90 -3.24 55.33
C PHE F 71 43.63 -2.41 56.38
N THR F 72 43.12 -2.45 57.61
CA THR F 72 43.69 -1.71 58.73
C THR F 72 43.97 -2.66 59.87
N LEU F 73 45.08 -2.42 60.57
CA LEU F 73 45.42 -3.15 61.79
C LEU F 73 45.31 -2.19 62.97
N THR F 74 44.50 -2.56 63.95
CA THR F 74 44.21 -1.70 65.10
C THR F 74 44.73 -2.35 66.37
N ILE F 75 45.49 -1.60 67.14
CA ILE F 75 45.99 -2.03 68.44
C ILE F 75 45.38 -1.12 69.49
N ASN F 76 44.57 -1.69 70.38
CA ASN F 76 43.90 -0.88 71.40
C ASN F 76 44.90 -0.30 72.40
N GLY F 77 45.90 -1.08 72.79
CA GLY F 77 46.89 -0.60 73.75
C GLY F 77 48.19 -1.36 73.68
N VAL F 78 49.31 -0.62 73.62
CA VAL F 78 50.63 -1.22 73.59
C VAL F 78 51.18 -1.25 75.00
N GLU F 79 52.20 -2.08 75.21
CA GLU F 79 52.82 -2.26 76.52
C GLU F 79 54.33 -2.29 76.39
N CYS F 80 54.88 -1.44 75.53
CA CYS F 80 56.29 -1.35 75.17
C CYS F 80 56.86 -2.70 74.74
N ALA F 81 56.02 -3.64 74.33
CA ALA F 81 56.45 -4.94 73.84
C ALA F 81 56.02 -5.21 72.40
N ASP F 82 55.07 -4.43 71.88
CA ASP F 82 54.62 -4.55 70.51
C ASP F 82 55.39 -3.64 69.56
N ALA F 83 56.41 -2.96 70.06
CA ALA F 83 57.22 -2.06 69.23
C ALA F 83 58.05 -2.92 68.28
N ALA F 84 57.58 -3.03 67.04
CA ALA F 84 58.23 -3.88 66.06
C ALA F 84 57.78 -3.42 64.66
N THR F 85 58.17 -4.17 63.63
CA THR F 85 57.77 -3.89 62.26
C THR F 85 56.66 -4.85 61.84
N TYR F 86 55.69 -4.31 61.10
CA TYR F 86 54.52 -5.06 60.67
C TYR F 86 54.44 -5.08 59.15
N TYR F 87 54.05 -6.22 58.60
CA TYR F 87 53.94 -6.40 57.16
C TYR F 87 52.64 -7.11 56.83
N CYS F 88 52.11 -6.85 55.64
CA CYS F 88 50.88 -7.46 55.16
C CYS F 88 51.17 -8.29 53.92
N GLN F 89 50.69 -9.53 53.90
CA GLN F 89 50.92 -10.47 52.81
C GLN F 89 49.64 -10.70 52.03
N GLN F 90 49.71 -10.53 50.71
CA GLN F 90 48.54 -10.63 49.85
C GLN F 90 47.94 -12.03 49.85
N THR F 91 48.78 -13.07 49.81
CA THR F 91 48.40 -14.48 49.82
C THR F 91 47.18 -14.78 48.96
N TYR F 92 47.04 -14.08 47.84
CA TYR F 92 45.91 -14.26 46.94
C TYR F 92 46.34 -14.69 45.55
N SER F 93 47.26 -13.97 44.92
CA SER F 93 47.76 -14.32 43.60
C SER F 93 49.24 -13.98 43.56
N SER F 94 50.08 -14.99 43.31
CA SER F 94 51.53 -14.83 43.31
C SER F 94 52.14 -15.49 42.09
N ARG F 95 51.46 -15.40 40.95
CA ARG F 95 52.00 -15.98 39.72
C ARG F 95 53.31 -15.30 39.33
N ASP F 96 53.31 -13.97 39.25
CA ASP F 96 54.52 -13.18 39.04
C ASP F 96 54.42 -11.94 39.92
N VAL F 97 54.93 -12.05 41.14
CA VAL F 97 54.87 -10.97 42.12
C VAL F 97 56.26 -10.74 42.68
N ASP F 98 56.68 -9.46 42.71
CA ASP F 98 57.99 -9.12 43.25
C ASP F 98 58.10 -9.49 44.72
N ASN F 99 57.05 -9.23 45.50
CA ASN F 99 57.05 -9.53 46.92
C ASN F 99 55.62 -9.69 47.39
N VAL F 100 55.31 -10.84 47.99
CA VAL F 100 54.00 -11.03 48.62
C VAL F 100 53.89 -10.19 49.88
N PHE F 101 55.02 -9.84 50.49
CA PHE F 101 55.02 -9.03 51.69
C PHE F 101 55.00 -7.54 51.35
N GLY F 102 54.43 -6.75 52.27
CA GLY F 102 54.27 -5.32 52.06
C GLY F 102 55.45 -4.51 52.55
N GLY F 103 55.24 -3.20 52.58
CA GLY F 103 56.27 -2.29 53.04
C GLY F 103 56.47 -2.32 54.53
N GLY F 104 57.57 -1.71 54.96
CA GLY F 104 57.93 -1.72 56.37
C GLY F 104 57.18 -0.65 57.15
N THR F 105 56.73 -1.03 58.35
CA THR F 105 56.04 -0.12 59.25
C THR F 105 56.46 -0.46 60.67
N GLU F 106 57.46 0.26 61.17
CA GLU F 106 57.94 0.07 62.54
C GLU F 106 57.17 0.97 63.50
N VAL F 107 56.98 0.48 64.72
CA VAL F 107 56.22 1.18 65.75
C VAL F 107 57.16 1.46 66.92
N VAL F 108 57.16 2.71 67.39
CA VAL F 108 57.99 3.13 68.52
C VAL F 108 57.06 3.48 69.67
N VAL F 109 57.29 2.86 70.82
CA VAL F 109 56.48 3.08 72.02
C VAL F 109 57.26 4.00 72.95
N LYS F 110 56.71 5.19 73.19
CA LYS F 110 57.32 6.18 74.08
C LYS F 110 56.69 6.02 75.46
N GLY F 111 57.32 5.22 76.31
CA GLY F 111 56.82 4.97 77.64
C GLY F 111 57.20 6.05 78.64
N GLN G 1 58.62 -28.44 65.97
CA GLN G 1 59.24 -28.42 64.65
C GLN G 1 60.11 -27.18 64.48
N SER G 2 61.30 -27.37 63.90
CA SER G 2 62.23 -26.28 63.64
C SER G 2 62.74 -26.38 62.21
N LEU G 3 63.21 -25.26 61.69
CA LEU G 3 63.67 -25.15 60.31
C LEU G 3 65.01 -24.43 60.24
N GLU G 4 65.95 -24.90 61.04
CA GLU G 4 67.29 -24.32 61.05
C GLU G 4 67.90 -24.38 59.65
N GLU G 5 68.61 -23.32 59.28
CA GLU G 5 69.15 -23.17 57.94
C GLU G 5 70.61 -23.60 57.90
N SER G 6 71.14 -23.69 56.68
CA SER G 6 72.53 -24.05 56.46
C SER G 6 72.99 -23.45 55.15
N GLY G 7 74.31 -23.31 55.00
CA GLY G 7 74.88 -22.79 53.78
C GLY G 7 75.05 -21.29 53.72
N GLY G 8 75.00 -20.61 54.86
CA GLY G 8 75.21 -19.18 54.89
C GLY G 8 76.61 -18.78 55.27
N ASP G 9 77.36 -18.22 54.33
CA ASP G 9 78.75 -17.86 54.58
C ASP G 9 79.16 -16.77 53.60
N LEU G 10 80.30 -16.13 53.89
CA LEU G 10 80.83 -15.11 53.00
C LEU G 10 81.10 -15.67 51.62
N VAL G 11 80.69 -14.94 50.59
CA VAL G 11 80.79 -15.39 49.20
C VAL G 11 81.39 -14.28 48.35
N LYS G 12 82.26 -14.66 47.43
CA LYS G 12 82.82 -13.71 46.49
C LYS G 12 81.75 -13.26 45.49
N PRO G 13 81.87 -12.05 44.95
CA PRO G 13 80.88 -11.59 43.97
C PRO G 13 80.90 -12.44 42.71
N GLY G 14 79.73 -12.57 42.09
CA GLY G 14 79.60 -13.38 40.89
C GLY G 14 79.88 -14.85 41.09
N ALA G 15 79.37 -15.44 42.18
CA ALA G 15 79.59 -16.84 42.46
C ALA G 15 78.28 -17.56 42.75
N SER G 16 78.37 -18.83 43.17
CA SER G 16 77.20 -19.63 43.48
C SER G 16 77.30 -20.13 44.92
N LEU G 17 76.16 -20.15 45.59
CA LEU G 17 76.08 -20.61 46.98
C LEU G 17 74.91 -21.56 47.13
N THR G 18 75.05 -22.49 48.08
CA THR G 18 74.05 -23.53 48.33
C THR G 18 73.52 -23.36 49.75
N LEU G 19 72.26 -22.93 49.86
CA LEU G 19 71.62 -22.78 51.16
C LEU G 19 70.70 -23.98 51.41
N THR G 20 70.81 -24.56 52.59
CA THR G 20 70.14 -25.80 52.95
C THR G 20 69.11 -25.55 54.05
N CYS G 21 67.90 -26.06 53.85
CA CYS G 21 66.85 -26.04 54.87
C CYS G 21 66.51 -27.48 55.22
N THR G 22 66.84 -27.88 56.44
CA THR G 22 66.62 -29.24 56.92
C THR G 22 65.45 -29.26 57.89
N ALA G 23 64.49 -30.14 57.64
CA ALA G 23 63.33 -30.30 58.51
C ALA G 23 63.73 -30.96 59.82
N SER G 24 62.96 -30.67 60.87
CA SER G 24 63.19 -31.26 62.19
C SER G 24 61.86 -31.65 62.80
N GLY G 25 61.70 -32.94 63.10
CA GLY G 25 60.48 -33.46 63.67
C GLY G 25 59.37 -33.72 62.68
N PHE G 26 59.62 -33.58 61.39
CA PHE G 26 58.60 -33.77 60.37
C PHE G 26 59.27 -34.03 59.03
N SER G 27 58.47 -34.49 58.08
CA SER G 27 58.89 -34.69 56.70
C SER G 27 58.11 -33.75 55.80
N PHE G 28 58.56 -33.63 54.55
CA PHE G 28 57.92 -32.74 53.59
C PHE G 28 56.63 -33.36 53.07
N SER G 29 55.53 -33.17 53.81
CA SER G 29 54.25 -33.74 53.44
C SER G 29 53.66 -33.01 52.24
N SER G 30 52.82 -33.73 51.49
CA SER G 30 52.18 -33.16 50.32
C SER G 30 51.08 -32.17 50.65
N GLY G 31 50.50 -32.26 51.86
CA GLY G 31 49.41 -31.37 52.20
C GLY G 31 49.84 -29.94 52.47
N TYR G 32 51.12 -29.72 52.70
CA TYR G 32 51.64 -28.42 53.11
C TYR G 32 52.74 -28.01 52.14
N ASP G 33 53.05 -26.70 52.11
CA ASP G 33 54.07 -26.20 51.15
C ASP G 33 55.28 -25.64 51.91
N MET G 34 56.49 -25.89 51.39
CA MET G 34 57.72 -25.31 52.00
C MET G 34 58.18 -24.16 51.10
N CYS G 35 58.35 -22.96 51.66
CA CYS G 35 58.71 -21.79 50.81
C CYS G 35 59.92 -21.05 51.39
N TRP G 36 60.57 -20.20 50.58
CA TRP G 36 61.80 -19.49 51.05
C TRP G 36 61.58 -17.98 51.01
N VAL G 37 62.00 -17.28 52.08
CA VAL G 37 61.89 -15.82 52.14
C VAL G 37 63.23 -15.25 52.59
N ARG G 38 63.42 -13.96 52.30
CA ARG G 38 64.66 -13.28 52.63
C ARG G 38 64.34 -11.93 53.26
N GLN G 39 65.25 -11.49 54.14
CA GLN G 39 65.14 -10.19 54.79
C GLN G 39 66.46 -9.46 54.63
N ALA G 40 66.41 -8.26 54.06
CA ALA G 40 67.59 -7.42 54.00
C ALA G 40 67.94 -6.89 55.39
N PRO G 41 69.22 -6.62 55.66
CA PRO G 41 69.58 -6.13 57.00
C PRO G 41 68.89 -4.86 57.39
N GLY G 42 68.61 -3.96 56.45
CA GLY G 42 67.96 -2.70 56.76
C GLY G 42 66.58 -2.54 56.17
N LYS G 43 66.14 -3.50 55.35
CA LYS G 43 64.84 -3.45 54.70
C LYS G 43 63.93 -4.54 55.28
N GLY G 44 62.73 -4.65 54.70
CA GLY G 44 61.75 -5.60 55.15
C GLY G 44 61.93 -6.97 54.53
N LEU G 45 60.89 -7.80 54.68
CA LEU G 45 60.92 -9.15 54.14
C LEU G 45 60.50 -9.17 52.68
N GLU G 46 61.11 -10.08 51.91
CA GLU G 46 60.77 -10.26 50.51
C GLU G 46 60.78 -11.75 50.17
N TRP G 47 59.99 -12.13 49.17
CA TRP G 47 59.89 -13.49 48.70
C TRP G 47 60.68 -13.68 47.42
N ILE G 48 61.34 -14.83 47.29
CA ILE G 48 62.19 -15.08 46.13
C ILE G 48 61.55 -16.12 45.22
N ALA G 49 61.39 -17.35 45.74
CA ALA G 49 60.91 -18.48 44.96
C ALA G 49 60.77 -19.70 45.86
N CYS G 50 59.89 -20.63 45.50
CA CYS G 50 59.78 -21.87 46.25
C CYS G 50 59.05 -22.91 45.43
N ILE G 51 59.10 -24.15 45.91
CA ILE G 51 58.49 -25.30 45.26
C ILE G 51 57.63 -26.02 46.29
N GLY G 52 56.61 -26.73 45.80
CA GLY G 52 55.71 -27.47 46.67
C GLY G 52 56.32 -28.80 47.11
N THR G 53 55.87 -29.27 48.28
CA THR G 53 56.30 -30.55 48.82
C THR G 53 55.35 -31.69 48.47
N GLY G 54 54.54 -31.52 47.43
CA GLY G 54 53.61 -32.53 46.99
C GLY G 54 54.23 -33.51 46.01
N SER G 55 53.36 -34.32 45.40
CA SER G 55 53.82 -35.27 44.39
C SER G 55 54.43 -34.56 43.20
N SER G 56 53.79 -33.49 42.74
CA SER G 56 54.30 -32.65 41.65
C SER G 56 54.48 -31.24 42.18
N GLY G 57 55.72 -30.86 42.45
CA GLY G 57 56.01 -29.56 43.01
C GLY G 57 55.58 -28.40 42.13
N ASN G 58 54.77 -27.50 42.67
CA ASN G 58 54.32 -26.31 41.95
C ASN G 58 55.30 -25.18 42.24
N ILE G 59 56.44 -25.23 41.56
CA ILE G 59 57.52 -24.28 41.79
C ILE G 59 57.08 -22.90 41.31
N TYR G 60 57.34 -21.89 42.14
CA TYR G 60 56.96 -20.52 41.86
C TYR G 60 58.17 -19.61 41.98
N TYR G 61 58.17 -18.52 41.22
CA TYR G 61 59.27 -17.57 41.22
C TYR G 61 58.74 -16.14 41.32
N ALA G 62 59.57 -15.26 41.86
CA ALA G 62 59.25 -13.84 41.89
C ALA G 62 59.69 -13.18 40.60
N SER G 63 59.21 -11.93 40.40
CA SER G 63 59.54 -11.20 39.20
C SER G 63 61.04 -10.90 39.11
N TRP G 64 61.65 -10.49 40.22
CA TRP G 64 63.05 -10.09 40.22
C TRP G 64 64.00 -11.28 40.36
N ALA G 65 63.48 -12.47 40.60
CA ALA G 65 64.27 -13.70 40.69
C ALA G 65 63.71 -14.76 39.76
N LYS G 66 63.45 -14.36 38.51
CA LYS G 66 62.77 -15.24 37.56
C LYS G 66 63.59 -16.49 37.27
N GLY G 67 64.86 -16.32 36.89
CA GLY G 67 65.68 -17.46 36.50
C GLY G 67 67.04 -17.49 37.14
N ARG G 68 67.45 -16.40 37.79
CA ARG G 68 68.75 -16.36 38.44
C ARG G 68 68.80 -17.30 39.64
N PHE G 69 67.64 -17.64 40.20
CA PHE G 69 67.55 -18.52 41.36
C PHE G 69 66.91 -19.84 40.96
N THR G 70 67.08 -20.85 41.82
CA THR G 70 66.51 -22.17 41.58
C THR G 70 66.38 -22.90 42.91
N ILE G 71 65.17 -23.38 43.20
CA ILE G 71 64.90 -24.17 44.39
C ILE G 71 64.50 -25.58 43.97
N SER G 72 65.02 -26.58 44.69
CA SER G 72 64.71 -27.96 44.38
C SER G 72 64.69 -28.76 45.68
N LYS G 73 63.79 -29.74 45.74
CA LYS G 73 63.71 -30.64 46.88
C LYS G 73 64.59 -31.86 46.62
N THR G 74 65.66 -31.98 47.40
CA THR G 74 66.62 -33.07 47.22
C THR G 74 66.31 -34.31 48.05
N SER G 75 65.64 -34.15 49.19
CA SER G 75 65.31 -35.29 50.03
C SER G 75 63.97 -35.02 50.71
N SER G 76 63.50 -35.98 51.50
CA SER G 76 62.23 -35.83 52.19
C SER G 76 62.28 -34.80 53.32
N THR G 77 63.48 -34.47 53.80
CA THR G 77 63.64 -33.53 54.91
C THR G 77 64.73 -32.50 54.63
N THR G 78 64.99 -32.22 53.36
CA THR G 78 65.99 -31.20 53.00
C THR G 78 65.58 -30.55 51.70
N VAL G 79 65.38 -29.23 51.73
CA VAL G 79 65.07 -28.44 50.55
C VAL G 79 66.16 -27.39 50.40
N THR G 80 66.68 -27.24 49.18
CA THR G 80 67.81 -26.36 48.93
C THR G 80 67.45 -25.33 47.86
N LEU G 81 68.13 -24.19 47.93
CA LEU G 81 67.98 -23.11 46.98
C LEU G 81 69.32 -22.84 46.30
N GLN G 82 69.32 -22.87 44.97
CA GLN G 82 70.53 -22.71 44.17
C GLN G 82 70.51 -21.33 43.52
N MET G 83 71.57 -20.56 43.73
CA MET G 83 71.70 -19.21 43.19
C MET G 83 73.01 -19.06 42.46
N THR G 84 72.99 -18.28 41.38
CA THR G 84 74.18 -18.00 40.58
C THR G 84 74.24 -16.52 40.25
N SER G 85 75.43 -16.09 39.83
CA SER G 85 75.69 -14.70 39.46
C SER G 85 75.31 -13.75 40.61
N LEU G 86 75.74 -14.11 41.81
CA LEU G 86 75.42 -13.31 42.99
C LEU G 86 76.09 -11.94 42.89
N THR G 87 75.35 -10.90 43.28
CA THR G 87 75.80 -9.52 43.17
C THR G 87 76.04 -8.94 44.56
N ALA G 88 76.42 -7.66 44.58
CA ALA G 88 76.71 -6.99 45.85
C ALA G 88 75.44 -6.74 46.66
N ALA G 89 74.30 -6.60 46.00
CA ALA G 89 73.04 -6.31 46.67
C ALA G 89 72.30 -7.57 47.13
N ASP G 90 72.84 -8.76 46.87
CA ASP G 90 72.17 -9.99 47.24
C ASP G 90 72.33 -10.34 48.72
N THR G 91 73.14 -9.61 49.47
CA THR G 91 73.30 -9.90 50.89
C THR G 91 72.00 -9.66 51.64
N ALA G 92 71.63 -10.62 52.48
CA ALA G 92 70.38 -10.59 53.24
C ALA G 92 70.40 -11.73 54.23
N THR G 93 69.32 -11.83 55.02
CA THR G 93 69.07 -12.95 55.91
C THR G 93 67.90 -13.75 55.37
N TYR G 94 68.11 -15.05 55.17
CA TYR G 94 67.19 -15.89 54.45
C TYR G 94 66.51 -16.86 55.40
N PHE G 95 65.18 -16.86 55.42
CA PHE G 95 64.40 -17.72 56.28
C PHE G 95 63.74 -18.82 55.47
N CYS G 96 63.58 -19.98 56.10
CA CYS G 96 62.89 -21.13 55.52
C CYS G 96 61.51 -21.21 56.16
N ALA G 97 60.50 -20.75 55.44
CA ALA G 97 59.14 -20.69 55.97
C ALA G 97 58.35 -21.93 55.56
N ARG G 98 57.30 -22.21 56.32
CA ARG G 98 56.36 -23.28 56.03
C ARG G 98 55.00 -22.68 55.75
N ASP G 99 54.35 -23.15 54.68
CA ASP G 99 53.02 -22.67 54.35
C ASP G 99 51.97 -23.45 55.14
N ASP G 100 50.74 -22.96 55.13
CA ASP G 100 49.63 -23.61 55.81
C ASP G 100 48.61 -24.21 54.85
N ALA G 101 48.71 -23.92 53.56
CA ALA G 101 47.74 -24.40 52.59
C ALA G 101 48.42 -24.55 51.24
N ASP G 102 48.02 -25.59 50.49
CA ASP G 102 48.59 -25.85 49.17
C ASP G 102 47.68 -25.30 48.07
N TYR G 103 47.64 -23.96 47.99
CA TYR G 103 46.87 -23.26 46.98
C TYR G 103 47.74 -22.68 45.86
N ALA G 104 48.79 -23.39 45.45
CA ALA G 104 49.66 -23.00 44.35
C ALA G 104 50.28 -21.61 44.61
N GLY G 105 51.07 -21.56 45.67
CA GLY G 105 51.78 -20.37 46.04
C GLY G 105 51.96 -20.23 47.53
N PRO G 106 52.69 -19.19 47.95
CA PRO G 106 52.92 -18.95 49.38
C PRO G 106 51.68 -18.34 50.04
N ASP G 107 50.99 -19.14 50.84
CA ASP G 107 49.88 -18.67 51.65
C ASP G 107 50.42 -18.27 53.03
N TYR G 108 49.53 -18.11 54.01
CA TYR G 108 49.93 -17.75 55.37
C TYR G 108 51.04 -18.67 55.87
N PHE G 109 52.10 -18.08 56.41
CA PHE G 109 53.25 -18.81 56.90
C PHE G 109 53.07 -19.05 58.39
N ASN G 110 52.81 -20.30 58.77
CA ASN G 110 52.61 -20.64 60.18
C ASN G 110 53.91 -20.66 60.95
N LEU G 111 54.98 -21.21 60.35
CA LEU G 111 56.23 -21.43 61.07
C LEU G 111 57.41 -21.00 60.19
N TRP G 112 58.39 -20.34 60.80
CA TRP G 112 59.66 -20.05 60.16
C TRP G 112 60.79 -20.67 60.97
N GLY G 113 61.95 -20.78 60.34
CA GLY G 113 63.15 -21.17 61.04
C GLY G 113 63.91 -19.96 61.53
N PRO G 114 65.01 -20.18 62.24
CA PRO G 114 65.86 -19.05 62.66
C PRO G 114 66.41 -18.27 61.49
N GLY G 115 66.69 -18.93 60.37
CA GLY G 115 67.22 -18.23 59.20
C GLY G 115 68.73 -18.12 59.22
N THR G 116 69.30 -17.98 58.03
CA THR G 116 70.74 -17.83 57.88
C THR G 116 71.03 -16.52 57.14
N LEU G 117 72.18 -15.96 57.43
CA LEU G 117 72.60 -14.70 56.82
C LEU G 117 73.65 -14.97 55.75
N VAL G 118 73.47 -14.33 54.58
CA VAL G 118 74.39 -14.46 53.47
C VAL G 118 74.91 -13.07 53.15
N THR G 119 76.23 -12.94 53.08
CA THR G 119 76.87 -11.67 52.79
C THR G 119 77.92 -11.85 51.70
N VAL G 120 78.19 -10.75 50.99
CA VAL G 120 79.13 -10.74 49.88
C VAL G 120 80.16 -9.65 50.10
N SER G 121 81.42 -9.98 49.88
CA SER G 121 82.51 -9.02 50.02
C SER G 121 83.60 -9.39 49.02
N SER G 122 84.43 -8.41 48.69
CA SER G 122 85.51 -8.61 47.74
C SER G 122 86.85 -8.19 48.32
N ASP H 1 -30.20 -53.05 24.82
CA ASP H 1 -29.16 -52.03 24.74
C ASP H 1 -27.98 -52.37 25.65
N ILE H 2 -28.29 -52.67 26.91
CA ILE H 2 -27.28 -52.99 27.92
C ILE H 2 -27.15 -54.50 28.01
N VAL H 3 -25.92 -54.99 27.82
CA VAL H 3 -25.62 -56.41 27.91
C VAL H 3 -24.71 -56.63 29.11
N MET H 4 -25.12 -57.52 30.01
CA MET H 4 -24.42 -57.76 31.25
C MET H 4 -23.91 -59.19 31.33
N THR H 5 -22.66 -59.33 31.79
CA THR H 5 -22.02 -60.61 31.94
C THR H 5 -21.57 -60.79 33.39
N GLN H 6 -21.67 -62.02 33.87
CA GLN H 6 -21.25 -62.37 35.22
C GLN H 6 -20.18 -63.45 35.16
N THR H 7 -19.02 -63.17 35.76
CA THR H 7 -17.89 -64.06 35.77
C THR H 7 -17.26 -64.04 37.14
N PRO H 8 -16.62 -65.15 37.58
CA PRO H 8 -16.49 -66.46 36.93
C PRO H 8 -17.77 -67.28 36.93
N ALA H 9 -17.81 -68.33 36.10
CA ALA H 9 -18.97 -69.20 36.09
C ALA H 9 -19.00 -70.13 37.29
N SER H 10 -17.83 -70.63 37.70
CA SER H 10 -17.72 -71.56 38.82
C SER H 10 -16.59 -71.13 39.75
N VAL H 11 -16.86 -71.22 41.05
CA VAL H 11 -15.88 -70.85 42.08
C VAL H 11 -15.93 -71.88 43.19
N SER H 12 -14.78 -72.08 43.84
CA SER H 12 -14.68 -73.05 44.93
C SER H 12 -13.57 -72.59 45.87
N GLU H 13 -13.94 -72.27 47.10
CA GLU H 13 -12.99 -71.86 48.13
C GLU H 13 -13.27 -72.64 49.40
N PRO H 14 -12.26 -72.83 50.26
CA PRO H 14 -12.50 -73.49 51.55
C PRO H 14 -13.55 -72.75 52.37
N VAL H 15 -14.00 -73.42 53.43
CA VAL H 15 -15.02 -72.83 54.30
C VAL H 15 -14.49 -71.56 54.96
N GLY H 16 -13.20 -71.53 55.29
CA GLY H 16 -12.60 -70.30 55.80
C GLY H 16 -12.10 -69.36 54.73
N GLY H 17 -12.23 -69.74 53.46
CA GLY H 17 -11.73 -68.92 52.37
C GLY H 17 -12.68 -67.82 51.95
N THR H 18 -12.19 -66.96 51.07
CA THR H 18 -12.94 -65.84 50.54
C THR H 18 -13.04 -65.95 49.03
N VAL H 19 -14.21 -65.64 48.50
CA VAL H 19 -14.47 -65.68 47.05
C VAL H 19 -15.15 -64.38 46.66
N THR H 20 -14.80 -63.87 45.48
CA THR H 20 -15.36 -62.62 44.96
C THR H 20 -15.98 -62.88 43.59
N ILE H 21 -17.15 -62.30 43.37
CA ILE H 21 -17.84 -62.37 42.08
C ILE H 21 -18.05 -60.95 41.59
N LYS H 22 -17.58 -60.67 40.37
CA LYS H 22 -17.68 -59.35 39.78
C LYS H 22 -18.75 -59.35 38.69
N CYS H 23 -19.51 -58.27 38.62
CA CYS H 23 -20.57 -58.11 37.63
C CYS H 23 -20.25 -56.90 36.77
N GLN H 24 -20.16 -57.13 35.45
CA GLN H 24 -19.76 -56.10 34.51
C GLN H 24 -20.89 -55.80 33.55
N ALA H 25 -21.09 -54.52 33.25
CA ALA H 25 -22.11 -54.06 32.33
C ALA H 25 -21.45 -53.48 31.07
N SER H 26 -22.19 -53.56 29.96
CA SER H 26 -21.67 -53.05 28.70
C SER H 26 -21.40 -51.55 28.77
N GLU H 27 -22.34 -50.79 29.33
CA GLU H 27 -22.16 -49.37 29.59
C GLU H 27 -22.48 -49.07 31.05
N SER H 28 -22.30 -47.80 31.42
CA SER H 28 -22.43 -47.38 32.81
C SER H 28 -23.88 -47.49 33.26
N ILE H 29 -24.09 -48.12 34.42
CA ILE H 29 -25.41 -48.14 35.05
C ILE H 29 -25.44 -47.38 36.37
N SER H 30 -24.39 -46.61 36.67
CA SER H 30 -24.32 -45.76 37.86
C SER H 30 -24.43 -46.57 39.15
N ASN H 31 -25.52 -46.37 39.88
CA ASN H 31 -25.75 -47.06 41.15
C ASN H 31 -26.80 -48.14 41.06
N TRP H 32 -27.50 -48.25 39.93
CA TRP H 32 -28.61 -49.18 39.79
C TRP H 32 -28.08 -50.59 39.52
N LEU H 33 -28.11 -51.44 40.54
CA LEU H 33 -27.77 -52.85 40.42
C LEU H 33 -28.22 -53.57 41.68
N ALA H 34 -28.60 -54.83 41.52
CA ALA H 34 -29.07 -55.65 42.63
C ALA H 34 -28.40 -57.01 42.55
N TRP H 35 -28.30 -57.68 43.70
CA TRP H 35 -27.72 -59.01 43.80
C TRP H 35 -28.76 -59.99 44.31
N TYR H 36 -28.86 -61.13 43.64
CA TYR H 36 -29.85 -62.15 43.96
C TYR H 36 -29.17 -63.50 44.09
N GLN H 37 -29.60 -64.30 45.06
CA GLN H 37 -29.07 -65.64 45.29
C GLN H 37 -30.23 -66.61 45.47
N GLN H 38 -30.20 -67.70 44.71
CA GLN H 38 -31.23 -68.73 44.79
C GLN H 38 -30.61 -70.07 45.20
N LYS H 39 -31.30 -70.76 46.10
CA LYS H 39 -30.95 -72.14 46.41
C LYS H 39 -31.69 -73.08 45.46
N PRO H 40 -31.20 -74.29 45.24
CA PRO H 40 -31.93 -75.23 44.37
C PRO H 40 -33.34 -75.47 44.88
N GLY H 41 -34.29 -75.43 43.96
CA GLY H 41 -35.69 -75.59 44.33
C GLY H 41 -36.27 -74.43 45.09
N GLN H 42 -35.71 -73.23 44.95
CA GLN H 42 -36.19 -72.06 45.69
C GLN H 42 -35.94 -70.80 44.87
N PRO H 43 -36.92 -69.91 44.80
CA PRO H 43 -36.72 -68.66 44.07
C PRO H 43 -35.66 -67.80 44.76
N PRO H 44 -34.93 -66.99 44.00
CA PRO H 44 -33.90 -66.15 44.61
C PRO H 44 -34.48 -65.05 45.48
N LYS H 45 -33.62 -64.51 46.34
CA LYS H 45 -33.94 -63.42 47.24
C LYS H 45 -32.95 -62.28 47.04
N LEU H 46 -33.43 -61.06 47.26
CA LEU H 46 -32.58 -59.88 47.10
C LEU H 46 -31.52 -59.85 48.19
N LEU H 47 -30.27 -59.58 47.78
CA LEU H 47 -29.15 -59.54 48.71
C LEU H 47 -28.55 -58.15 48.82
N ILE H 48 -28.10 -57.56 47.72
CA ILE H 48 -27.42 -56.26 47.73
C ILE H 48 -28.11 -55.39 46.70
N TYR H 49 -29.11 -54.62 47.12
CA TYR H 49 -29.74 -53.65 46.26
C TYR H 49 -28.98 -52.33 46.33
N ALA H 50 -28.99 -51.60 45.22
CA ALA H 50 -28.21 -50.37 45.03
C ALA H 50 -26.70 -50.62 45.12
N ALA H 51 -26.30 -51.90 45.09
CA ALA H 51 -24.91 -52.33 44.97
C ALA H 51 -24.09 -52.05 46.23
N PHE H 52 -24.67 -51.35 47.19
CA PHE H 52 -23.99 -51.12 48.46
C PHE H 52 -24.86 -51.41 49.68
N THR H 53 -26.16 -51.11 49.61
CA THR H 53 -27.03 -51.27 50.76
C THR H 53 -27.35 -52.74 50.98
N LEU H 54 -27.19 -53.20 52.22
CA LEU H 54 -27.51 -54.58 52.56
C LEU H 54 -29.02 -54.77 52.69
N ALA H 55 -29.46 -56.00 52.44
CA ALA H 55 -30.87 -56.34 52.53
C ALA H 55 -31.25 -56.63 53.99
N SER H 56 -32.48 -57.08 54.20
CA SER H 56 -32.97 -57.41 55.53
C SER H 56 -32.94 -58.91 55.73
N GLY H 57 -32.50 -59.35 56.92
CA GLY H 57 -32.39 -60.75 57.21
C GLY H 57 -31.15 -61.42 56.64
N VAL H 58 -30.26 -60.63 56.05
CA VAL H 58 -29.04 -61.20 55.40
C VAL H 58 -27.81 -60.93 56.28
N PRO H 59 -26.86 -61.87 56.41
CA PRO H 59 -25.64 -61.64 57.18
C PRO H 59 -24.83 -60.49 56.59
N SER H 60 -24.12 -59.75 57.46
CA SER H 60 -23.33 -58.56 56.99
C SER H 60 -22.24 -58.99 56.01
N ARG H 61 -21.84 -60.27 56.04
CA ARG H 61 -20.73 -60.73 55.15
C ARG H 61 -21.07 -60.36 53.71
N PHE H 62 -22.34 -60.46 53.34
CA PHE H 62 -22.76 -60.04 51.97
C PHE H 62 -22.56 -58.53 51.83
N LYS H 63 -21.89 -58.10 50.76
CA LYS H 63 -21.58 -56.65 50.59
C LYS H 63 -21.53 -56.31 49.09
N GLY H 64 -21.05 -55.11 48.75
CA GLY H 64 -20.94 -54.73 47.36
C GLY H 64 -19.88 -53.66 47.16
N SER H 65 -19.21 -53.72 46.02
CA SER H 65 -18.14 -52.79 45.72
C SER H 65 -18.18 -52.46 44.22
N GLY H 66 -17.61 -51.30 43.89
CA GLY H 66 -17.59 -50.83 42.53
C GLY H 66 -18.87 -50.11 42.14
N SER H 67 -18.76 -49.31 41.09
CA SER H 67 -19.89 -48.54 40.58
C SER H 67 -19.63 -48.21 39.12
N GLY H 68 -20.70 -47.81 38.43
CA GLY H 68 -20.60 -47.47 37.03
C GLY H 68 -20.80 -48.67 36.12
N THR H 69 -19.71 -49.25 35.64
CA THR H 69 -19.78 -50.41 34.76
C THR H 69 -19.38 -51.71 35.44
N GLN H 70 -18.47 -51.67 36.40
CA GLN H 70 -17.97 -52.88 37.06
C GLN H 70 -18.43 -52.88 38.51
N PHE H 71 -19.09 -53.96 38.91
CA PHE H 71 -19.56 -54.15 40.28
C PHE H 71 -19.06 -55.49 40.79
N THR H 72 -18.51 -55.49 42.00
CA THR H 72 -17.91 -56.68 42.58
C THR H 72 -18.58 -56.98 43.92
N LEU H 73 -18.89 -58.26 44.13
CA LEU H 73 -19.40 -58.75 45.41
C LEU H 73 -18.31 -59.57 46.08
N THR H 74 -17.90 -59.16 47.28
CA THR H 74 -16.83 -59.81 48.02
C THR H 74 -17.44 -60.59 49.18
N ILE H 75 -17.10 -61.87 49.27
CA ILE H 75 -17.58 -62.74 50.34
C ILE H 75 -16.47 -62.86 51.36
N ASN H 76 -16.71 -62.31 52.55
CA ASN H 76 -15.70 -62.36 53.61
C ASN H 76 -15.62 -63.73 54.26
N GLY H 77 -16.73 -64.46 54.29
CA GLY H 77 -16.73 -65.78 54.89
C GLY H 77 -17.94 -66.63 54.52
N VAL H 78 -17.71 -67.92 54.30
CA VAL H 78 -18.78 -68.88 54.02
C VAL H 78 -18.86 -69.87 55.17
N GLU H 79 -20.01 -70.51 55.32
CA GLU H 79 -20.24 -71.47 56.40
C GLU H 79 -20.93 -72.72 55.86
N CYS H 80 -20.57 -73.11 54.64
CA CYS H 80 -21.06 -74.32 53.97
C CYS H 80 -22.57 -74.30 53.73
N ALA H 81 -23.24 -73.18 54.00
CA ALA H 81 -24.67 -73.05 53.77
C ALA H 81 -25.01 -71.95 52.77
N ASP H 82 -24.01 -71.21 52.29
CA ASP H 82 -24.22 -70.16 51.30
C ASP H 82 -23.87 -70.61 49.89
N ALA H 83 -23.64 -71.90 49.69
CA ALA H 83 -23.28 -72.44 48.39
C ALA H 83 -24.51 -72.40 47.49
N ALA H 84 -24.57 -71.39 46.63
CA ALA H 84 -25.71 -71.20 45.74
C ALA H 84 -25.25 -70.36 44.55
N THR H 85 -26.20 -69.97 43.70
CA THR H 85 -25.92 -69.18 42.50
C THR H 85 -26.24 -67.72 42.76
N TYR H 86 -25.36 -66.84 42.26
CA TYR H 86 -25.51 -65.41 42.42
C TYR H 86 -25.79 -64.76 41.07
N TYR H 87 -26.78 -63.87 41.06
CA TYR H 87 -27.14 -63.12 39.87
C TYR H 87 -27.15 -61.63 40.18
N CYS H 88 -26.84 -60.82 39.17
CA CYS H 88 -26.90 -59.38 39.26
C CYS H 88 -27.87 -58.84 38.21
N GLN H 89 -28.67 -57.85 38.60
CA GLN H 89 -29.67 -57.26 37.74
C GLN H 89 -29.28 -55.83 37.38
N GLN H 90 -29.55 -55.43 36.14
CA GLN H 90 -29.14 -54.11 35.69
C GLN H 90 -30.01 -53.01 36.29
N THR H 91 -31.33 -53.23 36.37
CA THR H 91 -32.33 -52.32 36.94
C THR H 91 -32.05 -50.85 36.59
N TYR H 92 -31.54 -50.60 35.40
CA TYR H 92 -31.17 -49.25 34.98
C TYR H 92 -31.96 -48.77 33.77
N SER H 93 -32.00 -49.57 32.70
CA SER H 93 -32.76 -49.21 31.51
C SER H 93 -33.25 -50.51 30.88
N SER H 94 -34.55 -50.73 30.91
CA SER H 94 -35.18 -51.97 30.46
C SER H 94 -36.19 -51.70 29.35
N ARG H 95 -35.91 -50.71 28.50
CA ARG H 95 -36.82 -50.42 27.39
C ARG H 95 -36.85 -51.58 26.40
N ASP H 96 -35.69 -51.94 25.85
CA ASP H 96 -35.55 -53.08 24.94
C ASP H 96 -34.30 -53.84 25.38
N VAL H 97 -34.48 -54.81 26.27
CA VAL H 97 -33.39 -55.60 26.84
C VAL H 97 -33.80 -57.06 26.82
N ASP H 98 -32.89 -57.92 26.34
CA ASP H 98 -33.17 -59.36 26.32
C ASP H 98 -33.33 -59.92 27.73
N ASN H 99 -32.48 -59.49 28.65
CA ASN H 99 -32.54 -59.99 30.03
C ASN H 99 -31.84 -58.99 30.95
N VAL H 100 -32.56 -58.50 31.95
CA VAL H 100 -31.95 -57.63 32.96
C VAL H 100 -30.98 -58.43 33.82
N PHE H 101 -31.32 -59.68 34.12
CA PHE H 101 -30.48 -60.51 34.98
C PHE H 101 -29.17 -60.85 34.29
N GLY H 102 -28.11 -60.97 35.10
CA GLY H 102 -26.80 -61.33 34.60
C GLY H 102 -26.63 -62.84 34.49
N GLY H 103 -25.38 -63.23 34.22
CA GLY H 103 -25.07 -64.64 34.07
C GLY H 103 -25.12 -65.39 35.39
N GLY H 104 -25.14 -66.72 35.27
CA GLY H 104 -25.17 -67.57 36.45
C GLY H 104 -23.78 -67.82 37.00
N THR H 105 -23.67 -67.81 38.32
CA THR H 105 -22.41 -68.06 39.02
C THR H 105 -22.73 -68.83 40.30
N GLU H 106 -22.54 -70.15 40.26
CA GLU H 106 -22.75 -70.98 41.43
C GLU H 106 -21.48 -71.01 42.28
N VAL H 107 -21.67 -71.17 43.58
CA VAL H 107 -20.57 -71.21 44.55
C VAL H 107 -20.56 -72.60 45.18
N VAL H 108 -19.39 -73.23 45.22
CA VAL H 108 -19.20 -74.54 45.81
C VAL H 108 -18.28 -74.38 47.01
N VAL H 109 -18.77 -74.75 48.19
CA VAL H 109 -18.02 -74.65 49.43
C VAL H 109 -17.58 -76.05 49.83
N LYS H 110 -16.27 -76.28 49.85
CA LYS H 110 -15.70 -77.57 50.23
C LYS H 110 -15.47 -77.56 51.73
N GLY H 111 -16.38 -78.20 52.47
CA GLY H 111 -16.28 -78.27 53.92
C GLY H 111 -15.48 -79.46 54.41
N GLN I 1 -46.75 -61.77 52.44
CA GLN I 1 -47.50 -61.82 51.20
C GLN I 1 -47.04 -62.97 50.32
N SER I 2 -47.93 -63.47 49.47
CA SER I 2 -47.62 -64.58 48.58
C SER I 2 -48.10 -64.25 47.17
N LEU I 3 -47.40 -64.80 46.19
CA LEU I 3 -47.71 -64.62 44.77
C LEU I 3 -47.72 -65.98 44.07
N GLU I 4 -48.46 -66.93 44.64
CA GLU I 4 -48.51 -68.27 44.09
C GLU I 4 -49.03 -68.24 42.66
N GLU I 5 -48.41 -69.03 41.80
CA GLU I 5 -48.70 -69.04 40.37
C GLU I 5 -49.77 -70.09 40.06
N SER I 6 -50.20 -70.10 38.80
CA SER I 6 -51.23 -71.03 38.36
C SER I 6 -51.10 -71.23 36.86
N GLY I 7 -51.88 -72.18 36.33
CA GLY I 7 -51.92 -72.41 34.91
C GLY I 7 -50.75 -73.17 34.33
N GLY I 8 -49.97 -73.86 35.16
CA GLY I 8 -48.84 -74.62 34.66
C GLY I 8 -49.14 -76.09 34.45
N ASP I 9 -48.93 -76.58 33.23
CA ASP I 9 -49.20 -77.97 32.91
C ASP I 9 -48.49 -78.32 31.60
N LEU I 10 -48.45 -79.61 31.29
CA LEU I 10 -47.89 -80.07 30.03
C LEU I 10 -48.66 -79.48 28.86
N VAL I 11 -47.93 -78.99 27.86
CA VAL I 11 -48.53 -78.34 26.71
C VAL I 11 -47.84 -78.83 25.44
N LYS I 12 -48.63 -79.01 24.38
CA LYS I 12 -48.10 -79.42 23.10
C LYS I 12 -47.36 -78.25 22.45
N PRO I 13 -46.38 -78.54 21.59
CA PRO I 13 -45.70 -77.46 20.86
C PRO I 13 -46.66 -76.73 19.94
N GLY I 14 -46.39 -75.44 19.76
CA GLY I 14 -47.26 -74.61 18.93
C GLY I 14 -48.65 -74.40 19.51
N ALA I 15 -48.75 -74.25 20.82
CA ALA I 15 -50.05 -74.08 21.47
C ALA I 15 -50.05 -72.85 22.38
N SER I 16 -51.12 -72.68 23.16
CA SER I 16 -51.27 -71.54 24.03
C SER I 16 -51.61 -72.00 25.44
N LEU I 17 -51.17 -71.21 26.42
CA LEU I 17 -51.39 -71.52 27.83
C LEU I 17 -51.65 -70.22 28.58
N THR I 18 -52.35 -70.34 29.72
CA THR I 18 -52.73 -69.19 30.53
C THR I 18 -52.17 -69.38 31.94
N LEU I 19 -51.13 -68.63 32.26
CA LEU I 19 -50.55 -68.65 33.60
C LEU I 19 -51.07 -67.47 34.40
N THR I 20 -51.57 -67.76 35.61
CA THR I 20 -52.20 -66.76 36.46
C THR I 20 -51.38 -66.56 37.73
N CYS I 21 -51.03 -65.31 38.01
CA CYS I 21 -50.39 -64.92 39.26
C CYS I 21 -51.45 -64.27 40.14
N THR I 22 -51.68 -64.86 41.31
CA THR I 22 -52.68 -64.36 42.25
C THR I 22 -51.99 -63.87 43.51
N ALA I 23 -52.31 -62.64 43.90
CA ALA I 23 -51.77 -62.06 45.13
C ALA I 23 -52.66 -62.41 46.32
N SER I 24 -52.04 -62.53 47.48
CA SER I 24 -52.75 -62.86 48.71
C SER I 24 -52.33 -61.88 49.80
N GLY I 25 -53.31 -61.30 50.48
CA GLY I 25 -53.06 -60.35 51.54
C GLY I 25 -52.86 -58.92 51.09
N PHE I 26 -52.82 -58.66 49.79
CA PHE I 26 -52.64 -57.31 49.27
C PHE I 26 -53.20 -57.24 47.86
N SER I 27 -53.43 -56.01 47.41
CA SER I 27 -53.94 -55.75 46.07
C SER I 27 -52.87 -55.08 45.23
N PHE I 28 -53.09 -55.10 43.91
CA PHE I 28 -52.13 -54.51 42.97
C PHE I 28 -52.20 -52.99 43.01
N SER I 29 -51.46 -52.38 43.93
CA SER I 29 -51.47 -50.92 44.07
C SER I 29 -50.73 -50.27 42.92
N SER I 30 -51.02 -48.98 42.71
CA SER I 30 -50.41 -48.23 41.62
C SER I 30 -48.97 -47.83 41.91
N GLY I 31 -48.65 -47.50 43.16
CA GLY I 31 -47.33 -46.98 43.47
C GLY I 31 -46.22 -48.00 43.40
N TYR I 32 -46.56 -49.29 43.45
CA TYR I 32 -45.58 -50.37 43.44
C TYR I 32 -45.81 -51.26 42.23
N ASP I 33 -44.73 -51.80 41.68
CA ASP I 33 -44.72 -52.45 40.39
C ASP I 33 -44.65 -53.98 40.56
N MET I 34 -45.14 -54.70 39.56
CA MET I 34 -45.07 -56.15 39.49
C MET I 34 -44.41 -56.54 38.17
N CYS I 35 -43.67 -57.64 38.17
CA CYS I 35 -43.10 -58.15 36.93
C CYS I 35 -43.14 -59.68 36.90
N TRP I 36 -42.86 -60.22 35.71
CA TRP I 36 -42.91 -61.65 35.45
C TRP I 36 -41.55 -62.13 34.94
N VAL I 37 -41.06 -63.21 35.54
CA VAL I 37 -39.79 -63.83 35.15
C VAL I 37 -39.99 -65.34 35.09
N ARG I 38 -39.06 -66.01 34.42
CA ARG I 38 -39.07 -67.46 34.34
C ARG I 38 -37.63 -67.97 34.38
N GLN I 39 -37.49 -69.22 34.80
CA GLN I 39 -36.17 -69.85 34.98
C GLN I 39 -36.16 -71.19 34.28
N ALA I 40 -35.24 -71.36 33.33
CA ALA I 40 -35.08 -72.63 32.66
C ALA I 40 -34.54 -73.67 33.64
N PRO I 41 -34.85 -74.96 33.43
CA PRO I 41 -34.39 -75.98 34.38
C PRO I 41 -32.87 -76.08 34.50
N GLY I 42 -32.12 -75.68 33.47
CA GLY I 42 -30.69 -75.89 33.48
C GLY I 42 -29.84 -74.64 33.60
N LYS I 43 -30.38 -73.49 33.21
CA LYS I 43 -29.61 -72.25 33.20
C LYS I 43 -30.26 -71.23 34.15
N GLY I 44 -29.75 -70.00 34.10
CA GLY I 44 -30.15 -68.96 35.03
C GLY I 44 -31.47 -68.32 34.68
N LEU I 45 -31.77 -67.23 35.38
CA LEU I 45 -33.04 -66.53 35.24
C LEU I 45 -33.07 -65.74 33.92
N GLU I 46 -34.28 -65.33 33.53
CA GLU I 46 -34.48 -64.50 32.36
C GLU I 46 -35.75 -63.67 32.53
N TRP I 47 -35.81 -62.54 31.84
CA TRP I 47 -36.98 -61.68 31.84
C TRP I 47 -37.61 -61.67 30.45
N ILE I 48 -38.94 -61.80 30.41
CA ILE I 48 -39.65 -61.88 29.13
C ILE I 48 -40.55 -60.65 28.93
N ALA I 49 -41.46 -60.41 29.87
CA ALA I 49 -42.44 -59.33 29.73
C ALA I 49 -43.24 -59.14 31.01
N CYS I 50 -43.72 -57.92 31.25
CA CYS I 50 -44.58 -57.65 32.38
C CYS I 50 -45.19 -56.27 32.22
N ILE I 51 -46.19 -55.98 33.05
CA ILE I 51 -46.93 -54.73 33.01
C ILE I 51 -47.00 -54.17 34.42
N GLY I 52 -47.15 -52.85 34.51
CA GLY I 52 -47.28 -52.18 35.79
C GLY I 52 -48.71 -52.28 36.31
N THR I 53 -48.83 -52.25 37.64
CA THR I 53 -50.13 -52.36 38.31
C THR I 53 -50.76 -51.00 38.59
N GLY I 54 -50.36 -49.97 37.86
CA GLY I 54 -50.86 -48.63 38.06
C GLY I 54 -52.10 -48.33 37.25
N SER I 55 -52.54 -47.07 37.33
CA SER I 55 -53.71 -46.64 36.55
C SER I 55 -53.44 -46.76 35.05
N SER I 56 -52.24 -46.36 34.62
CA SER I 56 -51.81 -46.49 33.23
C SER I 56 -50.72 -47.56 33.18
N GLY I 57 -51.08 -48.75 32.72
CA GLY I 57 -50.14 -49.85 32.66
C GLY I 57 -48.97 -49.61 31.73
N ASN I 58 -47.77 -49.46 32.30
CA ASN I 58 -46.56 -49.26 31.53
C ASN I 58 -45.99 -50.63 31.19
N ILE I 59 -46.60 -51.28 30.20
CA ILE I 59 -46.25 -52.63 29.81
C ILE I 59 -44.89 -52.62 29.14
N TYR I 60 -44.02 -53.56 29.51
CA TYR I 60 -42.67 -53.62 29.00
C TYR I 60 -42.30 -55.05 28.64
N TYR I 61 -41.59 -55.20 27.53
CA TYR I 61 -41.31 -56.50 26.93
C TYR I 61 -39.81 -56.64 26.68
N ALA I 62 -39.35 -57.89 26.60
CA ALA I 62 -37.96 -58.17 26.27
C ALA I 62 -37.78 -58.31 24.76
N SER I 63 -36.52 -58.29 24.33
CA SER I 63 -36.22 -58.38 22.91
C SER I 63 -36.62 -59.72 22.34
N TRP I 64 -36.30 -60.81 23.03
CA TRP I 64 -36.65 -62.15 22.55
C TRP I 64 -38.08 -62.53 22.89
N ALA I 65 -38.80 -61.68 23.61
CA ALA I 65 -40.20 -61.89 23.98
C ALA I 65 -41.05 -60.75 23.45
N LYS I 66 -40.80 -60.36 22.19
CA LYS I 66 -41.38 -59.13 21.66
C LYS I 66 -42.89 -59.24 21.47
N GLY I 67 -43.35 -60.31 20.81
CA GLY I 67 -44.75 -60.39 20.46
C GLY I 67 -45.43 -61.72 20.75
N ARG I 68 -44.63 -62.74 21.10
CA ARG I 68 -45.20 -64.05 21.34
C ARG I 68 -46.05 -64.08 22.61
N PHE I 69 -45.63 -63.33 23.63
CA PHE I 69 -46.29 -63.34 24.93
C PHE I 69 -47.23 -62.14 25.07
N THR I 70 -48.22 -62.30 25.94
CA THR I 70 -49.21 -61.26 26.20
C THR I 70 -49.58 -61.29 27.67
N ILE I 71 -49.42 -60.16 28.35
CA ILE I 71 -49.70 -60.05 29.77
C ILE I 71 -50.72 -58.93 29.99
N SER I 72 -51.71 -59.20 30.83
CA SER I 72 -52.75 -58.22 31.13
C SER I 72 -53.26 -58.46 32.55
N LYS I 73 -53.84 -57.42 33.14
CA LYS I 73 -54.39 -57.48 34.48
C LYS I 73 -55.91 -57.62 34.40
N THR I 74 -56.43 -58.68 35.02
CA THR I 74 -57.87 -58.95 34.98
C THR I 74 -58.61 -58.50 36.23
N SER I 75 -57.94 -58.43 37.38
CA SER I 75 -58.56 -57.94 38.61
C SER I 75 -57.46 -57.33 39.47
N SER I 76 -57.86 -56.77 40.61
CA SER I 76 -56.92 -56.11 41.50
C SER I 76 -55.96 -57.08 42.16
N THR I 77 -56.27 -58.38 42.17
CA THR I 77 -55.42 -59.39 42.79
C THR I 77 -55.19 -60.58 41.87
N THR I 78 -55.33 -60.38 40.55
CA THR I 78 -55.18 -61.48 39.61
C THR I 78 -54.64 -60.93 38.30
N VAL I 79 -53.48 -61.43 37.89
CA VAL I 79 -52.83 -61.06 36.65
C VAL I 79 -52.49 -62.33 35.89
N THR I 80 -52.63 -62.29 34.57
CA THR I 80 -52.43 -63.47 33.73
C THR I 80 -51.44 -63.17 32.62
N LEU I 81 -50.70 -64.21 32.21
CA LEU I 81 -49.76 -64.14 31.11
C LEU I 81 -50.16 -65.16 30.03
N GLN I 82 -50.22 -64.69 28.79
CA GLN I 82 -50.62 -65.52 27.65
C GLN I 82 -49.46 -65.61 26.67
N MET I 83 -49.10 -66.83 26.29
CA MET I 83 -48.12 -67.07 25.24
C MET I 83 -48.71 -68.02 24.20
N THR I 84 -48.33 -67.82 22.95
CA THR I 84 -48.84 -68.62 21.85
C THR I 84 -47.67 -69.16 21.02
N SER I 85 -47.95 -70.16 20.20
CA SER I 85 -46.95 -70.81 19.36
C SER I 85 -45.78 -71.31 20.21
N LEU I 86 -46.10 -72.00 21.30
CA LEU I 86 -45.09 -72.47 22.24
C LEU I 86 -44.18 -73.50 21.56
N THR I 87 -42.89 -73.40 21.84
CA THR I 87 -41.88 -74.26 21.25
C THR I 87 -41.24 -75.14 22.32
N ALA I 88 -40.31 -75.99 21.88
CA ALA I 88 -39.69 -76.95 22.78
C ALA I 88 -38.83 -76.26 23.84
N ALA I 89 -38.21 -75.13 23.50
CA ALA I 89 -37.32 -74.43 24.40
C ALA I 89 -38.06 -73.53 25.39
N ASP I 90 -39.38 -73.43 25.29
CA ASP I 90 -40.15 -72.57 26.18
C ASP I 90 -40.39 -73.17 27.56
N THR I 91 -40.06 -74.45 27.76
CA THR I 91 -40.20 -75.05 29.07
C THR I 91 -39.25 -74.39 30.08
N ALA I 92 -39.78 -74.07 31.25
CA ALA I 92 -39.05 -73.38 32.30
C ALA I 92 -39.90 -73.38 33.56
N THR I 93 -39.38 -72.72 34.60
CA THR I 93 -40.12 -72.48 35.83
C THR I 93 -40.45 -70.99 35.93
N TYR I 94 -41.73 -70.68 35.97
CA TYR I 94 -42.20 -69.30 35.89
C TYR I 94 -42.43 -68.72 37.28
N PHE I 95 -41.91 -67.52 37.50
CA PHE I 95 -42.06 -66.82 38.77
C PHE I 95 -42.77 -65.48 38.56
N CYS I 96 -43.42 -65.01 39.61
CA CYS I 96 -44.17 -63.76 39.59
C CYS I 96 -43.41 -62.75 40.46
N ALA I 97 -42.53 -61.98 39.83
CA ALA I 97 -41.68 -61.05 40.55
C ALA I 97 -42.48 -59.86 41.07
N ARG I 98 -42.15 -59.45 42.30
CA ARG I 98 -42.81 -58.26 42.90
C ARG I 98 -41.75 -57.16 43.03
N ASP I 99 -41.95 -56.05 42.35
CA ASP I 99 -40.99 -54.94 42.34
C ASP I 99 -41.21 -54.05 43.56
N ASP I 100 -40.33 -53.06 43.73
CA ASP I 100 -40.40 -52.14 44.85
C ASP I 100 -40.48 -50.68 44.43
N ALA I 101 -40.28 -50.37 43.15
CA ALA I 101 -40.30 -48.99 42.69
C ALA I 101 -40.89 -48.95 41.29
N ASP I 102 -41.72 -47.94 41.04
CA ASP I 102 -42.41 -47.80 39.75
C ASP I 102 -41.67 -46.82 38.83
N TYR I 103 -40.47 -47.25 38.40
CA TYR I 103 -39.68 -46.47 37.46
C TYR I 103 -39.83 -46.95 36.03
N ALA I 104 -41.02 -47.48 35.67
CA ALA I 104 -41.31 -47.97 34.33
C ALA I 104 -40.30 -49.04 33.90
N GLY I 105 -40.33 -50.15 34.65
CA GLY I 105 -39.47 -51.27 34.38
C GLY I 105 -39.17 -52.07 35.63
N PRO I 106 -38.54 -53.24 35.45
CA PRO I 106 -38.21 -54.10 36.60
C PRO I 106 -37.09 -53.51 37.44
N ASP I 107 -37.44 -52.99 38.61
CA ASP I 107 -36.48 -52.53 39.59
C ASP I 107 -36.16 -53.68 40.56
N TYR I 108 -35.55 -53.37 41.71
CA TYR I 108 -35.21 -54.41 42.68
C TYR I 108 -36.43 -55.23 43.07
N PHE I 109 -36.27 -56.55 43.02
CA PHE I 109 -37.34 -57.49 43.33
C PHE I 109 -37.16 -57.97 44.76
N ASN I 110 -38.03 -57.50 45.65
CA ASN I 110 -37.92 -57.90 47.05
C ASN I 110 -38.66 -59.22 47.32
N LEU I 111 -39.79 -59.44 46.66
CA LEU I 111 -40.63 -60.60 46.92
C LEU I 111 -40.87 -61.37 45.63
N TRP I 112 -40.78 -62.70 45.71
CA TRP I 112 -41.21 -63.58 44.63
C TRP I 112 -42.21 -64.59 45.18
N GLY I 113 -43.03 -65.11 44.28
CA GLY I 113 -43.93 -66.19 44.62
C GLY I 113 -43.24 -67.53 44.53
N PRO I 114 -43.91 -68.59 44.98
CA PRO I 114 -43.31 -69.93 44.87
C PRO I 114 -43.02 -70.34 43.43
N GLY I 115 -43.83 -69.91 42.48
CA GLY I 115 -43.56 -70.21 41.08
C GLY I 115 -44.24 -71.49 40.62
N THR I 116 -44.34 -71.63 39.29
CA THR I 116 -44.94 -72.80 38.67
C THR I 116 -44.03 -73.31 37.57
N LEU I 117 -44.17 -74.59 37.26
CA LEU I 117 -43.39 -75.24 36.21
C LEU I 117 -44.27 -75.48 34.99
N VAL I 118 -43.78 -75.03 33.83
CA VAL I 118 -44.47 -75.23 32.55
C VAL I 118 -43.52 -76.01 31.65
N THR I 119 -44.00 -77.13 31.13
CA THR I 119 -43.18 -78.01 30.30
C THR I 119 -43.91 -78.36 29.02
N VAL I 120 -43.15 -78.81 28.03
CA VAL I 120 -43.67 -79.14 26.71
C VAL I 120 -43.27 -80.57 26.38
N SER I 121 -44.20 -81.33 25.80
CA SER I 121 -43.95 -82.71 25.41
C SER I 121 -44.91 -83.07 24.28
N SER I 122 -44.59 -84.17 23.61
CA SER I 122 -45.42 -84.64 22.50
C SER I 122 -45.67 -86.15 22.61
C1 NAG J . -18.85 35.64 -64.42
C2 NAG J . -19.60 36.42 -65.50
C3 NAG J . -19.59 37.91 -65.19
C4 NAG J . -20.09 38.17 -63.78
C5 NAG J . -19.32 37.33 -62.78
C6 NAG J . -19.85 37.44 -61.37
C7 NAG J . -19.72 36.31 -67.95
C8 NAG J . -18.97 36.01 -69.22
N2 NAG J . -19.03 36.16 -66.81
O3 NAG J . -20.41 38.59 -66.13
O4 NAG J . -19.90 39.54 -63.45
O5 NAG J . -19.40 35.95 -63.15
O6 NAG J . -20.67 36.33 -61.03
O7 NAG J . -20.88 36.68 -67.96
C1 NAG J . -21.18 40.18 -63.26
C2 NAG J . -20.98 41.32 -62.24
C3 NAG J . -22.30 42.06 -62.04
C4 NAG J . -22.86 42.53 -63.36
C5 NAG J . -22.97 41.35 -64.33
C6 NAG J . -23.40 41.77 -65.72
C7 NAG J . -19.27 41.17 -60.50
C8 NAG J . -18.90 40.55 -59.18
N2 NAG J . -20.46 40.81 -60.99
O3 NAG J . -22.07 43.18 -61.18
O4 NAG J . -24.15 43.11 -63.17
O5 NAG J . -21.70 40.71 -64.48
O6 NAG J . -22.30 42.21 -66.50
O7 NAG J . -18.54 41.96 -61.08
C1 NAG K . -9.29 49.03 -50.08
C2 NAG K . -9.88 50.32 -50.62
C3 NAG K . -10.13 51.32 -49.49
C4 NAG K . -10.95 50.67 -48.38
C5 NAG K . -10.31 49.36 -47.94
C6 NAG K . -11.14 48.60 -46.94
C7 NAG K . -7.77 51.32 -51.44
C8 NAG K . -7.07 51.90 -52.64
N2 NAG K . -9.02 50.91 -51.66
O3 NAG K . -10.81 52.45 -50.01
O4 NAG K . -11.02 51.54 -47.27
O5 NAG K . -10.15 48.49 -49.08
O6 NAG K . -11.43 47.29 -47.38
O7 NAG K . -7.23 51.25 -50.35
C1 NAG K . -12.34 52.12 -47.19
C2 NAG K . -12.76 52.17 -45.73
C3 NAG K . -14.14 52.82 -45.60
C4 NAG K . -14.13 54.19 -46.27
C5 NAG K . -13.63 54.07 -47.72
C6 NAG K . -13.48 55.41 -48.39
C7 NAG K . -12.31 50.59 -43.91
C8 NAG K . -12.40 49.16 -43.46
N2 NAG K . -12.78 50.84 -45.13
O3 NAG K . -14.46 52.96 -44.22
O4 NAG K . -15.45 54.73 -46.28
O5 NAG K . -12.34 53.44 -47.74
O6 NAG K . -12.27 56.05 -48.00
O7 NAG K . -11.83 51.47 -43.20
C1 NAG L . -26.66 19.36 -70.95
C2 NAG L . -27.13 19.86 -69.58
C3 NAG L . -27.48 18.68 -68.68
C4 NAG L . -28.50 17.78 -69.36
C5 NAG L . -27.99 17.35 -70.73
C6 NAG L . -28.99 16.54 -71.51
C7 NAG L . -26.37 21.69 -68.12
C8 NAG L . -25.20 22.44 -67.58
N2 NAG L . -26.10 20.68 -68.96
O3 NAG L . -27.99 19.15 -67.44
O4 NAG L . -28.74 16.63 -68.56
O5 NAG L . -27.68 18.51 -71.52
O6 NAG L . -29.45 17.26 -72.65
O7 NAG L . -27.54 21.98 -67.82
C1 NAG L . -30.09 16.67 -68.06
C2 NAG L . -30.40 15.33 -67.37
C3 NAG L . -31.81 15.35 -66.78
C4 NAG L . -31.98 16.55 -65.87
C5 NAG L . -31.61 17.83 -66.62
C6 NAG L . -31.67 19.06 -65.73
C7 NAG L . -30.00 12.96 -67.92
C8 NAG L . -29.88 11.96 -69.02
N2 NAG L . -30.25 14.22 -68.31
O3 NAG L . -32.03 14.15 -66.05
O4 NAG L . -33.34 16.64 -65.44
O5 NAG L . -30.27 17.73 -67.11
O6 NAG L . -32.98 19.28 -65.23
O7 NAG L . -29.88 12.66 -66.74
C1 NAG M . -21.52 27.09 -83.81
C2 NAG M . -22.83 27.71 -84.31
C3 NAG M . -22.64 28.27 -85.72
C4 NAG M . -21.47 29.24 -85.76
C5 NAG M . -20.22 28.55 -85.20
C6 NAG M . -19.03 29.48 -85.10
C7 NAG M . -24.86 26.73 -83.35
C8 NAG M . -25.89 25.64 -83.48
N2 NAG M . -23.90 26.74 -84.29
O3 NAG M . -23.83 28.95 -86.12
O4 NAG M . -21.24 29.67 -87.09
O5 NAG M . -20.48 28.06 -83.88
O6 NAG M . -19.39 30.72 -84.50
O7 NAG M . -24.88 27.54 -82.43
C1 NAG M . -21.36 31.11 -87.14
C2 NAG M . -21.34 31.57 -88.59
C3 NAG M . -21.50 33.08 -88.67
C4 NAG M . -22.75 33.52 -87.91
C5 NAG M . -22.73 32.97 -86.49
C6 NAG M . -24.00 33.26 -85.72
C7 NAG M . -20.07 30.17 -90.16
C8 NAG M . -18.73 29.88 -90.75
N2 NAG M . -20.11 31.15 -89.25
O3 NAG M . -21.60 33.48 -90.02
O4 NAG M . -22.81 34.94 -87.86
O5 NAG M . -22.58 31.54 -86.51
O6 NAG M . -24.72 32.06 -85.44
O7 NAG M . -21.08 29.56 -90.51
C1 NAG N . -15.98 9.54 -92.67
C2 NAG N . -17.21 8.63 -92.76
C3 NAG N . -16.82 7.30 -93.38
C4 NAG N . -16.14 7.52 -94.73
C5 NAG N . -14.98 8.49 -94.58
C6 NAG N . -14.36 8.88 -95.91
C7 NAG N . -18.67 9.27 -90.89
C8 NAG N . -19.17 8.90 -89.53
N2 NAG N . -17.78 8.42 -91.44
O3 NAG N . -18.00 6.51 -93.55
O4 NAG N . -15.66 6.28 -95.24
O5 NAG N . -15.42 9.71 -93.98
O6 NAG N . -14.81 10.16 -96.34
O7 NAG N . -19.05 10.28 -91.48
C1 NAG N . -16.48 5.88 -96.36
C2 NAG N . -15.72 4.82 -97.16
C3 NAG N . -16.60 4.31 -98.30
C4 NAG N . -17.95 3.84 -97.77
C5 NAG N . -18.61 4.94 -96.95
C6 NAG N . -19.89 4.50 -96.30
C7 NAG N . -13.37 5.44 -96.94
C8 NAG N . -12.16 6.00 -97.63
N2 NAG N . -14.48 5.35 -97.68
O3 NAG N . -15.93 3.23 -98.95
O4 NAG N . -18.80 3.48 -98.85
O5 NAG N . -17.72 5.35 -95.89
O6 NAG N . -19.73 4.34 -94.90
O7 NAG N . -13.33 5.08 -95.77
C1 NAG O . 1.93 -5.65 -74.85
C2 NAG O . 1.95 -6.42 -76.17
C3 NAG O . 0.60 -7.10 -76.40
C4 NAG O . 0.23 -7.96 -75.20
C5 NAG O . 0.29 -7.13 -73.93
C6 NAG O . 0.05 -7.94 -72.67
C7 NAG O . 3.50 -5.44 -77.81
C8 NAG O . 3.64 -4.48 -78.96
N2 NAG O . 2.27 -5.54 -77.29
O3 NAG O . 0.68 -7.91 -77.58
O4 NAG O . -1.08 -8.47 -75.37
O5 NAG O . 1.59 -6.53 -73.79
O6 NAG O . 0.83 -7.45 -71.60
O7 NAG O . 4.44 -6.10 -77.38
C1 NAG O . -1.02 -9.90 -75.51
C2 NAG O . -2.41 -10.48 -75.21
C3 NAG O . -2.41 -11.99 -75.40
C4 NAG O . -1.89 -12.35 -76.79
C5 NAG O . -0.53 -11.70 -77.02
C6 NAG O . -0.01 -11.92 -78.42
C7 NAG O . -4.03 -9.57 -73.59
C8 NAG O . -4.31 -9.28 -72.15
N2 NAG O . -2.84 -10.13 -73.87
O3 NAG O . -3.74 -12.48 -75.24
O4 NAG O . -1.76 -13.76 -76.90
O5 NAG O . -0.62 -10.28 -76.83
O6 NAG O . -0.91 -11.41 -79.39
O7 NAG O . -4.84 -9.32 -74.49
C1 NAG P . -18.36 -7.46 -65.90
C2 NAG P . -18.94 -8.31 -67.02
C3 NAG P . -20.01 -9.25 -66.47
C4 NAG P . -19.45 -10.06 -65.31
C5 NAG P . -18.86 -9.14 -64.27
C6 NAG P . -18.17 -9.88 -63.14
C7 NAG P . -20.46 -6.60 -67.97
C8 NAG P . -20.85 -5.86 -69.20
N2 NAG P . -19.46 -7.49 -68.10
O3 NAG P . -20.45 -10.11 -67.51
O4 NAG P . -20.49 -10.84 -64.71
O5 NAG P . -17.86 -8.29 -64.86
O6 NAG P . -16.75 -9.74 -63.24
O7 NAG P . -21.03 -6.41 -66.89
C1 NAG P . -20.33 -12.21 -65.15
C2 NAG P . -20.66 -13.15 -63.99
C3 NAG P . -20.55 -14.60 -64.43
C4 NAG P . -21.42 -14.83 -65.68
C5 NAG P . -21.07 -13.82 -66.77
C6 NAG P . -21.99 -13.91 -67.96
C7 NAG P . -20.21 -12.35 -61.71
C8 NAG P . -19.20 -12.18 -60.64
N2 NAG P . -19.79 -12.90 -62.85
O3 NAG P . -20.97 -15.46 -63.38
O4 NAG P . -21.21 -16.15 -66.16
O5 NAG P . -21.19 -12.49 -66.26
O6 NAG P . -23.01 -12.93 -67.90
O7 NAG P . -21.39 -12.00 -61.55
C1 NAG Q . 20.86 -3.75 -74.02
C2 NAG Q . 20.21 -4.83 -73.14
C3 NAG Q . 21.01 -5.01 -71.85
C4 NAG Q . 22.47 -5.32 -72.17
C5 NAG Q . 23.03 -4.19 -73.03
C6 NAG Q . 24.46 -4.45 -73.47
C7 NAG Q . 17.87 -5.42 -72.77
C8 NAG Q . 16.50 -4.91 -72.45
N2 NAG Q . 18.83 -4.50 -72.84
O3 NAG Q . 20.45 -6.08 -71.10
O4 NAG Q . 23.23 -5.45 -70.98
O5 NAG Q . 22.25 -4.06 -74.23
O6 NAG Q . 24.58 -4.42 -74.89
O7 NAG Q . 18.09 -6.61 -72.96
C1 NAG Q . 23.60 -6.84 -70.83
C2 NAG Q . 24.33 -7.03 -69.51
C3 NAG Q . 24.69 -8.51 -69.31
C4 NAG Q . 23.44 -9.37 -69.45
C5 NAG Q . 22.75 -9.09 -70.78
C6 NAG Q . 21.44 -9.83 -70.94
C7 NAG Q . 26.10 -5.83 -68.30
C8 NAG Q . 27.33 -4.98 -68.42
N2 NAG Q . 25.54 -6.22 -69.45
O3 NAG Q . 25.26 -8.69 -68.02
O4 NAG Q . 23.80 -10.75 -69.40
O5 NAG Q . 22.44 -7.69 -70.88
O6 NAG Q . 21.39 -10.97 -70.08
O7 NAG Q . 25.63 -6.14 -67.21
C1 NAG R . 15.85 1.73 -88.13
C2 NAG R . 16.19 0.56 -89.04
C3 NAG R . 16.08 0.98 -90.50
C4 NAG R . 14.71 1.58 -90.79
C5 NAG R . 14.41 2.70 -89.79
C6 NAG R . 13.00 3.22 -89.92
C7 NAG R . 17.72 -1.26 -88.44
C8 NAG R . 19.15 -1.64 -88.17
N2 NAG R . 17.51 0.03 -88.76
O3 NAG R . 16.29 -0.17 -91.34
O4 NAG R . 14.67 2.10 -92.11
O5 NAG R . 14.55 2.22 -88.45
O6 NAG R . 12.07 2.17 -90.10
O7 NAG R . 16.81 -2.06 -88.37
C1 NAG R . 13.71 1.34 -92.87
C2 NAG R . 13.83 1.76 -94.34
C3 NAG R . 12.86 0.94 -95.18
C4 NAG R . 13.07 -0.55 -94.95
C5 NAG R . 13.00 -0.88 -93.47
C6 NAG R . 13.34 -2.31 -93.16
C7 NAG R . 14.54 4.04 -94.87
C8 NAG R . 14.11 5.47 -94.99
N2 NAG R . 13.59 3.17 -94.50
O3 NAG R . 13.05 1.25 -96.56
O4 NAG R . 12.07 -1.29 -95.65
O5 NAG R . 13.95 -0.07 -92.75
O6 NAG R . 14.74 -2.52 -93.13
O7 NAG R . 15.70 3.68 -95.09
C1 NAG S . 29.91 16.70 -88.35
C2 NAG S . 31.20 15.91 -88.14
C3 NAG S . 32.40 16.86 -88.00
C4 NAG S . 32.44 17.82 -89.19
C5 NAG S . 31.11 18.53 -89.35
C6 NAG S . 31.05 19.40 -90.57
C7 NAG S . 31.78 13.90 -86.85
C8 NAG S . 31.56 13.14 -85.58
N2 NAG S . 31.11 15.04 -86.97
O3 NAG S . 33.59 16.10 -87.93
O4 NAG S . 33.47 18.78 -88.98
O5 NAG S . 30.05 17.56 -89.48
O6 NAG S . 30.35 18.77 -91.64
O7 NAG S . 32.53 13.50 -87.73
C1 NAG S . 34.61 18.45 -89.81
C2 NAG S . 35.42 19.72 -90.08
C3 NAG S . 36.66 19.38 -90.89
C4 NAG S . 37.46 18.28 -90.19
C5 NAG S . 36.57 17.07 -89.91
C6 NAG S . 37.27 15.99 -89.12
C7 NAG S . 33.81 21.57 -90.14
C8 NAG S . 33.07 22.53 -91.02
N2 NAG S . 34.62 20.71 -90.78
O3 NAG S . 37.47 20.53 -91.03
O4 NAG S . 38.55 17.87 -91.02
O5 NAG S . 35.43 17.48 -89.15
O6 NAG S . 37.88 16.53 -87.95
O7 NAG S . 33.70 21.57 -88.92
C1 NAG T . 28.23 31.93 -63.22
C2 NAG T . 29.30 32.74 -63.94
C3 NAG T . 30.61 31.96 -64.00
C4 NAG T . 31.02 31.53 -62.60
C5 NAG T . 29.90 30.76 -61.93
C6 NAG T . 30.19 30.42 -60.49
C7 NAG T . 28.38 34.32 -65.58
C8 NAG T . 27.97 34.52 -67.02
N2 NAG T . 28.87 33.11 -65.28
O3 NAG T . 31.62 32.77 -64.58
O4 NAG T . 32.18 30.70 -62.67
O5 NAG T . 28.70 31.57 -61.93
O6 NAG T . 29.76 31.45 -59.61
O7 NAG T . 28.26 35.20 -64.74
C1 NAG T . 33.29 31.42 -62.10
C2 NAG T . 34.37 30.41 -61.69
C3 NAG T . 35.58 31.13 -61.13
C4 NAG T . 36.07 32.19 -62.11
C5 NAG T . 34.93 33.12 -62.51
C6 NAG T . 35.33 34.10 -63.59
C7 NAG T . 33.81 28.14 -60.97
C8 NAG T . 33.24 27.29 -59.86
N2 NAG T . 33.85 29.45 -60.74
O3 NAG T . 36.61 30.19 -60.86
O4 NAG T . 37.12 32.95 -61.52
O5 NAG T . 33.84 32.35 -63.03
O6 NAG T . 35.76 33.44 -64.77
O7 NAG T . 34.20 27.64 -62.02
C1 NAG U . 37.00 12.43 -56.50
C2 NAG U . 38.25 12.83 -57.28
C3 NAG U . 39.49 12.13 -56.72
C4 NAG U . 39.60 12.39 -55.22
C5 NAG U . 38.31 11.97 -54.53
C6 NAG U . 38.31 12.28 -53.05
C7 NAG U . 37.93 11.34 -59.23
C8 NAG U . 37.80 11.29 -60.72
N2 NAG U . 38.10 12.56 -58.71
O3 NAG U . 40.65 12.61 -57.40
O4 NAG U . 40.69 11.65 -54.68
O5 NAG U . 37.20 12.68 -55.10
O6 NAG U . 38.33 13.68 -52.82
O7 NAG U . 37.89 10.33 -58.54
C1 NAG U . 41.72 12.58 -54.34
C2 NAG U . 42.41 12.12 -53.07
C3 NAG U . 43.55 13.07 -52.70
C4 NAG U . 44.50 13.24 -53.88
C5 NAG U . 43.72 13.64 -55.13
C6 NAG U . 44.58 13.69 -56.37
C7 NAG U . 41.58 11.12 -50.99
C8 NAG U . 40.51 11.16 -49.93
N2 NAG U . 41.46 12.02 -51.97
O3 NAG U . 44.26 12.56 -51.59
O4 NAG U . 45.46 14.25 -53.59
O5 NAG U . 42.68 12.69 -55.39
O6 NAG U . 44.62 12.44 -57.03
O7 NAG U . 42.48 10.30 -50.96
C1 NAG V . 17.93 47.68 -60.14
C2 NAG V . 17.40 49.10 -60.03
C3 NAG V . 17.83 49.72 -58.70
C4 NAG V . 17.39 48.82 -57.55
C5 NAG V . 17.88 47.39 -57.77
C6 NAG V . 17.38 46.42 -56.74
C7 NAG V . 17.22 50.01 -62.30
C8 NAG V . 17.84 50.90 -63.34
N2 NAG V . 17.87 49.92 -61.15
O3 NAG V . 17.23 51.00 -58.58
O4 NAG V . 17.94 49.30 -56.33
O5 NAG V . 17.44 46.91 -59.05
O6 NAG V . 17.44 45.08 -57.21
O7 NAG V . 16.18 49.40 -62.52
C1 NAG V . 16.93 49.99 -55.55
C2 NAG V . 17.64 50.86 -54.52
C3 NAG V . 16.62 51.63 -53.71
C4 NAG V . 15.70 52.43 -54.62
C5 NAG V . 15.07 51.52 -55.67
C6 NAG V . 14.27 52.28 -56.69
C7 NAG V . 19.66 50.48 -53.18
C8 NAG V . 20.41 49.53 -52.31
N2 NAG V . 18.49 50.05 -53.66
O3 NAG V . 17.30 52.51 -52.82
O4 NAG V . 14.68 53.06 -53.86
O5 NAG V . 16.09 50.80 -56.38
O6 NAG V . 15.11 52.83 -57.70
O7 NAG V . 20.09 51.60 -53.44
C1 NAG W . 19.57 45.21 -76.27
C2 NAG W . 20.62 46.27 -76.56
C3 NAG W . 20.74 46.48 -78.06
C4 NAG W . 21.01 45.16 -78.76
C5 NAG W . 19.96 44.13 -78.37
C6 NAG W . 20.25 42.75 -78.91
C7 NAG W . 20.99 47.97 -74.83
C8 NAG W . 20.53 49.28 -74.26
N2 NAG W . 20.30 47.52 -75.89
O3 NAG W . 21.81 47.40 -78.32
O4 NAG W . 20.96 45.36 -80.18
O5 NAG W . 19.92 44.00 -76.94
O6 NAG W . 21.35 42.15 -78.24
O7 NAG W . 21.93 47.36 -74.36
C1 NAG W . 22.24 44.99 -80.75
C2 NAG W . 22.49 45.86 -81.98
C3 NAG W . 23.84 45.53 -82.59
C4 NAG W . 24.94 45.63 -81.53
C5 NAG W . 24.59 44.79 -80.31
C6 NAG W . 25.57 44.97 -79.18
C7 NAG W . 20.63 46.68 -83.34
C8 NAG W . 19.59 46.34 -84.37
N2 NAG W . 21.44 45.69 -82.96
O3 NAG W . 24.12 46.42 -83.67
O4 NAG W . 26.18 45.19 -82.07
O5 NAG W . 23.31 45.17 -79.80
O6 NAG W . 25.64 46.33 -78.75
O7 NAG W . 20.72 47.82 -82.87
C1 NAG X . 0.50 51.82 -80.56
C2 NAG X . 0.19 53.08 -79.77
C3 NAG X . -1.25 53.51 -80.01
C4 NAG X . -1.53 53.63 -81.51
C5 NAG X . -1.14 52.34 -82.22
C6 NAG X . -1.27 52.45 -83.73
C7 NAG X . 1.63 53.08 -77.79
C8 NAG X . 1.70 52.84 -76.31
N2 NAG X . 0.43 52.89 -78.36
O3 NAG X . -1.48 54.76 -79.37
O4 NAG X . -2.92 53.88 -81.72
O5 NAG X . 0.23 52.03 -81.95
O6 NAG X . -0.03 52.79 -84.32
O7 NAG X . 2.61 53.42 -78.44
C1 NAG X . -3.10 55.25 -82.13
C2 NAG X . -4.53 55.40 -82.67
C3 NAG X . -4.79 56.85 -83.06
C4 NAG X . -4.46 57.79 -81.91
C5 NAG X . -3.04 57.54 -81.40
C6 NAG X . -2.71 58.34 -80.17
C7 NAG X . -5.27 53.28 -83.64
C8 NAG X . -5.47 52.50 -84.90
N2 NAG X . -4.77 54.51 -83.78
O3 NAG X . -6.15 57.00 -83.45
O4 NAG X . -4.58 59.14 -82.33
O5 NAG X . -2.89 56.16 -81.05
O6 NAG X . -3.82 58.44 -79.30
O7 NAG X . -5.56 52.81 -82.54
C1 NAG Y . 36.49 36.06 7.93
C2 NAG Y . 36.87 37.52 8.22
C3 NAG Y . 36.34 37.94 9.59
C4 NAG Y . 34.84 37.68 9.68
C5 NAG Y . 34.54 36.22 9.33
C6 NAG Y . 33.06 35.93 9.29
C7 NAG Y . 38.89 38.45 7.19
C8 NAG Y . 40.39 38.53 7.26
N2 NAG Y . 38.30 37.71 8.14
O3 NAG Y . 36.60 39.32 9.79
O4 NAG Y . 34.39 37.95 11.00
O5 NAG Y . 35.07 35.90 8.04
O6 NAG Y . 32.44 36.62 8.21
O7 NAG Y . 38.24 39.00 6.31
C1 NAG Z . 26.74 15.82 26.44
C2 NAG Z . 26.04 17.03 27.07
C3 NAG Z . 25.15 16.58 28.23
C4 NAG Z . 24.20 15.48 27.79
C5 NAG Z . 24.98 14.34 27.15
C6 NAG Z . 24.10 13.26 26.58
C7 NAG Z . 26.72 19.31 27.63
C8 NAG Z . 27.83 20.19 28.11
N2 NAG Z . 27.01 18.02 27.51
O3 NAG Z . 24.40 17.69 28.71
O4 NAG Z . 23.48 14.98 28.91
O5 NAG Z . 25.76 14.84 26.06
O6 NAG Z . 23.09 13.80 25.74
O7 NAG Z . 25.62 19.76 27.37
C1 NAG AA . 47.08 5.66 -10.88
C2 NAG AA . 47.62 4.42 -11.60
C3 NAG AA . 48.78 4.80 -12.52
C4 NAG AA . 48.37 5.94 -13.45
C5 NAG AA . 47.82 7.11 -12.64
C6 NAG AA . 47.32 8.25 -13.50
C7 NAG AA . 48.13 2.11 -10.95
C8 NAG AA . 48.59 1.22 -9.84
N2 NAG AA . 48.04 3.42 -10.64
O3 NAG AA . 49.16 3.68 -13.29
O4 NAG AA . 49.50 6.39 -14.20
O5 NAG AA . 46.71 6.67 -11.85
O6 NAG AA . 45.96 8.55 -13.22
O7 NAG AA . 47.86 1.68 -12.06
C1 NAG BA . -8.43 41.69 25.33
C2 NAG BA . -8.55 42.76 26.41
C3 NAG BA . -9.95 43.36 26.42
C4 NAG BA . -10.31 43.86 25.03
C5 NAG BA . -10.15 42.75 24.01
C6 NAG BA . -10.38 43.23 22.59
C7 NAG BA . -6.96 42.20 28.20
C8 NAG BA . -6.81 41.60 29.57
N2 NAG BA . -8.21 42.22 27.72
O3 NAG BA . -10.01 44.43 27.36
O4 NAG BA . -11.66 44.33 25.02
O5 NAG BA . -8.81 42.24 24.05
O6 NAG BA . -10.06 44.60 22.44
O7 NAG BA . -6.02 42.63 27.58
C1 NAG CA . 1.97 51.83 -61.70
C2 NAG CA . 0.80 52.79 -61.93
C3 NAG CA . 1.17 54.19 -61.43
C4 NAG CA . 1.64 54.14 -59.99
C5 NAG CA . 2.77 53.13 -59.85
C6 NAG CA . 3.22 52.94 -58.41
C7 NAG CA . -0.77 52.45 -63.78
C8 NAG CA . -0.98 52.55 -65.26
N2 NAG CA . 0.43 52.84 -63.34
O3 NAG CA . 0.03 55.04 -61.54
O4 NAG CA . 2.09 55.43 -59.58
O5 NAG CA . 2.34 51.85 -60.32
O6 NAG CA . 4.44 52.20 -58.35
O7 NAG CA . -1.64 52.04 -63.02
C1 NAG DA . 10.68 -44.43 -15.27
C2 NAG DA . 11.97 -45.24 -15.23
C3 NAG DA . 13.16 -44.36 -15.59
C4 NAG DA . 12.92 -43.63 -16.91
C5 NAG DA . 11.59 -42.88 -16.86
C6 NAG DA . 11.23 -42.24 -18.17
C7 NAG DA . 12.77 -47.03 -13.76
C8 NAG DA . 12.88 -47.51 -12.34
N2 NAG DA . 12.16 -45.85 -13.93
O3 NAG DA . 14.33 -45.15 -15.68
O4 NAG DA . 13.97 -42.71 -17.16
O5 NAG DA . 10.54 -43.81 -16.55
O6 NAG DA . 10.23 -41.25 -18.00
O7 NAG DA . 13.19 -47.69 -14.70
C1 NAG EA . 1.75 -34.38 12.06
C2 NAG EA . 2.18 -33.61 13.31
C3 NAG EA . 3.60 -34.03 13.68
C4 NAG EA . 3.71 -35.54 13.80
C5 NAG EA . 3.13 -36.24 12.57
C6 NAG EA . 3.06 -37.75 12.70
C7 NAG EA . 1.30 -31.39 13.84
C8 NAG EA . 1.33 -29.94 13.50
N2 NAG EA . 2.10 -32.18 13.10
O3 NAG EA . 3.96 -33.42 14.91
O4 NAG EA . 5.07 -35.92 13.93
O5 NAG EA . 1.79 -35.78 12.32
O6 NAG EA . 4.30 -38.35 12.37
O7 NAG EA . 0.58 -31.84 14.73
C1 NAG FA . -23.38 -31.79 -23.66
C2 NAG FA . -24.78 -31.50 -24.20
C3 NAG FA . -25.08 -32.39 -25.40
C4 NAG FA . -23.98 -32.29 -26.45
C5 NAG FA . -22.62 -32.53 -25.80
C6 NAG FA . -21.47 -32.33 -26.77
C7 NAG FA . -27.02 -31.17 -23.25
C8 NAG FA . -27.93 -31.46 -22.10
N2 NAG FA . -25.79 -31.68 -23.16
O3 NAG FA . -26.33 -32.03 -25.98
O4 NAG FA . -24.20 -33.24 -27.48
O5 NAG FA . -22.41 -31.63 -24.71
O6 NAG FA . -20.22 -32.56 -26.13
O7 NAG FA . -27.38 -30.50 -24.21
C1 NAG GA . 32.13 7.04 -72.24
C2 NAG GA . 33.24 8.09 -72.35
C3 NAG GA . 34.57 7.43 -72.73
C4 NAG GA . 34.89 6.28 -71.77
C5 NAG GA . 33.73 5.31 -71.73
C6 NAG GA . 33.92 4.19 -70.73
C7 NAG GA . 32.08 10.14 -73.03
C8 NAG GA . 31.83 11.11 -74.15
N2 NAG GA . 32.89 9.12 -73.32
O3 NAG GA . 35.60 8.40 -72.68
O4 NAG GA . 36.06 5.60 -72.22
O5 NAG GA . 32.53 6.01 -71.34
O6 NAG GA . 32.69 3.78 -70.17
O7 NAG GA . 31.58 10.29 -71.92
C1 NAG HA . -48.04 17.32 -3.80
C2 NAG HA . -49.31 16.49 -3.77
C3 NAG HA . -49.55 15.86 -5.15
C4 NAG HA . -49.52 16.93 -6.23
C5 NAG HA . -48.25 17.77 -6.14
C6 NAG HA . -48.24 18.94 -7.10
C7 NAG HA . -50.04 15.45 -1.68
C8 NAG HA . -49.84 14.31 -0.72
N2 NAG HA . -49.24 15.46 -2.76
O3 NAG HA . -50.80 15.18 -5.15
O4 NAG HA . -49.59 16.32 -7.52
O5 NAG HA . -48.13 18.31 -4.82
O6 NAG HA . -47.68 20.10 -6.50
O7 NAG HA . -50.90 16.31 -1.50
C1 NAG IA . -37.09 8.61 21.03
C2 NAG IA . -36.53 7.25 21.39
C3 NAG IA . -37.08 6.18 20.44
C4 NAG IA . -38.60 6.22 20.40
C5 NAG IA . -39.07 7.64 20.09
C6 NAG IA . -40.57 7.79 20.16
C7 NAG IA . -34.33 7.57 22.43
C8 NAG IA . -32.84 7.52 22.22
N2 NAG IA . -35.07 7.25 21.37
O3 NAG IA . -36.64 4.89 20.86
O4 NAG IA . -39.09 5.32 19.43
O5 NAG IA . -38.52 8.57 21.03
O6 NAG IA . -40.96 8.56 21.29
O7 NAG IA . -34.83 7.89 23.50
C1 NAG JA . -21.49 43.85 -1.87
C2 NAG JA . -21.74 44.42 -3.28
C3 NAG JA . -21.60 45.93 -3.27
C4 NAG JA . -22.49 46.55 -2.20
C5 NAG JA . -22.19 45.91 -0.85
C6 NAG JA . -23.11 46.40 0.25
C7 NAG JA . -21.00 43.87 -5.56
C8 NAG JA . -19.94 43.25 -6.40
N2 NAG JA . -20.81 43.83 -4.24
O3 NAG JA . -21.96 46.46 -4.54
O4 NAG JA . -22.24 47.95 -2.11
O5 NAG JA . -22.37 44.49 -0.94
O6 NAG JA . -22.90 45.67 1.46
O7 NAG JA . -21.99 44.41 -6.05
C1 NAG KA . -36.18 -31.57 2.67
C2 NAG KA . -35.88 -32.88 1.93
C3 NAG KA . -36.78 -33.02 0.71
C4 NAG KA . -38.24 -32.88 1.12
C5 NAG KA . -38.46 -31.60 1.90
C6 NAG KA . -39.86 -31.47 2.45
C7 NAG KA . -33.82 -34.08 1.36
C8 NAG KA . -32.38 -33.97 0.96
N2 NAG KA . -34.47 -32.94 1.55
O3 NAG KA . -36.56 -34.27 0.09
O4 NAG KA . -39.07 -32.87 -0.04
O5 NAG KA . -37.57 -31.55 3.03
O6 NAG KA . -39.95 -32.01 3.76
O7 NAG KA . -34.37 -35.18 1.49
C1 NAG LA . -22.61 4.92 -75.94
C2 NAG LA . -22.07 4.38 -77.26
C3 NAG LA . -23.20 3.78 -78.10
C4 NAG LA . -23.98 2.76 -77.30
C5 NAG LA . -24.45 3.38 -75.98
C6 NAG LA . -25.14 2.38 -75.07
C7 NAG LA . -20.36 5.18 -78.84
C8 NAG LA . -19.77 6.37 -79.51
N2 NAG LA . -21.37 5.42 -77.99
O3 NAG LA . -22.65 3.18 -79.26
O4 NAG LA . -25.11 2.33 -78.04
O5 NAG LA . -23.32 3.89 -75.26
O6 NAG LA . -25.64 3.01 -73.90
O7 NAG LA . -19.96 4.03 -79.05
#